data_7LSS
#
_entry.id   7LSS
#
_cell.length_a   1.00
_cell.length_b   1.00
_cell.length_c   1.00
_cell.angle_alpha   90.00
_cell.angle_beta   90.00
_cell.angle_gamma   90.00
#
_symmetry.space_group_name_H-M   'P 1'
#
loop_
_entity.id
_entity.type
_entity.pdbx_description
1 polymer 'Spike glycoprotein'
2 polymer 'Fab 2-7 variable light chain'
3 polymer 'Fab 2-7 variable heavy chain'
4 branched 2-acetamido-2-deoxy-beta-D-glucopyranose-(1-4)-2-acetamido-2-deoxy-beta-D-glucopyranose
5 non-polymer 2-acetamido-2-deoxy-beta-D-glucopyranose
#
loop_
_entity_poly.entity_id
_entity_poly.type
_entity_poly.pdbx_seq_one_letter_code
_entity_poly.pdbx_strand_id
1 'polypeptide(L)'
;MFVFLVLLPLVSSQCVNLTTRTQLPPAYTNSFTRGVYYPDKVFRSSVLHSTQDLFLPFFSNVTWFHAIHVSGTNGTKRFD
NPVLPFNDGVYFASTEKSNIIRGWIFGTTLDSKTQSLLIVNNATNVVIKVCEFQFCNDPFLGVYYHKNNKSWMESEFRVY
SSANNCTFEYVSQPFLMDLEGKQGNFKNLREFVFKNIDGYFKIYSKHTPINLVRDLPQGFSALEPLVDLPIGINITRFQT
LLALHRSYLTPGDSSSGWTAGAAAYYVGYLQPRTFLLKYNENGTITDAVDCALDPLSETKCTLKSFTVEKGIYQTSNFRV
QPTESIVRFPNITNLCPFGEVFNATRFASVYAWNRKRISNCVADYSVLYNSASFSTFKCYGVSPTKLNDLCFTNVYADSF
VIRGDEVRQIAPGQTGKIADYNYKLPDDFTGCVIAWNSNNLDSKVGGNYNYLYRLFRKSNLKPFERDISTEIYQAGSTPC
NGVEGFNCYFPLQSYGFQPTNGVGYQPYRVVVLSFELLHAPATVCGPKKSTNLVKNKCVNFNFNGLTGTGVLTESNKKFL
PFQQFGRDIADTTDAVRDPQTLEILDITPCSFGGVSVITPGTNTSNQVAVLYQDVNCTEVPVAIHADQLTPTWRVYSTGS
NVFQTRAGCLIGAEHVNNSYECDIPIGAGICASYQTQTNSPGSASSVASQSIIAYTMSLGAENSVAYSNNSIAIPTNFTI
SVTTEILPVSMTKTSVDCTMYICGDSTECSNLLLQYGSFCTQLNRALTGIAVEQDKNTQEVFAQVKQIYKTPPIKDFGGF
NFSQILPDPSKPSKRSFIEDLLFNKVTLADAGFIKQYGDCLGDIAARDLICAQKFNGLTVLPPLLTDEMIAQYTSALLAG
TITSGWTFGAGAALQIPFAMQMAYRFNGIGVTQNVLYENQKLIANQFNSAIGKIQDSLSSTASALGKLQDVVNQNAQALN
TLVKQLSSNFGAISSVLNDILSRLDPPEAEVQIDRLITGRLQSLQTYVTQQLIRAAEIRASANLAATKMSECVLGQSKRV
DFCGKGYHLMSFPQSAPHGVVFLHVTYVPAQEKNFTTAPAICHDGKAHFPREGVFVSNGTHWFVTQRNFYEPQIITTDNT
FVSGNCDVVIGIVNNTVYDPLQPELDSFKEELDKYFKNHTSPDVDLGDISGINASVVNIQKEIDRLNEVAKNLNESLIDL
QELGKYEQGSGYIPEAPRDGQAYVRKDGEWVLLSTFLGRSLEVLFQGPGHHHHHHHHSAWSHPQFEKGGGSGGGGSGGSA
WSHPQFEK
;
A,B,C
2 'polypeptide(L)'
;SALAQPASVSGSPGQSITISCTGTSSDVGAYNYVSWYQQHPGKAPKLMIYDVSKRPSGVSNRFSGSKSGNTASLTISGLQ
AEDEADYYCSSYTTSSTVFGGGTKLTVL
;
L
3 'polypeptide(L)'
;QITLKESGPTLVKPTQTLTLTCTFSGFSLSTSGVGVGWIRQPPGKALEWLALIYWDDDKRYSPSLKSRLTITKDTSKNQV
VLTMTNMDPVDTATYYCAHHKIERIFDYWGQGTLVTVSS
;
H
#
loop_
_chem_comp.id
_chem_comp.type
_chem_comp.name
_chem_comp.formula
NAG D-saccharide, beta linking 2-acetamido-2-deoxy-beta-D-glucopyranose 'C8 H15 N O6'
#
# COMPACT_ATOMS: atom_id res chain seq x y z
N ALA A 27 -54.84 -17.61 -8.37
CA ALA A 27 -54.78 -16.13 -8.39
C ALA A 27 -53.45 -15.66 -7.82
N TYR A 28 -53.06 -14.42 -8.14
CA TYR A 28 -51.73 -13.90 -7.84
C TYR A 28 -51.83 -12.43 -7.49
N THR A 29 -50.80 -11.92 -6.81
CA THR A 29 -50.65 -10.47 -6.67
C THR A 29 -49.17 -10.14 -6.60
N ASN A 30 -48.83 -8.92 -7.01
CA ASN A 30 -47.48 -8.43 -6.84
C ASN A 30 -47.21 -8.16 -5.37
N SER A 31 -46.09 -8.65 -4.87
CA SER A 31 -45.74 -8.47 -3.47
C SER A 31 -45.35 -7.05 -3.10
N PHE A 32 -45.06 -6.21 -4.09
CA PHE A 32 -44.45 -4.90 -3.85
C PHE A 32 -43.22 -5.00 -2.94
N THR A 33 -43.00 -4.02 -2.06
CA THR A 33 -41.88 -4.04 -1.12
C THR A 33 -42.15 -4.80 0.16
N ARG A 34 -43.26 -5.50 0.32
CA ARG A 34 -43.47 -6.18 1.59
C ARG A 34 -42.52 -7.35 1.77
N GLY A 35 -42.35 -7.75 3.04
CA GLY A 35 -41.57 -8.92 3.41
C GLY A 35 -40.25 -8.66 4.07
N VAL A 36 -39.86 -7.40 4.28
CA VAL A 36 -38.68 -7.13 5.08
C VAL A 36 -38.89 -7.63 6.50
N TYR A 37 -37.82 -8.07 7.15
CA TYR A 37 -37.87 -8.43 8.55
C TYR A 37 -36.49 -8.21 9.15
N TYR A 38 -36.44 -8.01 10.45
CA TYR A 38 -35.16 -7.74 11.08
C TYR A 38 -34.27 -8.97 11.06
N PRO A 39 -33.14 -8.97 10.36
CA PRO A 39 -32.48 -10.26 10.09
C PRO A 39 -31.78 -10.82 11.29
N ASP A 40 -31.16 -9.96 12.09
CA ASP A 40 -30.54 -10.38 13.34
C ASP A 40 -30.43 -9.13 14.18
N LYS A 41 -31.15 -9.10 15.29
CA LYS A 41 -31.63 -7.85 15.86
C LYS A 41 -30.60 -6.99 16.58
N VAL A 42 -29.31 -7.10 16.21
CA VAL A 42 -28.31 -6.22 16.78
C VAL A 42 -28.72 -4.80 16.40
N PHE A 43 -29.07 -4.02 17.41
CA PHE A 43 -29.70 -2.73 17.20
C PHE A 43 -28.80 -1.80 16.41
N ARG A 44 -29.44 -1.09 15.50
CA ARG A 44 -28.80 -0.10 14.64
C ARG A 44 -29.77 1.04 14.55
N SER A 45 -29.26 2.26 14.41
CA SER A 45 -30.15 3.40 14.21
C SER A 45 -29.45 4.45 13.38
N SER A 46 -30.27 5.21 12.65
CA SER A 46 -29.83 6.28 11.76
C SER A 46 -28.67 5.85 10.87
N VAL A 47 -28.74 4.63 10.35
CA VAL A 47 -27.60 4.02 9.68
C VAL A 47 -28.13 3.14 8.57
N LEU A 48 -27.33 2.97 7.53
CA LEU A 48 -27.59 2.05 6.44
C LEU A 48 -26.69 0.85 6.64
N HIS A 49 -27.27 -0.33 6.49
CA HIS A 49 -26.54 -1.56 6.76
C HIS A 49 -27.08 -2.58 5.78
N SER A 50 -26.25 -3.56 5.44
CA SER A 50 -26.57 -4.54 4.44
C SER A 50 -26.45 -5.92 5.03
N THR A 51 -27.37 -6.78 4.62
CA THR A 51 -27.40 -8.16 5.08
C THR A 51 -27.79 -9.03 3.89
N GLN A 52 -27.48 -10.31 4.01
CA GLN A 52 -27.83 -11.30 3.01
C GLN A 52 -28.46 -12.48 3.70
N ASP A 53 -29.58 -12.94 3.17
CA ASP A 53 -30.35 -13.99 3.83
C ASP A 53 -31.39 -14.50 2.84
N LEU A 54 -32.12 -15.51 3.25
CA LEU A 54 -33.41 -15.79 2.62
C LEU A 54 -34.35 -14.62 2.83
N PHE A 55 -34.90 -14.13 1.72
CA PHE A 55 -35.88 -13.06 1.76
C PHE A 55 -36.91 -13.30 0.67
N LEU A 56 -38.06 -12.70 0.84
CA LEU A 56 -39.02 -12.62 -0.24
C LEU A 56 -38.55 -11.59 -1.25
N PRO A 57 -38.34 -11.92 -2.52
CA PRO A 57 -37.90 -10.89 -3.46
C PRO A 57 -38.95 -9.80 -3.58
N PHE A 58 -38.48 -8.57 -3.68
CA PHE A 58 -39.39 -7.47 -3.96
C PHE A 58 -40.13 -7.70 -5.26
N PHE A 59 -41.40 -7.30 -5.28
CA PHE A 59 -42.29 -7.55 -6.40
C PHE A 59 -42.39 -9.02 -6.77
N SER A 60 -42.11 -9.91 -5.83
CA SER A 60 -42.35 -11.33 -6.04
C SER A 60 -43.82 -11.57 -6.32
N ASN A 61 -44.09 -12.76 -6.83
CA ASN A 61 -45.39 -13.10 -7.37
C ASN A 61 -46.15 -13.88 -6.30
N VAL A 62 -46.71 -13.13 -5.35
CA VAL A 62 -47.42 -13.73 -4.23
C VAL A 62 -48.67 -14.44 -4.75
N THR A 63 -48.91 -15.64 -4.25
CA THR A 63 -49.99 -16.50 -4.70
C THR A 63 -51.16 -16.38 -3.74
N TRP A 64 -52.35 -16.16 -4.28
CA TRP A 64 -53.52 -15.77 -3.53
C TRP A 64 -54.51 -16.93 -3.51
N PHE A 65 -54.95 -17.31 -2.32
CA PHE A 65 -55.85 -18.42 -2.07
C PHE A 65 -57.14 -17.96 -1.41
N HIS A 66 -58.21 -18.70 -1.67
CA HIS A 66 -59.50 -18.50 -1.00
C HIS A 66 -59.96 -19.81 -0.38
N ALA A 67 -60.58 -19.71 0.79
CA ALA A 67 -61.09 -20.89 1.47
C ALA A 67 -62.37 -21.43 0.83
N ILE A 68 -63.15 -20.55 0.20
CA ILE A 68 -64.43 -20.94 -0.38
C ILE A 68 -64.25 -21.95 -1.50
N ASP A 80 -61.39 -25.73 0.06
CA ASP A 80 -60.13 -26.44 0.23
C ASP A 80 -58.98 -25.47 0.51
N ASN A 81 -57.87 -26.02 1.00
CA ASN A 81 -56.69 -25.23 1.36
C ASN A 81 -55.47 -26.13 1.22
N PRO A 82 -54.97 -26.31 0.00
CA PRO A 82 -54.05 -27.42 -0.25
C PRO A 82 -52.68 -27.23 0.37
N VAL A 83 -52.02 -28.37 0.56
CA VAL A 83 -50.61 -28.37 0.93
C VAL A 83 -49.84 -27.62 -0.15
N LEU A 84 -48.85 -26.84 0.26
CA LEU A 84 -47.88 -26.20 -0.60
C LEU A 84 -46.48 -26.67 -0.21
N PRO A 85 -45.52 -26.68 -1.14
CA PRO A 85 -44.14 -26.94 -0.73
C PRO A 85 -43.66 -25.86 0.22
N PHE A 86 -42.70 -26.20 1.08
CA PHE A 86 -42.12 -25.20 1.97
C PHE A 86 -40.90 -24.51 1.39
N ASN A 87 -40.19 -25.15 0.46
CA ASN A 87 -38.97 -24.64 -0.16
C ASN A 87 -37.99 -24.09 0.88
N ASP A 88 -37.27 -23.01 0.58
CA ASP A 88 -36.40 -22.38 1.56
C ASP A 88 -37.12 -21.57 2.62
N GLY A 89 -38.45 -21.51 2.65
CA GLY A 89 -39.18 -20.67 3.59
C GLY A 89 -40.22 -19.81 2.90
N VAL A 90 -41.07 -19.24 3.74
CA VAL A 90 -42.38 -18.75 3.34
C VAL A 90 -42.61 -17.35 3.89
N TYR A 91 -43.25 -16.52 3.09
CA TYR A 91 -43.98 -15.35 3.57
C TYR A 91 -45.44 -15.73 3.54
N PHE A 92 -46.16 -15.43 4.62
CA PHE A 92 -47.58 -15.70 4.73
C PHE A 92 -48.25 -14.47 5.25
N ALA A 93 -49.40 -14.11 4.67
CA ALA A 93 -50.19 -13.01 5.21
C ALA A 93 -51.65 -13.25 4.91
N SER A 94 -52.51 -12.75 5.80
CA SER A 94 -53.95 -12.84 5.63
C SER A 94 -54.60 -11.67 6.34
N THR A 95 -55.78 -11.28 5.85
CA THR A 95 -56.50 -10.12 6.34
C THR A 95 -57.89 -10.48 6.85
N GLU A 96 -58.17 -11.76 7.06
CA GLU A 96 -59.48 -12.17 7.55
C GLU A 96 -59.71 -11.67 8.96
N LYS A 97 -60.75 -10.84 9.13
CA LYS A 97 -61.06 -10.31 10.44
C LYS A 97 -61.54 -11.37 11.43
N SER A 98 -62.06 -12.51 10.93
CA SER A 98 -62.63 -13.54 11.78
C SER A 98 -61.61 -14.37 12.54
N ASN A 99 -60.31 -14.19 12.29
CA ASN A 99 -59.28 -15.08 12.83
C ASN A 99 -59.52 -16.54 12.41
N ILE A 100 -60.10 -16.72 11.23
CA ILE A 100 -60.43 -18.05 10.73
C ILE A 100 -59.19 -18.88 10.43
N ILE A 101 -58.05 -18.24 10.18
CA ILE A 101 -56.77 -18.93 10.02
C ILE A 101 -56.25 -19.26 11.41
N ARG A 102 -56.41 -20.52 11.81
CA ARG A 102 -56.12 -20.95 13.16
C ARG A 102 -54.70 -21.46 13.37
N GLY A 103 -53.96 -21.75 12.31
CA GLY A 103 -52.63 -22.32 12.50
C GLY A 103 -52.06 -22.95 11.24
N TRP A 104 -51.06 -23.80 11.44
CA TRP A 104 -50.31 -24.44 10.36
C TRP A 104 -49.81 -25.81 10.79
N ILE A 105 -49.41 -26.61 9.80
CA ILE A 105 -48.71 -27.86 10.03
C ILE A 105 -47.60 -27.99 9.00
N PHE A 106 -46.52 -28.69 9.38
CA PHE A 106 -45.25 -28.67 8.66
C PHE A 106 -44.57 -30.02 8.63
N GLY A 107 -43.77 -30.21 7.58
CA GLY A 107 -43.01 -31.42 7.35
C GLY A 107 -43.76 -32.44 6.53
N THR A 108 -42.99 -33.34 5.91
CA THR A 108 -43.55 -34.37 5.07
C THR A 108 -44.44 -35.31 5.89
N THR A 109 -45.31 -36.03 5.19
CA THR A 109 -46.21 -37.04 5.75
C THR A 109 -47.25 -36.51 6.75
N LEU A 110 -47.35 -35.19 6.93
CA LEU A 110 -48.46 -34.54 7.65
C LEU A 110 -48.91 -35.16 8.98
N GLN A 115 -42.42 -37.73 11.09
CA GLN A 115 -42.16 -36.65 12.02
C GLN A 115 -42.64 -35.34 11.43
N SER A 116 -43.18 -34.45 12.28
CA SER A 116 -43.83 -33.25 11.80
C SER A 116 -43.82 -32.20 12.91
N LEU A 117 -44.12 -30.96 12.53
CA LEU A 117 -44.26 -29.85 13.45
C LEU A 117 -45.62 -29.22 13.24
N LEU A 118 -46.26 -28.84 14.34
CA LEU A 118 -47.58 -28.24 14.32
C LEU A 118 -47.53 -26.96 15.13
N ILE A 119 -48.39 -26.03 14.76
CA ILE A 119 -48.47 -24.76 15.45
C ILE A 119 -49.90 -24.26 15.32
N VAL A 120 -50.61 -24.10 16.43
CA VAL A 120 -52.02 -23.74 16.38
C VAL A 120 -52.28 -22.67 17.41
N ASN A 121 -53.06 -21.67 17.02
CA ASN A 121 -53.64 -20.74 17.96
C ASN A 121 -54.68 -21.44 18.79
N ASN A 122 -55.03 -20.82 19.92
CA ASN A 122 -55.91 -21.44 20.89
C ASN A 122 -56.54 -20.34 21.72
N ALA A 123 -57.52 -20.74 22.52
CA ALA A 123 -58.14 -19.84 23.48
C ALA A 123 -57.11 -19.21 24.42
N THR A 124 -56.93 -17.89 24.31
CA THR A 124 -55.95 -17.14 25.08
C THR A 124 -54.53 -17.71 24.98
N ASN A 125 -54.20 -18.39 23.89
CA ASN A 125 -52.95 -19.15 23.86
C ASN A 125 -52.55 -19.40 22.42
N VAL A 126 -51.32 -19.88 22.28
CA VAL A 126 -50.82 -20.52 21.07
C VAL A 126 -49.95 -21.67 21.51
N VAL A 127 -49.89 -22.71 20.69
CA VAL A 127 -49.24 -23.96 21.08
C VAL A 127 -48.50 -24.52 19.89
N ILE A 128 -47.53 -25.38 20.21
CA ILE A 128 -46.73 -26.06 19.21
C ILE A 128 -46.45 -27.46 19.75
N LYS A 129 -46.09 -28.37 18.85
CA LYS A 129 -45.77 -29.73 19.24
C LYS A 129 -45.05 -30.40 18.09
N VAL A 130 -44.43 -31.53 18.37
CA VAL A 130 -43.84 -32.36 17.32
C VAL A 130 -44.16 -33.82 17.61
N CYS A 131 -44.54 -34.55 16.56
CA CYS A 131 -44.74 -36.00 16.52
C CYS A 131 -44.80 -36.34 15.04
N GLU A 132 -44.71 -37.63 14.72
CA GLU A 132 -45.39 -38.09 13.51
C GLU A 132 -46.88 -38.19 13.78
N PHE A 133 -47.56 -37.05 13.90
CA PHE A 133 -49.00 -37.04 13.84
C PHE A 133 -49.48 -37.55 12.50
N GLN A 134 -50.70 -38.05 12.47
CA GLN A 134 -51.48 -38.06 11.25
C GLN A 134 -52.88 -37.55 11.55
N PHE A 135 -53.35 -36.66 10.69
CA PHE A 135 -54.69 -36.10 10.77
C PHE A 135 -55.27 -35.99 9.37
N CYS A 136 -56.59 -35.86 9.33
CA CYS A 136 -57.31 -35.76 8.07
C CYS A 136 -56.83 -34.57 7.24
N ASN A 137 -56.92 -34.73 5.93
CA ASN A 137 -56.46 -33.71 5.00
C ASN A 137 -57.27 -32.42 5.02
N ASP A 138 -58.43 -32.39 5.65
CA ASP A 138 -59.27 -31.19 5.74
C ASP A 138 -59.50 -30.76 7.19
N PRO A 139 -58.44 -30.42 7.92
CA PRO A 139 -58.60 -30.16 9.35
C PRO A 139 -59.26 -28.82 9.59
N PHE A 140 -60.03 -28.76 10.68
CA PHE A 140 -60.55 -27.49 11.19
C PHE A 140 -60.65 -27.64 12.69
N LEU A 141 -60.78 -26.51 13.38
CA LEU A 141 -60.87 -26.50 14.84
C LEU A 141 -62.04 -27.34 15.35
N CYS A 166 -42.37 -38.31 19.58
CA CYS A 166 -43.03 -37.11 20.07
C CYS A 166 -42.10 -36.27 20.94
N THR A 167 -42.21 -34.95 20.85
CA THR A 167 -41.28 -34.08 21.55
C THR A 167 -41.84 -32.67 21.64
N PHE A 168 -41.23 -31.88 22.52
CA PHE A 168 -41.24 -30.41 22.54
C PHE A 168 -42.63 -29.81 22.34
N GLU A 169 -43.51 -30.13 23.29
CA GLU A 169 -44.66 -29.28 23.49
C GLU A 169 -44.18 -27.90 23.93
N TYR A 170 -44.94 -26.88 23.59
CA TYR A 170 -44.64 -25.51 23.97
C TYR A 170 -45.96 -24.75 24.02
N VAL A 171 -46.01 -23.69 24.83
CA VAL A 171 -47.18 -22.82 24.89
C VAL A 171 -46.69 -21.39 25.02
N SER A 172 -47.44 -20.48 24.42
CA SER A 172 -47.20 -19.05 24.52
C SER A 172 -48.53 -18.34 24.25
N GLN A 173 -48.47 -17.04 23.98
CA GLN A 173 -49.66 -16.25 23.68
C GLN A 173 -50.28 -16.64 22.33
N LYS A 187 -60.10 -5.85 10.21
CA LYS A 187 -59.34 -5.00 9.30
C LYS A 187 -57.83 -5.09 9.52
N ASN A 188 -57.38 -5.90 10.48
CA ASN A 188 -55.95 -6.10 10.69
C ASN A 188 -55.41 -7.02 9.61
N LEU A 189 -54.40 -6.56 8.89
CA LEU A 189 -53.52 -7.45 8.16
C LEU A 189 -52.57 -8.14 9.12
N ARG A 190 -52.60 -9.46 9.15
CA ARG A 190 -51.61 -10.26 9.87
C ARG A 190 -50.67 -10.88 8.86
N GLU A 191 -49.37 -10.64 9.05
CA GLU A 191 -48.32 -11.13 8.17
C GLU A 191 -47.31 -11.94 8.98
N PHE A 192 -46.72 -12.94 8.34
CA PHE A 192 -45.81 -13.87 9.01
C PHE A 192 -44.73 -14.29 8.04
N VAL A 193 -43.56 -14.59 8.58
CA VAL A 193 -42.49 -15.24 7.84
C VAL A 193 -42.04 -16.44 8.63
N PHE A 194 -41.94 -17.58 7.96
CA PHE A 194 -41.43 -18.81 8.57
C PHE A 194 -40.11 -19.14 7.90
N LYS A 195 -39.02 -19.03 8.65
CA LYS A 195 -37.68 -19.29 8.15
C LYS A 195 -37.08 -20.42 8.98
N ASN A 196 -36.68 -21.49 8.31
CA ASN A 196 -36.07 -22.66 8.94
C ASN A 196 -34.59 -22.71 8.63
N ILE A 197 -33.75 -22.31 9.59
CA ILE A 197 -32.31 -22.16 9.38
C ILE A 197 -31.59 -22.75 10.58
N ASP A 198 -30.53 -23.51 10.30
CA ASP A 198 -29.64 -24.07 11.32
C ASP A 198 -30.38 -24.86 12.38
N GLY A 199 -31.44 -25.55 11.98
CA GLY A 199 -32.25 -26.24 12.94
C GLY A 199 -33.21 -25.38 13.72
N TYR A 200 -33.18 -24.05 13.53
CA TYR A 200 -34.10 -23.14 14.20
C TYR A 200 -35.20 -22.72 13.24
N PHE A 201 -36.43 -22.88 13.69
CA PHE A 201 -37.63 -22.50 12.96
C PHE A 201 -38.06 -21.11 13.39
N LYS A 202 -37.33 -20.12 12.90
CA LYS A 202 -37.61 -18.74 13.25
C LYS A 202 -38.97 -18.31 12.71
N ILE A 203 -39.66 -17.46 13.48
CA ILE A 203 -40.91 -16.83 13.06
C ILE A 203 -40.74 -15.34 13.25
N TYR A 204 -41.20 -14.58 12.27
CA TYR A 204 -41.28 -13.14 12.34
C TYR A 204 -42.70 -12.75 12.00
N SER A 205 -43.15 -11.61 12.53
CA SER A 205 -44.54 -11.23 12.35
C SER A 205 -44.72 -9.74 12.49
N LYS A 206 -45.84 -9.26 11.98
CA LYS A 206 -46.40 -7.97 12.37
C LYS A 206 -47.91 -8.03 12.20
N HIS A 207 -48.62 -7.24 13.00
CA HIS A 207 -50.05 -7.00 12.85
C HIS A 207 -50.24 -5.54 12.49
N THR A 208 -50.95 -5.28 11.38
CA THR A 208 -51.10 -3.93 10.86
C THR A 208 -52.50 -3.76 10.26
N PRO A 209 -53.14 -2.59 10.42
CA PRO A 209 -54.43 -2.39 9.76
C PRO A 209 -54.33 -2.37 8.23
N ILE A 210 -55.28 -3.02 7.59
CA ILE A 210 -55.33 -3.07 6.14
C ILE A 210 -55.65 -1.68 5.58
N ASP A 215 -56.32 -6.99 -2.06
CA ASP A 215 -54.93 -7.05 -2.53
C ASP A 215 -53.98 -6.89 -1.36
N LEU A 216 -52.73 -7.32 -1.54
CA LEU A 216 -51.71 -7.02 -0.55
C LEU A 216 -51.47 -5.51 -0.51
N PRO A 217 -51.64 -4.84 0.63
CA PRO A 217 -51.67 -3.38 0.59
C PRO A 217 -50.28 -2.83 0.34
N GLN A 218 -50.12 -2.13 -0.77
CA GLN A 218 -48.81 -1.63 -1.18
C GLN A 218 -48.28 -0.65 -0.15
N GLY A 219 -47.06 -0.88 0.29
CA GLY A 219 -46.49 -0.15 1.39
C GLY A 219 -45.32 -0.92 1.94
N PHE A 220 -44.79 -0.44 3.07
CA PHE A 220 -43.57 -1.00 3.64
C PHE A 220 -43.68 -1.09 5.16
N SER A 221 -43.30 -2.24 5.70
CA SER A 221 -43.11 -2.42 7.13
C SER A 221 -42.32 -3.70 7.32
N ALA A 222 -41.67 -3.82 8.48
CA ALA A 222 -40.82 -4.96 8.79
C ALA A 222 -41.50 -5.89 9.77
N LEU A 223 -41.47 -7.19 9.48
CA LEU A 223 -41.92 -8.18 10.45
C LEU A 223 -40.93 -8.26 11.59
N GLU A 224 -41.42 -8.10 12.83
CA GLU A 224 -40.58 -8.26 14.02
C GLU A 224 -40.40 -9.73 14.41
N PRO A 225 -39.27 -10.09 15.02
CA PRO A 225 -39.10 -11.47 15.48
C PRO A 225 -40.06 -11.82 16.59
N LEU A 226 -40.41 -13.11 16.68
CA LEU A 226 -41.36 -13.59 17.66
C LEU A 226 -41.00 -14.92 18.31
N VAL A 227 -40.31 -15.84 17.65
CA VAL A 227 -39.88 -17.08 18.30
C VAL A 227 -38.72 -17.67 17.52
N ASP A 228 -38.02 -18.61 18.14
CA ASP A 228 -36.86 -19.24 17.52
C ASP A 228 -36.71 -20.71 17.94
N LEU A 229 -37.82 -21.38 18.25
CA LEU A 229 -37.75 -22.77 18.68
C LEU A 229 -37.16 -23.65 17.57
N PRO A 230 -36.36 -24.66 17.89
CA PRO A 230 -35.87 -25.58 16.86
C PRO A 230 -36.75 -26.80 16.62
N ILE A 231 -36.50 -27.41 15.46
CA ILE A 231 -37.02 -28.74 15.19
C ILE A 231 -36.25 -29.67 16.07
N THR A 236 -40.77 -29.65 5.21
CA THR A 236 -40.48 -29.53 3.79
C THR A 236 -41.72 -29.19 2.96
N ARG A 237 -42.91 -29.38 3.52
CA ARG A 237 -44.14 -28.91 2.92
C ARG A 237 -45.06 -28.55 4.06
N PHE A 238 -46.01 -27.65 3.80
CA PHE A 238 -46.82 -27.11 4.87
C PHE A 238 -48.22 -26.81 4.37
N GLN A 239 -49.13 -26.64 5.33
CA GLN A 239 -50.52 -26.34 5.04
C GLN A 239 -51.05 -25.49 6.17
N THR A 240 -51.94 -24.58 5.83
CA THR A 240 -52.62 -23.77 6.83
C THR A 240 -53.76 -24.56 7.46
N LEU A 241 -54.10 -24.18 8.69
CA LEU A 241 -55.19 -24.78 9.44
C LEU A 241 -56.34 -23.79 9.49
N LEU A 242 -57.51 -24.25 9.09
CA LEU A 242 -58.68 -23.39 9.06
C LEU A 242 -59.16 -23.11 10.47
N ALA A 262 -64.61 -18.52 2.40
CA ALA A 262 -65.04 -17.47 3.32
C ALA A 262 -63.87 -16.65 3.88
N ALA A 263 -62.63 -17.05 3.59
CA ALA A 263 -61.46 -16.29 4.01
C ALA A 263 -60.36 -16.51 3.00
N ALA A 264 -59.39 -15.59 3.02
CA ALA A 264 -58.35 -15.57 2.00
C ALA A 264 -57.04 -15.09 2.58
N TYR A 265 -55.95 -15.52 1.94
CA TYR A 265 -54.60 -15.27 2.43
C TYR A 265 -53.65 -15.39 1.26
N TYR A 266 -52.41 -14.94 1.49
CA TYR A 266 -51.37 -14.88 0.48
C TYR A 266 -50.16 -15.69 0.93
N VAL A 267 -49.48 -16.30 -0.03
CA VAL A 267 -48.26 -17.05 0.21
C VAL A 267 -47.21 -16.59 -0.78
N GLY A 268 -45.99 -16.45 -0.29
CA GLY A 268 -44.85 -16.22 -1.16
C GLY A 268 -43.63 -16.92 -0.60
N TYR A 269 -42.72 -17.28 -1.49
CA TYR A 269 -41.55 -18.06 -1.13
C TYR A 269 -40.30 -17.21 -1.06
N LEU A 270 -39.54 -17.37 0.00
CA LEU A 270 -38.27 -16.71 0.16
C LEU A 270 -37.25 -17.26 -0.83
N GLN A 271 -36.29 -16.41 -1.19
CA GLN A 271 -35.12 -16.81 -1.94
C GLN A 271 -33.93 -16.05 -1.40
N PRO A 272 -32.71 -16.55 -1.60
CA PRO A 272 -31.53 -15.76 -1.23
C PRO A 272 -31.48 -14.46 -1.99
N ARG A 273 -31.34 -13.36 -1.26
CA ARG A 273 -31.20 -12.06 -1.87
C ARG A 273 -30.39 -11.20 -0.90
N THR A 274 -29.76 -10.17 -1.44
CA THR A 274 -29.00 -9.21 -0.68
C THR A 274 -29.82 -7.94 -0.54
N PHE A 275 -29.89 -7.42 0.67
CA PHE A 275 -30.67 -6.23 0.95
C PHE A 275 -29.80 -5.17 1.59
N LEU A 276 -30.14 -3.92 1.29
CA LEU A 276 -29.75 -2.76 2.04
C LEU A 276 -30.93 -2.28 2.86
N LEU A 277 -30.70 -2.02 4.14
CA LEU A 277 -31.73 -1.60 5.06
C LEU A 277 -31.37 -0.22 5.59
N LYS A 278 -32.37 0.64 5.69
CA LYS A 278 -32.24 1.94 6.33
C LYS A 278 -32.95 1.87 7.67
N TYR A 279 -32.22 2.16 8.74
CA TYR A 279 -32.79 2.21 10.08
C TYR A 279 -33.10 3.65 10.44
N ASN A 280 -34.34 3.90 10.83
CA ASN A 280 -34.73 5.21 11.31
C ASN A 280 -33.96 5.56 12.59
N GLU A 281 -34.11 6.82 13.01
CA GLU A 281 -33.48 7.28 14.25
C GLU A 281 -33.88 6.44 15.45
N ASN A 282 -35.07 5.87 15.43
CA ASN A 282 -35.56 5.00 16.49
C ASN A 282 -35.23 3.54 16.22
N GLY A 283 -34.44 3.25 15.19
CA GLY A 283 -34.03 1.90 14.89
C GLY A 283 -35.08 1.03 14.24
N THR A 284 -36.19 1.60 13.82
CA THR A 284 -37.10 0.89 12.93
C THR A 284 -36.54 0.92 11.52
N ILE A 285 -36.67 -0.20 10.82
CA ILE A 285 -36.34 -0.25 9.40
C ILE A 285 -37.35 0.57 8.62
N THR A 286 -36.90 1.68 8.04
CA THR A 286 -37.80 2.61 7.37
C THR A 286 -37.91 2.37 5.87
N ASP A 287 -36.90 1.77 5.24
CA ASP A 287 -36.96 1.47 3.82
C ASP A 287 -35.92 0.41 3.54
N ALA A 288 -36.06 -0.26 2.40
CA ALA A 288 -35.09 -1.27 2.00
C ALA A 288 -35.04 -1.35 0.49
N VAL A 289 -33.93 -1.89 -0.01
CA VAL A 289 -33.74 -2.16 -1.43
C VAL A 289 -33.28 -3.59 -1.59
N ASP A 290 -33.96 -4.34 -2.45
CA ASP A 290 -33.51 -5.65 -2.90
C ASP A 290 -32.50 -5.48 -4.02
N CYS A 291 -31.23 -5.76 -3.74
CA CYS A 291 -30.17 -5.44 -4.67
C CYS A 291 -30.28 -6.21 -5.98
N ALA A 292 -30.94 -7.35 -5.99
CA ALA A 292 -31.08 -8.14 -7.21
C ALA A 292 -32.11 -7.59 -8.18
N LEU A 293 -33.01 -6.70 -7.73
CA LEU A 293 -34.23 -6.41 -8.48
C LEU A 293 -33.95 -5.87 -9.87
N ASP A 294 -33.10 -4.86 -9.99
CA ASP A 294 -32.89 -4.21 -11.27
C ASP A 294 -31.60 -3.42 -11.22
N PRO A 295 -31.09 -2.99 -12.37
CA PRO A 295 -29.83 -2.23 -12.39
C PRO A 295 -29.81 -1.01 -11.50
N LEU A 296 -30.94 -0.32 -11.37
CA LEU A 296 -30.97 0.80 -10.44
C LEU A 296 -30.78 0.34 -9.01
N SER A 297 -31.47 -0.72 -8.63
CA SER A 297 -31.26 -1.29 -7.31
C SER A 297 -29.82 -1.75 -7.13
N GLU A 298 -29.25 -2.39 -8.15
CA GLU A 298 -27.85 -2.77 -8.08
C GLU A 298 -26.93 -1.57 -7.86
N THR A 299 -27.20 -0.48 -8.58
CA THR A 299 -26.43 0.74 -8.36
C THR A 299 -26.57 1.24 -6.93
N LYS A 300 -27.81 1.30 -6.44
CA LYS A 300 -28.06 1.72 -5.06
C LYS A 300 -27.29 0.90 -4.05
N CYS A 301 -27.26 -0.41 -4.24
CA CYS A 301 -26.49 -1.24 -3.32
C CYS A 301 -25.00 -1.04 -3.50
N THR A 302 -24.53 -0.92 -4.73
CA THR A 302 -23.12 -0.67 -4.95
C THR A 302 -22.66 0.64 -4.33
N LEU A 303 -23.53 1.64 -4.25
CA LEU A 303 -23.20 2.92 -3.66
C LEU A 303 -23.65 3.08 -2.21
N LYS A 304 -24.31 2.08 -1.65
CA LYS A 304 -24.83 2.14 -0.27
C LYS A 304 -25.64 3.42 -0.01
N SER A 305 -26.51 3.79 -0.94
CA SER A 305 -27.34 4.97 -0.74
C SER A 305 -28.67 4.79 -1.44
N PHE A 306 -29.70 5.39 -0.86
CA PHE A 306 -31.03 5.30 -1.44
C PHE A 306 -31.25 6.25 -2.58
N THR A 307 -30.42 7.29 -2.70
CA THR A 307 -30.47 8.20 -3.83
C THR A 307 -29.08 8.30 -4.42
N VAL A 308 -29.02 8.47 -5.73
CA VAL A 308 -27.77 8.42 -6.48
C VAL A 308 -27.74 9.63 -7.38
N GLU A 309 -26.60 10.31 -7.38
CA GLU A 309 -26.41 11.45 -8.25
C GLU A 309 -26.28 11.01 -9.70
N LYS A 310 -26.64 11.91 -10.60
CA LYS A 310 -26.50 11.71 -12.03
C LYS A 310 -25.08 11.31 -12.42
N GLY A 311 -24.96 10.22 -13.14
CA GLY A 311 -23.64 9.72 -13.49
C GLY A 311 -23.68 8.26 -13.89
N ILE A 312 -22.47 7.74 -14.14
CA ILE A 312 -22.22 6.36 -14.54
C ILE A 312 -21.50 5.66 -13.40
N TYR A 313 -21.87 4.40 -13.16
CA TYR A 313 -21.29 3.62 -12.07
C TYR A 313 -21.05 2.20 -12.54
N GLN A 314 -19.94 1.63 -12.12
CA GLN A 314 -19.71 0.19 -12.31
C GLN A 314 -20.60 -0.58 -11.35
N THR A 315 -21.48 -1.41 -11.90
CA THR A 315 -22.35 -2.23 -11.05
C THR A 315 -21.65 -3.51 -10.62
N SER A 316 -21.06 -4.23 -11.57
CA SER A 316 -20.31 -5.43 -11.26
C SER A 316 -19.50 -5.83 -12.48
N ASN A 317 -18.64 -6.82 -12.30
CA ASN A 317 -18.22 -7.67 -13.40
C ASN A 317 -19.39 -8.55 -13.84
N PHE A 318 -19.22 -9.16 -15.00
CA PHE A 318 -20.09 -10.24 -15.45
C PHE A 318 -19.24 -11.17 -16.30
N ARG A 319 -19.70 -12.42 -16.45
CA ARG A 319 -19.03 -13.34 -17.36
C ARG A 319 -20.03 -14.30 -17.96
N VAL A 320 -19.73 -14.75 -19.17
CA VAL A 320 -20.39 -15.89 -19.78
C VAL A 320 -19.93 -17.15 -19.07
N GLN A 321 -20.78 -17.71 -18.23
CA GLN A 321 -20.42 -18.92 -17.51
C GLN A 321 -20.23 -20.08 -18.48
N PRO A 322 -19.31 -21.01 -18.20
CA PRO A 322 -19.08 -22.14 -19.10
C PRO A 322 -20.31 -23.04 -19.20
N THR A 323 -20.75 -23.27 -20.43
CA THR A 323 -21.93 -24.09 -20.66
C THR A 323 -21.66 -25.58 -20.53
N GLU A 324 -20.40 -26.02 -20.62
CA GLU A 324 -20.11 -27.44 -20.75
C GLU A 324 -18.69 -27.70 -20.28
N SER A 325 -18.41 -28.97 -19.95
CA SER A 325 -17.06 -29.41 -19.60
C SER A 325 -16.68 -30.59 -20.47
N ILE A 326 -15.44 -30.57 -20.97
CA ILE A 326 -14.90 -31.57 -21.88
C ILE A 326 -13.53 -32.02 -21.39
N VAL A 327 -13.16 -33.24 -21.76
CA VAL A 327 -11.87 -33.83 -21.37
C VAL A 327 -11.29 -34.49 -22.62
N ARG A 328 -10.21 -33.90 -23.15
CA ARG A 328 -9.48 -34.31 -24.36
C ARG A 328 -10.32 -34.98 -25.45
N ASN A 532 -15.85 -36.32 -27.21
CA ASN A 532 -16.25 -35.31 -26.25
C ASN A 532 -16.13 -33.89 -26.76
N LEU A 533 -15.38 -33.69 -27.85
CA LEU A 533 -15.00 -32.34 -28.25
C LEU A 533 -16.20 -31.51 -28.69
N VAL A 534 -16.18 -30.22 -28.34
CA VAL A 534 -17.01 -29.23 -28.98
C VAL A 534 -16.25 -27.92 -29.00
N LYS A 535 -16.49 -27.12 -30.04
CA LYS A 535 -15.58 -26.03 -30.39
C LYS A 535 -16.03 -24.65 -29.97
N ASN A 536 -17.09 -24.13 -30.58
CA ASN A 536 -17.31 -22.69 -30.55
C ASN A 536 -18.00 -22.19 -29.29
N LYS A 537 -18.85 -22.98 -28.66
CA LYS A 537 -19.48 -22.52 -27.44
C LYS A 537 -18.44 -22.39 -26.33
N CYS A 538 -18.76 -21.55 -25.35
CA CYS A 538 -17.90 -21.40 -24.19
C CYS A 538 -17.97 -22.68 -23.38
N VAL A 539 -16.81 -23.24 -23.10
CA VAL A 539 -16.71 -24.50 -22.37
C VAL A 539 -15.61 -24.42 -21.34
N ASN A 540 -15.77 -25.25 -20.32
CA ASN A 540 -14.66 -25.71 -19.52
C ASN A 540 -14.00 -26.88 -20.26
N PHE A 541 -12.67 -26.99 -20.11
CA PHE A 541 -11.94 -28.00 -20.84
C PHE A 541 -10.77 -28.52 -20.03
N ASN A 542 -10.37 -29.75 -20.33
CA ASN A 542 -9.11 -30.30 -19.89
C ASN A 542 -8.54 -31.07 -21.06
N PHE A 543 -7.23 -30.99 -21.24
CA PHE A 543 -6.50 -31.72 -22.28
C PHE A 543 -5.32 -32.43 -21.63
N ASN A 544 -5.61 -33.62 -21.07
CA ASN A 544 -4.68 -34.43 -20.25
C ASN A 544 -4.01 -33.62 -19.14
N GLY A 545 -4.65 -32.57 -18.71
CA GLY A 545 -4.07 -31.44 -18.04
C GLY A 545 -4.56 -30.19 -18.72
N LEU A 546 -3.78 -29.12 -18.59
CA LEU A 546 -4.04 -27.86 -19.28
C LEU A 546 -5.43 -27.32 -19.01
N THR A 547 -5.96 -27.62 -17.82
CA THR A 547 -7.35 -27.33 -17.50
C THR A 547 -7.63 -25.84 -17.65
N GLY A 548 -8.70 -25.51 -18.36
CA GLY A 548 -9.01 -24.13 -18.60
C GLY A 548 -10.43 -23.96 -19.07
N THR A 549 -10.75 -22.72 -19.41
CA THR A 549 -12.08 -22.33 -19.88
C THR A 549 -11.96 -21.39 -21.06
N GLY A 550 -12.79 -21.59 -22.07
CA GLY A 550 -12.74 -20.74 -23.24
C GLY A 550 -13.67 -21.23 -24.33
N VAL A 551 -13.51 -20.63 -25.50
CA VAL A 551 -14.06 -21.14 -26.75
C VAL A 551 -12.91 -21.65 -27.60
N LEU A 552 -13.13 -22.77 -28.28
CA LEU A 552 -12.06 -23.55 -28.88
C LEU A 552 -12.19 -23.52 -30.39
N THR A 553 -11.68 -22.43 -30.98
CA THR A 553 -11.68 -22.32 -32.44
C THR A 553 -10.54 -23.14 -33.01
N GLU A 554 -10.76 -23.66 -34.21
CA GLU A 554 -9.64 -24.11 -35.02
C GLU A 554 -8.75 -22.93 -35.37
N SER A 555 -7.50 -23.24 -35.69
CA SER A 555 -6.52 -22.23 -36.07
C SER A 555 -5.52 -22.81 -37.04
N ASN A 556 -4.93 -21.92 -37.82
CA ASN A 556 -3.83 -22.27 -38.71
C ASN A 556 -2.49 -22.46 -38.00
N LYS A 557 -2.38 -22.15 -36.71
CA LYS A 557 -1.12 -22.27 -35.98
C LYS A 557 -0.46 -23.63 -36.13
N LYS A 558 0.70 -23.67 -36.76
CA LYS A 558 1.40 -24.90 -37.08
C LYS A 558 2.42 -25.21 -35.98
N PHE A 559 2.00 -25.98 -34.99
CA PHE A 559 2.96 -26.53 -34.03
C PHE A 559 3.96 -27.43 -34.72
N LEU A 560 5.12 -27.56 -34.12
CA LEU A 560 5.99 -28.67 -34.46
C LEU A 560 5.31 -29.98 -34.07
N PRO A 561 5.68 -31.09 -34.70
CA PRO A 561 4.99 -32.36 -34.42
C PRO A 561 5.01 -32.80 -32.97
N PHE A 562 6.10 -32.54 -32.26
CA PHE A 562 6.18 -32.95 -30.87
C PHE A 562 5.51 -31.97 -29.92
N GLN A 563 5.29 -30.73 -30.34
CA GLN A 563 4.80 -29.74 -29.42
C GLN A 563 3.35 -30.01 -29.10
N GLN A 564 2.92 -29.54 -27.93
CA GLN A 564 1.67 -29.96 -27.35
C GLN A 564 0.69 -28.83 -27.14
N PHE A 565 1.16 -27.66 -26.71
CA PHE A 565 0.26 -26.54 -26.53
C PHE A 565 1.04 -25.23 -26.62
N GLY A 566 0.33 -24.19 -27.04
CA GLY A 566 0.92 -22.89 -27.28
C GLY A 566 0.73 -21.94 -26.11
N ARG A 567 1.63 -20.97 -26.00
CA ARG A 567 1.53 -19.92 -24.99
C ARG A 567 1.77 -18.57 -25.64
N ASP A 568 1.01 -17.57 -25.22
CA ASP A 568 1.18 -16.22 -25.71
C ASP A 568 2.45 -15.59 -25.13
N ILE A 569 2.73 -14.36 -25.58
CA ILE A 569 3.88 -13.60 -25.09
C ILE A 569 3.80 -13.37 -23.59
N ALA A 570 2.59 -13.28 -23.05
CA ALA A 570 2.42 -13.23 -21.61
C ALA A 570 2.48 -14.60 -20.95
N ASP A 571 2.83 -15.65 -21.69
CA ASP A 571 2.88 -17.03 -21.21
C ASP A 571 1.54 -17.61 -20.78
N THR A 572 0.43 -16.94 -21.06
CA THR A 572 -0.86 -17.60 -20.91
C THR A 572 -1.06 -18.58 -22.05
N THR A 573 -1.62 -19.74 -21.73
CA THR A 573 -1.91 -20.73 -22.77
C THR A 573 -2.94 -20.17 -23.74
N ASP A 574 -2.74 -20.44 -25.03
CA ASP A 574 -3.62 -19.94 -26.08
C ASP A 574 -4.02 -20.96 -27.12
N ALA A 575 -3.41 -22.15 -27.13
CA ALA A 575 -3.78 -23.16 -28.09
C ALA A 575 -3.36 -24.50 -27.53
N VAL A 576 -3.92 -25.57 -28.09
CA VAL A 576 -3.67 -26.93 -27.64
C VAL A 576 -3.70 -27.85 -28.84
N ARG A 577 -3.03 -28.99 -28.70
CA ARG A 577 -3.15 -30.10 -29.64
C ARG A 577 -4.06 -31.16 -29.03
N ASP A 578 -5.04 -31.62 -29.80
CA ASP A 578 -6.03 -32.57 -29.35
C ASP A 578 -5.44 -33.96 -29.12
N PRO A 579 -5.37 -34.48 -27.90
CA PRO A 579 -4.76 -35.81 -27.73
C PRO A 579 -5.47 -36.93 -28.47
N GLN A 580 -6.77 -36.79 -28.77
CA GLN A 580 -7.53 -37.83 -29.44
C GLN A 580 -7.65 -37.62 -30.94
N THR A 581 -7.11 -36.51 -31.48
CA THR A 581 -7.16 -36.26 -32.92
C THR A 581 -5.89 -35.63 -33.47
N LEU A 582 -5.02 -35.07 -32.65
CA LEU A 582 -3.85 -34.29 -33.07
C LEU A 582 -4.18 -33.05 -33.87
N GLU A 583 -5.44 -32.63 -33.92
CA GLU A 583 -5.77 -31.32 -34.43
C GLU A 583 -5.22 -30.28 -33.47
N ILE A 584 -5.10 -29.05 -33.96
CA ILE A 584 -4.72 -27.91 -33.13
C ILE A 584 -5.97 -27.07 -32.95
N LEU A 585 -6.23 -26.68 -31.72
CA LEU A 585 -7.28 -25.76 -31.38
C LEU A 585 -6.67 -24.54 -30.72
N ASP A 586 -7.27 -23.39 -30.98
CA ASP A 586 -6.89 -22.13 -30.37
C ASP A 586 -7.91 -21.71 -29.33
N ILE A 587 -7.41 -21.30 -28.16
CA ILE A 587 -8.22 -20.93 -27.02
C ILE A 587 -8.28 -19.41 -26.99
N THR A 588 -9.48 -18.85 -26.78
CA THR A 588 -9.62 -17.50 -26.27
C THR A 588 -10.60 -17.49 -25.09
N PRO A 589 -10.32 -16.75 -24.01
CA PRO A 589 -11.23 -16.78 -22.87
C PRO A 589 -12.60 -16.23 -23.21
N CYS A 590 -13.62 -16.78 -22.56
CA CYS A 590 -14.99 -16.39 -22.86
C CYS A 590 -15.23 -14.93 -22.51
N SER A 591 -16.19 -14.33 -23.22
CA SER A 591 -16.49 -12.91 -23.08
C SER A 591 -16.85 -12.54 -21.66
N PHE A 592 -16.28 -11.45 -21.17
CA PHE A 592 -16.48 -11.01 -19.80
C PHE A 592 -16.14 -9.54 -19.74
N GLY A 593 -16.60 -8.89 -18.68
CA GLY A 593 -16.15 -7.52 -18.43
C GLY A 593 -16.94 -6.85 -17.34
N GLY A 594 -16.76 -5.54 -17.28
CA GLY A 594 -17.60 -4.71 -16.44
C GLY A 594 -18.97 -4.44 -17.05
N VAL A 595 -19.99 -4.55 -16.22
CA VAL A 595 -21.31 -3.99 -16.48
C VAL A 595 -21.49 -2.77 -15.61
N SER A 596 -21.99 -1.70 -16.21
CA SER A 596 -21.99 -0.38 -15.61
C SER A 596 -23.32 0.27 -15.91
N VAL A 597 -23.80 1.06 -14.96
CA VAL A 597 -25.17 1.59 -14.97
C VAL A 597 -25.12 3.06 -15.30
N ILE A 598 -25.95 3.49 -16.24
CA ILE A 598 -26.15 4.88 -16.59
C ILE A 598 -27.41 5.33 -15.89
N THR A 599 -27.34 6.45 -15.18
CA THR A 599 -28.46 6.98 -14.41
C THR A 599 -28.63 8.47 -14.63
N PRO A 600 -29.87 8.97 -14.76
CA PRO A 600 -30.08 10.41 -14.84
C PRO A 600 -29.98 11.13 -13.50
N GLY A 601 -29.60 10.43 -12.43
CA GLY A 601 -29.77 10.89 -11.07
C GLY A 601 -31.12 10.46 -10.58
N THR A 602 -31.12 9.87 -9.38
CA THR A 602 -32.25 9.10 -8.88
C THR A 602 -33.52 9.92 -8.84
N ASN A 603 -33.46 11.11 -8.27
CA ASN A 603 -34.67 11.89 -8.13
C ASN A 603 -34.99 12.68 -9.39
N THR A 604 -34.15 12.60 -10.41
CA THR A 604 -34.60 13.00 -11.73
C THR A 604 -35.59 11.97 -12.27
N SER A 605 -35.20 10.70 -12.27
CA SER A 605 -36.12 9.64 -12.63
C SER A 605 -35.49 8.30 -12.28
N ASN A 606 -36.35 7.30 -12.13
CA ASN A 606 -35.92 5.92 -12.01
C ASN A 606 -35.57 5.26 -13.33
N GLN A 607 -35.77 5.94 -14.45
CA GLN A 607 -35.27 5.46 -15.72
C GLN A 607 -33.77 5.21 -15.63
N VAL A 608 -33.31 4.19 -16.33
CA VAL A 608 -31.94 3.73 -16.20
C VAL A 608 -31.53 3.07 -17.49
N ALA A 609 -30.23 3.06 -17.75
CA ALA A 609 -29.66 2.31 -18.85
C ALA A 609 -28.40 1.64 -18.34
N VAL A 610 -27.95 0.64 -19.08
CA VAL A 610 -26.86 -0.23 -18.64
C VAL A 610 -25.91 -0.46 -19.80
N LEU A 611 -24.62 -0.43 -19.50
CA LEU A 611 -23.55 -0.60 -20.47
C LEU A 611 -22.69 -1.79 -20.08
N TYR A 612 -22.58 -2.73 -21.01
CA TYR A 612 -21.65 -3.85 -20.88
C TYR A 612 -20.38 -3.47 -21.63
N GLN A 613 -19.32 -3.23 -20.89
CA GLN A 613 -18.25 -2.38 -21.37
C GLN A 613 -17.38 -3.00 -22.44
N ASP A 614 -17.36 -4.33 -22.56
CA ASP A 614 -16.40 -4.98 -23.43
C ASP A 614 -16.98 -6.27 -24.01
N VAL A 615 -18.12 -6.17 -24.67
CA VAL A 615 -18.72 -7.35 -25.27
C VAL A 615 -19.51 -6.93 -26.48
N ASN A 616 -19.62 -7.85 -27.43
CA ASN A 616 -20.55 -7.68 -28.52
C ASN A 616 -21.96 -7.72 -27.96
N CYS A 617 -22.92 -7.21 -28.73
CA CYS A 617 -24.31 -7.49 -28.47
C CYS A 617 -24.61 -8.91 -28.97
N THR A 618 -25.88 -9.29 -28.96
CA THR A 618 -26.32 -10.65 -29.23
C THR A 618 -25.81 -11.62 -28.20
N GLU A 619 -25.46 -11.16 -27.00
CA GLU A 619 -25.20 -12.04 -25.90
C GLU A 619 -25.52 -11.32 -24.60
N VAL A 620 -25.85 -12.09 -23.58
CA VAL A 620 -26.47 -11.58 -22.37
C VAL A 620 -25.99 -12.37 -21.17
N SER A 640 -35.51 -5.88 -26.65
CA SER A 640 -35.54 -4.55 -26.06
C SER A 640 -34.77 -3.58 -26.94
N ASN A 641 -34.75 -2.31 -26.56
CA ASN A 641 -33.95 -1.33 -27.26
C ASN A 641 -32.47 -1.53 -26.93
N VAL A 642 -31.67 -1.72 -27.97
CA VAL A 642 -30.25 -2.07 -27.83
C VAL A 642 -29.48 -1.23 -28.83
N PHE A 643 -28.28 -0.82 -28.42
CA PHE A 643 -27.35 -0.12 -29.29
C PHE A 643 -25.97 -0.69 -29.06
N GLN A 644 -25.25 -0.97 -30.14
CA GLN A 644 -23.88 -1.45 -30.08
C GLN A 644 -22.93 -0.30 -30.37
N THR A 645 -21.89 -0.17 -29.56
CA THR A 645 -20.97 0.93 -29.63
C THR A 645 -19.54 0.42 -29.58
N ARG A 646 -18.62 1.26 -30.03
CA ARG A 646 -17.20 1.01 -29.85
C ARG A 646 -16.80 0.90 -28.39
N ALA A 647 -17.61 1.40 -27.47
CA ALA A 647 -17.38 1.31 -26.04
C ALA A 647 -18.06 0.11 -25.39
N GLY A 648 -18.70 -0.76 -26.16
CA GLY A 648 -19.39 -1.92 -25.65
C GLY A 648 -20.83 -1.94 -26.13
N CYS A 649 -21.59 -2.88 -25.56
CA CYS A 649 -22.99 -3.04 -25.89
C CYS A 649 -23.83 -2.33 -24.84
N LEU A 650 -24.69 -1.45 -25.31
CA LEU A 650 -25.47 -0.52 -24.51
C LEU A 650 -26.94 -0.86 -24.66
N ILE A 651 -27.65 -0.93 -23.54
CA ILE A 651 -29.04 -1.38 -23.51
C ILE A 651 -29.86 -0.33 -22.78
N GLY A 652 -31.07 -0.10 -23.29
CA GLY A 652 -32.01 0.80 -22.68
C GLY A 652 -31.83 2.26 -23.04
N ALA A 653 -30.62 2.66 -23.41
CA ALA A 653 -30.43 3.97 -24.00
C ALA A 653 -30.97 3.99 -25.43
N GLU A 654 -31.71 5.03 -25.77
CA GLU A 654 -32.16 5.23 -27.13
C GLU A 654 -31.03 5.84 -27.95
N HIS A 655 -30.64 5.18 -29.04
CA HIS A 655 -29.66 5.77 -29.92
C HIS A 655 -30.26 6.95 -30.68
N VAL A 656 -29.48 8.02 -30.83
CA VAL A 656 -29.92 9.25 -31.50
C VAL A 656 -28.84 9.70 -32.46
N ASN A 657 -29.25 10.17 -33.64
CA ASN A 657 -28.31 10.70 -34.63
C ASN A 657 -27.91 12.14 -34.38
N ASN A 658 -28.83 12.94 -33.86
CA ASN A 658 -28.52 14.29 -33.42
C ASN A 658 -27.45 14.25 -32.33
N SER A 659 -26.81 15.41 -32.09
CA SER A 659 -25.61 15.49 -31.26
C SER A 659 -25.71 16.63 -30.24
N TYR A 660 -25.14 16.39 -29.05
CA TYR A 660 -25.23 17.29 -27.93
C TYR A 660 -23.91 17.31 -27.16
N GLU A 661 -23.77 18.31 -26.31
CA GLU A 661 -22.71 18.30 -25.32
C GLU A 661 -22.83 17.09 -24.42
N CYS A 662 -21.72 16.68 -23.84
CA CYS A 662 -21.67 15.45 -23.06
C CYS A 662 -22.32 15.65 -21.71
N ASP A 663 -23.47 15.03 -21.50
CA ASP A 663 -24.08 15.01 -20.18
C ASP A 663 -23.41 14.01 -19.26
N ILE A 664 -23.46 12.73 -19.62
CA ILE A 664 -22.79 11.65 -18.91
C ILE A 664 -21.80 11.01 -19.88
N PRO A 665 -20.51 10.91 -19.55
CA PRO A 665 -19.57 10.31 -20.50
C PRO A 665 -19.73 8.80 -20.50
N ILE A 666 -19.98 8.25 -21.68
CA ILE A 666 -19.97 6.81 -21.87
C ILE A 666 -18.62 6.34 -22.35
N GLY A 667 -18.13 6.95 -23.42
CA GLY A 667 -16.84 6.59 -23.97
C GLY A 667 -16.87 6.60 -25.48
N ALA A 668 -15.67 6.54 -26.06
CA ALA A 668 -15.47 6.47 -27.50
C ALA A 668 -16.25 7.55 -28.23
N GLY A 669 -16.25 8.74 -27.67
CA GLY A 669 -16.95 9.83 -28.26
C GLY A 669 -18.45 9.80 -28.13
N ILE A 670 -19.01 8.83 -27.41
CA ILE A 670 -20.44 8.73 -27.20
C ILE A 670 -20.76 9.17 -25.79
N CYS A 671 -21.82 9.96 -25.65
CA CYS A 671 -22.31 10.39 -24.36
C CYS A 671 -23.81 10.25 -24.35
N ALA A 672 -24.37 10.22 -23.14
CA ALA A 672 -25.78 10.05 -22.94
C ALA A 672 -26.35 11.10 -22.01
N SER A 673 -27.65 11.34 -22.15
CA SER A 673 -28.36 12.32 -21.35
C SER A 673 -29.82 11.92 -21.33
N TYR A 674 -30.55 12.50 -20.37
CA TYR A 674 -32.00 12.37 -20.29
C TYR A 674 -32.63 13.62 -20.85
N GLN A 675 -33.57 13.45 -21.78
CA GLN A 675 -34.19 14.57 -22.45
C GLN A 675 -35.63 14.22 -22.80
N THR A 676 -36.48 15.23 -22.82
CA THR A 676 -37.87 15.05 -23.19
C THR A 676 -37.98 14.63 -24.65
N GLN A 690 -38.53 11.77 -23.48
CA GLN A 690 -38.80 11.50 -22.08
C GLN A 690 -37.94 10.34 -21.65
N SER A 691 -36.76 10.25 -22.25
CA SER A 691 -36.00 9.00 -22.30
C SER A 691 -34.53 9.29 -22.04
N ILE A 692 -33.81 8.25 -21.63
CA ILE A 692 -32.38 8.21 -21.84
C ILE A 692 -32.10 8.17 -23.33
N ILE A 693 -31.18 9.01 -23.78
CA ILE A 693 -30.67 9.01 -25.14
C ILE A 693 -29.16 8.88 -25.09
N ALA A 694 -28.58 8.32 -26.15
CA ALA A 694 -27.14 8.23 -26.32
C ALA A 694 -26.76 8.72 -27.70
N TYR A 695 -25.66 9.46 -27.79
CA TYR A 695 -25.36 10.24 -28.98
C TYR A 695 -23.85 10.41 -29.10
N THR A 696 -23.43 10.70 -30.32
CA THR A 696 -22.08 11.16 -30.60
C THR A 696 -21.88 12.56 -30.07
N MET A 697 -20.78 12.77 -29.34
CA MET A 697 -20.54 14.04 -28.67
C MET A 697 -20.38 15.15 -29.69
N SER A 698 -21.05 16.29 -29.47
CA SER A 698 -20.75 17.48 -30.26
C SER A 698 -19.59 18.19 -29.60
N LEU A 699 -18.49 18.36 -30.31
CA LEU A 699 -17.39 19.08 -29.69
C LEU A 699 -17.73 20.53 -29.49
N GLY A 700 -18.54 21.10 -30.37
CA GLY A 700 -19.00 22.47 -30.19
C GLY A 700 -19.64 22.98 -31.46
N ALA A 701 -20.07 24.23 -31.38
CA ALA A 701 -20.52 24.93 -32.56
C ALA A 701 -19.38 25.13 -33.54
N GLU A 702 -19.62 24.82 -34.80
CA GLU A 702 -18.64 24.93 -35.86
C GLU A 702 -18.91 26.19 -36.67
N ASN A 703 -17.88 26.99 -36.91
CA ASN A 703 -18.01 28.11 -37.82
C ASN A 703 -16.68 28.36 -38.49
N SER A 704 -16.74 28.82 -39.73
CA SER A 704 -15.58 29.43 -40.35
C SER A 704 -15.42 30.87 -39.88
N VAL A 705 -14.17 31.29 -39.71
CA VAL A 705 -13.88 32.57 -39.10
C VAL A 705 -13.89 33.72 -40.09
N ALA A 706 -14.21 33.48 -41.36
CA ALA A 706 -14.27 34.53 -42.37
C ALA A 706 -12.95 35.29 -42.51
N TYR A 707 -11.85 34.56 -42.41
CA TYR A 707 -10.54 35.15 -42.66
C TYR A 707 -10.48 35.72 -44.06
N SER A 708 -9.71 36.78 -44.22
CA SER A 708 -9.37 37.24 -45.54
C SER A 708 -8.11 38.08 -45.46
N ASN A 709 -7.39 38.17 -46.59
CA ASN A 709 -6.05 38.74 -46.55
C ASN A 709 -6.00 40.23 -46.23
N ASN A 710 -7.12 40.93 -46.09
CA ASN A 710 -7.10 42.35 -45.76
C ASN A 710 -8.16 42.78 -44.76
N SER A 711 -8.94 41.86 -44.20
CA SER A 711 -10.06 42.18 -43.33
C SER A 711 -9.66 41.98 -41.89
N ILE A 712 -10.03 42.93 -41.03
CA ILE A 712 -9.89 42.79 -39.59
C ILE A 712 -11.23 42.98 -38.93
N ALA A 713 -11.41 42.28 -37.82
CA ALA A 713 -12.46 42.56 -36.85
C ALA A 713 -11.88 43.22 -35.62
N ILE A 714 -12.51 44.30 -35.16
CA ILE A 714 -12.10 45.00 -33.95
C ILE A 714 -13.32 45.15 -33.06
N PRO A 715 -13.24 44.89 -31.75
CA PRO A 715 -14.39 45.10 -30.89
C PRO A 715 -14.72 46.57 -30.75
N THR A 716 -15.99 46.91 -30.92
CA THR A 716 -16.44 48.26 -30.66
C THR A 716 -16.88 48.45 -29.22
N ASN A 717 -16.99 47.39 -28.43
CA ASN A 717 -17.48 47.48 -27.07
C ASN A 717 -16.89 46.33 -26.30
N PHE A 718 -17.19 46.26 -25.00
CA PHE A 718 -16.71 45.18 -24.18
C PHE A 718 -17.74 44.78 -23.15
N THR A 719 -17.60 43.58 -22.63
CA THR A 719 -18.08 43.20 -21.33
C THR A 719 -16.90 42.86 -20.45
N ILE A 720 -16.78 43.52 -19.30
CA ILE A 720 -16.07 42.89 -18.20
C ILE A 720 -16.92 41.77 -17.64
N SER A 721 -16.27 40.78 -17.04
CA SER A 721 -16.98 39.66 -16.45
C SER A 721 -16.16 39.10 -15.31
N VAL A 722 -16.83 38.34 -14.46
CA VAL A 722 -16.24 37.71 -13.29
C VAL A 722 -16.33 36.21 -13.43
N THR A 723 -15.21 35.53 -13.23
CA THR A 723 -15.13 34.09 -13.26
C THR A 723 -14.72 33.58 -11.90
N THR A 724 -15.54 32.72 -11.31
CA THR A 724 -15.11 31.97 -10.14
C THR A 724 -14.14 30.88 -10.58
N GLU A 725 -13.03 30.76 -9.86
CA GLU A 725 -12.22 29.55 -9.91
C GLU A 725 -11.98 29.06 -8.49
N ILE A 726 -12.18 27.78 -8.27
CA ILE A 726 -12.12 27.15 -6.95
C ILE A 726 -10.96 26.18 -6.93
N LEU A 727 -10.09 26.31 -5.93
CA LEU A 727 -8.95 25.42 -5.75
C LEU A 727 -8.93 24.85 -4.34
N PRO A 728 -8.71 23.55 -4.15
CA PRO A 728 -8.48 23.05 -2.80
C PRO A 728 -7.11 23.47 -2.31
N VAL A 729 -6.97 23.56 -0.98
CA VAL A 729 -5.72 24.03 -0.38
C VAL A 729 -5.26 23.12 0.74
N SER A 730 -6.17 22.49 1.49
CA SER A 730 -5.71 21.59 2.55
C SER A 730 -6.67 20.44 2.74
N MET A 731 -6.10 19.27 3.04
CA MET A 731 -6.86 18.19 3.62
C MET A 731 -7.13 18.47 5.08
N THR A 732 -8.12 17.77 5.63
CA THR A 732 -8.19 17.66 7.07
C THR A 732 -6.93 16.99 7.62
N LYS A 733 -6.43 17.53 8.73
CA LYS A 733 -5.28 16.93 9.40
C LYS A 733 -5.63 15.65 10.12
N THR A 734 -5.91 14.60 9.35
CA THR A 734 -6.20 13.30 9.93
C THR A 734 -4.95 12.64 10.50
N SER A 735 -5.12 11.94 11.61
CA SER A 735 -4.02 11.22 12.24
C SER A 735 -4.54 9.95 12.88
N VAL A 736 -3.65 8.97 13.05
CA VAL A 736 -3.98 7.67 13.61
C VAL A 736 -2.92 7.25 14.61
N ASP A 737 -3.35 6.87 15.80
CA ASP A 737 -2.54 6.08 16.73
C ASP A 737 -2.47 4.66 16.17
N CYS A 738 -1.38 4.36 15.48
CA CYS A 738 -1.23 3.08 14.82
C CYS A 738 -1.36 1.90 15.77
N THR A 739 -0.77 2.00 16.94
CA THR A 739 -0.91 0.93 17.92
C THR A 739 -2.33 0.78 18.41
N MET A 740 -3.00 1.90 18.69
CA MET A 740 -4.39 1.82 19.13
C MET A 740 -5.26 1.23 18.04
N TYR A 741 -5.01 1.59 16.78
CA TYR A 741 -5.78 1.02 15.68
C TYR A 741 -5.57 -0.47 15.56
N ILE A 742 -4.33 -0.93 15.56
CA ILE A 742 -4.09 -2.34 15.34
C ILE A 742 -4.57 -3.15 16.53
N CYS A 743 -4.22 -2.73 17.73
CA CYS A 743 -4.34 -3.56 18.91
C CYS A 743 -5.40 -3.08 19.89
N GLY A 744 -6.02 -1.94 19.65
CA GLY A 744 -6.88 -1.37 20.67
C GLY A 744 -6.06 -1.08 21.90
N ASP A 745 -6.42 -1.75 22.99
CA ASP A 745 -5.66 -1.75 24.24
C ASP A 745 -5.08 -3.11 24.59
N SER A 746 -5.06 -4.07 23.67
CA SER A 746 -4.53 -5.37 24.01
C SER A 746 -3.03 -5.30 24.22
N THR A 747 -2.61 -5.52 25.46
CA THR A 747 -1.20 -5.59 25.77
C THR A 747 -0.54 -6.74 25.03
N GLU A 748 -1.24 -7.86 24.91
CA GLU A 748 -0.69 -9.00 24.19
C GLU A 748 -0.42 -8.66 22.73
N CYS A 749 -1.42 -8.09 22.06
CA CYS A 749 -1.22 -7.65 20.69
C CYS A 749 -0.10 -6.63 20.59
N SER A 750 -0.10 -5.66 21.50
CA SER A 750 0.92 -4.63 21.50
C SER A 750 2.32 -5.21 21.60
N ASN A 751 2.52 -6.15 22.51
CA ASN A 751 3.81 -6.81 22.63
C ASN A 751 4.14 -7.58 21.36
N LEU A 752 3.17 -8.33 20.83
CA LEU A 752 3.43 -9.09 19.61
C LEU A 752 3.73 -8.16 18.44
N LEU A 753 3.07 -7.03 18.38
CA LEU A 753 3.29 -6.08 17.30
C LEU A 753 4.72 -5.56 17.26
N LEU A 754 5.38 -5.47 18.41
CA LEU A 754 6.78 -5.03 18.41
C LEU A 754 7.67 -5.92 17.55
N GLN A 755 7.31 -7.18 17.36
CA GLN A 755 8.14 -8.04 16.52
C GLN A 755 8.17 -7.56 15.08
N TYR A 756 7.19 -6.78 14.63
CA TYR A 756 7.27 -6.17 13.31
C TYR A 756 8.12 -4.90 13.31
N GLY A 757 8.56 -4.44 14.46
CA GLY A 757 9.44 -3.28 14.49
C GLY A 757 8.80 -1.97 14.10
N SER A 758 9.50 -1.24 13.24
CA SER A 758 9.32 0.20 13.07
C SER A 758 8.04 0.63 12.40
N PHE A 759 7.18 -0.28 11.93
CA PHE A 759 6.06 0.11 11.07
C PHE A 759 5.17 1.19 11.65
N CYS A 760 4.74 1.04 12.90
CA CYS A 760 3.90 2.08 13.49
C CYS A 760 4.64 3.40 13.63
N THR A 761 5.93 3.35 13.92
CA THR A 761 6.72 4.59 13.93
C THR A 761 6.74 5.23 12.55
N GLN A 762 6.97 4.41 11.52
CA GLN A 762 6.99 4.92 10.16
C GLN A 762 5.66 5.52 9.76
N LEU A 763 4.59 4.76 9.99
CA LEU A 763 3.26 5.20 9.61
C LEU A 763 2.87 6.48 10.33
N ASN A 764 3.12 6.52 11.63
CA ASN A 764 2.80 7.70 12.39
C ASN A 764 3.63 8.89 11.95
N ARG A 765 4.90 8.68 11.62
CA ARG A 765 5.71 9.75 11.08
C ARG A 765 5.11 10.30 9.79
N ALA A 766 4.77 9.40 8.87
CA ALA A 766 4.21 9.83 7.59
C ALA A 766 2.94 10.64 7.76
N LEU A 767 2.03 10.15 8.60
CA LEU A 767 0.82 10.92 8.87
C LEU A 767 1.13 12.27 9.49
N THR A 768 2.08 12.31 10.41
CA THR A 768 2.47 13.58 11.01
C THR A 768 3.02 14.52 9.96
N GLY A 769 3.83 14.01 9.06
CA GLY A 769 4.37 14.79 7.97
C GLY A 769 3.31 15.44 7.13
N ILE A 770 2.39 14.64 6.60
CA ILE A 770 1.34 15.21 5.76
C ILE A 770 0.46 16.16 6.56
N ALA A 771 0.29 15.89 7.84
CA ALA A 771 -0.48 16.79 8.68
C ALA A 771 0.17 18.17 8.78
N VAL A 772 1.48 18.20 8.97
CA VAL A 772 2.18 19.48 9.05
C VAL A 772 2.06 20.27 7.75
N GLU A 773 2.15 19.59 6.61
CA GLU A 773 2.04 20.31 5.34
C GLU A 773 0.72 21.05 5.17
N GLN A 774 -0.35 20.58 5.80
CA GLN A 774 -1.62 21.29 5.69
C GLN A 774 -1.54 22.69 6.26
N ASP A 775 -0.90 22.85 7.40
CA ASP A 775 -0.71 24.20 7.91
C ASP A 775 0.21 24.99 7.00
N LYS A 776 1.29 24.35 6.55
CA LYS A 776 2.22 24.99 5.63
C LYS A 776 1.53 25.46 4.37
N ASN A 777 0.73 24.58 3.75
CA ASN A 777 -0.02 24.96 2.56
C ASN A 777 -0.88 26.18 2.80
N THR A 778 -1.67 26.16 3.87
CA THR A 778 -2.57 27.26 4.14
C THR A 778 -1.80 28.55 4.33
N GLN A 779 -0.71 28.49 5.07
CA GLN A 779 0.09 29.69 5.31
C GLN A 779 0.67 30.21 4.01
N GLU A 780 1.22 29.33 3.18
CA GLU A 780 1.79 29.78 1.92
C GLU A 780 0.75 30.34 0.97
N VAL A 781 -0.49 29.90 1.08
CA VAL A 781 -1.52 30.53 0.26
C VAL A 781 -1.88 31.89 0.82
N PHE A 782 -2.24 31.96 2.09
CA PHE A 782 -2.88 33.15 2.62
C PHE A 782 -1.91 34.12 3.28
N ALA A 783 -0.84 33.65 3.90
CA ALA A 783 -0.01 34.55 4.68
C ALA A 783 0.99 35.37 3.86
N GLN A 784 0.68 35.68 2.62
CA GLN A 784 1.57 36.43 1.76
C GLN A 784 1.61 37.92 2.05
N VAL A 785 1.07 38.40 3.17
CA VAL A 785 1.12 39.81 3.53
C VAL A 785 1.64 39.95 4.95
N LYS A 786 2.50 40.93 5.15
CA LYS A 786 3.04 41.20 6.47
C LYS A 786 2.10 41.97 7.37
N GLN A 787 0.99 42.50 6.86
CA GLN A 787 0.14 43.40 7.63
C GLN A 787 -1.30 43.08 7.31
N ILE A 788 -2.16 43.27 8.30
CA ILE A 788 -3.60 43.15 8.13
C ILE A 788 -4.12 44.54 7.74
N TYR A 789 -4.21 44.78 6.45
CA TYR A 789 -4.75 46.03 5.97
C TYR A 789 -6.25 46.13 6.28
N LYS A 790 -6.63 47.15 7.03
CA LYS A 790 -8.04 47.42 7.26
C LYS A 790 -8.62 48.13 6.06
N THR A 791 -9.81 47.70 5.65
CA THR A 791 -10.55 48.43 4.64
C THR A 791 -10.88 49.83 5.15
N PRO A 792 -10.85 50.86 4.31
CA PRO A 792 -11.21 52.19 4.77
C PRO A 792 -12.67 52.26 5.15
N PRO A 793 -13.06 53.21 6.01
CA PRO A 793 -14.46 53.27 6.43
C PRO A 793 -15.42 53.88 5.41
N ILE A 794 -14.99 54.94 4.74
CA ILE A 794 -15.80 55.59 3.71
C ILE A 794 -15.64 54.85 2.39
N LYS A 795 -16.36 53.74 2.26
CA LYS A 795 -16.22 52.82 1.14
C LYS A 795 -16.83 53.38 -0.13
N ASP A 796 -16.16 54.40 -0.67
CA ASP A 796 -16.42 54.92 -2.01
C ASP A 796 -15.28 54.54 -2.93
N PHE A 797 -15.59 53.77 -3.97
CA PHE A 797 -14.64 53.36 -4.99
C PHE A 797 -15.15 53.66 -6.39
N GLY A 798 -15.71 54.84 -6.57
CA GLY A 798 -16.17 55.23 -7.89
C GLY A 798 -17.29 54.36 -8.41
N GLY A 799 -18.19 53.94 -7.54
CA GLY A 799 -19.34 53.16 -7.93
C GLY A 799 -19.13 51.68 -7.99
N PHE A 800 -17.90 51.21 -7.87
CA PHE A 800 -17.69 49.79 -7.67
C PHE A 800 -18.19 49.44 -6.27
N ASN A 801 -18.98 48.38 -6.15
CA ASN A 801 -19.67 48.07 -4.90
C ASN A 801 -19.22 46.70 -4.40
N PHE A 802 -18.12 46.68 -3.66
CA PHE A 802 -17.56 45.44 -3.16
C PHE A 802 -18.30 44.87 -1.95
N SER A 803 -19.48 45.36 -1.60
CA SER A 803 -20.13 44.99 -0.34
C SER A 803 -20.37 43.50 -0.20
N GLN A 804 -20.52 42.79 -1.31
CA GLN A 804 -20.67 41.35 -1.21
C GLN A 804 -19.41 40.66 -0.74
N ILE A 805 -18.23 41.26 -0.93
CA ILE A 805 -16.97 40.55 -0.80
C ILE A 805 -16.07 41.11 0.28
N LEU A 806 -16.25 42.35 0.70
CA LEU A 806 -15.67 42.79 1.95
C LEU A 806 -16.33 42.06 3.11
N PRO A 807 -15.68 41.98 4.26
CA PRO A 807 -16.35 41.40 5.42
C PRO A 807 -17.54 42.23 5.83
N ASP A 808 -18.64 41.56 6.09
CA ASP A 808 -19.82 42.22 6.64
C ASP A 808 -19.63 42.42 8.14
N PRO A 809 -19.59 43.67 8.64
CA PRO A 809 -19.29 43.85 10.07
C PRO A 809 -20.35 43.28 10.99
N SER A 810 -21.61 43.23 10.54
CA SER A 810 -22.67 42.63 11.31
C SER A 810 -22.67 41.11 11.27
N LYS A 811 -22.00 40.50 10.30
CA LYS A 811 -21.89 39.06 10.31
C LYS A 811 -20.99 38.71 11.50
N PRO A 812 -21.45 37.92 12.48
CA PRO A 812 -20.65 37.73 13.71
C PRO A 812 -19.28 37.13 13.47
N SER A 813 -19.13 36.25 12.50
CA SER A 813 -17.84 35.68 12.17
C SER A 813 -16.92 36.63 11.42
N LYS A 814 -17.37 37.85 11.12
CA LYS A 814 -16.66 38.78 10.26
C LYS A 814 -16.35 38.18 8.90
N ARG A 815 -17.11 37.18 8.46
CA ARG A 815 -16.80 36.51 7.22
C ARG A 815 -17.36 37.34 6.07
N SER A 816 -16.76 37.19 4.88
CA SER A 816 -17.39 37.69 3.69
C SER A 816 -18.75 37.03 3.47
N PHE A 817 -19.67 37.82 2.93
CA PHE A 817 -20.99 37.31 2.58
C PHE A 817 -20.91 36.17 1.57
N ILE A 818 -20.13 36.35 0.52
CA ILE A 818 -19.95 35.27 -0.43
C ILE A 818 -19.29 34.09 0.24
N GLU A 819 -18.37 34.36 1.15
CA GLU A 819 -17.79 33.26 1.90
C GLU A 819 -18.85 32.52 2.73
N ASP A 820 -19.83 33.24 3.28
CA ASP A 820 -20.94 32.55 3.94
C ASP A 820 -21.69 31.65 2.98
N LEU A 821 -21.92 32.12 1.76
CA LEU A 821 -22.58 31.26 0.78
C LEU A 821 -21.76 30.00 0.55
N LEU A 822 -20.46 30.15 0.41
CA LEU A 822 -19.61 28.98 0.24
C LEU A 822 -19.68 28.06 1.44
N PHE A 823 -19.62 28.61 2.64
CA PHE A 823 -19.67 27.79 3.84
C PHE A 823 -20.96 27.02 3.98
N ASN A 824 -22.07 27.61 3.55
CA ASN A 824 -23.32 26.86 3.56
C ASN A 824 -23.42 25.88 2.40
N LYS A 825 -22.80 26.19 1.27
CA LYS A 825 -22.96 25.33 0.10
C LYS A 825 -22.26 24.00 0.26
N VAL A 826 -21.05 23.98 0.83
CA VAL A 826 -20.39 22.71 1.12
C VAL A 826 -20.90 22.13 2.42
N THR A 827 -20.76 20.81 2.54
CA THR A 827 -21.21 20.04 3.68
C THR A 827 -20.14 19.03 4.04
N LEU A 828 -19.89 18.87 5.34
CA LEU A 828 -19.01 17.79 5.79
C LEU A 828 -19.66 16.45 5.50
N LYS A 854 -12.04 10.11 20.08
CA LYS A 854 -12.55 9.78 18.76
C LYS A 854 -12.49 8.27 18.53
N PHE A 855 -13.09 7.83 17.44
CA PHE A 855 -13.26 6.39 17.22
C PHE A 855 -11.92 5.71 17.03
N ASN A 856 -11.68 4.68 17.83
CA ASN A 856 -10.61 3.69 17.63
C ASN A 856 -9.22 4.30 17.46
N GLY A 857 -8.98 5.47 18.03
CA GLY A 857 -7.69 6.12 17.93
C GLY A 857 -7.42 6.85 16.64
N LEU A 858 -8.37 6.89 15.73
CA LEU A 858 -8.32 7.87 14.67
C LEU A 858 -8.74 9.21 15.25
N THR A 859 -8.15 10.27 14.73
CA THR A 859 -8.41 11.59 15.27
C THR A 859 -8.19 12.62 14.18
N VAL A 860 -8.79 13.78 14.40
CA VAL A 860 -8.60 14.96 13.57
C VAL A 860 -7.98 16.03 14.43
N LEU A 861 -6.82 16.47 14.05
CA LEU A 861 -6.25 17.65 14.67
C LEU A 861 -6.93 18.87 14.05
N PRO A 862 -7.09 19.96 14.80
CA PRO A 862 -7.62 21.16 14.18
C PRO A 862 -6.63 21.72 13.19
N PRO A 863 -7.06 22.50 12.20
CA PRO A 863 -6.10 23.30 11.46
C PRO A 863 -5.49 24.32 12.39
N LEU A 864 -4.29 24.78 12.05
CA LEU A 864 -3.67 25.81 12.85
C LEU A 864 -4.43 27.12 12.75
N LEU A 865 -4.67 27.59 11.54
CA LEU A 865 -5.45 28.80 11.32
C LEU A 865 -6.93 28.52 11.40
N THR A 866 -7.65 29.27 12.23
CA THR A 866 -9.09 29.12 12.23
C THR A 866 -9.65 29.75 10.98
N ASP A 867 -10.84 29.29 10.62
CA ASP A 867 -11.53 29.83 9.45
C ASP A 867 -11.75 31.33 9.58
N GLU A 868 -12.00 31.79 10.81
CA GLU A 868 -12.13 33.21 11.07
C GLU A 868 -10.88 33.99 10.68
N MET A 869 -9.72 33.56 11.18
CA MET A 869 -8.52 34.31 10.83
C MET A 869 -8.12 34.12 9.38
N ILE A 870 -8.48 33.01 8.76
CA ILE A 870 -8.27 32.90 7.31
C ILE A 870 -9.09 33.93 6.58
N ALA A 871 -10.34 34.11 6.99
CA ALA A 871 -11.14 35.18 6.42
C ALA A 871 -10.55 36.54 6.70
N GLN A 872 -9.93 36.72 7.86
CA GLN A 872 -9.28 37.99 8.15
C GLN A 872 -8.11 38.26 7.21
N TYR A 873 -7.25 37.27 6.99
CA TYR A 873 -6.21 37.41 5.98
C TYR A 873 -6.80 37.75 4.62
N THR A 874 -7.86 37.05 4.24
CA THR A 874 -8.49 37.31 2.95
C THR A 874 -9.00 38.74 2.88
N SER A 875 -9.59 39.22 3.96
CA SER A 875 -10.00 40.61 4.02
C SER A 875 -8.82 41.53 3.85
N ALA A 876 -7.69 41.20 4.44
CA ALA A 876 -6.51 42.03 4.24
C ALA A 876 -6.09 42.08 2.79
N LEU A 877 -6.10 40.95 2.11
CA LEU A 877 -5.77 40.94 0.69
C LEU A 877 -6.75 41.78 -0.12
N LEU A 878 -8.04 41.70 0.22
CA LEU A 878 -9.00 42.59 -0.43
C LEU A 878 -8.69 44.04 -0.18
N ALA A 879 -8.43 44.42 1.07
CA ALA A 879 -8.15 45.81 1.36
C ALA A 879 -6.94 46.29 0.59
N GLY A 880 -5.91 45.46 0.52
CA GLY A 880 -4.75 45.79 -0.27
C GLY A 880 -5.05 46.00 -1.74
N THR A 881 -5.66 45.02 -2.38
CA THR A 881 -5.94 45.14 -3.80
C THR A 881 -6.88 46.29 -4.09
N ILE A 882 -7.87 46.50 -3.24
CA ILE A 882 -8.78 47.60 -3.47
C ILE A 882 -8.10 48.92 -3.26
N THR A 883 -7.14 49.01 -2.36
CA THR A 883 -6.58 50.30 -2.01
C THR A 883 -5.35 50.65 -2.81
N SER A 884 -4.61 49.67 -3.31
CA SER A 884 -3.19 49.86 -3.53
C SER A 884 -2.65 49.08 -4.72
N GLY A 885 -3.50 48.47 -5.53
CA GLY A 885 -3.06 47.70 -6.67
C GLY A 885 -2.08 46.62 -6.31
N TRP A 886 -1.10 46.44 -7.17
CA TRP A 886 0.01 45.56 -6.89
C TRP A 886 0.95 46.04 -5.79
N THR A 887 0.91 47.32 -5.44
CA THR A 887 2.01 47.92 -4.69
C THR A 887 2.20 47.26 -3.33
N PHE A 888 1.10 46.86 -2.70
CA PHE A 888 1.23 46.18 -1.42
C PHE A 888 1.83 44.79 -1.56
N GLY A 889 1.84 44.23 -2.74
CA GLY A 889 2.60 43.02 -2.97
C GLY A 889 4.07 43.31 -3.16
N ALA A 890 4.39 44.37 -3.88
CA ALA A 890 5.79 44.71 -4.07
C ALA A 890 6.46 45.13 -2.79
N GLY A 891 5.74 45.83 -1.93
CA GLY A 891 6.35 46.34 -0.72
C GLY A 891 5.33 47.03 0.15
N ALA A 892 5.63 48.24 0.60
CA ALA A 892 4.63 48.97 1.36
C ALA A 892 3.43 49.27 0.48
N ALA A 893 2.24 49.12 1.03
CA ALA A 893 1.03 49.52 0.33
C ALA A 893 1.00 51.02 0.11
N LEU A 894 0.81 51.42 -1.14
CA LEU A 894 0.61 52.81 -1.49
C LEU A 894 -0.84 52.99 -1.84
N GLN A 895 -1.52 53.93 -1.19
CA GLN A 895 -2.89 54.21 -1.61
C GLN A 895 -2.89 54.81 -3.00
N ILE A 896 -3.87 54.40 -3.80
CA ILE A 896 -4.13 55.00 -5.09
C ILE A 896 -5.64 54.92 -5.30
N PRO A 897 -6.31 55.95 -5.80
CA PRO A 897 -7.75 55.85 -5.95
C PRO A 897 -8.09 54.82 -6.99
N PHE A 898 -9.12 54.03 -6.70
CA PHE A 898 -9.37 52.78 -7.42
C PHE A 898 -9.60 53.02 -8.91
N ALA A 899 -10.21 54.14 -9.26
CA ALA A 899 -10.38 54.46 -10.66
C ALA A 899 -9.04 54.56 -11.38
N MET A 900 -8.05 55.15 -10.73
CA MET A 900 -6.72 55.16 -11.32
C MET A 900 -6.15 53.76 -11.44
N GLN A 901 -6.38 52.92 -10.43
CA GLN A 901 -5.92 51.53 -10.54
C GLN A 901 -6.53 50.86 -11.74
N MET A 902 -7.82 51.08 -11.99
CA MET A 902 -8.42 50.51 -13.19
C MET A 902 -7.76 51.07 -14.43
N ALA A 903 -7.44 52.36 -14.42
CA ALA A 903 -6.79 52.94 -15.59
C ALA A 903 -5.46 52.29 -15.86
N TYR A 904 -4.65 52.08 -14.84
CA TYR A 904 -3.43 51.32 -15.04
C TYR A 904 -3.68 49.91 -15.55
N ARG A 905 -4.61 49.19 -14.93
CA ARG A 905 -4.86 47.84 -15.38
C ARG A 905 -5.36 47.76 -16.81
N PHE A 906 -6.10 48.76 -17.25
CA PHE A 906 -6.54 48.77 -18.65
C PHE A 906 -5.38 48.91 -19.61
N ASN A 907 -4.50 49.88 -19.40
CA ASN A 907 -3.37 49.97 -20.30
C ASN A 907 -2.40 48.83 -20.09
N GLY A 908 -2.48 48.11 -18.98
CA GLY A 908 -1.77 46.86 -18.88
C GLY A 908 -2.22 45.82 -19.88
N ILE A 909 -3.49 45.87 -20.31
CA ILE A 909 -3.96 45.07 -21.43
C ILE A 909 -3.94 45.83 -22.74
N GLY A 910 -3.25 46.96 -22.80
CA GLY A 910 -3.14 47.69 -24.04
C GLY A 910 -4.35 48.49 -24.45
N VAL A 911 -5.26 48.78 -23.53
CA VAL A 911 -6.41 49.63 -23.79
C VAL A 911 -6.13 50.99 -23.18
N THR A 912 -6.25 52.03 -23.98
CA THR A 912 -5.84 53.35 -23.54
C THR A 912 -6.77 53.87 -22.45
N GLN A 913 -6.16 54.61 -21.52
CA GLN A 913 -6.79 54.95 -20.25
C GLN A 913 -8.13 55.65 -20.43
N ASN A 914 -8.23 56.52 -21.43
CA ASN A 914 -9.47 57.22 -21.69
C ASN A 914 -10.64 56.30 -21.93
N VAL A 915 -10.40 55.10 -22.44
CA VAL A 915 -11.50 54.17 -22.67
C VAL A 915 -12.15 53.77 -21.36
N LEU A 916 -11.37 53.62 -20.30
CA LEU A 916 -11.99 53.45 -19.00
C LEU A 916 -12.80 54.66 -18.58
N TYR A 917 -12.14 55.81 -18.50
CA TYR A 917 -12.76 56.98 -17.90
C TYR A 917 -13.99 57.41 -18.66
N GLU A 918 -13.92 57.38 -20.00
CA GLU A 918 -15.09 57.68 -20.80
C GLU A 918 -16.25 56.72 -20.58
N ASN A 919 -16.03 55.56 -19.94
CA ASN A 919 -17.05 54.53 -19.77
C ASN A 919 -17.20 54.09 -18.32
N GLN A 920 -16.72 54.90 -17.38
CA GLN A 920 -16.53 54.44 -16.00
C GLN A 920 -17.84 53.96 -15.37
N LYS A 921 -18.91 54.73 -15.53
CA LYS A 921 -20.19 54.33 -14.96
C LYS A 921 -20.68 53.01 -15.53
N LEU A 922 -20.56 52.86 -16.85
CA LEU A 922 -20.92 51.61 -17.50
C LEU A 922 -20.13 50.45 -16.93
N ILE A 923 -18.82 50.63 -16.81
CA ILE A 923 -17.97 49.56 -16.33
C ILE A 923 -18.37 49.19 -14.91
N ALA A 924 -18.55 50.18 -14.05
CA ALA A 924 -18.95 49.92 -12.68
C ALA A 924 -20.27 49.16 -12.60
N ASN A 925 -21.25 49.56 -13.40
CA ASN A 925 -22.51 48.83 -13.39
C ASN A 925 -22.36 47.41 -13.87
N GLN A 926 -21.56 47.19 -14.92
CA GLN A 926 -21.26 45.83 -15.31
C GLN A 926 -20.60 45.04 -14.21
N PHE A 927 -19.65 45.66 -13.51
CA PHE A 927 -18.95 44.97 -12.44
C PHE A 927 -19.91 44.54 -11.35
N ASN A 928 -20.70 45.48 -10.84
CA ASN A 928 -21.66 45.16 -9.79
C ASN A 928 -22.65 44.11 -10.25
N SER A 929 -23.11 44.22 -11.50
CA SER A 929 -23.99 43.20 -12.07
C SER A 929 -23.33 41.84 -12.07
N ALA A 930 -22.09 41.77 -12.53
CA ALA A 930 -21.38 40.50 -12.58
C ALA A 930 -21.25 39.88 -11.21
N ILE A 931 -20.88 40.69 -10.21
CA ILE A 931 -20.82 40.20 -8.85
C ILE A 931 -22.16 39.64 -8.40
N GLY A 932 -23.24 40.35 -8.70
CA GLY A 932 -24.56 39.85 -8.41
C GLY A 932 -24.83 38.49 -9.04
N LYS A 933 -24.42 38.32 -10.28
CA LYS A 933 -24.58 37.01 -10.91
C LYS A 933 -23.75 35.93 -10.24
N ILE A 934 -22.58 36.27 -9.71
CA ILE A 934 -21.83 35.25 -8.97
C ILE A 934 -22.60 34.82 -7.74
N GLN A 935 -23.05 35.79 -6.95
CA GLN A 935 -23.84 35.48 -5.77
C GLN A 935 -25.07 34.64 -6.10
N ASP A 936 -25.79 35.02 -7.15
CA ASP A 936 -26.94 34.26 -7.60
C ASP A 936 -26.56 32.84 -7.99
N SER A 937 -25.49 32.69 -8.78
CA SER A 937 -25.07 31.39 -9.25
C SER A 937 -24.73 30.46 -8.09
N LEU A 938 -23.94 30.95 -7.15
CA LEU A 938 -23.59 30.10 -6.00
C LEU A 938 -24.79 29.78 -5.13
N SER A 939 -25.74 30.70 -5.01
CA SER A 939 -26.95 30.37 -4.27
C SER A 939 -27.76 29.31 -5.00
N SER A 940 -27.82 29.38 -6.32
CA SER A 940 -28.66 28.47 -7.09
C SER A 940 -28.16 27.03 -7.04
N THR A 941 -26.85 26.81 -7.13
CA THR A 941 -26.32 25.46 -7.07
C THR A 941 -24.90 25.46 -6.55
N ALA A 942 -24.71 24.80 -5.41
CA ALA A 942 -23.39 24.53 -4.84
C ALA A 942 -22.57 23.56 -5.69
N SER A 943 -23.18 22.89 -6.67
CA SER A 943 -22.50 21.91 -7.51
C SER A 943 -21.24 22.46 -8.19
N ALA A 944 -21.13 23.77 -8.35
CA ALA A 944 -19.89 24.37 -8.81
C ALA A 944 -18.71 24.04 -7.90
N LEU A 945 -18.95 23.82 -6.61
CA LEU A 945 -17.90 23.50 -5.66
C LEU A 945 -17.48 22.04 -5.67
N GLY A 946 -17.93 21.26 -6.65
CA GLY A 946 -17.60 19.85 -6.69
C GLY A 946 -16.12 19.56 -6.58
N LYS A 947 -15.30 20.33 -7.30
CA LYS A 947 -13.85 20.15 -7.26
C LYS A 947 -13.30 20.26 -5.85
N LEU A 948 -13.93 21.06 -5.00
CA LEU A 948 -13.55 21.17 -3.62
C LEU A 948 -14.19 20.10 -2.75
N GLN A 949 -15.51 19.93 -2.90
CA GLN A 949 -16.25 18.96 -2.11
C GLN A 949 -15.72 17.55 -2.30
N ASP A 950 -15.27 17.24 -3.51
CA ASP A 950 -14.70 15.94 -3.79
C ASP A 950 -13.50 15.60 -2.93
N VAL A 951 -12.72 16.59 -2.51
CA VAL A 951 -11.58 16.28 -1.65
C VAL A 951 -12.05 15.72 -0.32
N VAL A 952 -13.03 16.39 0.29
CA VAL A 952 -13.63 15.90 1.52
C VAL A 952 -14.23 14.53 1.29
N ASN A 953 -14.98 14.38 0.20
CA ASN A 953 -15.64 13.13 -0.08
C ASN A 953 -14.66 11.98 -0.22
N GLN A 954 -13.60 12.17 -1.00
CA GLN A 954 -12.57 11.15 -1.13
C GLN A 954 -11.94 10.82 0.21
N ASN A 955 -11.57 11.85 0.97
CA ASN A 955 -10.91 11.64 2.23
C ASN A 955 -11.79 10.83 3.19
N ALA A 956 -13.04 11.24 3.33
CA ALA A 956 -13.98 10.50 4.14
C ALA A 956 -14.17 9.09 3.64
N GLN A 957 -14.27 8.91 2.33
CA GLN A 957 -14.42 7.59 1.76
C GLN A 957 -13.27 6.68 2.14
N ALA A 958 -12.05 7.18 2.01
CA ALA A 958 -10.88 6.39 2.38
C ALA A 958 -10.88 6.06 3.86
N LEU A 959 -11.09 7.08 4.69
CA LEU A 959 -11.07 6.89 6.13
C LEU A 959 -12.13 5.90 6.58
N ASN A 960 -13.34 6.03 6.04
CA ASN A 960 -14.40 5.09 6.32
C ASN A 960 -14.03 3.68 5.90
N THR A 961 -13.39 3.54 4.75
CA THR A 961 -12.96 2.22 4.32
C THR A 961 -11.98 1.63 5.31
N LEU A 962 -11.04 2.44 5.78
CA LEU A 962 -10.10 1.98 6.79
C LEU A 962 -10.80 1.53 8.05
N VAL A 963 -11.85 2.24 8.46
CA VAL A 963 -12.61 1.79 9.62
C VAL A 963 -13.31 0.48 9.32
N LYS A 964 -13.97 0.39 8.17
CA LYS A 964 -14.70 -0.83 7.79
C LYS A 964 -13.80 -2.05 7.81
N GLN A 965 -12.54 -1.91 7.39
CA GLN A 965 -11.63 -3.04 7.42
C GLN A 965 -11.35 -3.57 8.82
N LEU A 966 -11.64 -2.81 9.89
CA LEU A 966 -11.53 -3.40 11.21
C LEU A 966 -12.45 -4.59 11.41
N SER A 967 -13.62 -4.57 10.80
CA SER A 967 -14.48 -5.73 10.90
C SER A 967 -13.97 -6.90 10.08
N SER A 968 -13.06 -6.65 9.14
CA SER A 968 -12.59 -7.72 8.29
C SER A 968 -11.81 -8.74 9.08
N ASN A 969 -12.00 -10.00 8.72
CA ASN A 969 -11.60 -11.12 9.56
C ASN A 969 -10.26 -11.71 9.19
N PHE A 970 -9.84 -11.60 7.94
CA PHE A 970 -8.56 -12.14 7.49
C PHE A 970 -8.37 -13.61 7.80
N GLY A 971 -9.47 -14.34 7.92
CA GLY A 971 -9.43 -15.73 8.30
C GLY A 971 -9.04 -15.99 9.73
N ALA A 972 -8.93 -14.96 10.56
CA ALA A 972 -8.85 -15.25 11.98
C ALA A 972 -10.16 -15.84 12.45
N ILE A 973 -10.17 -16.39 13.65
CA ILE A 973 -11.40 -16.96 14.16
C ILE A 973 -12.46 -15.89 14.44
N SER A 974 -12.06 -14.66 14.66
CA SER A 974 -13.00 -13.55 14.70
C SER A 974 -12.23 -12.25 14.63
N SER A 975 -12.92 -11.19 14.23
CA SER A 975 -12.28 -9.89 14.09
C SER A 975 -12.33 -9.05 15.36
N VAL A 976 -13.13 -9.41 16.35
CA VAL A 976 -13.09 -8.72 17.63
C VAL A 976 -11.88 -9.25 18.40
N LEU A 977 -10.83 -8.44 18.47
CA LEU A 977 -9.55 -8.93 18.98
C LEU A 977 -9.65 -9.34 20.44
N ASN A 978 -10.42 -8.59 21.23
CA ASN A 978 -10.67 -8.98 22.61
C ASN A 978 -11.33 -10.34 22.69
N ASP A 979 -12.19 -10.66 21.73
CA ASP A 979 -12.90 -11.93 21.79
C ASP A 979 -11.95 -13.10 21.59
N ILE A 980 -11.10 -13.04 20.58
CA ILE A 980 -10.18 -14.14 20.34
C ILE A 980 -9.20 -14.24 21.49
N LEU A 981 -8.76 -13.09 21.99
CA LEU A 981 -7.91 -13.13 23.17
C LEU A 981 -8.66 -13.59 24.41
N SER A 982 -9.97 -13.36 24.45
CA SER A 982 -10.80 -13.88 25.52
C SER A 982 -11.32 -15.29 25.28
N ARG A 983 -10.74 -16.05 24.37
CA ARG A 983 -11.12 -17.44 24.15
C ARG A 983 -9.96 -18.40 24.07
N LEU A 984 -8.86 -18.00 23.49
CA LEU A 984 -7.71 -18.87 23.29
C LEU A 984 -6.66 -18.60 24.35
N ASP A 985 -5.77 -19.55 24.50
CA ASP A 985 -4.52 -19.34 25.20
C ASP A 985 -3.47 -18.74 24.25
N PRO A 986 -2.46 -18.07 24.82
CA PRO A 986 -1.42 -17.42 24.00
C PRO A 986 -0.82 -18.27 22.88
N PRO A 987 -0.55 -19.56 23.09
CA PRO A 987 0.07 -20.33 22.01
C PRO A 987 -0.73 -20.41 20.71
N GLU A 988 -2.05 -20.30 20.78
CA GLU A 988 -2.89 -20.15 19.59
C GLU A 988 -3.26 -18.71 19.31
N ALA A 989 -3.54 -17.97 20.37
CA ALA A 989 -3.97 -16.60 20.23
C ALA A 989 -2.94 -15.79 19.48
N GLU A 990 -1.66 -16.05 19.73
CA GLU A 990 -0.61 -15.37 18.98
C GLU A 990 -0.76 -15.60 17.49
N VAL A 991 -1.10 -16.82 17.08
CA VAL A 991 -1.26 -17.10 15.66
C VAL A 991 -2.42 -16.30 15.08
N GLN A 992 -3.54 -16.31 15.80
CA GLN A 992 -4.70 -15.57 15.33
C GLN A 992 -4.45 -14.08 15.31
N ILE A 993 -3.84 -13.57 16.36
CA ILE A 993 -3.56 -12.15 16.45
C ILE A 993 -2.56 -11.75 15.39
N ASP A 994 -1.56 -12.58 15.13
CA ASP A 994 -0.64 -12.33 14.04
C ASP A 994 -1.36 -12.22 12.71
N ARG A 995 -2.36 -13.07 12.49
CA ARG A 995 -3.17 -12.95 11.29
C ARG A 995 -3.85 -11.59 11.22
N LEU A 996 -4.53 -11.22 12.30
CA LEU A 996 -5.20 -9.92 12.34
C LEU A 996 -4.23 -8.77 12.17
N ILE A 997 -3.09 -8.82 12.85
CA ILE A 997 -2.06 -7.80 12.72
C ILE A 997 -1.64 -7.67 11.28
N THR A 998 -1.44 -8.79 10.60
CA THR A 998 -1.04 -8.75 9.21
C THR A 998 -2.07 -8.01 8.37
N GLY A 999 -3.33 -8.39 8.53
CA GLY A 999 -4.38 -7.72 7.76
C GLY A 999 -4.52 -6.25 8.08
N ARG A 1000 -4.49 -5.91 9.36
CA ARG A 1000 -4.66 -4.52 9.76
C ARG A 1000 -3.48 -3.67 9.35
N LEU A 1001 -2.27 -4.19 9.46
CA LEU A 1001 -1.12 -3.51 8.90
C LEU A 1001 -1.28 -3.28 7.42
N GLN A 1002 -1.63 -4.32 6.69
CA GLN A 1002 -1.69 -4.20 5.24
C GLN A 1002 -2.67 -3.14 4.81
N SER A 1003 -3.82 -3.09 5.48
CA SER A 1003 -4.79 -2.05 5.17
C SER A 1003 -4.31 -0.67 5.59
N LEU A 1004 -3.78 -0.54 6.80
CA LEU A 1004 -3.31 0.75 7.25
C LEU A 1004 -2.19 1.28 6.39
N GLN A 1005 -1.24 0.43 6.06
CA GLN A 1005 -0.18 0.78 5.13
C GLN A 1005 -0.73 1.24 3.79
N THR A 1006 -1.78 0.58 3.31
CA THR A 1006 -2.41 1.00 2.07
C THR A 1006 -3.01 2.39 2.21
N TYR A 1007 -3.75 2.61 3.28
CA TYR A 1007 -4.35 3.92 3.52
C TYR A 1007 -3.30 5.01 3.57
N VAL A 1008 -2.24 4.81 4.36
CA VAL A 1008 -1.19 5.81 4.46
C VAL A 1008 -0.56 6.08 3.11
N THR A 1009 -0.37 5.05 2.30
CA THR A 1009 0.16 5.27 0.97
C THR A 1009 -0.76 6.16 0.15
N GLN A 1010 -2.05 5.82 0.12
CA GLN A 1010 -2.99 6.66 -0.61
C GLN A 1010 -3.01 8.09 -0.09
N GLN A 1011 -2.99 8.27 1.22
CA GLN A 1011 -2.99 9.62 1.74
C GLN A 1011 -1.73 10.37 1.37
N LEU A 1012 -0.60 9.69 1.30
CA LEU A 1012 0.59 10.36 0.80
C LEU A 1012 0.42 10.85 -0.61
N ILE A 1013 -0.11 10.01 -1.50
CA ILE A 1013 -0.34 10.45 -2.87
C ILE A 1013 -1.29 11.63 -2.90
N ARG A 1014 -2.42 11.49 -2.22
CA ARG A 1014 -3.43 12.54 -2.23
C ARG A 1014 -2.87 13.84 -1.67
N ALA A 1015 -2.12 13.74 -0.57
CA ALA A 1015 -1.52 14.92 0.02
C ALA A 1015 -0.56 15.59 -0.94
N ALA A 1016 0.24 14.80 -1.66
CA ALA A 1016 1.12 15.39 -2.65
C ALA A 1016 0.35 16.12 -3.72
N GLU A 1017 -0.73 15.52 -4.19
CA GLU A 1017 -1.55 16.16 -5.21
C GLU A 1017 -2.17 17.45 -4.69
N ILE A 1018 -2.67 17.41 -3.46
CA ILE A 1018 -3.18 18.62 -2.83
C ILE A 1018 -2.11 19.68 -2.71
N ARG A 1019 -0.91 19.30 -2.31
CA ARG A 1019 0.16 20.30 -2.22
C ARG A 1019 0.47 20.91 -3.56
N ALA A 1020 0.44 20.11 -4.62
CA ALA A 1020 0.58 20.68 -5.95
C ALA A 1020 -0.50 21.70 -6.23
N SER A 1021 -1.73 21.38 -5.86
CA SER A 1021 -2.81 22.34 -6.00
C SER A 1021 -2.58 23.57 -5.14
N ALA A 1022 -2.06 23.40 -3.95
CA ALA A 1022 -1.77 24.54 -3.10
C ALA A 1022 -0.70 25.43 -3.68
N ASN A 1023 0.37 24.84 -4.21
CA ASN A 1023 1.39 25.65 -4.85
C ASN A 1023 0.82 26.40 -6.04
N LEU A 1024 -0.02 25.75 -6.81
CA LEU A 1024 -0.73 26.46 -7.87
C LEU A 1024 -1.55 27.60 -7.32
N ALA A 1025 -2.32 27.35 -6.27
CA ALA A 1025 -3.12 28.39 -5.67
C ALA A 1025 -2.29 29.56 -5.16
N ALA A 1026 -1.19 29.26 -4.49
CA ALA A 1026 -0.30 30.32 -4.02
C ALA A 1026 0.24 31.14 -5.18
N THR A 1027 0.54 30.47 -6.28
CA THR A 1027 1.00 31.21 -7.45
C THR A 1027 -0.13 32.05 -8.01
N LYS A 1028 -1.33 31.50 -8.07
CA LYS A 1028 -2.49 32.26 -8.50
C LYS A 1028 -2.70 33.49 -7.63
N MET A 1029 -2.50 33.35 -6.33
CA MET A 1029 -2.58 34.49 -5.44
C MET A 1029 -1.54 35.54 -5.79
N SER A 1030 -0.28 35.13 -5.82
CA SER A 1030 0.80 36.09 -6.01
C SER A 1030 0.78 36.75 -7.37
N GLU A 1031 0.28 36.05 -8.40
CA GLU A 1031 0.17 36.66 -9.72
C GLU A 1031 -1.17 37.36 -9.91
N CYS A 1032 -2.27 36.62 -9.86
CA CYS A 1032 -3.54 37.18 -10.26
C CYS A 1032 -4.11 38.16 -9.24
N VAL A 1033 -3.75 38.04 -7.95
CA VAL A 1033 -4.28 38.96 -6.96
C VAL A 1033 -3.30 40.09 -6.75
N LEU A 1034 -2.11 39.77 -6.37
CA LEU A 1034 -1.14 40.82 -6.08
C LEU A 1034 -0.64 41.50 -7.28
N GLY A 1035 -1.10 41.26 -8.49
CA GLY A 1035 -0.51 41.87 -9.65
C GLY A 1035 -1.49 41.77 -10.78
N GLN A 1036 -0.96 41.81 -11.99
CA GLN A 1036 -1.72 41.50 -13.18
C GLN A 1036 -0.85 40.62 -14.04
N SER A 1037 -1.41 39.55 -14.58
CA SER A 1037 -0.65 38.59 -15.34
C SER A 1037 -1.04 38.62 -16.80
N LYS A 1038 -0.05 38.79 -17.66
CA LYS A 1038 -0.23 38.64 -19.08
C LYS A 1038 -0.35 37.18 -19.50
N ARG A 1039 -0.30 36.22 -18.58
CA ARG A 1039 -0.43 34.81 -18.92
C ARG A 1039 -1.85 34.52 -19.35
N VAL A 1040 -2.02 34.33 -20.65
CA VAL A 1040 -3.25 34.63 -21.35
C VAL A 1040 -4.46 33.88 -20.87
N ASP A 1041 -4.29 32.73 -20.24
CA ASP A 1041 -5.44 32.10 -19.58
C ASP A 1041 -5.03 31.49 -18.27
N PHE A 1042 -4.16 32.18 -17.53
CA PHE A 1042 -3.85 31.73 -16.18
C PHE A 1042 -4.90 32.24 -15.21
N CYS A 1043 -5.24 33.52 -15.29
CA CYS A 1043 -6.25 34.13 -14.42
C CYS A 1043 -7.63 34.10 -15.07
N GLY A 1044 -8.01 32.96 -15.62
CA GLY A 1044 -9.29 32.77 -16.26
C GLY A 1044 -9.45 33.44 -17.61
N LYS A 1045 -10.52 33.08 -18.32
CA LYS A 1045 -10.72 33.53 -19.68
C LYS A 1045 -10.90 35.04 -19.76
N GLY A 1046 -10.49 35.59 -20.89
CA GLY A 1046 -10.39 37.03 -21.06
C GLY A 1046 -9.09 37.59 -20.55
N TYR A 1047 -8.82 38.83 -20.93
CA TYR A 1047 -7.65 39.51 -20.42
C TYR A 1047 -7.83 39.82 -18.95
N HIS A 1048 -6.84 39.48 -18.16
CA HIS A 1048 -6.94 39.64 -16.72
C HIS A 1048 -6.93 41.10 -16.31
N LEU A 1049 -7.89 41.50 -15.47
CA LEU A 1049 -7.88 42.81 -14.82
C LEU A 1049 -7.34 42.72 -13.40
N MET A 1050 -8.01 41.97 -12.54
CA MET A 1050 -7.54 41.80 -11.18
C MET A 1050 -8.26 40.58 -10.66
N SER A 1051 -7.83 40.10 -9.51
CA SER A 1051 -8.54 39.00 -8.89
C SER A 1051 -8.69 39.26 -7.41
N PHE A 1052 -9.83 38.82 -6.88
CA PHE A 1052 -10.13 38.89 -5.47
C PHE A 1052 -10.16 37.49 -4.88
N PRO A 1053 -9.37 37.14 -3.89
CA PRO A 1053 -9.55 35.85 -3.24
C PRO A 1053 -10.73 35.85 -2.30
N GLN A 1054 -11.31 34.67 -2.12
CA GLN A 1054 -12.30 34.46 -1.09
C GLN A 1054 -12.03 33.12 -0.42
N SER A 1055 -12.21 33.08 0.89
CA SER A 1055 -11.96 31.85 1.62
C SER A 1055 -13.02 30.82 1.35
N ALA A 1056 -12.63 29.56 1.37
CA ALA A 1056 -13.54 28.44 1.36
C ALA A 1056 -12.97 27.34 2.24
N PRO A 1057 -13.82 26.48 2.82
CA PRO A 1057 -13.45 25.77 4.05
C PRO A 1057 -12.20 24.93 4.00
N HIS A 1058 -11.82 24.43 2.83
CA HIS A 1058 -10.54 23.75 2.69
C HIS A 1058 -9.77 24.24 1.48
N GLY A 1059 -10.07 25.43 1.01
CA GLY A 1059 -9.56 25.85 -0.27
C GLY A 1059 -9.64 27.33 -0.38
N VAL A 1060 -9.64 27.81 -1.61
CA VAL A 1060 -9.82 29.22 -1.88
C VAL A 1060 -10.65 29.32 -3.15
N VAL A 1061 -11.46 30.37 -3.20
CA VAL A 1061 -12.14 30.78 -4.42
C VAL A 1061 -11.53 32.09 -4.85
N PHE A 1062 -11.09 32.14 -6.10
CA PHE A 1062 -10.73 33.39 -6.75
C PHE A 1062 -11.90 33.86 -7.57
N LEU A 1063 -12.28 35.11 -7.38
CA LEU A 1063 -13.03 35.85 -8.37
C LEU A 1063 -12.04 36.50 -9.32
N HIS A 1064 -11.77 35.86 -10.44
CA HIS A 1064 -11.03 36.55 -11.48
C HIS A 1064 -11.94 37.55 -12.15
N VAL A 1065 -11.47 38.77 -12.30
CA VAL A 1065 -12.16 39.81 -13.06
C VAL A 1065 -11.38 40.00 -14.35
N THR A 1066 -12.07 39.90 -15.48
CA THR A 1066 -11.40 39.95 -16.78
C THR A 1066 -12.19 40.82 -17.73
N TYR A 1067 -11.49 41.29 -18.75
CA TYR A 1067 -12.04 42.07 -19.83
C TYR A 1067 -12.31 41.12 -20.98
N VAL A 1068 -13.53 41.13 -21.52
CA VAL A 1068 -13.87 40.36 -22.70
C VAL A 1068 -14.35 41.32 -23.79
N PRO A 1069 -13.68 41.40 -24.95
CA PRO A 1069 -14.16 42.27 -26.02
C PRO A 1069 -15.46 41.78 -26.61
N ALA A 1070 -16.22 42.69 -27.20
CA ALA A 1070 -17.54 42.37 -27.73
C ALA A 1070 -17.92 43.32 -28.86
N GLN A 1071 -18.98 42.97 -29.57
CA GLN A 1071 -19.56 43.76 -30.66
C GLN A 1071 -18.55 44.16 -31.72
N GLU A 1072 -17.87 43.17 -32.28
CA GLU A 1072 -16.90 43.43 -33.32
C GLU A 1072 -17.54 43.85 -34.63
N LYS A 1073 -16.85 44.72 -35.36
CA LYS A 1073 -17.18 45.13 -36.72
C LYS A 1073 -16.10 44.68 -37.68
N ASN A 1074 -16.47 44.30 -38.91
CA ASN A 1074 -15.45 44.18 -39.94
C ASN A 1074 -14.87 45.53 -40.31
N PHE A 1075 -13.59 45.52 -40.70
CA PHE A 1075 -12.98 46.65 -41.38
C PHE A 1075 -11.95 46.15 -42.37
N THR A 1076 -11.76 46.93 -43.42
CA THR A 1076 -10.62 46.77 -44.31
C THR A 1076 -9.39 47.38 -43.67
N THR A 1077 -8.23 46.78 -43.92
CA THR A 1077 -6.98 47.21 -43.31
C THR A 1077 -5.87 47.18 -44.34
N ALA A 1078 -4.77 47.82 -44.00
CA ALA A 1078 -3.53 47.68 -44.73
C ALA A 1078 -2.39 47.70 -43.74
N PRO A 1079 -1.30 46.99 -43.98
CA PRO A 1079 -0.20 46.99 -43.00
C PRO A 1079 0.50 48.30 -42.90
N ALA A 1080 0.45 49.13 -43.93
CA ALA A 1080 1.16 50.40 -43.90
C ALA A 1080 0.43 51.37 -44.81
N ILE A 1081 0.70 52.63 -44.61
CA ILE A 1081 0.24 53.67 -45.52
C ILE A 1081 1.44 54.11 -46.35
N CYS A 1082 1.23 54.26 -47.64
CA CYS A 1082 2.23 54.80 -48.55
C CYS A 1082 1.96 56.27 -48.76
N HIS A 1083 2.98 57.10 -48.58
CA HIS A 1083 2.80 58.55 -48.65
C HIS A 1083 4.11 59.20 -49.04
N ASP A 1084 4.07 60.00 -50.10
CA ASP A 1084 5.27 60.60 -50.70
C ASP A 1084 6.34 59.56 -50.98
N GLY A 1085 5.94 58.33 -51.27
CA GLY A 1085 6.88 57.24 -51.43
C GLY A 1085 7.51 56.76 -50.15
N LYS A 1086 7.28 57.41 -49.02
CA LYS A 1086 7.62 56.87 -47.72
C LYS A 1086 6.53 55.90 -47.32
N ALA A 1087 6.85 55.02 -46.39
CA ALA A 1087 5.89 54.09 -45.80
C ALA A 1087 5.72 54.41 -44.33
N HIS A 1088 4.48 54.66 -43.91
CA HIS A 1088 4.16 54.89 -42.53
C HIS A 1088 3.52 53.64 -41.95
N PHE A 1089 3.84 53.35 -40.71
CA PHE A 1089 3.41 52.23 -39.93
C PHE A 1089 2.75 52.74 -38.66
N PRO A 1090 1.76 52.03 -38.11
CA PRO A 1090 1.05 52.57 -36.96
C PRO A 1090 1.97 52.56 -35.75
N ARG A 1091 2.19 53.72 -35.16
CA ARG A 1091 3.14 53.77 -34.06
C ARG A 1091 2.59 53.07 -32.85
N GLU A 1092 1.28 52.99 -32.77
CA GLU A 1092 0.63 51.95 -32.02
C GLU A 1092 -0.65 51.58 -32.75
N GLY A 1093 -1.11 50.36 -32.54
CA GLY A 1093 -2.38 49.95 -33.07
C GLY A 1093 -2.35 49.59 -34.55
N VAL A 1094 -3.49 49.76 -35.20
CA VAL A 1094 -3.74 49.18 -36.52
C VAL A 1094 -4.30 50.23 -37.45
N PHE A 1095 -3.92 50.20 -38.72
CA PHE A 1095 -4.61 50.96 -39.75
C PHE A 1095 -5.88 50.26 -40.18
N VAL A 1096 -7.00 50.96 -40.13
CA VAL A 1096 -8.30 50.42 -40.48
C VAL A 1096 -9.06 51.46 -41.27
N SER A 1097 -10.06 50.99 -41.99
CA SER A 1097 -10.92 51.86 -42.77
C SER A 1097 -12.31 51.29 -42.90
N ASN A 1098 -13.27 52.19 -43.04
CA ASN A 1098 -14.61 51.82 -43.47
C ASN A 1098 -14.78 52.05 -44.97
N GLY A 1099 -13.70 51.89 -45.74
CA GLY A 1099 -13.66 52.17 -47.15
C GLY A 1099 -13.53 53.64 -47.53
N THR A 1100 -14.14 54.53 -46.77
CA THR A 1100 -14.14 55.93 -47.15
C THR A 1100 -12.86 56.63 -46.74
N HIS A 1101 -12.36 56.34 -45.55
CA HIS A 1101 -11.22 57.05 -44.98
C HIS A 1101 -10.44 56.08 -44.13
N TRP A 1102 -9.18 56.42 -43.89
CA TRP A 1102 -8.28 55.55 -43.14
C TRP A 1102 -8.07 56.11 -41.75
N PHE A 1103 -7.99 55.21 -40.77
CA PHE A 1103 -7.79 55.58 -39.39
C PHE A 1103 -6.89 54.57 -38.70
N VAL A 1104 -6.15 55.07 -37.71
CA VAL A 1104 -5.57 54.19 -36.70
C VAL A 1104 -6.63 53.94 -35.65
N THR A 1105 -6.62 52.74 -35.08
CA THR A 1105 -7.22 52.50 -33.79
C THR A 1105 -6.21 51.80 -32.94
N GLN A 1106 -6.34 51.95 -31.62
CA GLN A 1106 -5.74 50.99 -30.73
C GLN A 1106 -6.29 49.60 -31.05
N ARG A 1107 -5.52 48.60 -30.65
CA ARG A 1107 -5.76 47.25 -31.18
C ARG A 1107 -7.04 46.62 -30.66
N ASN A 1108 -7.49 46.98 -29.47
CA ASN A 1108 -8.54 46.24 -28.78
C ASN A 1108 -9.80 47.06 -28.52
N PHE A 1109 -9.95 48.21 -29.15
CA PHE A 1109 -11.17 48.97 -28.96
C PHE A 1109 -11.25 49.97 -30.09
N TYR A 1110 -12.38 50.01 -30.76
CA TYR A 1110 -12.49 50.88 -31.92
C TYR A 1110 -12.53 52.34 -31.54
N GLU A 1111 -11.35 52.96 -31.49
CA GLU A 1111 -11.20 54.40 -31.31
C GLU A 1111 -10.48 54.97 -32.53
N PRO A 1112 -11.20 55.33 -33.59
CA PRO A 1112 -10.54 55.81 -34.79
C PRO A 1112 -9.95 57.19 -34.58
N GLN A 1113 -8.72 57.36 -35.02
CA GLN A 1113 -8.04 58.63 -35.01
C GLN A 1113 -7.41 58.82 -36.39
N ILE A 1114 -7.38 60.08 -36.84
CA ILE A 1114 -6.82 60.36 -38.15
C ILE A 1114 -5.35 59.97 -38.17
N ILE A 1115 -4.88 59.54 -39.33
CA ILE A 1115 -3.50 59.15 -39.51
C ILE A 1115 -2.65 60.41 -39.46
N THR A 1116 -1.66 60.45 -38.57
CA THR A 1116 -0.79 61.61 -38.47
C THR A 1116 0.64 61.16 -38.28
N THR A 1117 1.54 62.09 -38.58
CA THR A 1117 2.96 61.98 -38.29
C THR A 1117 3.30 61.84 -36.82
N ASP A 1118 2.36 62.02 -35.90
CA ASP A 1118 2.61 61.70 -34.50
C ASP A 1118 2.30 60.24 -34.23
N ASN A 1119 1.07 59.84 -34.41
CA ASN A 1119 0.69 58.47 -34.10
C ASN A 1119 1.19 57.44 -35.14
N THR A 1120 2.11 57.76 -36.05
CA THR A 1120 2.73 56.79 -36.92
C THR A 1120 4.22 57.08 -36.95
N PHE A 1121 4.99 56.10 -37.39
CA PHE A 1121 6.39 56.26 -37.68
C PHE A 1121 6.69 55.69 -39.05
N VAL A 1122 7.82 56.14 -39.59
CA VAL A 1122 8.15 56.00 -41.00
C VAL A 1122 9.43 55.24 -41.16
N SER A 1123 9.51 54.42 -42.20
CA SER A 1123 10.74 53.73 -42.52
C SER A 1123 10.68 53.23 -43.95
N GLY A 1124 11.84 52.89 -44.48
CA GLY A 1124 11.94 52.25 -45.78
C GLY A 1124 11.36 53.06 -46.91
N ASN A 1125 10.78 52.35 -47.87
CA ASN A 1125 10.15 52.95 -49.03
C ASN A 1125 8.86 52.21 -49.36
N CYS A 1126 7.96 52.95 -50.00
CA CYS A 1126 6.66 52.43 -50.38
C CYS A 1126 6.74 51.18 -51.25
N ASP A 1127 7.83 50.98 -51.98
CA ASP A 1127 7.94 49.81 -52.85
C ASP A 1127 8.15 48.49 -52.12
N VAL A 1128 8.64 48.51 -50.88
CA VAL A 1128 9.15 47.27 -50.31
C VAL A 1128 8.06 46.34 -49.86
N VAL A 1129 6.96 46.87 -49.33
CA VAL A 1129 6.04 46.12 -48.49
C VAL A 1129 4.80 45.77 -49.28
N ILE A 1130 4.41 44.50 -49.18
CA ILE A 1130 3.20 44.02 -49.84
C ILE A 1130 1.98 44.69 -49.25
N GLY A 1131 0.96 44.85 -50.07
CA GLY A 1131 -0.34 45.28 -49.60
C GLY A 1131 -0.43 46.68 -49.03
N ILE A 1132 0.65 47.46 -49.06
CA ILE A 1132 0.61 48.86 -48.65
C ILE A 1132 -0.46 49.58 -49.45
N VAL A 1133 -1.06 50.61 -48.86
CA VAL A 1133 -2.13 51.37 -49.49
C VAL A 1133 -1.79 52.85 -49.51
N ASN A 1134 -2.11 53.50 -50.63
CA ASN A 1134 -1.89 54.93 -50.77
C ASN A 1134 -2.88 55.73 -49.95
N ASN A 1135 -2.38 56.68 -49.17
CA ASN A 1135 -3.25 57.65 -48.54
C ASN A 1135 -2.46 58.89 -48.17
N THR A 1136 -3.18 59.97 -47.92
CA THR A 1136 -2.58 61.11 -47.25
C THR A 1136 -2.27 60.78 -45.81
N VAL A 1137 -1.17 61.33 -45.31
CA VAL A 1137 -0.93 61.43 -43.87
C VAL A 1137 -0.90 62.90 -43.51
N TYR A 1138 -1.74 63.28 -42.57
CA TYR A 1138 -1.80 64.65 -42.08
C TYR A 1138 -0.56 64.92 -41.24
N ASP A 1139 -0.15 66.19 -41.19
CA ASP A 1139 0.90 66.65 -40.26
C ASP A 1139 0.44 67.84 -39.43
N PRO A 1140 0.60 67.82 -38.10
CA PRO A 1140 0.07 68.91 -37.29
C PRO A 1140 0.90 70.18 -37.30
N LEU A 1141 2.17 70.12 -37.68
CA LEU A 1141 3.00 71.32 -37.75
C LEU A 1141 2.88 72.03 -39.09
N GLN A 1142 2.62 71.28 -40.16
CA GLN A 1142 2.52 71.85 -41.50
C GLN A 1142 1.57 73.04 -41.65
N PRO A 1143 0.43 73.13 -40.96
CA PRO A 1143 -0.43 74.31 -41.15
C PRO A 1143 0.18 75.62 -40.72
N GLU A 1144 1.16 75.60 -39.83
CA GLU A 1144 1.59 76.83 -39.20
C GLU A 1144 2.62 77.53 -40.08
N TYR B 28 16.11 8.70 54.30
CA TYR B 28 15.57 8.17 53.01
C TYR B 28 15.87 9.22 51.96
N THR B 29 16.06 8.81 50.71
CA THR B 29 16.50 9.73 49.68
C THR B 29 16.01 9.32 48.30
N ASN B 30 15.83 10.32 47.45
CA ASN B 30 15.77 10.07 46.01
C ASN B 30 17.10 9.55 45.49
N SER B 31 17.03 8.83 44.37
CA SER B 31 18.20 8.22 43.77
C SER B 31 19.12 9.16 43.00
N PHE B 32 18.69 10.39 42.75
CA PHE B 32 19.49 11.47 42.15
C PHE B 32 20.29 11.03 40.91
N THR B 33 19.62 10.36 39.98
CA THR B 33 20.20 9.93 38.71
C THR B 33 21.36 8.95 38.80
N ARG B 34 21.66 8.37 39.96
CA ARG B 34 22.60 7.25 40.00
C ARG B 34 21.96 5.96 39.49
N GLY B 35 22.79 4.93 39.35
CA GLY B 35 22.33 3.59 39.03
C GLY B 35 22.30 3.23 37.57
N VAL B 36 22.87 4.03 36.68
CA VAL B 36 23.18 3.55 35.35
C VAL B 36 24.21 2.45 35.43
N TYR B 37 24.10 1.47 34.53
CA TYR B 37 25.10 0.42 34.41
C TYR B 37 25.12 -0.05 32.97
N TYR B 38 26.26 -0.53 32.52
CA TYR B 38 26.37 -0.96 31.15
C TYR B 38 25.51 -2.19 30.92
N PRO B 39 24.45 -2.14 30.13
CA PRO B 39 23.53 -3.27 30.12
C PRO B 39 24.01 -4.41 29.24
N ASP B 40 24.75 -4.08 28.18
CA ASP B 40 24.98 -5.03 27.10
C ASP B 40 26.35 -5.69 27.13
N LYS B 41 27.37 -5.05 27.70
CA LYS B 41 28.76 -5.39 27.39
C LYS B 41 29.07 -5.35 25.89
N VAL B 42 28.30 -4.62 25.09
CA VAL B 42 28.53 -4.44 23.68
C VAL B 42 28.98 -3.00 23.51
N PHE B 43 30.15 -2.82 22.91
CA PHE B 43 30.68 -1.49 22.77
C PHE B 43 29.88 -0.69 21.76
N ARG B 44 29.79 0.60 22.04
CA ARG B 44 29.35 1.62 21.10
C ARG B 44 30.26 2.80 21.34
N SER B 45 30.41 3.66 20.35
CA SER B 45 31.25 4.84 20.49
C SER B 45 30.56 6.08 19.95
N SER B 46 30.67 7.16 20.73
CA SER B 46 30.22 8.50 20.35
C SER B 46 28.80 8.54 19.79
N VAL B 47 27.89 7.81 20.42
CA VAL B 47 26.54 7.69 19.88
C VAL B 47 25.57 7.56 21.03
N LEU B 48 24.37 8.09 20.82
CA LEU B 48 23.24 7.80 21.68
C LEU B 48 22.67 6.44 21.33
N HIS B 49 22.15 5.76 22.35
CA HIS B 49 21.51 4.47 22.18
C HIS B 49 20.41 4.41 23.23
N SER B 50 19.46 3.50 23.04
CA SER B 50 18.40 3.31 24.00
C SER B 50 18.10 1.83 24.16
N THR B 51 17.80 1.44 25.39
CA THR B 51 17.46 0.07 25.74
C THR B 51 16.40 0.05 26.82
N GLN B 52 15.65 -1.04 26.86
CA GLN B 52 14.63 -1.29 27.89
C GLN B 52 15.09 -2.42 28.78
N ASP B 53 15.13 -2.18 30.09
CA ASP B 53 15.70 -3.14 31.02
C ASP B 53 15.25 -2.78 32.42
N LEU B 54 15.57 -3.65 33.37
CA LEU B 54 15.48 -3.29 34.77
C LEU B 54 16.50 -2.22 35.10
N PHE B 55 16.02 -1.13 35.70
CA PHE B 55 16.86 -0.03 36.12
C PHE B 55 16.32 0.57 37.40
N LEU B 56 17.20 1.24 38.11
CA LEU B 56 16.80 2.08 39.21
C LEU B 56 16.08 3.30 38.64
N PRO B 57 14.82 3.58 39.00
CA PRO B 57 14.19 4.78 38.44
C PRO B 57 14.91 6.03 38.88
N PHE B 58 14.98 6.99 37.98
CA PHE B 58 16.08 7.92 37.94
C PHE B 58 16.07 8.94 39.07
N PHE B 59 14.95 9.09 39.76
CA PHE B 59 14.88 9.79 41.05
C PHE B 59 14.13 8.98 42.08
N SER B 60 14.03 7.66 41.88
CA SER B 60 13.31 6.80 42.82
C SER B 60 13.83 6.96 44.24
N ASN B 61 12.94 6.67 45.17
CA ASN B 61 13.23 6.79 46.58
C ASN B 61 14.05 5.59 47.04
N VAL B 62 14.88 5.81 48.05
CA VAL B 62 15.93 4.87 48.45
C VAL B 62 15.91 4.74 49.96
N THR B 63 15.95 3.50 50.45
CA THR B 63 16.05 3.26 51.87
C THR B 63 17.42 3.65 52.40
N TRP B 64 17.48 3.97 53.69
CA TRP B 64 18.67 4.47 54.35
C TRP B 64 18.76 3.72 55.65
N PHE B 65 19.96 3.32 56.04
CA PHE B 65 20.17 2.50 57.23
C PHE B 65 21.47 2.89 57.89
N HIS B 66 21.56 2.62 59.20
CA HIS B 66 22.77 2.87 59.96
C HIS B 66 23.01 1.73 60.94
N ALA B 67 24.27 1.57 61.34
CA ALA B 67 24.65 0.47 62.21
C ALA B 67 24.07 0.58 63.62
N ILE B 68 23.59 1.76 64.02
CA ILE B 68 23.06 1.94 65.37
C ILE B 68 22.01 3.03 65.37
N ASP B 80 20.70 -4.16 65.35
CA ASP B 80 19.66 -4.71 64.50
C ASP B 80 19.96 -4.46 63.03
N ASN B 81 19.41 -5.31 62.15
CA ASN B 81 19.64 -5.19 60.72
C ASN B 81 18.41 -5.71 59.97
N PRO B 82 18.10 -5.17 58.80
CA PRO B 82 17.01 -5.76 58.00
C PRO B 82 17.33 -7.13 57.46
N VAL B 83 16.33 -7.71 56.83
CA VAL B 83 16.50 -8.80 55.86
C VAL B 83 15.58 -8.47 54.70
N LEU B 84 15.91 -7.39 53.96
CA LEU B 84 14.99 -6.80 53.01
C LEU B 84 14.61 -7.74 51.87
N PRO B 85 13.48 -7.47 51.18
CA PRO B 85 13.17 -8.22 49.96
C PRO B 85 14.23 -8.06 48.91
N PHE B 86 14.31 -9.04 48.00
CA PHE B 86 15.07 -8.85 46.77
C PHE B 86 14.27 -8.17 45.67
N ASN B 87 12.94 -8.32 45.70
CA ASN B 87 11.99 -7.53 44.91
C ASN B 87 12.36 -7.39 43.43
N ASP B 88 12.81 -8.49 42.81
CA ASP B 88 13.19 -8.48 41.40
C ASP B 88 14.34 -7.52 41.06
N GLY B 89 15.27 -7.31 41.98
CA GLY B 89 16.53 -6.64 41.66
C GLY B 89 16.85 -5.49 42.58
N VAL B 90 18.13 -5.35 42.90
CA VAL B 90 18.58 -4.54 44.03
C VAL B 90 19.61 -3.53 43.54
N TYR B 91 19.58 -2.34 44.11
CA TYR B 91 20.70 -1.42 44.11
C TYR B 91 21.27 -1.42 45.51
N PHE B 92 22.60 -1.42 45.61
CA PHE B 92 23.27 -1.36 46.90
C PHE B 92 24.42 -0.38 46.80
N ALA B 93 24.60 0.42 47.83
CA ALA B 93 25.74 1.31 47.94
C ALA B 93 25.98 1.57 49.41
N SER B 94 27.20 2.00 49.75
CA SER B 94 27.46 2.45 51.10
C SER B 94 28.55 3.51 51.12
N THR B 95 28.47 4.39 52.12
CA THR B 95 29.55 5.30 52.45
C THR B 95 30.59 4.63 53.34
N GLU B 96 31.03 3.43 52.98
CA GLU B 96 31.80 2.55 53.85
C GLU B 96 33.27 2.95 53.95
N LYS B 97 33.53 4.19 54.36
CA LYS B 97 34.91 4.60 54.60
C LYS B 97 35.60 3.76 55.67
N SER B 98 34.85 3.19 56.61
CA SER B 98 35.36 2.21 57.58
C SER B 98 35.28 0.76 57.11
N ASN B 99 34.71 0.51 55.93
CA ASN B 99 34.57 -0.85 55.37
C ASN B 99 33.87 -1.83 56.30
N ILE B 100 33.05 -1.33 57.22
CA ILE B 100 32.41 -2.21 58.19
C ILE B 100 31.39 -3.10 57.51
N ILE B 101 30.67 -2.54 56.55
CA ILE B 101 29.85 -3.34 55.63
C ILE B 101 30.81 -4.13 54.74
N ARG B 102 30.64 -5.45 54.74
CA ARG B 102 31.62 -6.31 54.10
C ARG B 102 31.03 -7.63 53.62
N GLY B 103 29.72 -7.76 53.51
CA GLY B 103 29.17 -9.02 53.04
C GLY B 103 27.69 -8.91 52.75
N TRP B 104 27.19 -9.95 52.09
CA TRP B 104 25.79 -10.06 51.68
C TRP B 104 25.38 -11.51 51.74
N ILE B 105 24.09 -11.75 51.93
CA ILE B 105 23.51 -13.08 51.85
C ILE B 105 22.18 -12.98 51.13
N PHE B 106 21.84 -14.02 50.39
CA PHE B 106 20.70 -14.00 49.47
C PHE B 106 20.03 -15.35 49.43
N GLY B 107 18.74 -15.33 49.10
CA GLY B 107 18.04 -16.55 48.77
C GLY B 107 16.55 -16.32 48.65
N THR B 108 15.87 -17.41 48.27
CA THR B 108 14.41 -17.45 48.32
C THR B 108 13.92 -17.74 49.74
N THR B 109 14.53 -18.75 50.39
CA THR B 109 14.27 -19.02 51.79
C THR B 109 15.10 -18.16 52.73
N LEU B 110 16.19 -17.57 52.24
CA LEU B 110 17.09 -16.74 53.05
C LEU B 110 17.61 -17.43 54.30
N ASP B 111 17.66 -18.76 54.32
CA ASP B 111 17.98 -19.48 55.55
C ASP B 111 18.39 -20.90 55.20
N SER B 112 18.95 -21.59 56.20
CA SER B 112 19.52 -22.92 56.01
C SER B 112 18.53 -23.96 55.48
N LYS B 113 17.22 -23.68 55.56
CA LYS B 113 16.20 -24.59 55.05
C LYS B 113 16.20 -24.76 53.54
N THR B 114 16.97 -23.98 52.78
CA THR B 114 16.92 -24.09 51.32
C THR B 114 18.22 -23.57 50.73
N GLN B 115 18.38 -23.78 49.43
CA GLN B 115 19.52 -23.26 48.69
C GLN B 115 19.58 -21.74 48.80
N SER B 116 20.78 -21.22 49.05
CA SER B 116 20.98 -19.80 49.28
C SER B 116 22.43 -19.48 48.99
N LEU B 117 22.68 -18.20 48.73
CA LEU B 117 23.97 -17.73 48.24
C LEU B 117 24.58 -16.76 49.24
N LEU B 118 25.91 -16.79 49.30
CA LEU B 118 26.70 -16.05 50.26
C LEU B 118 27.85 -15.36 49.56
N ILE B 119 28.11 -14.13 49.96
CA ILE B 119 29.22 -13.35 49.42
C ILE B 119 29.96 -12.74 50.61
N VAL B 120 31.28 -12.84 50.58
CA VAL B 120 32.15 -12.44 51.69
C VAL B 120 33.40 -11.83 51.10
N ASN B 121 33.97 -10.84 51.81
CA ASN B 121 35.23 -10.21 51.42
C ASN B 121 36.23 -10.11 52.56
N ASN B 122 36.06 -10.87 53.64
CA ASN B 122 36.95 -10.78 54.79
C ASN B 122 38.29 -11.45 54.57
N ALA B 123 38.36 -12.45 53.70
CA ALA B 123 39.65 -13.04 53.38
C ALA B 123 40.46 -12.09 52.50
N THR B 124 41.66 -12.53 52.14
CA THR B 124 42.52 -11.79 51.23
C THR B 124 41.95 -11.65 49.83
N ASN B 125 40.89 -12.39 49.49
CA ASN B 125 40.19 -12.23 48.23
C ASN B 125 38.71 -12.36 48.51
N VAL B 126 37.91 -11.92 47.54
CA VAL B 126 36.48 -12.14 47.60
C VAL B 126 36.21 -13.64 47.56
N VAL B 127 35.22 -14.07 48.33
CA VAL B 127 34.84 -15.47 48.46
C VAL B 127 33.33 -15.55 48.32
N ILE B 128 32.86 -16.54 47.56
CA ILE B 128 31.45 -16.71 47.26
C ILE B 128 31.13 -18.21 47.31
N LYS B 129 29.93 -18.52 47.75
CA LYS B 129 29.41 -19.87 47.51
C LYS B 129 27.90 -19.84 47.61
N VAL B 130 27.28 -20.83 46.98
CA VAL B 130 25.92 -21.24 47.28
C VAL B 130 26.00 -22.46 48.16
N CYS B 131 25.43 -22.37 49.37
CA CYS B 131 25.71 -23.39 50.39
C CYS B 131 24.59 -23.61 51.39
N GLU B 132 23.39 -23.03 51.19
CA GLU B 132 22.20 -23.30 52.00
C GLU B 132 22.50 -23.23 53.50
N PHE B 133 23.26 -22.20 53.88
CA PHE B 133 24.01 -22.23 55.12
C PHE B 133 23.13 -21.94 56.33
N GLN B 134 23.59 -22.45 57.47
CA GLN B 134 23.05 -22.13 58.80
C GLN B 134 23.51 -20.73 59.22
N PHE B 135 23.02 -19.74 58.48
CA PHE B 135 23.42 -18.35 58.72
C PHE B 135 23.12 -17.92 60.15
N CYS B 136 24.02 -17.13 60.72
CA CYS B 136 23.70 -16.43 61.95
C CYS B 136 22.63 -15.38 61.66
N ASN B 137 21.85 -15.06 62.70
CA ASN B 137 20.89 -13.98 62.57
C ASN B 137 21.56 -12.61 62.53
N ASP B 138 22.78 -12.47 63.03
CA ASP B 138 23.47 -11.19 62.98
C ASP B 138 24.98 -11.36 63.16
N PRO B 139 25.67 -12.02 62.23
CA PRO B 139 27.13 -12.14 62.35
C PRO B 139 27.85 -10.82 62.11
N PHE B 140 29.05 -10.74 62.69
CA PHE B 140 29.84 -9.51 62.72
C PHE B 140 31.30 -9.89 62.63
N LEU B 141 32.11 -8.98 62.09
CA LEU B 141 33.55 -9.19 61.97
C LEU B 141 34.21 -9.27 63.34
N PHE B 157 35.34 -14.61 63.65
CA PHE B 157 33.90 -14.85 63.60
C PHE B 157 33.52 -15.59 62.32
N ARG B 158 32.25 -15.93 62.19
CA ARG B 158 31.75 -16.60 61.00
C ARG B 158 30.31 -16.19 60.74
N VAL B 159 29.92 -16.28 59.47
CA VAL B 159 28.59 -15.88 59.05
C VAL B 159 27.56 -16.96 59.33
N TYR B 160 27.96 -18.22 59.29
CA TYR B 160 27.05 -19.33 59.48
C TYR B 160 27.75 -20.47 60.19
N SER B 161 26.96 -21.25 60.90
CA SER B 161 27.46 -22.40 61.63
C SER B 161 27.55 -23.66 60.77
N SER B 162 26.90 -23.68 59.60
CA SER B 162 26.79 -24.92 58.84
C SER B 162 26.53 -24.60 57.37
N ALA B 163 26.71 -25.62 56.54
CA ALA B 163 26.52 -25.53 55.10
C ALA B 163 26.00 -26.86 54.58
N ASN B 164 25.33 -26.81 53.43
CA ASN B 164 24.81 -28.00 52.78
C ASN B 164 24.77 -27.83 51.28
N ASN B 165 24.90 -28.95 50.56
CA ASN B 165 24.82 -29.02 49.09
C ASN B 165 25.61 -27.94 48.37
N CYS B 166 26.81 -27.63 48.86
CA CYS B 166 27.56 -26.48 48.35
C CYS B 166 27.84 -26.61 46.86
N THR B 167 27.77 -25.47 46.17
CA THR B 167 28.03 -25.43 44.74
C THR B 167 28.53 -24.06 44.32
N PHE B 168 29.17 -24.02 43.16
CA PHE B 168 29.71 -22.80 42.56
C PHE B 168 30.62 -22.04 43.51
N GLU B 169 31.36 -22.77 44.33
CA GLU B 169 32.36 -22.14 45.19
C GLU B 169 33.38 -21.42 44.34
N TYR B 170 33.68 -20.18 44.69
CA TYR B 170 34.46 -19.28 43.85
C TYR B 170 35.26 -18.36 44.75
N VAL B 171 36.41 -17.93 44.24
CA VAL B 171 37.29 -17.00 44.93
C VAL B 171 37.77 -15.98 43.90
N SER B 172 37.89 -14.72 44.32
CA SER B 172 38.37 -13.64 43.46
C SER B 172 39.31 -12.71 44.21
N LYS B 187 34.09 8.84 53.25
CA LYS B 187 35.15 9.37 52.41
C LYS B 187 35.38 8.55 51.15
N ASN B 188 34.82 7.34 51.10
CA ASN B 188 34.89 6.48 49.94
C ASN B 188 33.50 5.91 49.67
N LEU B 189 33.11 5.91 48.40
CA LEU B 189 31.83 5.38 47.96
C LEU B 189 32.06 4.11 47.17
N ARG B 190 31.31 3.08 47.51
CA ARG B 190 31.24 1.86 46.72
C ARG B 190 29.77 1.60 46.41
N GLU B 191 29.50 1.17 45.18
CA GLU B 191 28.14 1.00 44.69
C GLU B 191 28.06 -0.28 43.89
N PHE B 192 26.90 -0.93 43.93
CA PHE B 192 26.74 -2.28 43.43
C PHE B 192 25.31 -2.44 42.92
N VAL B 193 25.13 -3.31 41.94
CA VAL B 193 23.81 -3.73 41.47
C VAL B 193 23.79 -5.24 41.34
N PHE B 194 22.71 -5.84 41.82
CA PHE B 194 22.55 -7.29 41.84
C PHE B 194 21.30 -7.67 41.05
N LYS B 195 21.46 -8.55 40.08
CA LYS B 195 20.38 -8.99 39.21
C LYS B 195 20.36 -10.50 39.12
N ASN B 196 19.15 -11.07 39.19
CA ASN B 196 18.88 -12.43 38.74
C ASN B 196 18.07 -12.34 37.46
N ILE B 197 18.44 -13.11 36.45
CA ILE B 197 17.74 -13.03 35.18
C ILE B 197 17.96 -14.29 34.35
N ASP B 198 16.86 -14.83 33.81
CA ASP B 198 16.84 -16.09 33.07
C ASP B 198 17.48 -17.23 33.87
N GLY B 199 17.33 -17.19 35.19
CA GLY B 199 18.01 -18.11 36.09
C GLY B 199 19.51 -17.87 36.26
N TYR B 200 20.14 -17.11 35.37
CA TYR B 200 21.49 -16.65 35.56
C TYR B 200 21.48 -15.45 36.50
N PHE B 201 22.67 -15.01 36.91
CA PHE B 201 22.83 -13.97 37.90
C PHE B 201 24.03 -13.12 37.52
N LYS B 202 23.96 -11.84 37.87
CA LYS B 202 24.99 -10.88 37.48
C LYS B 202 25.16 -9.83 38.56
N ILE B 203 26.40 -9.34 38.68
CA ILE B 203 26.78 -8.35 39.67
C ILE B 203 27.57 -7.29 38.93
N TYR B 204 27.27 -6.02 39.23
CA TYR B 204 27.92 -4.87 38.64
C TYR B 204 28.36 -3.96 39.76
N SER B 205 29.41 -3.17 39.52
CA SER B 205 29.92 -2.30 40.57
C SER B 205 30.74 -1.17 40.01
N LYS B 206 30.95 -0.18 40.87
CA LYS B 206 32.00 0.80 40.70
C LYS B 206 32.40 1.26 42.09
N HIS B 207 33.60 1.83 42.17
CA HIS B 207 34.12 2.42 43.41
C HIS B 207 34.64 3.81 43.09
N THR B 208 34.42 4.75 44.00
CA THR B 208 34.64 6.16 43.76
C THR B 208 34.85 6.81 45.12
N PRO B 209 35.60 7.93 45.20
CA PRO B 209 35.57 8.71 46.44
C PRO B 209 34.17 9.22 46.78
N ILE B 210 33.94 9.38 48.08
CA ILE B 210 32.65 9.87 48.55
C ILE B 210 32.45 11.30 48.08
N ASP B 215 24.46 11.79 52.52
CA ASP B 215 23.53 11.36 51.48
C ASP B 215 24.28 10.71 50.32
N LEU B 216 23.56 9.95 49.50
CA LEU B 216 24.14 9.34 48.29
C LEU B 216 24.61 10.45 47.35
N PRO B 217 25.91 10.62 47.09
CA PRO B 217 26.39 11.84 46.43
C PRO B 217 25.80 12.02 45.03
N GLN B 218 25.16 13.15 44.82
CA GLN B 218 24.56 13.44 43.53
C GLN B 218 25.65 13.69 42.50
N GLY B 219 25.43 13.16 41.31
CA GLY B 219 26.44 13.20 40.26
C GLY B 219 26.05 12.26 39.15
N PHE B 220 27.05 11.75 38.43
CA PHE B 220 26.78 10.66 37.50
C PHE B 220 27.98 9.73 37.40
N SER B 221 27.68 8.44 37.24
CA SER B 221 28.65 7.38 37.00
C SER B 221 27.84 6.19 36.53
N ALA B 222 28.53 5.18 36.00
CA ALA B 222 27.89 3.93 35.61
C ALA B 222 28.59 2.74 36.22
N LEU B 223 27.82 1.82 36.78
CA LEU B 223 28.39 0.61 37.36
C LEU B 223 28.87 -0.31 36.25
N GLU B 224 30.14 -0.71 36.31
CA GLU B 224 30.67 -1.74 35.41
C GLU B 224 30.31 -3.15 35.87
N PRO B 225 30.16 -4.12 34.96
CA PRO B 225 30.05 -5.51 35.40
C PRO B 225 31.31 -5.99 36.09
N LEU B 226 31.12 -6.88 37.05
CA LEU B 226 32.22 -7.40 37.88
C LEU B 226 32.11 -8.88 38.19
N VAL B 227 30.95 -9.52 38.03
CA VAL B 227 30.85 -10.96 38.22
C VAL B 227 29.58 -11.44 37.54
N ASP B 228 29.48 -12.75 37.36
CA ASP B 228 28.27 -13.38 36.86
C ASP B 228 28.22 -14.78 37.46
N LEU B 229 27.01 -15.34 37.61
CA LEU B 229 26.88 -16.67 38.21
C LEU B 229 25.61 -17.37 37.73
N PRO B 230 25.59 -18.71 37.70
CA PRO B 230 24.40 -19.44 37.26
C PRO B 230 23.35 -19.75 38.32
N ILE B 231 23.51 -19.26 39.56
CA ILE B 231 22.63 -19.65 40.66
C ILE B 231 21.15 -19.38 40.41
N ILE B 235 16.29 -16.06 43.71
CA ILE B 235 16.15 -15.64 45.10
C ILE B 235 14.89 -14.81 45.27
N THR B 236 14.58 -14.49 46.52
CA THR B 236 13.42 -13.64 46.85
C THR B 236 13.66 -12.68 47.99
N ARG B 237 14.67 -12.91 48.84
CA ARG B 237 15.04 -11.99 49.90
C ARG B 237 16.54 -11.98 50.03
N PHE B 238 17.06 -10.93 50.65
CA PHE B 238 18.48 -10.87 50.94
C PHE B 238 18.67 -10.10 52.24
N GLN B 239 19.87 -10.20 52.78
CA GLN B 239 20.28 -9.33 53.87
C GLN B 239 21.77 -9.06 53.75
N THR B 240 22.15 -7.83 54.10
CA THR B 240 23.56 -7.49 54.24
C THR B 240 24.09 -8.03 55.55
N LEU B 241 25.41 -7.99 55.69
CA LEU B 241 26.08 -8.36 56.92
C LEU B 241 27.15 -7.33 57.21
N LEU B 242 27.19 -6.84 58.45
CA LEU B 242 28.19 -5.87 58.84
C LEU B 242 29.51 -6.56 59.04
N ALA B 262 30.82 3.18 63.54
CA ALA B 262 29.52 2.89 62.97
C ALA B 262 29.52 3.21 61.48
N ALA B 263 28.51 2.70 60.76
CA ALA B 263 28.44 2.87 59.33
C ALA B 263 26.99 2.90 58.86
N ALA B 264 26.82 3.33 57.61
CA ALA B 264 25.51 3.49 57.00
C ALA B 264 25.60 3.09 55.53
N TYR B 265 24.45 2.72 54.97
CA TYR B 265 24.39 2.26 53.59
C TYR B 265 23.00 2.55 53.04
N TYR B 266 22.87 2.42 51.71
CA TYR B 266 21.69 2.81 50.97
C TYR B 266 21.27 1.62 50.14
N VAL B 267 19.97 1.41 49.98
CA VAL B 267 19.43 0.31 49.19
C VAL B 267 18.30 0.84 48.32
N GLY B 268 18.35 0.47 47.03
CA GLY B 268 17.31 0.84 46.10
C GLY B 268 16.86 -0.39 45.33
N TYR B 269 15.79 -0.23 44.57
CA TYR B 269 15.17 -1.32 43.82
C TYR B 269 14.98 -0.93 42.38
N LEU B 270 15.27 -1.87 41.48
CA LEU B 270 15.05 -1.63 40.07
C LEU B 270 13.56 -1.64 39.75
N GLN B 271 13.25 -1.09 38.58
CA GLN B 271 11.97 -1.29 37.94
C GLN B 271 12.20 -1.30 36.44
N PRO B 272 11.27 -1.86 35.67
CA PRO B 272 11.39 -1.75 34.20
C PRO B 272 11.33 -0.31 33.72
N ARG B 273 12.30 0.07 32.89
CA ARG B 273 12.34 1.37 32.26
C ARG B 273 12.98 1.27 30.90
N THR B 274 12.58 2.16 30.00
CA THR B 274 13.39 2.53 28.86
C THR B 274 14.34 3.64 29.29
N PHE B 275 15.58 3.57 28.81
CA PHE B 275 16.56 4.60 29.03
C PHE B 275 17.23 4.94 27.72
N LEU B 276 17.52 6.22 27.51
CA LEU B 276 18.61 6.63 26.63
C LEU B 276 19.91 6.63 27.42
N LEU B 277 20.99 6.24 26.75
CA LEU B 277 22.33 6.34 27.31
C LEU B 277 23.25 6.89 26.25
N LYS B 278 24.14 7.79 26.64
CA LYS B 278 25.09 8.43 25.74
C LYS B 278 26.46 7.82 25.97
N TYR B 279 27.04 7.27 24.91
CA TYR B 279 28.37 6.68 24.94
C TYR B 279 29.39 7.72 24.47
N ASN B 280 30.37 7.99 25.31
CA ASN B 280 31.45 8.89 24.94
C ASN B 280 32.27 8.32 23.78
N GLU B 281 33.21 9.11 23.30
CA GLU B 281 34.13 8.66 22.25
C GLU B 281 34.90 7.41 22.66
N ASN B 282 35.10 7.20 23.95
CA ASN B 282 35.74 6.02 24.49
C ASN B 282 34.73 4.96 24.89
N GLY B 283 33.46 5.15 24.55
CA GLY B 283 32.44 4.21 24.94
C GLY B 283 32.07 4.23 26.40
N THR B 284 32.57 5.18 27.16
CA THR B 284 32.09 5.39 28.51
C THR B 284 30.67 5.93 28.43
N ILE B 285 29.77 5.37 29.23
CA ILE B 285 28.43 5.96 29.33
C ILE B 285 28.54 7.26 30.10
N THR B 286 28.35 8.39 29.42
CA THR B 286 28.58 9.70 30.01
C THR B 286 27.32 10.31 30.60
N ASP B 287 26.15 9.97 30.08
CA ASP B 287 24.91 10.47 30.65
C ASP B 287 23.76 9.60 30.18
N ALA B 288 22.63 9.73 30.87
CA ALA B 288 21.44 8.96 30.55
C ALA B 288 20.22 9.80 30.84
N VAL B 289 19.08 9.39 30.29
CA VAL B 289 17.82 10.07 30.52
C VAL B 289 16.73 9.02 30.57
N ASP B 290 16.09 8.90 31.73
CA ASP B 290 15.00 7.94 31.89
C ASP B 290 13.76 8.43 31.18
N CYS B 291 13.26 7.60 30.26
CA CYS B 291 12.15 8.00 29.40
C CYS B 291 10.89 8.27 30.21
N ALA B 292 10.75 7.68 31.39
CA ALA B 292 9.55 7.86 32.20
C ALA B 292 9.59 9.05 33.14
N LEU B 293 10.77 9.67 33.33
CA LEU B 293 10.98 10.57 34.47
C LEU B 293 10.01 11.74 34.46
N ASP B 294 9.85 12.38 33.31
CA ASP B 294 8.87 13.46 33.18
C ASP B 294 8.63 13.68 31.69
N PRO B 295 7.66 14.52 31.32
CA PRO B 295 7.37 14.72 29.90
C PRO B 295 8.53 15.25 29.08
N LEU B 296 9.41 16.07 29.66
CA LEU B 296 10.59 16.46 28.92
C LEU B 296 11.51 15.28 28.72
N SER B 297 11.63 14.43 29.73
CA SER B 297 12.36 13.19 29.57
C SER B 297 11.76 12.32 28.48
N GLU B 298 10.43 12.21 28.44
CA GLU B 298 9.76 11.53 27.34
C GLU B 298 10.13 12.16 26.01
N THR B 299 10.23 13.48 25.96
CA THR B 299 10.51 14.13 24.69
C THR B 299 11.91 13.81 24.21
N LYS B 300 12.89 13.97 25.09
CA LYS B 300 14.26 13.59 24.82
C LYS B 300 14.35 12.16 24.33
N CYS B 301 13.67 11.28 25.03
CA CYS B 301 13.64 9.88 24.64
C CYS B 301 13.03 9.69 23.27
N THR B 302 11.95 10.40 22.98
CA THR B 302 11.31 10.30 21.68
C THR B 302 12.24 10.74 20.55
N LEU B 303 12.97 11.83 20.75
CA LEU B 303 13.89 12.27 19.72
C LEU B 303 15.22 11.55 19.74
N LYS B 304 15.47 10.70 20.73
CA LYS B 304 16.78 10.06 20.90
C LYS B 304 17.92 11.08 20.92
N SER B 305 17.69 12.23 21.55
CA SER B 305 18.70 13.28 21.59
C SER B 305 18.60 14.02 22.91
N PHE B 306 19.75 14.48 23.40
CA PHE B 306 19.82 15.17 24.67
C PHE B 306 19.43 16.64 24.57
N THR B 307 19.51 17.22 23.39
CA THR B 307 19.03 18.58 23.17
C THR B 307 17.77 18.50 22.34
N VAL B 308 16.71 19.14 22.83
CA VAL B 308 15.47 19.27 22.10
C VAL B 308 15.43 20.69 21.57
N GLU B 309 15.16 20.83 20.27
CA GLU B 309 14.93 22.14 19.73
C GLU B 309 13.55 22.63 20.12
N LYS B 310 13.40 23.95 20.13
CA LYS B 310 12.12 24.59 20.39
C LYS B 310 11.03 24.07 19.47
N GLY B 311 9.87 23.78 20.03
CA GLY B 311 8.75 23.33 19.23
C GLY B 311 7.76 22.49 20.02
N ILE B 312 7.12 21.57 19.31
CA ILE B 312 6.08 20.70 19.84
C ILE B 312 6.35 19.29 19.37
N TYR B 313 6.06 18.30 20.21
CA TYR B 313 6.43 16.91 19.94
C TYR B 313 5.37 15.97 20.51
N GLN B 314 4.74 15.19 19.63
CA GLN B 314 3.68 14.25 20.03
C GLN B 314 4.33 13.00 20.60
N THR B 315 4.70 13.06 21.88
CA THR B 315 5.49 11.98 22.46
C THR B 315 4.72 10.70 22.67
N SER B 316 3.41 10.75 22.94
CA SER B 316 2.74 9.53 23.38
C SER B 316 1.24 9.60 23.17
N ASN B 317 0.63 8.42 23.16
CA ASN B 317 -0.77 8.28 23.50
C ASN B 317 -0.99 8.43 25.00
N PHE B 318 -2.24 8.72 25.34
CA PHE B 318 -2.73 8.81 26.71
C PHE B 318 -4.05 8.08 26.89
N ARG B 319 -4.17 7.28 27.95
CA ARG B 319 -5.41 6.55 28.22
C ARG B 319 -5.74 6.52 29.70
N VAL B 320 -6.99 6.84 30.03
CA VAL B 320 -7.55 6.56 31.35
C VAL B 320 -7.66 5.06 31.53
N GLN B 321 -7.07 4.55 32.60
CA GLN B 321 -7.05 3.12 32.87
C GLN B 321 -8.35 2.67 33.54
N PRO B 322 -8.79 1.43 33.30
CA PRO B 322 -10.06 0.97 33.89
C PRO B 322 -9.97 0.88 35.41
N THR B 323 -10.87 1.57 36.09
CA THR B 323 -10.87 1.58 37.54
C THR B 323 -11.51 0.34 38.17
N GLU B 324 -12.24 -0.47 37.43
CA GLU B 324 -12.96 -1.60 38.01
C GLU B 324 -13.32 -2.58 36.91
N SER B 325 -13.78 -3.76 37.31
CA SER B 325 -14.34 -4.76 36.39
C SER B 325 -15.73 -5.22 36.77
N ILE B 326 -16.64 -5.16 35.81
CA ILE B 326 -18.03 -5.58 35.96
C ILE B 326 -18.21 -6.92 35.29
N VAL B 327 -18.85 -7.85 36.00
CA VAL B 327 -19.24 -9.14 35.45
C VAL B 327 -20.75 -9.25 35.60
N ARG B 328 -21.43 -9.47 34.48
CA ARG B 328 -22.87 -9.50 34.41
C ARG B 328 -23.30 -10.62 33.46
N PHE B 329 -23.11 -11.85 33.92
CA PHE B 329 -23.75 -12.99 33.31
C PHE B 329 -25.23 -13.02 33.65
N PRO B 330 -26.06 -13.63 32.81
CA PRO B 330 -27.48 -13.77 33.17
C PRO B 330 -27.66 -14.57 34.44
N ASN B 331 -28.87 -14.45 34.97
CA ASN B 331 -29.21 -14.97 36.28
C ASN B 331 -29.84 -16.35 36.09
N ILE B 332 -28.98 -17.39 36.09
CA ILE B 332 -29.39 -18.79 36.09
C ILE B 332 -28.67 -19.46 37.26
N THR B 333 -29.24 -20.56 37.73
CA THR B 333 -28.69 -21.31 38.85
C THR B 333 -28.60 -22.83 38.65
N ASN B 334 -29.47 -23.42 37.84
CA ASN B 334 -29.43 -24.87 37.67
C ASN B 334 -28.21 -25.34 36.90
N LEU B 335 -27.62 -26.43 37.39
CA LEU B 335 -26.44 -27.02 36.78
C LEU B 335 -26.82 -27.76 35.49
N CYS B 336 -25.87 -27.82 34.56
CA CYS B 336 -26.12 -28.53 33.31
C CYS B 336 -26.07 -30.06 33.43
N PRO B 337 -26.68 -30.76 32.45
CA PRO B 337 -26.76 -32.22 32.52
C PRO B 337 -25.51 -32.99 32.14
N PHE B 338 -24.34 -32.36 32.10
CA PHE B 338 -23.14 -33.03 31.60
C PHE B 338 -22.86 -34.34 32.31
N GLY B 339 -23.00 -34.35 33.63
CA GLY B 339 -22.85 -35.58 34.38
C GLY B 339 -23.80 -36.67 33.91
N GLU B 340 -25.02 -36.29 33.57
CA GLU B 340 -25.98 -37.26 33.04
C GLU B 340 -25.52 -37.83 31.69
N VAL B 341 -25.26 -36.96 30.71
CA VAL B 341 -24.99 -37.47 29.37
C VAL B 341 -23.65 -38.18 29.29
N PHE B 342 -22.71 -37.78 30.12
CA PHE B 342 -21.42 -38.47 30.19
C PHE B 342 -21.56 -39.84 30.83
N ASN B 343 -22.39 -39.94 31.85
CA ASN B 343 -22.66 -41.20 32.52
C ASN B 343 -23.94 -41.84 32.00
N ALA B 344 -24.29 -41.56 30.74
CA ALA B 344 -25.50 -42.12 30.17
C ALA B 344 -25.41 -43.64 30.11
N THR B 345 -26.56 -44.28 30.29
CA THR B 345 -26.60 -45.74 30.37
C THR B 345 -26.19 -46.42 29.08
N ARG B 346 -26.37 -45.77 27.95
CA ARG B 346 -25.99 -46.35 26.66
C ARG B 346 -25.63 -45.22 25.73
N PHE B 347 -24.87 -45.56 24.68
CA PHE B 347 -24.48 -44.62 23.66
C PHE B 347 -24.93 -45.12 22.30
N ALA B 348 -25.22 -44.19 21.42
CA ALA B 348 -25.55 -44.56 20.06
C ALA B 348 -24.34 -45.13 19.34
N SER B 349 -24.62 -45.93 18.33
CA SER B 349 -23.68 -46.12 17.23
C SER B 349 -23.29 -44.78 16.63
N VAL B 350 -22.11 -44.73 16.01
CA VAL B 350 -21.75 -43.52 15.27
C VAL B 350 -22.58 -43.41 14.01
N TYR B 351 -22.98 -44.54 13.46
CA TYR B 351 -24.19 -44.53 12.68
C TYR B 351 -25.35 -44.06 13.55
N ALA B 352 -26.13 -43.13 13.04
CA ALA B 352 -27.29 -42.58 13.75
C ALA B 352 -26.91 -42.05 15.13
N TRP B 353 -25.80 -41.32 15.18
CA TRP B 353 -25.32 -40.70 16.42
C TRP B 353 -26.39 -39.84 17.07
N ASN B 354 -26.33 -39.77 18.40
CA ASN B 354 -27.26 -39.02 19.22
C ASN B 354 -26.88 -37.56 19.31
N ARG B 355 -27.87 -36.71 19.59
CA ARG B 355 -27.67 -35.27 19.74
C ARG B 355 -28.46 -34.81 20.95
N LYS B 356 -27.92 -33.87 21.73
CA LYS B 356 -28.71 -33.30 22.82
C LYS B 356 -28.52 -31.78 22.88
N ARG B 357 -29.64 -31.08 23.01
CA ARG B 357 -29.72 -29.63 23.07
C ARG B 357 -29.47 -29.08 24.49
N ILE B 358 -28.28 -29.33 25.01
CA ILE B 358 -27.91 -28.85 26.33
C ILE B 358 -28.07 -27.33 26.40
N SER B 359 -28.87 -26.84 27.34
CA SER B 359 -29.18 -25.42 27.38
C SER B 359 -29.82 -25.02 28.70
N ASN B 360 -29.91 -23.70 28.92
CA ASN B 360 -30.59 -23.10 30.07
C ASN B 360 -30.08 -23.61 31.41
N CYS B 361 -28.76 -23.59 31.56
CA CYS B 361 -28.14 -24.22 32.71
C CYS B 361 -26.76 -23.64 32.92
N VAL B 362 -26.20 -23.93 34.09
CA VAL B 362 -24.87 -23.49 34.46
C VAL B 362 -23.93 -24.67 34.25
N ALA B 363 -22.93 -24.46 33.41
CA ALA B 363 -21.90 -25.45 33.17
C ALA B 363 -20.74 -25.25 34.12
N ASP B 364 -19.91 -26.26 34.21
CA ASP B 364 -18.62 -26.08 34.88
C ASP B 364 -17.69 -27.10 34.24
N TYR B 365 -17.11 -26.69 33.12
CA TYR B 365 -16.21 -27.54 32.36
C TYR B 365 -14.93 -27.85 33.12
N SER B 366 -14.65 -27.11 34.20
CA SER B 366 -13.49 -27.45 35.01
C SER B 366 -13.64 -28.86 35.57
N VAL B 367 -14.87 -29.27 35.88
CA VAL B 367 -15.14 -30.62 36.34
C VAL B 367 -14.72 -31.63 35.30
N LEU B 368 -14.76 -31.25 34.03
CA LEU B 368 -14.28 -32.11 32.98
C LEU B 368 -12.78 -31.97 32.79
N TYR B 369 -12.31 -30.75 32.49
CA TYR B 369 -10.90 -30.54 32.18
C TYR B 369 -9.99 -31.02 33.31
N ASN B 370 -10.42 -30.82 34.56
CA ASN B 370 -9.60 -31.23 35.70
C ASN B 370 -9.81 -32.68 36.08
N SER B 371 -10.92 -33.29 35.69
CA SER B 371 -11.10 -34.71 36.00
C SER B 371 -10.06 -35.53 35.27
N ALA B 372 -9.85 -35.24 33.99
CA ALA B 372 -8.83 -35.87 33.15
C ALA B 372 -8.90 -37.40 33.12
N SER B 373 -10.00 -38.02 33.55
CA SER B 373 -10.02 -39.47 33.56
C SER B 373 -10.06 -39.99 32.14
N PHE B 374 -10.77 -39.30 31.28
CA PHE B 374 -10.80 -39.65 29.86
C PHE B 374 -9.43 -39.43 29.22
N SER B 375 -9.12 -40.32 28.29
CA SER B 375 -7.80 -40.37 27.66
C SER B 375 -7.47 -39.16 26.82
N THR B 376 -8.44 -38.61 26.10
CA THR B 376 -8.15 -37.54 25.16
C THR B 376 -9.22 -36.48 25.20
N PHE B 377 -8.75 -35.25 25.06
CA PHE B 377 -9.55 -34.05 25.20
C PHE B 377 -8.86 -33.03 24.33
N LYS B 378 -9.63 -32.47 23.41
CA LYS B 378 -9.12 -31.50 22.47
C LYS B 378 -10.21 -30.50 22.20
N CYS B 379 -9.79 -29.29 21.85
CA CYS B 379 -10.72 -28.20 21.65
C CYS B 379 -10.29 -27.41 20.44
N TYR B 380 -11.23 -26.68 19.87
CA TYR B 380 -10.98 -25.85 18.71
C TYR B 380 -11.78 -24.59 18.89
N GLY B 381 -11.13 -23.45 18.69
CA GLY B 381 -11.82 -22.20 18.89
C GLY B 381 -11.93 -21.77 20.33
N VAL B 382 -11.50 -22.59 21.28
CA VAL B 382 -11.34 -22.17 22.66
C VAL B 382 -10.29 -23.05 23.31
N SER B 383 -9.65 -22.53 24.35
CA SER B 383 -8.87 -23.40 25.21
C SER B 383 -9.78 -24.03 26.26
N PRO B 384 -9.48 -25.25 26.72
CA PRO B 384 -10.33 -25.88 27.73
C PRO B 384 -10.30 -25.17 29.07
N THR B 385 -9.34 -24.29 29.32
CA THR B 385 -9.32 -23.53 30.56
C THR B 385 -10.20 -22.30 30.47
N LYS B 386 -9.91 -21.44 29.49
CA LYS B 386 -10.66 -20.21 29.32
C LYS B 386 -12.14 -20.50 29.10
N LEU B 387 -12.44 -21.61 28.47
CA LEU B 387 -13.78 -22.19 28.32
C LEU B 387 -14.68 -22.11 29.55
N ASN B 388 -14.11 -22.19 30.74
CA ASN B 388 -14.93 -22.16 31.94
C ASN B 388 -15.56 -20.81 32.21
N ASP B 389 -15.15 -19.75 31.51
CA ASP B 389 -15.55 -18.38 31.82
C ASP B 389 -16.16 -17.69 30.61
N LEU B 390 -17.10 -18.37 29.95
CA LEU B 390 -17.77 -17.87 28.78
C LEU B 390 -19.24 -18.20 28.90
N CYS B 391 -20.07 -17.50 28.11
CA CYS B 391 -21.47 -17.86 27.96
C CYS B 391 -21.76 -18.16 26.50
N PHE B 392 -22.79 -18.97 26.28
CA PHE B 392 -23.14 -19.50 24.96
C PHE B 392 -24.63 -19.43 24.70
N THR B 393 -24.97 -19.14 23.44
CA THR B 393 -26.36 -19.13 23.04
C THR B 393 -26.97 -20.52 23.11
N ASN B 394 -26.20 -21.54 22.71
CA ASN B 394 -26.72 -22.90 22.70
C ASN B 394 -25.55 -23.86 22.69
N VAL B 395 -25.79 -25.09 23.12
CA VAL B 395 -24.78 -26.13 23.12
C VAL B 395 -25.40 -27.41 22.59
N TYR B 396 -24.69 -28.04 21.67
CA TYR B 396 -25.04 -29.35 21.13
C TYR B 396 -24.01 -30.34 21.64
N ALA B 397 -24.48 -31.33 22.37
CA ALA B 397 -23.64 -32.43 22.81
C ALA B 397 -24.06 -33.64 22.01
N ASP B 398 -23.11 -34.22 21.27
CA ASP B 398 -23.31 -35.41 20.47
C ASP B 398 -22.37 -36.46 20.99
N SER B 399 -22.78 -37.72 20.93
CA SER B 399 -21.97 -38.80 21.46
C SER B 399 -22.21 -40.09 20.69
N PHE B 400 -21.21 -40.95 20.69
CA PHE B 400 -21.22 -42.17 19.92
C PHE B 400 -20.00 -43.00 20.32
N VAL B 401 -19.85 -44.17 19.70
CA VAL B 401 -18.70 -45.03 19.91
C VAL B 401 -18.00 -45.29 18.58
N ILE B 402 -16.67 -45.33 18.63
CA ILE B 402 -15.83 -45.57 17.47
C ILE B 402 -14.57 -46.32 17.88
N ARG B 403 -13.85 -46.85 16.89
CA ARG B 403 -12.54 -47.43 17.16
C ARG B 403 -11.61 -46.35 17.69
N GLY B 404 -10.69 -46.77 18.58
CA GLY B 404 -9.77 -45.82 19.18
C GLY B 404 -8.89 -45.09 18.19
N ASP B 405 -8.63 -45.68 17.04
CA ASP B 405 -7.86 -44.96 16.03
C ASP B 405 -8.72 -43.92 15.33
N GLU B 406 -10.00 -44.26 15.13
CA GLU B 406 -10.95 -43.40 14.44
C GLU B 406 -11.15 -42.04 15.10
N VAL B 407 -10.79 -41.87 16.38
CA VAL B 407 -10.86 -40.56 17.03
C VAL B 407 -10.11 -39.51 16.24
N ARG B 408 -9.03 -39.91 15.57
CA ARG B 408 -8.28 -39.01 14.71
C ARG B 408 -9.18 -38.36 13.67
N GLN B 409 -10.14 -39.12 13.13
CA GLN B 409 -11.05 -38.56 12.13
C GLN B 409 -12.05 -37.59 12.72
N ILE B 410 -12.33 -37.67 14.02
CA ILE B 410 -13.32 -36.78 14.62
C ILE B 410 -12.65 -35.45 14.93
N ALA B 411 -12.31 -34.73 13.87
CA ALA B 411 -11.68 -33.42 13.97
C ALA B 411 -12.06 -32.65 12.72
N PRO B 412 -11.90 -31.34 12.70
CA PRO B 412 -12.22 -30.57 11.50
C PRO B 412 -11.44 -31.01 10.28
N GLY B 413 -12.15 -31.05 9.16
CA GLY B 413 -11.55 -31.35 7.87
C GLY B 413 -10.89 -32.69 7.68
N GLN B 414 -11.16 -33.67 8.54
CA GLN B 414 -10.56 -34.97 8.32
C GLN B 414 -11.24 -35.68 7.16
N THR B 415 -10.64 -36.80 6.78
CA THR B 415 -11.14 -37.67 5.73
C THR B 415 -11.03 -39.09 6.23
N GLY B 416 -11.83 -39.96 5.64
CA GLY B 416 -11.92 -41.35 6.07
C GLY B 416 -13.35 -41.76 6.33
N LYS B 417 -13.58 -43.06 6.32
CA LYS B 417 -14.92 -43.65 6.39
C LYS B 417 -15.75 -43.10 7.53
N ILE B 418 -15.14 -42.79 8.68
CA ILE B 418 -15.92 -42.26 9.78
C ILE B 418 -16.38 -40.86 9.45
N ALA B 419 -15.43 -39.98 9.13
CA ALA B 419 -15.77 -38.61 8.78
C ALA B 419 -16.60 -38.54 7.51
N ASP B 420 -16.29 -39.39 6.54
CA ASP B 420 -16.97 -39.35 5.26
C ASP B 420 -18.40 -39.83 5.34
N TYR B 421 -18.66 -40.88 6.13
CA TYR B 421 -19.95 -41.55 6.13
C TYR B 421 -20.64 -41.66 7.47
N ASN B 422 -20.06 -41.15 8.54
CA ASN B 422 -20.68 -41.28 9.85
C ASN B 422 -20.82 -39.95 10.58
N TYR B 423 -19.73 -39.20 10.73
CA TYR B 423 -19.84 -37.91 11.43
C TYR B 423 -18.81 -36.92 10.86
N LYS B 424 -19.24 -36.12 9.91
CA LYS B 424 -18.38 -35.05 9.43
C LYS B 424 -18.37 -33.93 10.45
N LEU B 425 -17.37 -33.06 10.34
CA LEU B 425 -17.24 -31.87 11.18
C LEU B 425 -16.95 -30.68 10.28
N PRO B 426 -17.65 -29.54 10.43
CA PRO B 426 -17.34 -28.41 9.55
C PRO B 426 -15.97 -27.84 9.82
N ASP B 427 -15.35 -27.29 8.76
CA ASP B 427 -14.05 -26.68 8.90
C ASP B 427 -14.08 -25.51 9.87
N ASP B 428 -15.21 -24.81 9.93
CA ASP B 428 -15.42 -23.71 10.85
C ASP B 428 -15.87 -24.18 12.23
N PHE B 429 -15.76 -25.47 12.53
CA PHE B 429 -16.19 -25.99 13.82
C PHE B 429 -15.51 -25.30 14.99
N THR B 430 -16.26 -25.24 16.07
CA THR B 430 -15.80 -24.79 17.37
C THR B 430 -16.48 -25.71 18.36
N GLY B 431 -15.80 -26.03 19.43
CA GLY B 431 -16.27 -27.01 20.37
C GLY B 431 -15.12 -27.83 20.86
N CYS B 432 -15.43 -28.96 21.47
CA CYS B 432 -14.39 -29.85 21.93
C CYS B 432 -14.81 -31.29 21.73
N VAL B 433 -13.81 -32.13 21.48
CA VAL B 433 -13.96 -33.56 21.34
C VAL B 433 -13.35 -34.18 22.58
N ILE B 434 -14.06 -35.13 23.17
CA ILE B 434 -13.49 -35.97 24.20
C ILE B 434 -13.74 -37.42 23.87
N ALA B 435 -12.78 -38.26 24.25
CA ALA B 435 -12.94 -39.68 24.05
C ALA B 435 -12.12 -40.41 25.08
N TRP B 436 -12.55 -41.62 25.40
CA TRP B 436 -11.77 -42.48 26.26
C TRP B 436 -12.01 -43.94 25.95
N ASN B 437 -10.96 -44.72 26.19
CA ASN B 437 -11.05 -46.15 26.05
C ASN B 437 -12.14 -46.63 26.96
N SER B 438 -13.14 -47.27 26.38
CA SER B 438 -14.30 -47.75 27.12
C SER B 438 -14.46 -49.25 26.93
N ASN B 439 -13.35 -49.91 26.62
CA ASN B 439 -13.28 -51.36 26.49
C ASN B 439 -13.90 -52.05 27.69
N ASN B 440 -13.68 -51.48 28.87
CA ASN B 440 -14.22 -52.00 30.13
C ASN B 440 -15.73 -52.08 30.16
N LEU B 441 -16.43 -51.36 29.29
CA LEU B 441 -17.88 -51.33 29.25
C LEU B 441 -18.47 -51.80 27.93
N ASP B 442 -17.74 -51.64 26.82
CA ASP B 442 -18.31 -51.90 25.51
C ASP B 442 -17.87 -53.19 24.84
N SER B 443 -16.80 -53.83 25.29
CA SER B 443 -16.45 -55.10 24.67
C SER B 443 -17.32 -56.22 25.23
N LYS B 444 -17.40 -57.28 24.44
CA LYS B 444 -18.04 -58.53 24.84
C LYS B 444 -17.12 -59.66 24.41
N VAL B 445 -17.22 -60.81 25.09
CA VAL B 445 -16.33 -61.94 24.83
C VAL B 445 -16.42 -62.36 23.36
N GLY B 446 -17.64 -62.45 22.83
CA GLY B 446 -17.86 -62.54 21.40
C GLY B 446 -18.18 -61.10 21.07
N GLY B 447 -17.75 -60.65 19.87
CA GLY B 447 -17.84 -59.25 19.45
C GLY B 447 -19.13 -58.55 19.84
N ASN B 448 -19.02 -57.32 20.35
CA ASN B 448 -20.21 -56.54 20.70
C ASN B 448 -20.79 -55.89 19.45
N TYR B 449 -21.57 -56.67 18.73
CA TYR B 449 -22.16 -56.22 17.49
C TYR B 449 -23.30 -55.20 17.65
N ASN B 450 -23.60 -54.73 18.86
CA ASN B 450 -24.58 -53.66 19.02
C ASN B 450 -24.20 -52.42 18.23
N TYR B 451 -22.92 -52.06 18.20
CA TYR B 451 -22.49 -50.86 17.52
C TYR B 451 -22.28 -51.13 16.05
N LEU B 452 -22.51 -50.10 15.26
CA LEU B 452 -22.52 -50.20 13.80
C LEU B 452 -22.00 -48.91 13.22
N TYR B 453 -21.46 -49.01 12.02
CA TYR B 453 -21.01 -47.85 11.28
C TYR B 453 -21.28 -48.06 9.80
N ARG B 454 -21.70 -47.00 9.13
CA ARG B 454 -21.89 -47.11 7.70
C ARG B 454 -20.52 -47.18 7.07
N LEU B 455 -20.27 -48.25 6.33
CA LEU B 455 -18.96 -48.44 5.72
C LEU B 455 -18.80 -47.65 4.44
N PHE B 456 -19.88 -47.40 3.72
CA PHE B 456 -19.79 -46.64 2.48
C PHE B 456 -21.12 -45.99 2.15
N ARG B 457 -21.05 -44.99 1.30
CA ARG B 457 -22.21 -44.20 0.95
C ARG B 457 -22.00 -43.59 -0.42
N LYS B 458 -23.12 -43.21 -1.04
CA LYS B 458 -23.08 -42.60 -2.36
C LYS B 458 -22.26 -41.33 -2.41
N SER B 459 -22.19 -40.59 -1.30
CA SER B 459 -21.38 -39.39 -1.25
C SER B 459 -21.06 -39.12 0.21
N ASN B 460 -20.08 -38.25 0.42
CA ASN B 460 -19.81 -37.79 1.77
C ASN B 460 -21.04 -37.10 2.35
N LEU B 461 -21.19 -37.22 3.66
CA LEU B 461 -22.23 -36.54 4.40
C LEU B 461 -22.04 -35.04 4.40
N LYS B 462 -23.13 -34.34 4.73
CA LYS B 462 -23.04 -32.94 5.03
C LYS B 462 -22.11 -32.77 6.23
N PRO B 463 -21.54 -31.59 6.41
CA PRO B 463 -20.52 -31.43 7.47
C PRO B 463 -21.01 -31.65 8.87
N PHE B 464 -22.32 -31.70 9.10
CA PHE B 464 -22.84 -31.93 10.45
C PHE B 464 -24.13 -32.74 10.45
N GLU B 465 -24.50 -33.36 9.34
CA GLU B 465 -25.73 -34.11 9.19
C GLU B 465 -25.65 -35.55 9.70
N ARG B 466 -26.84 -36.11 9.89
CA ARG B 466 -27.09 -37.47 10.36
C ARG B 466 -27.80 -38.21 9.25
N ASP B 467 -27.48 -39.49 9.08
CA ASP B 467 -28.11 -40.31 8.03
C ASP B 467 -28.44 -41.69 8.58
N ILE B 468 -29.74 -41.94 8.69
CA ILE B 468 -30.31 -43.16 9.27
C ILE B 468 -30.70 -44.19 8.23
N SER B 469 -30.62 -43.88 6.94
CA SER B 469 -31.06 -44.80 5.91
C SER B 469 -30.24 -46.08 5.89
N THR B 470 -30.90 -47.17 5.47
CA THR B 470 -30.30 -48.50 5.43
C THR B 470 -30.59 -49.21 4.11
N GLU B 471 -30.85 -48.49 3.03
CA GLU B 471 -30.96 -49.16 1.75
C GLU B 471 -29.65 -49.83 1.42
N ILE B 472 -29.70 -50.90 0.64
CA ILE B 472 -28.48 -51.43 0.05
C ILE B 472 -27.80 -50.33 -0.75
N TYR B 473 -26.51 -50.19 -0.53
CA TYR B 473 -25.70 -49.34 -1.38
C TYR B 473 -25.64 -50.00 -2.74
N GLN B 474 -26.19 -49.32 -3.75
CA GLN B 474 -26.26 -49.93 -5.06
C GLN B 474 -24.88 -50.08 -5.68
N ALA B 475 -24.73 -51.16 -6.41
CA ALA B 475 -23.60 -51.42 -7.28
C ALA B 475 -23.62 -50.53 -8.51
N GLY B 476 -22.49 -50.54 -9.22
CA GLY B 476 -22.50 -49.94 -10.54
C GLY B 476 -23.31 -50.77 -11.52
N SER B 477 -23.50 -52.05 -11.18
CA SER B 477 -24.40 -52.95 -11.87
C SER B 477 -25.83 -52.42 -11.76
N THR B 478 -26.71 -52.98 -12.57
CA THR B 478 -28.13 -52.66 -12.48
C THR B 478 -28.61 -52.84 -11.04
N PRO B 479 -29.54 -52.00 -10.55
CA PRO B 479 -29.92 -52.09 -9.13
C PRO B 479 -30.46 -53.43 -8.71
N CYS B 480 -30.06 -53.85 -7.53
CA CYS B 480 -30.39 -55.16 -7.02
C CYS B 480 -31.66 -55.16 -6.17
N ASN B 481 -32.27 -53.98 -5.96
CA ASN B 481 -33.61 -53.86 -5.38
C ASN B 481 -33.75 -54.61 -4.05
N GLY B 482 -32.75 -54.45 -3.19
CA GLY B 482 -32.74 -55.14 -1.91
C GLY B 482 -32.15 -56.52 -1.96
N VAL B 483 -31.52 -56.90 -3.06
CA VAL B 483 -30.79 -58.15 -3.18
C VAL B 483 -29.31 -57.83 -3.00
N GLU B 484 -28.67 -58.54 -2.09
CA GLU B 484 -27.23 -58.43 -1.91
C GLU B 484 -26.52 -59.08 -3.10
N GLY B 485 -25.32 -58.60 -3.40
CA GLY B 485 -24.63 -59.06 -4.59
C GLY B 485 -23.54 -58.10 -5.00
N PHE B 486 -23.23 -58.14 -6.30
CA PHE B 486 -21.91 -57.83 -6.87
C PHE B 486 -21.16 -56.67 -6.23
N ASN B 487 -21.66 -55.44 -6.37
CA ASN B 487 -21.35 -54.35 -5.44
C ASN B 487 -22.53 -53.99 -4.55
N CYS B 488 -23.63 -54.73 -4.62
CA CYS B 488 -24.85 -54.46 -3.85
C CYS B 488 -24.73 -55.02 -2.44
N TYR B 489 -24.40 -54.14 -1.49
CA TYR B 489 -24.08 -54.50 -0.12
C TYR B 489 -25.01 -53.82 0.87
N PHE B 490 -25.23 -54.49 1.99
CA PHE B 490 -25.90 -53.84 3.11
C PHE B 490 -24.97 -52.75 3.65
N PRO B 491 -25.46 -51.54 3.91
CA PRO B 491 -24.52 -50.43 4.07
C PRO B 491 -23.75 -50.41 5.38
N LEU B 492 -24.28 -50.99 6.46
CA LEU B 492 -23.67 -50.83 7.78
C LEU B 492 -22.95 -52.09 8.24
N GLN B 493 -21.68 -51.92 8.54
CA GLN B 493 -20.79 -52.92 9.11
C GLN B 493 -20.75 -52.77 10.62
N SER B 494 -20.51 -53.89 11.30
CA SER B 494 -20.35 -53.90 12.75
C SER B 494 -18.89 -54.00 13.14
N TYR B 495 -18.49 -53.21 14.14
CA TYR B 495 -17.13 -53.32 14.68
C TYR B 495 -16.90 -54.62 15.42
N GLY B 496 -17.92 -55.16 16.08
CA GLY B 496 -17.76 -56.40 16.82
C GLY B 496 -16.71 -56.35 17.92
N PHE B 497 -16.73 -55.28 18.71
CA PHE B 497 -15.73 -55.08 19.75
C PHE B 497 -15.64 -56.24 20.74
N GLN B 498 -14.41 -56.65 21.01
CA GLN B 498 -14.08 -57.73 21.93
C GLN B 498 -12.78 -57.38 22.62
N PRO B 499 -12.50 -57.99 23.78
CA PRO B 499 -11.35 -57.51 24.56
C PRO B 499 -10.01 -57.87 24.00
N THR B 500 -9.88 -59.01 23.32
CA THR B 500 -8.60 -59.38 22.73
C THR B 500 -8.38 -58.53 21.48
N ASN B 501 -8.15 -57.24 21.65
CA ASN B 501 -8.18 -56.32 20.53
C ASN B 501 -7.23 -55.17 20.82
N GLY B 502 -6.50 -54.76 19.80
CA GLY B 502 -5.53 -53.69 19.98
C GLY B 502 -6.18 -52.38 20.41
N VAL B 503 -5.42 -51.63 21.21
CA VAL B 503 -5.89 -50.39 21.83
C VAL B 503 -6.46 -49.44 20.80
N GLY B 504 -5.82 -49.34 19.64
CA GLY B 504 -6.34 -48.51 18.59
C GLY B 504 -7.68 -49.02 18.10
N TYR B 505 -7.87 -50.34 18.11
CA TYR B 505 -9.11 -50.97 17.73
C TYR B 505 -10.07 -51.17 18.89
N GLN B 506 -9.67 -50.88 20.12
CA GLN B 506 -10.58 -51.01 21.23
C GLN B 506 -11.67 -49.95 21.10
N PRO B 507 -12.87 -50.21 21.61
CA PRO B 507 -13.92 -49.21 21.47
C PRO B 507 -13.64 -48.00 22.33
N TYR B 508 -13.79 -46.84 21.72
CA TYR B 508 -13.75 -45.56 22.39
C TYR B 508 -15.13 -44.98 22.24
N ARG B 509 -15.76 -44.64 23.35
CA ARG B 509 -16.93 -43.79 23.32
C ARG B 509 -16.47 -42.34 23.35
N VAL B 510 -17.25 -41.52 22.69
CA VAL B 510 -16.87 -40.17 22.32
C VAL B 510 -18.03 -39.27 22.68
N VAL B 511 -17.72 -38.10 23.22
CA VAL B 511 -18.67 -37.00 23.24
C VAL B 511 -17.98 -35.83 22.58
N VAL B 512 -18.70 -35.20 21.66
CA VAL B 512 -18.28 -33.95 21.04
C VAL B 512 -19.28 -32.93 21.51
N LEU B 513 -18.78 -31.86 22.10
CA LEU B 513 -19.59 -30.71 22.41
C LEU B 513 -19.38 -29.67 21.34
N SER B 514 -20.46 -29.04 20.93
CA SER B 514 -20.43 -27.98 19.96
C SER B 514 -21.40 -26.92 20.42
N PHE B 515 -21.10 -25.69 20.06
CA PHE B 515 -21.85 -24.54 20.54
C PHE B 515 -21.71 -23.37 19.60
N GLU B 516 -22.59 -22.39 19.80
CA GLU B 516 -22.79 -21.27 18.91
C GLU B 516 -22.89 -20.00 19.74
N LEU B 517 -22.77 -18.87 19.06
CA LEU B 517 -22.57 -17.57 19.69
C LEU B 517 -23.46 -16.54 19.00
N LEU B 518 -24.71 -16.91 18.76
CA LEU B 518 -25.62 -16.12 17.98
C LEU B 518 -25.99 -14.82 18.69
N HIS B 519 -26.83 -14.03 18.01
CA HIS B 519 -27.51 -12.87 18.57
C HIS B 519 -28.45 -13.19 19.72
N ALA B 520 -28.85 -14.45 19.88
CA ALA B 520 -29.70 -14.80 21.01
C ALA B 520 -28.98 -14.51 22.32
N PRO B 521 -29.72 -14.33 23.41
CA PRO B 521 -29.07 -14.34 24.72
C PRO B 521 -28.38 -15.66 24.96
N ALA B 522 -27.37 -15.59 25.81
CA ALA B 522 -26.78 -16.82 26.27
C ALA B 522 -27.82 -17.61 27.05
N THR B 523 -27.69 -18.92 26.96
CA THR B 523 -28.50 -19.86 27.71
C THR B 523 -27.64 -20.78 28.54
N VAL B 524 -26.33 -20.77 28.31
CA VAL B 524 -25.38 -21.52 29.12
C VAL B 524 -24.27 -20.56 29.47
N CYS B 525 -23.80 -20.61 30.70
CA CYS B 525 -22.62 -19.86 31.05
C CYS B 525 -21.87 -20.61 32.14
N GLY B 526 -20.61 -20.25 32.28
CA GLY B 526 -19.79 -20.74 33.35
C GLY B 526 -20.23 -20.31 34.72
N PRO B 527 -19.48 -20.73 35.74
CA PRO B 527 -19.89 -20.50 37.12
C PRO B 527 -19.50 -19.15 37.68
N LYS B 528 -18.93 -18.23 36.89
CA LYS B 528 -18.47 -16.96 37.43
C LYS B 528 -19.63 -16.20 38.06
N LYS B 529 -19.31 -15.44 39.11
CA LYS B 529 -20.29 -14.62 39.79
C LYS B 529 -20.58 -13.39 38.95
N SER B 530 -21.34 -12.46 39.50
CA SER B 530 -21.65 -11.22 38.82
C SER B 530 -21.71 -10.09 39.83
N THR B 531 -21.40 -8.88 39.37
CA THR B 531 -21.19 -7.72 40.21
C THR B 531 -22.37 -6.76 40.13
N ASN B 532 -22.35 -5.75 41.00
CA ASN B 532 -23.02 -4.50 40.71
C ASN B 532 -22.44 -3.86 39.46
N LEU B 533 -23.25 -3.02 38.81
CA LEU B 533 -22.81 -2.25 37.63
C LEU B 533 -22.38 -0.84 38.03
N VAL B 534 -21.08 -0.60 37.98
CA VAL B 534 -20.49 0.71 38.30
C VAL B 534 -20.70 1.65 37.13
N LYS B 535 -21.93 2.14 36.96
CA LYS B 535 -22.38 2.71 35.70
C LYS B 535 -21.86 4.10 35.32
N ASN B 536 -20.59 4.42 35.57
CA ASN B 536 -20.01 5.67 35.07
C ASN B 536 -18.52 5.61 34.79
N LYS B 537 -17.75 5.06 35.72
CA LYS B 537 -16.31 5.09 35.60
C LYS B 537 -15.84 4.25 34.42
N CYS B 538 -14.65 4.57 33.94
CA CYS B 538 -14.00 3.70 32.97
C CYS B 538 -13.73 2.38 33.66
N VAL B 539 -14.26 1.30 33.10
CA VAL B 539 -14.21 -0.02 33.70
C VAL B 539 -14.09 -1.09 32.62
N ASN B 540 -13.66 -2.28 33.03
CA ASN B 540 -13.90 -3.49 32.26
C ASN B 540 -15.33 -3.95 32.40
N PHE B 541 -15.81 -4.67 31.38
CA PHE B 541 -17.11 -5.30 31.41
C PHE B 541 -17.04 -6.64 30.70
N ASN B 542 -18.01 -7.50 31.00
CA ASN B 542 -17.99 -8.88 30.52
C ASN B 542 -19.40 -9.43 30.24
N PHE B 543 -20.34 -8.56 29.86
CA PHE B 543 -21.75 -8.89 29.72
C PHE B 543 -22.04 -10.13 28.91
N ASN B 544 -22.53 -11.18 29.57
CA ASN B 544 -22.74 -12.50 28.96
C ASN B 544 -21.53 -13.00 28.16
N GLY B 545 -20.33 -12.58 28.55
CA GLY B 545 -19.10 -12.88 27.85
C GLY B 545 -18.61 -11.81 26.92
N LEU B 546 -19.46 -10.85 26.57
CA LEU B 546 -19.01 -9.73 25.74
C LEU B 546 -17.99 -8.90 26.49
N THR B 547 -16.73 -8.98 26.08
CA THR B 547 -15.61 -8.47 26.87
C THR B 547 -15.12 -7.16 26.29
N GLY B 548 -14.99 -6.15 27.14
CA GLY B 548 -14.43 -4.89 26.68
C GLY B 548 -14.24 -3.93 27.82
N THR B 549 -13.90 -2.69 27.46
CA THR B 549 -13.66 -1.61 28.40
C THR B 549 -14.35 -0.34 27.95
N GLY B 550 -14.85 0.44 28.90
CA GLY B 550 -15.55 1.65 28.54
C GLY B 550 -16.17 2.30 29.75
N VAL B 551 -16.69 3.50 29.52
CA VAL B 551 -17.63 4.13 30.44
C VAL B 551 -19.04 3.65 30.12
N LEU B 552 -19.60 2.85 31.01
CA LEU B 552 -20.99 2.44 30.90
C LEU B 552 -21.91 3.57 31.33
N THR B 553 -23.06 3.66 30.69
CA THR B 553 -24.01 4.71 30.99
C THR B 553 -25.40 4.25 30.61
N GLU B 554 -26.40 4.97 31.12
CA GLU B 554 -27.76 4.81 30.66
C GLU B 554 -27.90 5.25 29.21
N SER B 555 -28.97 4.80 28.56
CA SER B 555 -29.20 5.05 27.15
C SER B 555 -30.66 5.27 26.84
N ASN B 556 -30.90 6.06 25.80
CA ASN B 556 -32.20 6.24 25.18
C ASN B 556 -32.40 5.34 23.97
N LYS B 557 -31.54 4.34 23.79
CA LYS B 557 -31.54 3.55 22.56
C LYS B 557 -32.85 2.83 22.29
N LYS B 558 -33.67 2.58 23.32
CA LYS B 558 -35.02 2.06 23.15
C LYS B 558 -35.04 0.77 22.34
N PHE B 559 -34.14 -0.14 22.69
CA PHE B 559 -34.07 -1.45 22.06
C PHE B 559 -35.43 -2.13 22.03
N LEU B 560 -35.73 -2.78 20.92
CA LEU B 560 -36.82 -3.72 20.89
C LEU B 560 -36.47 -4.95 21.73
N PRO B 561 -37.47 -5.70 22.20
CA PRO B 561 -37.18 -6.75 23.19
C PRO B 561 -36.19 -7.81 22.76
N PHE B 562 -36.10 -8.12 21.46
CA PHE B 562 -35.15 -9.14 21.04
C PHE B 562 -33.72 -8.64 20.95
N GLN B 563 -33.48 -7.35 21.12
CA GLN B 563 -32.18 -6.77 20.80
C GLN B 563 -31.26 -6.87 22.01
N GLN B 564 -30.34 -7.82 21.97
CA GLN B 564 -29.35 -7.96 23.02
C GLN B 564 -28.26 -6.90 22.95
N PHE B 565 -27.91 -6.44 21.74
CA PHE B 565 -26.80 -5.51 21.55
C PHE B 565 -27.22 -4.40 20.62
N GLY B 566 -26.45 -3.32 20.68
CA GLY B 566 -26.52 -2.28 19.67
C GLY B 566 -25.11 -1.92 19.25
N ARG B 567 -24.98 -1.46 18.01
CA ARG B 567 -23.69 -1.28 17.37
C ARG B 567 -23.56 0.10 16.74
N ASP B 568 -22.33 0.56 16.69
CA ASP B 568 -22.00 1.78 16.00
C ASP B 568 -22.08 1.58 14.50
N ILE B 569 -22.06 2.70 13.77
CA ILE B 569 -21.87 2.66 12.32
C ILE B 569 -20.57 1.97 11.95
N ALA B 570 -19.58 2.01 12.83
CA ALA B 570 -18.36 1.24 12.68
C ALA B 570 -18.54 -0.24 12.92
N ASP B 571 -19.73 -0.72 13.28
CA ASP B 571 -19.97 -2.09 13.70
C ASP B 571 -19.24 -2.48 14.99
N THR B 572 -18.64 -1.55 15.71
CA THR B 572 -18.23 -1.84 17.08
C THR B 572 -19.47 -1.95 17.96
N THR B 573 -19.35 -2.72 19.03
CA THR B 573 -20.42 -2.77 20.00
C THR B 573 -20.58 -1.44 20.69
N ASP B 574 -21.82 -1.10 21.01
CA ASP B 574 -22.18 0.24 21.43
C ASP B 574 -23.15 0.27 22.59
N ALA B 575 -23.93 -0.77 22.82
CA ALA B 575 -24.78 -0.84 23.99
C ALA B 575 -25.06 -2.30 24.25
N VAL B 576 -25.49 -2.60 25.46
CA VAL B 576 -25.95 -3.94 25.80
C VAL B 576 -27.05 -3.81 26.82
N ARG B 577 -27.97 -4.76 26.79
CA ARG B 577 -28.90 -4.91 27.90
C ARG B 577 -28.19 -5.62 29.02
N ASP B 578 -28.24 -5.04 30.19
CA ASP B 578 -27.74 -5.72 31.37
C ASP B 578 -28.63 -6.93 31.63
N PRO B 579 -28.12 -8.16 31.56
CA PRO B 579 -29.03 -9.31 31.50
C PRO B 579 -29.82 -9.49 32.77
N GLN B 580 -29.39 -8.90 33.87
CA GLN B 580 -30.11 -8.96 35.13
C GLN B 580 -31.14 -7.86 35.23
N THR B 581 -30.76 -6.65 34.83
CA THR B 581 -31.70 -5.54 34.84
C THR B 581 -32.57 -5.50 33.59
N LEU B 582 -32.18 -6.17 32.52
CA LEU B 582 -32.84 -6.03 31.22
C LEU B 582 -32.89 -4.58 30.73
N GLU B 583 -31.95 -3.74 31.15
CA GLU B 583 -31.94 -2.32 30.82
C GLU B 583 -30.85 -2.00 29.82
N ILE B 584 -31.18 -1.17 28.83
CA ILE B 584 -30.23 -0.80 27.78
C ILE B 584 -29.25 0.23 28.32
N LEU B 585 -27.99 -0.19 28.46
CA LEU B 585 -26.89 0.67 28.88
C LEU B 585 -26.03 1.03 27.67
N ASP B 586 -25.73 2.32 27.52
CA ASP B 586 -24.80 2.77 26.49
C ASP B 586 -23.36 2.57 26.94
N ILE B 587 -22.47 2.32 25.98
CA ILE B 587 -21.04 2.13 26.22
C ILE B 587 -20.31 3.24 25.48
N THR B 588 -19.58 4.05 26.23
CA THR B 588 -18.67 5.04 25.67
C THR B 588 -17.23 4.54 25.79
N PRO B 589 -16.35 4.68 24.79
CA PRO B 589 -14.93 4.41 25.01
C PRO B 589 -14.36 5.35 26.06
N CYS B 590 -13.41 4.84 26.84
CA CYS B 590 -12.82 5.64 27.90
C CYS B 590 -12.09 6.86 27.34
N SER B 591 -11.81 7.80 28.24
CA SER B 591 -11.04 9.00 27.94
C SER B 591 -9.71 8.65 27.30
N PHE B 592 -9.48 9.17 26.10
CA PHE B 592 -8.44 8.62 25.24
C PHE B 592 -8.04 9.65 24.22
N GLY B 593 -6.73 9.90 24.13
CA GLY B 593 -6.22 10.78 23.09
C GLY B 593 -4.70 10.81 23.08
N GLY B 594 -4.17 11.56 22.12
CA GLY B 594 -2.74 11.83 22.06
C GLY B 594 -2.33 12.87 23.09
N VAL B 595 -1.14 12.69 23.65
CA VAL B 595 -0.48 13.67 24.51
C VAL B 595 0.79 14.16 23.84
N SER B 596 0.96 15.48 23.82
CA SER B 596 2.02 16.15 23.08
C SER B 596 2.62 17.22 23.97
N VAL B 597 3.91 17.46 23.80
CA VAL B 597 4.72 18.26 24.71
C VAL B 597 5.12 19.55 24.04
N ILE B 598 4.93 20.65 24.75
CA ILE B 598 5.32 21.99 24.33
C ILE B 598 6.62 22.32 25.04
N THR B 599 7.62 22.82 24.31
CA THR B 599 8.90 23.19 24.91
C THR B 599 9.59 24.37 24.25
N PRO B 600 10.26 25.25 25.00
CA PRO B 600 11.10 26.27 24.38
C PRO B 600 12.44 25.78 23.86
N GLY B 601 12.69 24.48 23.88
CA GLY B 601 13.94 23.91 23.45
C GLY B 601 14.96 23.92 24.57
N THR B 602 15.61 22.76 24.71
CA THR B 602 16.46 22.45 25.87
C THR B 602 17.55 23.47 26.08
N ASN B 603 18.09 24.00 24.99
CA ASN B 603 19.03 25.10 25.00
C ASN B 603 18.69 26.24 25.95
N THR B 604 17.42 26.63 26.02
CA THR B 604 17.00 27.80 26.79
C THR B 604 16.44 27.45 28.16
N SER B 605 15.73 26.33 28.29
CA SER B 605 15.17 26.00 29.60
C SER B 605 14.75 24.54 29.60
N ASN B 606 14.57 24.02 30.81
CA ASN B 606 13.88 22.77 31.02
C ASN B 606 12.40 22.92 31.34
N GLN B 607 11.88 24.13 31.46
CA GLN B 607 10.46 24.27 31.64
C GLN B 607 9.72 23.73 30.44
N VAL B 608 8.52 23.21 30.69
CA VAL B 608 7.81 22.42 29.71
C VAL B 608 6.33 22.55 29.98
N ALA B 609 5.53 22.35 28.94
CA ALA B 609 4.09 22.28 29.07
C ALA B 609 3.58 21.17 28.17
N VAL B 610 2.37 20.72 28.45
CA VAL B 610 1.81 19.50 27.89
C VAL B 610 0.43 19.80 27.34
N LEU B 611 0.16 19.30 26.14
CA LEU B 611 -1.16 19.33 25.54
C LEU B 611 -1.73 17.92 25.60
N TYR B 612 -2.90 17.78 26.18
CA TYR B 612 -3.74 16.59 26.04
C TYR B 612 -4.78 16.86 24.98
N GLN B 613 -4.60 16.26 23.81
CA GLN B 613 -5.41 16.59 22.66
C GLN B 613 -6.86 16.12 22.82
N ASP B 614 -7.79 17.04 22.59
CA ASP B 614 -9.22 16.76 22.66
C ASP B 614 -9.66 16.13 23.99
N VAL B 615 -9.18 16.69 25.09
CA VAL B 615 -9.55 16.23 26.42
C VAL B 615 -10.20 17.38 27.17
N ASN B 616 -11.17 17.05 28.01
CA ASN B 616 -12.08 18.04 28.57
C ASN B 616 -11.50 18.78 29.78
N CYS B 617 -10.24 18.54 30.14
CA CYS B 617 -9.66 19.07 31.37
C CYS B 617 -10.36 18.63 32.65
N THR B 618 -11.16 17.57 32.61
CA THR B 618 -11.62 16.91 33.83
C THR B 618 -10.77 15.70 34.16
N GLU B 619 -9.55 15.64 33.62
CA GLU B 619 -8.78 14.41 33.55
C GLU B 619 -7.32 14.69 33.89
N VAL B 620 -6.64 13.64 34.33
CA VAL B 620 -5.26 13.76 34.78
C VAL B 620 -4.53 12.44 34.55
N ASN B 641 -0.69 24.90 36.61
CA ASN B 641 -1.83 25.63 36.08
C ASN B 641 -2.45 24.84 34.94
N VAL B 642 -3.73 25.09 34.67
CA VAL B 642 -4.48 24.39 33.62
C VAL B 642 -5.19 25.43 32.76
N PHE B 643 -5.28 25.13 31.47
CA PHE B 643 -6.03 25.94 30.53
C PHE B 643 -6.67 25.00 29.53
N GLN B 644 -7.72 25.46 28.87
CA GLN B 644 -8.49 24.66 27.92
C GLN B 644 -8.57 25.37 26.58
N THR B 645 -8.55 24.57 25.51
CA THR B 645 -8.58 25.09 24.15
C THR B 645 -9.40 24.16 23.28
N ARG B 646 -9.77 24.69 22.12
CA ARG B 646 -10.37 23.87 21.08
C ARG B 646 -9.45 22.74 20.66
N ALA B 647 -8.14 22.91 20.80
CA ALA B 647 -7.21 21.84 20.48
C ALA B 647 -7.20 20.74 21.54
N GLY B 648 -7.47 21.08 22.78
CA GLY B 648 -7.41 20.12 23.86
C GLY B 648 -6.96 20.78 25.14
N CYS B 649 -6.84 19.96 26.17
CA CYS B 649 -6.45 20.46 27.47
C CYS B 649 -4.96 20.72 27.52
N LEU B 650 -4.58 21.90 28.02
CA LEU B 650 -3.21 22.35 28.08
C LEU B 650 -2.81 22.51 29.54
N ILE B 651 -1.78 21.76 29.95
CA ILE B 651 -1.30 21.74 31.34
C ILE B 651 0.07 22.39 31.40
N GLY B 652 0.26 23.23 32.40
CA GLY B 652 1.53 23.88 32.66
C GLY B 652 1.74 25.21 31.96
N ALA B 653 1.01 25.51 30.91
CA ALA B 653 1.07 26.83 30.31
C ALA B 653 0.29 27.84 31.14
N GLU B 654 0.59 29.12 30.92
CA GLU B 654 -0.22 30.23 31.41
C GLU B 654 -0.88 30.92 30.23
N HIS B 655 -2.21 30.97 30.26
CA HIS B 655 -2.95 31.73 29.25
C HIS B 655 -2.78 33.22 29.47
N VAL B 656 -2.65 33.98 28.37
CA VAL B 656 -2.52 35.43 28.42
C VAL B 656 -3.38 36.09 27.35
N ASN B 657 -3.71 37.35 27.59
CA ASN B 657 -4.63 38.13 26.77
C ASN B 657 -3.95 39.02 25.76
N ASN B 658 -2.62 39.06 25.71
CA ASN B 658 -1.94 39.67 24.58
C ASN B 658 -2.13 38.83 23.33
N SER B 659 -1.48 39.26 22.25
CA SER B 659 -1.32 38.40 21.09
C SER B 659 0.02 38.72 20.46
N TYR B 660 0.59 37.73 19.77
CA TYR B 660 1.94 37.87 19.20
C TYR B 660 1.99 37.06 17.92
N GLU B 661 3.04 37.29 17.14
CA GLU B 661 3.42 36.35 16.10
C GLU B 661 3.62 34.97 16.70
N CYS B 662 3.36 33.96 15.91
CA CYS B 662 3.39 32.60 16.42
C CYS B 662 4.80 32.13 16.70
N ASP B 663 4.95 31.41 17.80
CA ASP B 663 6.00 30.43 18.00
C ASP B 663 5.30 29.21 18.57
N ILE B 664 5.95 28.06 18.43
CA ILE B 664 5.44 26.76 18.89
C ILE B 664 3.95 26.59 18.61
N PRO B 665 3.52 26.61 17.35
CA PRO B 665 2.08 26.58 17.04
C PRO B 665 1.38 25.38 17.62
N ILE B 666 0.39 25.64 18.46
CA ILE B 666 -0.37 24.59 19.12
C ILE B 666 -1.52 24.15 18.23
N GLY B 667 -2.32 25.10 17.78
CA GLY B 667 -3.46 24.82 16.96
C GLY B 667 -4.61 25.75 17.25
N ALA B 668 -5.60 25.73 16.35
CA ALA B 668 -6.86 26.45 16.49
C ALA B 668 -6.63 27.91 16.85
N GLY B 669 -5.67 28.52 16.18
CA GLY B 669 -5.37 29.90 16.41
C GLY B 669 -4.47 30.20 17.58
N ILE B 670 -4.10 29.20 18.38
CA ILE B 670 -3.37 29.41 19.62
C ILE B 670 -1.93 29.00 19.41
N CYS B 671 -1.03 29.83 19.90
CA CYS B 671 0.40 29.61 19.84
C CYS B 671 0.96 29.88 21.22
N ALA B 672 2.18 29.41 21.45
CA ALA B 672 2.79 29.50 22.76
C ALA B 672 4.28 29.73 22.64
N SER B 673 4.83 30.42 23.63
CA SER B 673 6.19 30.91 23.54
C SER B 673 6.68 31.14 24.95
N TYR B 674 7.97 31.45 25.04
CA TYR B 674 8.64 31.72 26.30
C TYR B 674 8.78 33.21 26.50
N GLN B 675 8.43 33.69 27.69
CA GLN B 675 8.45 35.12 27.98
C GLN B 675 8.73 35.38 29.45
N THR B 676 9.38 36.51 29.71
CA THR B 676 9.50 37.13 31.03
C THR B 676 9.95 36.21 32.16
N GLN B 690 11.10 33.37 31.84
CA GLN B 690 10.82 32.73 33.12
C GLN B 690 9.47 32.01 33.15
N SER B 691 8.67 32.10 32.08
CA SER B 691 7.39 31.41 32.03
C SER B 691 7.08 30.97 30.61
N ILE B 692 6.37 29.86 30.49
CA ILE B 692 5.58 29.58 29.29
C ILE B 692 4.40 30.52 29.25
N ILE B 693 4.04 30.95 28.04
CA ILE B 693 2.77 31.61 27.79
C ILE B 693 2.09 31.01 26.58
N ALA B 694 0.76 31.09 26.56
CA ALA B 694 -0.04 30.70 25.40
C ALA B 694 -1.03 31.81 25.08
N TYR B 695 -1.19 32.08 23.79
CA TYR B 695 -1.88 33.26 23.34
C TYR B 695 -2.52 32.99 21.99
N THR B 696 -3.56 33.73 21.69
CA THR B 696 -4.10 33.76 20.35
C THR B 696 -3.16 34.57 19.47
N MET B 697 -2.92 34.08 18.26
CA MET B 697 -1.99 34.74 17.35
C MET B 697 -2.38 36.18 17.09
N SER B 698 -1.35 37.04 17.01
CA SER B 698 -1.56 38.43 16.66
C SER B 698 -1.84 38.62 15.18
N LEU B 699 -1.49 37.65 14.36
CA LEU B 699 -1.71 37.65 12.92
C LEU B 699 -1.00 38.80 12.20
N GLY B 700 -0.05 39.47 12.84
CA GLY B 700 0.54 40.69 12.33
C GLY B 700 -0.26 41.95 12.62
N ALA B 701 0.47 43.06 12.64
CA ALA B 701 -0.10 44.35 13.01
C ALA B 701 -1.15 44.82 12.02
N GLU B 702 -2.20 45.46 12.53
CA GLU B 702 -3.16 46.13 11.67
C GLU B 702 -2.55 47.39 11.09
N ASN B 703 -2.90 47.68 9.84
CA ASN B 703 -2.53 48.94 9.19
C ASN B 703 -3.77 49.45 8.46
N SER B 704 -4.41 50.45 9.04
CA SER B 704 -5.49 51.17 8.37
C SER B 704 -4.93 52.07 7.29
N VAL B 705 -4.92 51.59 6.04
CA VAL B 705 -4.30 52.34 4.96
C VAL B 705 -5.06 53.64 4.75
N ALA B 706 -4.31 54.70 4.48
CA ALA B 706 -4.84 56.05 4.32
C ALA B 706 -5.57 56.27 3.00
N TYR B 707 -6.42 55.34 2.60
CA TYR B 707 -7.14 55.48 1.35
C TYR B 707 -8.01 56.73 1.34
N SER B 708 -8.15 57.29 0.16
CA SER B 708 -9.23 58.18 -0.18
C SER B 708 -9.26 58.15 -1.68
N ASN B 709 -10.38 58.54 -2.27
CA ASN B 709 -10.27 59.03 -3.63
C ASN B 709 -9.38 60.27 -3.66
N ASN B 710 -9.05 60.70 -4.87
CA ASN B 710 -8.33 61.94 -5.10
C ASN B 710 -6.90 61.98 -4.52
N SER B 711 -6.40 60.90 -3.92
CA SER B 711 -5.17 60.95 -3.12
C SER B 711 -4.29 59.74 -3.43
N ILE B 712 -2.99 59.99 -3.62
CA ILE B 712 -2.02 58.95 -3.93
C ILE B 712 -0.80 59.11 -3.06
N ALA B 713 -0.07 58.01 -2.91
CA ALA B 713 1.33 58.02 -2.49
C ALA B 713 2.22 57.43 -3.57
N ILE B 714 3.39 58.02 -3.78
CA ILE B 714 4.34 57.59 -4.80
C ILE B 714 5.71 57.41 -4.15
N PRO B 715 6.49 56.39 -4.49
CA PRO B 715 7.83 56.28 -3.92
C PRO B 715 8.71 57.43 -4.35
N THR B 716 9.31 58.12 -3.39
CA THR B 716 10.37 59.06 -3.71
C THR B 716 11.71 58.40 -3.86
N ASN B 717 11.86 57.15 -3.46
CA ASN B 717 13.15 56.52 -3.34
C ASN B 717 12.96 55.01 -3.45
N PHE B 718 14.06 54.28 -3.38
CA PHE B 718 13.99 52.83 -3.41
C PHE B 718 15.07 52.25 -2.54
N THR B 719 14.87 51.01 -2.14
CA THR B 719 15.94 50.12 -1.73
C THR B 719 15.99 48.99 -2.73
N ILE B 720 17.12 48.85 -3.42
CA ILE B 720 17.43 47.57 -4.03
C ILE B 720 17.77 46.57 -2.94
N SER B 721 17.35 45.32 -3.12
CA SER B 721 17.45 44.32 -2.08
C SER B 721 17.79 42.99 -2.72
N VAL B 722 18.29 42.07 -1.90
CA VAL B 722 18.59 40.71 -2.33
C VAL B 722 17.89 39.73 -1.40
N THR B 723 17.20 38.76 -1.98
CA THR B 723 16.49 37.73 -1.24
C THR B 723 16.93 36.38 -1.80
N THR B 724 17.02 35.40 -0.91
CA THR B 724 17.56 34.08 -1.25
C THR B 724 16.43 33.06 -1.32
N GLU B 725 16.30 32.40 -2.46
CA GLU B 725 15.43 31.23 -2.61
C GLU B 725 16.27 29.97 -2.65
N ILE B 726 15.90 29.00 -1.84
CA ILE B 726 16.61 27.73 -1.70
C ILE B 726 15.69 26.64 -2.24
N LEU B 727 16.17 25.83 -3.17
CA LEU B 727 15.40 24.73 -3.72
C LEU B 727 16.22 23.44 -3.77
N PRO B 728 15.71 22.32 -3.28
CA PRO B 728 16.38 21.05 -3.54
C PRO B 728 16.23 20.67 -4.98
N VAL B 729 17.25 19.98 -5.51
CA VAL B 729 17.28 19.62 -6.92
C VAL B 729 17.47 18.12 -7.10
N SER B 730 18.20 17.49 -6.19
CA SER B 730 18.44 16.06 -6.28
C SER B 730 18.29 15.42 -4.92
N MET B 731 18.16 14.10 -4.93
CA MET B 731 18.32 13.29 -3.75
C MET B 731 19.32 12.21 -4.11
N THR B 732 20.04 11.70 -3.11
CA THR B 732 21.14 10.79 -3.36
C THR B 732 20.69 9.54 -4.10
N LYS B 733 21.47 9.13 -5.08
CA LYS B 733 21.11 7.99 -5.91
C LYS B 733 21.29 6.67 -5.17
N THR B 734 20.44 6.41 -4.21
CA THR B 734 20.39 5.10 -3.56
C THR B 734 20.10 3.98 -4.54
N SER B 735 20.68 2.82 -4.26
CA SER B 735 20.32 1.58 -4.95
C SER B 735 20.48 0.43 -3.98
N VAL B 736 19.73 -0.64 -4.23
CA VAL B 736 19.75 -1.83 -3.37
C VAL B 736 19.86 -3.08 -4.24
N ASP B 737 20.84 -3.92 -3.91
CA ASP B 737 20.90 -5.30 -4.39
C ASP B 737 19.88 -6.12 -3.62
N CYS B 738 18.63 -6.04 -4.09
CA CYS B 738 17.46 -6.60 -3.44
C CYS B 738 17.63 -8.00 -2.88
N THR B 739 18.16 -8.90 -3.71
CA THR B 739 18.39 -10.26 -3.26
C THR B 739 19.38 -10.30 -2.09
N MET B 740 20.46 -9.56 -2.20
CA MET B 740 21.44 -9.51 -1.12
C MET B 740 20.83 -8.95 0.15
N TYR B 741 19.98 -7.93 0.02
CA TYR B 741 19.31 -7.39 1.19
C TYR B 741 18.40 -8.40 1.86
N ILE B 742 17.54 -9.05 1.08
CA ILE B 742 16.59 -9.96 1.68
C ILE B 742 17.30 -11.17 2.26
N CYS B 743 18.17 -11.80 1.50
CA CYS B 743 18.59 -13.16 1.81
C CYS B 743 20.02 -13.30 2.32
N GLY B 744 20.81 -12.24 2.32
CA GLY B 744 22.13 -12.30 2.95
C GLY B 744 23.03 -13.42 2.45
N ASP B 745 22.96 -13.72 1.16
CA ASP B 745 23.65 -14.83 0.51
C ASP B 745 23.21 -16.22 0.95
N SER B 746 22.09 -16.37 1.66
CA SER B 746 21.53 -17.70 1.82
C SER B 746 20.95 -18.18 0.49
N THR B 747 21.51 -19.26 -0.03
CA THR B 747 21.00 -19.85 -1.26
C THR B 747 19.59 -20.39 -1.06
N GLU B 748 19.33 -21.00 0.09
CA GLU B 748 18.00 -21.48 0.40
C GLU B 748 16.97 -20.36 0.37
N CYS B 749 17.27 -19.25 1.03
CA CYS B 749 16.40 -18.08 0.97
C CYS B 749 16.20 -17.60 -0.45
N SER B 750 17.28 -17.52 -1.23
CA SER B 750 17.17 -17.09 -2.61
C SER B 750 16.24 -18.00 -3.40
N ASN B 751 16.36 -19.30 -3.19
CA ASN B 751 15.48 -20.25 -3.84
C ASN B 751 14.03 -20.00 -3.44
N LEU B 752 13.80 -19.77 -2.15
CA LEU B 752 12.46 -19.44 -1.71
C LEU B 752 12.00 -18.11 -2.27
N LEU B 753 12.90 -17.12 -2.28
CA LEU B 753 12.57 -15.82 -2.84
C LEU B 753 12.20 -15.90 -4.31
N LEU B 754 12.92 -16.72 -5.07
CA LEU B 754 12.59 -16.92 -6.47
C LEU B 754 11.17 -17.44 -6.67
N GLN B 755 10.63 -18.18 -5.70
CA GLN B 755 9.24 -18.59 -5.80
C GLN B 755 8.26 -17.43 -5.78
N TYR B 756 8.68 -16.23 -5.36
CA TYR B 756 7.85 -15.04 -5.46
C TYR B 756 7.96 -14.32 -6.79
N GLY B 757 8.84 -14.76 -7.68
CA GLY B 757 8.93 -14.12 -8.98
C GLY B 757 9.46 -12.71 -8.98
N SER B 758 8.87 -11.89 -9.83
CA SER B 758 9.53 -10.70 -10.36
C SER B 758 9.65 -9.52 -9.40
N PHE B 759 9.01 -9.55 -8.22
CA PHE B 759 9.01 -8.41 -7.29
C PHE B 759 10.40 -7.81 -7.11
N CYS B 760 11.37 -8.66 -6.85
CA CYS B 760 12.72 -8.20 -6.56
C CYS B 760 13.34 -7.45 -7.74
N THR B 761 12.96 -7.80 -8.96
CA THR B 761 13.38 -7.01 -10.12
C THR B 761 12.61 -5.71 -10.27
N GLN B 762 11.30 -5.71 -10.00
CA GLN B 762 10.51 -4.49 -10.12
C GLN B 762 11.05 -3.38 -9.23
N LEU B 763 11.29 -3.71 -7.98
CA LEU B 763 11.84 -2.76 -7.02
C LEU B 763 13.14 -2.17 -7.54
N ASN B 764 14.02 -3.03 -8.02
CA ASN B 764 15.31 -2.57 -8.50
C ASN B 764 15.19 -1.64 -9.68
N ARG B 765 14.33 -1.96 -10.64
CA ARG B 765 14.16 -1.03 -11.76
C ARG B 765 13.55 0.28 -11.31
N ALA B 766 12.64 0.24 -10.34
CA ALA B 766 12.06 1.49 -9.84
C ALA B 766 13.12 2.40 -9.24
N LEU B 767 13.97 1.82 -8.39
CA LEU B 767 15.09 2.58 -7.85
C LEU B 767 15.99 3.11 -8.95
N THR B 768 16.29 2.28 -9.94
CA THR B 768 17.12 2.72 -11.06
C THR B 768 16.48 3.89 -11.78
N GLY B 769 15.17 3.83 -11.95
CA GLY B 769 14.45 4.93 -12.57
C GLY B 769 14.64 6.24 -11.84
N ILE B 770 14.37 6.25 -10.54
CA ILE B 770 14.56 7.51 -9.81
C ILE B 770 16.02 7.93 -9.78
N ALA B 771 16.94 6.96 -9.83
CA ALA B 771 18.34 7.32 -9.92
C ALA B 771 18.64 8.06 -11.20
N VAL B 772 18.07 7.62 -12.31
CA VAL B 772 18.24 8.36 -13.55
C VAL B 772 17.60 9.73 -13.43
N GLU B 773 16.45 9.81 -12.75
CA GLU B 773 15.82 11.11 -12.57
C GLU B 773 16.69 12.11 -11.85
N GLN B 774 17.56 11.66 -10.96
CA GLN B 774 18.40 12.63 -10.27
C GLN B 774 19.36 13.33 -11.22
N ASP B 775 20.01 12.55 -12.07
CA ASP B 775 20.89 13.14 -13.07
C ASP B 775 20.12 13.97 -14.06
N LYS B 776 18.94 13.51 -14.47
CA LYS B 776 18.15 14.32 -15.38
C LYS B 776 17.78 15.64 -14.75
N ASN B 777 17.39 15.63 -13.47
CA ASN B 777 17.05 16.86 -12.79
C ASN B 777 18.19 17.85 -12.77
N THR B 778 19.35 17.41 -12.27
CA THR B 778 20.48 18.32 -12.16
C THR B 778 20.90 18.85 -13.53
N GLN B 779 20.91 17.99 -14.54
CA GLN B 779 21.19 18.45 -15.88
C GLN B 779 20.13 19.42 -16.37
N GLU B 780 18.87 19.11 -16.14
CA GLU B 780 17.77 19.90 -16.62
C GLU B 780 17.80 21.31 -16.06
N VAL B 781 18.12 21.45 -14.78
CA VAL B 781 18.20 22.78 -14.21
C VAL B 781 19.50 23.48 -14.60
N PHE B 782 20.64 22.81 -14.49
CA PHE B 782 21.91 23.51 -14.66
C PHE B 782 22.40 23.57 -16.09
N ALA B 783 22.16 22.55 -16.92
CA ALA B 783 22.69 22.55 -18.27
C ALA B 783 21.83 23.33 -19.27
N GLN B 784 21.19 24.40 -18.82
CA GLN B 784 20.39 25.22 -19.72
C GLN B 784 21.24 25.91 -20.78
N VAL B 785 22.53 26.09 -20.54
CA VAL B 785 23.38 26.96 -21.34
C VAL B 785 24.32 26.13 -22.19
N LYS B 786 24.42 26.51 -23.46
CA LYS B 786 25.17 25.75 -24.45
C LYS B 786 26.68 25.91 -24.33
N GLN B 787 27.18 26.89 -23.58
CA GLN B 787 28.62 27.17 -23.55
C GLN B 787 29.05 27.59 -22.16
N ILE B 788 30.32 27.34 -21.87
CA ILE B 788 30.93 27.73 -20.60
C ILE B 788 31.51 29.12 -20.78
N TYR B 789 30.70 30.13 -20.51
CA TYR B 789 31.16 31.50 -20.52
C TYR B 789 32.14 31.75 -19.39
N LYS B 790 33.22 32.47 -19.69
CA LYS B 790 34.17 32.94 -18.70
C LYS B 790 34.08 34.46 -18.64
N THR B 791 33.99 35.00 -17.44
CA THR B 791 34.09 36.45 -17.31
C THR B 791 35.49 36.90 -17.71
N PRO B 792 35.63 38.02 -18.41
CA PRO B 792 36.96 38.61 -18.56
C PRO B 792 37.54 39.04 -17.23
N PRO B 793 38.85 39.29 -17.17
CA PRO B 793 39.50 39.49 -15.88
C PRO B 793 39.13 40.78 -15.16
N ILE B 794 39.16 41.90 -15.85
CA ILE B 794 38.92 43.19 -15.20
C ILE B 794 37.44 43.34 -14.88
N LYS B 795 37.14 43.55 -13.60
CA LYS B 795 35.78 43.75 -13.09
C LYS B 795 35.27 45.18 -13.32
N ASP B 796 35.25 45.58 -14.59
CA ASP B 796 34.73 46.88 -14.98
C ASP B 796 33.21 47.00 -14.94
N PHE B 797 32.55 46.51 -13.89
CA PHE B 797 31.10 46.43 -13.81
C PHE B 797 30.49 47.61 -13.08
N GLY B 798 30.99 48.81 -13.35
CA GLY B 798 30.34 50.02 -12.88
C GLY B 798 30.18 50.13 -11.38
N GLY B 799 31.07 49.51 -10.62
CA GLY B 799 30.99 49.53 -9.18
C GLY B 799 30.27 48.37 -8.55
N PHE B 800 29.58 47.55 -9.32
CA PHE B 800 29.06 46.32 -8.76
C PHE B 800 30.23 45.40 -8.47
N ASN B 801 30.20 44.73 -7.32
CA ASN B 801 31.31 43.89 -6.88
C ASN B 801 30.83 42.46 -6.74
N PHE B 802 30.88 41.72 -7.80
CA PHE B 802 30.45 40.32 -7.79
C PHE B 802 31.42 39.40 -7.13
N SER B 803 32.50 39.84 -6.48
CA SER B 803 33.57 38.94 -6.07
C SER B 803 33.13 37.86 -5.09
N GLN B 804 31.99 38.00 -4.45
CA GLN B 804 31.52 36.91 -3.59
C GLN B 804 30.85 35.80 -4.36
N ILE B 805 30.34 36.07 -5.57
CA ILE B 805 29.55 35.09 -6.31
C ILE B 805 30.24 34.58 -7.56
N LEU B 806 31.20 35.29 -8.09
CA LEU B 806 32.08 34.72 -9.09
C LEU B 806 33.01 33.68 -8.47
N PRO B 807 33.56 32.78 -9.27
CA PRO B 807 34.51 31.82 -8.72
C PRO B 807 35.75 32.51 -8.18
N ASP B 808 36.23 32.00 -7.04
CA ASP B 808 37.53 32.39 -6.52
C ASP B 808 38.58 31.45 -7.10
N PRO B 809 39.41 31.89 -8.04
CA PRO B 809 40.33 30.94 -8.70
C PRO B 809 41.36 30.32 -7.77
N SER B 810 41.60 30.92 -6.62
CA SER B 810 42.52 30.35 -5.65
C SER B 810 42.01 29.07 -5.04
N LYS B 811 40.69 28.83 -5.02
CA LYS B 811 40.22 27.62 -4.36
C LYS B 811 40.33 26.43 -5.31
N PRO B 812 40.61 25.21 -4.78
CA PRO B 812 40.89 24.08 -5.69
C PRO B 812 39.68 23.61 -6.47
N SER B 813 38.61 23.25 -5.78
CA SER B 813 37.30 23.26 -6.41
C SER B 813 36.90 24.72 -6.54
N LYS B 814 36.73 25.18 -7.76
CA LYS B 814 36.55 26.60 -8.01
C LYS B 814 35.13 27.09 -7.75
N ARG B 815 34.61 26.79 -6.56
CA ARG B 815 33.39 27.39 -6.09
C ARG B 815 33.58 28.88 -5.94
N SER B 816 32.48 29.61 -5.95
CA SER B 816 32.52 30.96 -5.44
C SER B 816 32.63 30.91 -3.93
N PHE B 817 32.94 32.07 -3.36
CA PHE B 817 32.97 32.22 -1.91
C PHE B 817 31.67 31.79 -1.26
N ILE B 818 30.57 32.30 -1.76
CA ILE B 818 29.27 31.96 -1.20
C ILE B 818 28.94 30.50 -1.42
N GLU B 819 29.30 29.97 -2.58
CA GLU B 819 29.08 28.56 -2.83
C GLU B 819 29.83 27.70 -1.83
N ASP B 820 31.08 28.03 -1.55
CA ASP B 820 31.84 27.25 -0.58
C ASP B 820 31.30 27.41 0.82
N LEU B 821 30.89 28.62 1.16
CA LEU B 821 30.23 28.86 2.44
C LEU B 821 29.02 27.96 2.60
N LEU B 822 28.17 27.90 1.57
CA LEU B 822 27.02 27.00 1.60
C LEU B 822 27.45 25.55 1.79
N PHE B 823 28.44 25.13 1.03
CA PHE B 823 28.93 23.76 1.16
C PHE B 823 29.45 23.45 2.55
N ASN B 824 29.95 24.45 3.26
CA ASN B 824 30.35 24.24 4.65
C ASN B 824 29.17 24.31 5.60
N LYS B 825 28.15 25.10 5.28
CA LYS B 825 27.02 25.20 6.19
C LYS B 825 26.22 23.92 6.22
N VAL B 826 26.07 23.25 5.08
CA VAL B 826 25.44 21.94 5.09
C VAL B 826 26.41 20.93 5.72
N THR B 827 25.84 19.93 6.37
CA THR B 827 26.58 18.82 6.94
C THR B 827 25.77 17.56 6.72
N LEU B 828 26.44 16.41 6.81
CA LEU B 828 25.79 15.12 6.63
C LEU B 828 24.76 14.88 7.73
N PHE B 855 27.87 -0.35 4.39
CA PHE B 855 26.65 -1.08 4.69
C PHE B 855 26.45 -2.20 3.69
N ASN B 856 25.51 -3.10 3.98
CA ASN B 856 25.28 -4.30 3.18
C ASN B 856 24.06 -4.13 2.29
N GLY B 857 24.18 -4.60 1.06
CA GLY B 857 23.05 -4.61 0.15
C GLY B 857 22.64 -3.26 -0.42
N LEU B 858 22.40 -2.30 0.46
CA LEU B 858 22.18 -0.94 -0.01
C LEU B 858 23.49 -0.36 -0.50
N THR B 859 23.38 0.51 -1.50
CA THR B 859 24.53 1.20 -2.04
C THR B 859 24.06 2.54 -2.57
N VAL B 860 24.99 3.49 -2.62
CA VAL B 860 24.74 4.81 -3.19
C VAL B 860 25.62 5.01 -4.40
N LEU B 861 25.02 5.29 -5.51
CA LEU B 861 25.76 5.62 -6.70
C LEU B 861 26.17 7.08 -6.60
N PRO B 862 27.29 7.48 -7.17
CA PRO B 862 27.61 8.89 -7.22
C PRO B 862 26.65 9.64 -8.11
N PRO B 863 26.49 10.94 -7.95
CA PRO B 863 25.85 11.72 -9.01
C PRO B 863 26.69 11.64 -10.26
N LEU B 864 26.05 11.83 -11.40
CA LEU B 864 26.78 11.90 -12.65
C LEU B 864 27.73 13.08 -12.68
N LEU B 865 27.28 14.24 -12.25
CA LEU B 865 28.06 15.46 -12.32
C LEU B 865 28.67 15.76 -10.96
N THR B 866 29.97 15.98 -10.91
CA THR B 866 30.54 16.34 -9.63
C THR B 866 30.16 17.77 -9.32
N ASP B 867 30.20 18.09 -8.04
CA ASP B 867 29.98 19.44 -7.56
C ASP B 867 30.86 20.46 -8.25
N GLU B 868 32.09 20.09 -8.57
CA GLU B 868 32.97 20.99 -9.28
C GLU B 868 32.43 21.37 -10.66
N MET B 869 31.94 20.41 -11.43
CA MET B 869 31.36 20.77 -12.72
C MET B 869 30.06 21.53 -12.58
N ILE B 870 29.23 21.18 -11.59
CA ILE B 870 28.02 21.95 -11.34
C ILE B 870 28.39 23.41 -11.06
N ALA B 871 29.38 23.60 -10.21
CA ALA B 871 29.90 24.93 -9.95
C ALA B 871 30.35 25.61 -11.22
N GLN B 872 31.02 24.87 -12.09
CA GLN B 872 31.43 25.43 -13.37
C GLN B 872 30.25 25.89 -14.20
N TYR B 873 29.18 25.10 -14.25
CA TYR B 873 27.97 25.56 -14.94
C TYR B 873 27.44 26.85 -14.33
N THR B 874 27.29 26.89 -13.02
CA THR B 874 26.77 28.11 -12.40
C THR B 874 27.68 29.30 -12.66
N SER B 875 28.98 29.07 -12.68
CA SER B 875 29.91 30.11 -13.05
C SER B 875 29.64 30.60 -14.47
N ALA B 876 29.38 29.67 -15.38
CA ALA B 876 29.02 30.06 -16.73
C ALA B 876 27.75 30.89 -16.76
N LEU B 877 26.73 30.51 -16.01
CA LEU B 877 25.52 31.31 -15.98
C LEU B 877 25.77 32.69 -15.43
N LEU B 878 26.63 32.81 -14.42
CA LEU B 878 27.02 34.14 -13.97
C LEU B 878 27.69 34.94 -15.06
N ALA B 879 28.68 34.35 -15.71
CA ALA B 879 29.38 35.07 -16.77
C ALA B 879 28.40 35.50 -17.85
N GLY B 880 27.45 34.63 -18.17
CA GLY B 880 26.41 34.97 -19.12
C GLY B 880 25.60 36.15 -18.69
N THR B 881 24.94 36.05 -17.54
CA THR B 881 24.06 37.11 -17.08
C THR B 881 24.78 38.42 -16.88
N ILE B 882 25.99 38.36 -16.33
CA ILE B 882 26.76 39.58 -16.18
C ILE B 882 27.12 40.17 -17.53
N THR B 883 27.65 39.35 -18.43
CA THR B 883 28.19 39.90 -19.65
C THR B 883 27.12 40.32 -20.63
N SER B 884 25.98 39.64 -20.64
CA SER B 884 25.15 39.60 -21.84
C SER B 884 23.65 39.59 -21.54
N GLY B 885 23.25 39.76 -20.29
CA GLY B 885 21.86 39.76 -19.90
C GLY B 885 21.10 38.54 -20.35
N TRP B 886 19.89 38.79 -20.81
CA TRP B 886 19.08 37.68 -21.33
C TRP B 886 19.53 37.14 -22.67
N THR B 887 20.38 37.87 -23.40
CA THR B 887 20.63 37.52 -24.80
C THR B 887 21.19 36.12 -24.95
N PHE B 888 22.11 35.72 -24.08
CA PHE B 888 22.66 34.39 -24.17
C PHE B 888 21.65 33.31 -23.85
N GLY B 889 20.54 33.67 -23.22
CA GLY B 889 19.47 32.71 -23.07
C GLY B 889 18.70 32.54 -24.36
N ALA B 890 18.50 33.62 -25.08
CA ALA B 890 17.75 33.57 -26.33
C ALA B 890 18.59 33.09 -27.49
N GLY B 891 19.90 33.27 -27.45
CA GLY B 891 20.71 32.90 -28.57
C GLY B 891 22.18 32.98 -28.24
N ALA B 892 22.99 33.53 -29.13
CA ALA B 892 24.37 33.80 -28.77
C ALA B 892 24.42 34.78 -27.60
N ALA B 893 25.48 34.69 -26.81
CA ALA B 893 25.74 35.72 -25.84
C ALA B 893 26.22 36.98 -26.55
N LEU B 894 25.48 38.05 -26.40
CA LEU B 894 25.88 39.35 -26.90
C LEU B 894 26.34 40.20 -25.73
N GLN B 895 27.60 40.63 -25.74
CA GLN B 895 28.06 41.44 -24.64
C GLN B 895 27.34 42.77 -24.65
N ILE B 896 27.09 43.30 -23.46
CA ILE B 896 26.60 44.66 -23.29
C ILE B 896 27.13 45.16 -21.96
N PRO B 897 27.49 46.44 -21.81
CA PRO B 897 28.02 46.90 -20.52
C PRO B 897 26.99 46.74 -19.42
N PHE B 898 27.45 46.34 -18.23
CA PHE B 898 26.52 45.91 -17.19
C PHE B 898 25.60 47.03 -16.75
N ALA B 899 26.11 48.26 -16.73
CA ALA B 899 25.27 49.40 -16.43
C ALA B 899 24.09 49.48 -17.37
N MET B 900 24.34 49.30 -18.66
CA MET B 900 23.25 49.29 -19.62
C MET B 900 22.26 48.18 -19.31
N GLN B 901 22.73 47.01 -18.89
CA GLN B 901 21.80 45.94 -18.57
C GLN B 901 20.90 46.29 -17.42
N MET B 902 21.45 46.91 -16.40
CA MET B 902 20.60 47.30 -15.30
C MET B 902 19.62 48.38 -15.72
N ALA B 903 20.08 49.33 -16.54
CA ALA B 903 19.16 50.32 -17.09
C ALA B 903 18.02 49.68 -17.86
N TYR B 904 18.33 48.73 -18.71
CA TYR B 904 17.30 47.97 -19.41
C TYR B 904 16.35 47.28 -18.45
N ARG B 905 16.88 46.67 -17.40
CA ARG B 905 16.01 45.99 -16.45
C ARG B 905 15.14 46.95 -15.67
N PHE B 906 15.66 48.12 -15.35
CA PHE B 906 14.84 49.16 -14.74
C PHE B 906 13.72 49.56 -15.66
N ASN B 907 14.03 49.74 -16.93
CA ASN B 907 13.00 49.99 -17.92
C ASN B 907 11.98 48.88 -17.94
N GLY B 908 12.44 47.65 -17.76
CA GLY B 908 11.52 46.53 -17.66
C GLY B 908 10.48 46.64 -16.56
N ILE B 909 10.86 47.16 -15.40
CA ILE B 909 9.88 47.39 -14.34
C ILE B 909 9.17 48.72 -14.48
N GLY B 910 9.38 49.43 -15.58
CA GLY B 910 8.71 50.70 -15.74
C GLY B 910 9.31 51.84 -14.97
N VAL B 911 10.62 51.84 -14.77
CA VAL B 911 11.36 53.00 -14.29
C VAL B 911 12.20 53.49 -15.44
N THR B 912 12.05 54.77 -15.76
CA THR B 912 12.79 55.34 -16.87
C THR B 912 14.27 55.35 -16.55
N GLN B 913 15.08 54.84 -17.47
CA GLN B 913 16.42 54.42 -17.07
C GLN B 913 17.33 55.58 -16.72
N ASN B 914 16.96 56.81 -17.03
CA ASN B 914 17.70 57.95 -16.48
C ASN B 914 17.75 57.90 -14.96
N VAL B 915 16.69 57.39 -14.33
CA VAL B 915 16.69 57.21 -12.89
C VAL B 915 17.82 56.31 -12.44
N LEU B 916 18.18 55.31 -13.24
CA LEU B 916 19.34 54.52 -12.89
C LEU B 916 20.64 55.28 -13.01
N TYR B 917 20.93 55.84 -14.18
CA TYR B 917 22.25 56.44 -14.40
C TYR B 917 22.51 57.57 -13.44
N GLU B 918 21.50 58.37 -13.17
CA GLU B 918 21.65 59.44 -12.20
C GLU B 918 21.92 58.94 -10.78
N ASN B 919 21.76 57.64 -10.50
CA ASN B 919 21.93 57.09 -9.16
C ASN B 919 22.86 55.89 -9.14
N GLN B 920 23.65 55.69 -10.21
CA GLN B 920 24.41 54.46 -10.41
C GLN B 920 25.32 54.15 -9.22
N LYS B 921 26.09 55.15 -8.78
CA LYS B 921 27.00 54.93 -7.65
C LYS B 921 26.27 54.46 -6.40
N LEU B 922 25.13 55.06 -6.11
CA LEU B 922 24.35 54.64 -4.96
C LEU B 922 23.83 53.23 -5.14
N ILE B 923 23.33 52.93 -6.32
CA ILE B 923 22.74 51.62 -6.56
C ILE B 923 23.80 50.54 -6.38
N ALA B 924 24.98 50.78 -6.92
CA ALA B 924 26.09 49.85 -6.73
C ALA B 924 26.41 49.66 -5.26
N ASN B 925 26.50 50.76 -4.51
CA ASN B 925 26.78 50.64 -3.08
C ASN B 925 25.71 49.85 -2.35
N GLN B 926 24.44 50.10 -2.66
CA GLN B 926 23.37 49.33 -2.05
C GLN B 926 23.45 47.86 -2.40
N PHE B 927 23.67 47.55 -3.67
CA PHE B 927 23.77 46.16 -4.09
C PHE B 927 24.89 45.44 -3.36
N ASN B 928 26.08 46.04 -3.36
CA ASN B 928 27.21 45.44 -2.66
C ASN B 928 26.92 45.25 -1.18
N SER B 929 26.27 46.23 -0.56
CA SER B 929 25.90 46.12 0.84
C SER B 929 24.95 44.95 1.07
N ALA B 930 23.95 44.81 0.20
CA ALA B 930 23.03 43.71 0.33
C ALA B 930 23.73 42.36 0.21
N ILE B 931 24.62 42.22 -0.77
CA ILE B 931 25.42 41.00 -0.91
C ILE B 931 26.20 40.71 0.37
N GLY B 932 26.79 41.76 0.93
CA GLY B 932 27.47 41.61 2.20
C GLY B 932 26.57 41.03 3.26
N LYS B 933 25.36 41.58 3.37
CA LYS B 933 24.41 41.01 4.31
C LYS B 933 24.03 39.58 3.97
N ILE B 934 24.05 39.20 2.70
CA ILE B 934 23.77 37.81 2.35
C ILE B 934 24.79 36.89 3.00
N GLN B 935 26.07 37.13 2.73
CA GLN B 935 27.05 36.21 3.30
C GLN B 935 27.11 36.33 4.82
N ASP B 936 26.93 37.53 5.36
CA ASP B 936 26.82 37.67 6.81
C ASP B 936 25.66 36.89 7.40
N SER B 937 24.56 36.77 6.66
CA SER B 937 23.42 35.98 7.13
C SER B 937 23.68 34.48 7.00
N LEU B 938 23.99 34.02 5.80
CA LEU B 938 24.10 32.59 5.55
C LEU B 938 25.20 31.94 6.37
N SER B 939 26.23 32.71 6.74
CA SER B 939 27.32 32.21 7.57
C SER B 939 26.94 31.94 9.03
N SER B 940 25.73 32.30 9.48
CA SER B 940 25.35 32.10 10.88
C SER B 940 23.95 31.50 11.04
N THR B 941 22.98 32.04 10.33
CA THR B 941 21.60 31.52 10.34
C THR B 941 21.41 30.30 9.44
N ALA B 942 22.33 29.33 9.50
CA ALA B 942 22.40 28.23 8.54
C ALA B 942 21.13 27.37 8.50
N SER B 943 20.27 27.44 9.52
CA SER B 943 18.95 26.83 9.47
C SER B 943 18.10 27.29 8.29
N ALA B 944 18.42 28.40 7.64
CA ALA B 944 17.76 28.76 6.39
C ALA B 944 17.91 27.69 5.31
N LEU B 945 18.95 26.86 5.38
CA LEU B 945 19.13 25.73 4.48
C LEU B 945 18.32 24.50 4.87
N GLY B 946 17.39 24.64 5.81
CA GLY B 946 16.63 23.50 6.31
C GLY B 946 15.94 22.66 5.26
N LYS B 947 15.55 23.26 4.15
CA LYS B 947 14.98 22.47 3.05
C LYS B 947 15.96 21.44 2.52
N LEU B 948 17.18 21.86 2.21
CA LEU B 948 18.19 20.91 1.75
C LEU B 948 18.53 19.91 2.84
N GLN B 949 18.76 20.43 4.04
CA GLN B 949 19.10 19.59 5.17
C GLN B 949 17.97 18.61 5.44
N ASP B 950 16.72 19.06 5.27
CA ASP B 950 15.58 18.18 5.48
C ASP B 950 15.58 17.00 4.53
N VAL B 951 15.76 17.25 3.23
CA VAL B 951 15.75 16.13 2.28
C VAL B 951 16.89 15.18 2.55
N VAL B 952 18.07 15.70 2.88
CA VAL B 952 19.18 14.82 3.23
C VAL B 952 18.83 13.98 4.44
N ASN B 953 18.30 14.62 5.47
CA ASN B 953 17.92 13.90 6.68
C ASN B 953 16.86 12.86 6.41
N GLN B 954 15.82 13.22 5.67
CA GLN B 954 14.76 12.27 5.37
C GLN B 954 15.29 11.06 4.63
N ASN B 955 16.08 11.29 3.59
CA ASN B 955 16.70 10.19 2.84
C ASN B 955 17.49 9.28 3.77
N ALA B 956 18.41 9.85 4.53
CA ALA B 956 19.24 9.04 5.42
C ALA B 956 18.42 8.33 6.47
N GLN B 957 17.47 9.03 7.08
CA GLN B 957 16.67 8.43 8.13
C GLN B 957 15.83 7.28 7.60
N ALA B 958 15.26 7.44 6.42
CA ALA B 958 14.51 6.35 5.82
C ALA B 958 15.39 5.15 5.56
N LEU B 959 16.55 5.38 4.95
CA LEU B 959 17.47 4.28 4.69
C LEU B 959 17.90 3.59 5.98
N ASN B 960 18.22 4.39 7.00
CA ASN B 960 18.56 3.85 8.30
C ASN B 960 17.45 3.00 8.86
N THR B 961 16.21 3.43 8.70
CA THR B 961 15.09 2.61 9.15
C THR B 961 15.07 1.29 8.40
N LEU B 962 15.30 1.33 7.11
CA LEU B 962 15.34 0.10 6.33
C LEU B 962 16.40 -0.86 6.82
N VAL B 963 17.54 -0.35 7.24
CA VAL B 963 18.54 -1.24 7.84
C VAL B 963 18.04 -1.80 9.16
N LYS B 964 17.56 -0.93 10.04
CA LYS B 964 17.08 -1.35 11.36
C LYS B 964 16.02 -2.42 11.28
N GLN B 965 15.14 -2.34 10.28
CA GLN B 965 14.12 -3.36 10.12
C GLN B 965 14.67 -4.76 9.88
N LEU B 966 15.92 -4.90 9.46
CA LEU B 966 16.50 -6.24 9.39
C LEU B 966 16.56 -6.94 10.73
N SER B 967 16.61 -6.20 11.82
CA SER B 967 16.58 -6.84 13.13
C SER B 967 15.19 -7.30 13.54
N SER B 968 14.14 -6.89 12.85
CA SER B 968 12.83 -7.44 13.13
C SER B 968 12.79 -8.92 12.78
N ASN B 969 12.23 -9.71 13.68
CA ASN B 969 11.95 -11.12 13.39
C ASN B 969 10.59 -11.34 12.74
N PHE B 970 9.72 -10.33 12.70
CA PHE B 970 8.40 -10.43 12.06
C PHE B 970 7.58 -11.62 12.52
N GLY B 971 7.79 -12.08 13.75
CA GLY B 971 7.12 -13.28 14.18
C GLY B 971 7.79 -14.55 13.73
N ALA B 972 8.88 -14.46 12.98
CA ALA B 972 9.75 -15.62 12.85
C ALA B 972 10.51 -15.84 14.15
N ILE B 973 11.06 -17.04 14.30
CA ILE B 973 11.71 -17.43 15.54
C ILE B 973 12.92 -16.55 15.84
N SER B 974 13.68 -16.16 14.82
CA SER B 974 14.81 -15.28 15.05
C SER B 974 15.11 -14.44 13.81
N SER B 975 15.70 -13.28 14.03
CA SER B 975 16.14 -12.44 12.95
C SER B 975 17.45 -12.91 12.32
N VAL B 976 18.23 -13.74 13.03
CA VAL B 976 19.47 -14.27 12.50
C VAL B 976 19.14 -15.40 11.53
N LEU B 977 19.16 -15.09 10.23
CA LEU B 977 18.73 -16.03 9.20
C LEU B 977 19.56 -17.30 9.22
N ASN B 978 20.88 -17.14 9.23
CA ASN B 978 21.77 -18.30 9.32
C ASN B 978 21.53 -19.09 10.60
N ASP B 979 21.22 -18.40 11.69
CA ASP B 979 20.91 -19.08 12.94
C ASP B 979 19.65 -19.93 12.82
N ILE B 980 18.56 -19.35 12.34
CA ILE B 980 17.31 -20.08 12.30
C ILE B 980 17.38 -21.24 11.33
N LEU B 981 17.98 -21.04 10.16
CA LEU B 981 18.10 -22.15 9.23
C LEU B 981 19.08 -23.20 9.73
N SER B 982 20.01 -22.83 10.60
CA SER B 982 20.82 -23.83 11.27
C SER B 982 20.04 -24.62 12.31
N ARG B 983 19.24 -23.95 13.12
CA ARG B 983 18.60 -24.64 14.23
C ARG B 983 17.49 -25.60 13.80
N LEU B 984 16.59 -25.16 12.92
CA LEU B 984 15.46 -25.99 12.54
C LEU B 984 15.78 -26.95 11.40
N ASP B 985 14.97 -28.00 11.34
CA ASP B 985 14.92 -28.84 10.15
C ASP B 985 14.35 -28.08 8.95
N PRO B 986 14.75 -28.44 7.73
CA PRO B 986 14.38 -27.67 6.52
C PRO B 986 12.90 -27.41 6.36
N PRO B 987 11.99 -28.34 6.71
CA PRO B 987 10.56 -27.98 6.56
C PRO B 987 10.12 -26.87 7.50
N GLU B 988 10.57 -26.90 8.75
CA GLU B 988 10.27 -25.81 9.67
C GLU B 988 11.00 -24.54 9.27
N ALA B 989 12.26 -24.69 8.88
CA ALA B 989 13.03 -23.55 8.38
C ALA B 989 12.34 -22.90 7.21
N GLU B 990 11.77 -23.69 6.31
CA GLU B 990 11.11 -23.15 5.14
C GLU B 990 10.02 -22.15 5.49
N VAL B 991 9.17 -22.49 6.47
CA VAL B 991 8.12 -21.54 6.86
C VAL B 991 8.69 -20.36 7.63
N GLN B 992 9.70 -20.57 8.47
CA GLN B 992 10.31 -19.42 9.15
C GLN B 992 10.96 -18.47 8.17
N ILE B 993 11.74 -19.00 7.24
CA ILE B 993 12.38 -18.20 6.22
C ILE B 993 11.34 -17.51 5.37
N ASP B 994 10.27 -18.22 4.99
CA ASP B 994 9.18 -17.59 4.25
C ASP B 994 8.62 -16.39 5.00
N ARG B 995 8.43 -16.54 6.30
CA ARG B 995 7.95 -15.42 7.10
C ARG B 995 8.92 -14.25 7.07
N LEU B 996 10.20 -14.53 7.28
CA LEU B 996 11.21 -13.47 7.19
C LEU B 996 11.23 -12.81 5.83
N ILE B 997 11.12 -13.61 4.77
CA ILE B 997 11.11 -13.08 3.43
C ILE B 997 9.97 -12.12 3.25
N THR B 998 8.75 -12.55 3.55
CA THR B 998 7.62 -11.67 3.33
C THR B 998 7.71 -10.42 4.18
N GLY B 999 8.20 -10.55 5.40
CA GLY B 999 8.41 -9.38 6.23
C GLY B 999 9.39 -8.38 5.65
N ARG B 1000 10.59 -8.84 5.36
CA ARG B 1000 11.62 -7.98 4.81
C ARG B 1000 11.20 -7.40 3.48
N LEU B 1001 10.60 -8.20 2.62
CA LEU B 1001 10.14 -7.71 1.33
C LEU B 1001 9.11 -6.62 1.49
N GLN B 1002 8.12 -6.83 2.35
CA GLN B 1002 7.13 -5.79 2.59
C GLN B 1002 7.77 -4.52 3.10
N SER B 1003 8.77 -4.65 3.97
CA SER B 1003 9.50 -3.48 4.43
C SER B 1003 10.19 -2.76 3.29
N LEU B 1004 10.90 -3.50 2.46
CA LEU B 1004 11.59 -2.91 1.33
C LEU B 1004 10.63 -2.26 0.36
N GLN B 1005 9.52 -2.93 0.08
CA GLN B 1005 8.48 -2.36 -0.77
C GLN B 1005 7.95 -1.06 -0.20
N THR B 1006 7.80 -0.97 1.11
CA THR B 1006 7.38 0.28 1.72
C THR B 1006 8.41 1.36 1.49
N TYR B 1007 9.67 1.03 1.72
CA TYR B 1007 10.75 1.98 1.45
C TYR B 1007 10.72 2.46 0.01
N VAL B 1008 10.68 1.55 -0.95
CA VAL B 1008 10.69 1.95 -2.35
C VAL B 1008 9.50 2.83 -2.69
N THR B 1009 8.33 2.52 -2.13
CA THR B 1009 7.17 3.37 -2.36
C THR B 1009 7.41 4.77 -1.83
N GLN B 1010 7.91 4.89 -0.62
CA GLN B 1010 8.18 6.20 -0.06
C GLN B 1010 9.23 6.93 -0.87
N GLN B 1011 10.28 6.22 -1.30
CA GLN B 1011 11.29 6.83 -2.16
C GLN B 1011 10.70 7.36 -3.44
N LEU B 1012 9.84 6.57 -4.08
CA LEU B 1012 9.18 7.05 -5.30
C LEU B 1012 8.41 8.33 -5.06
N ILE B 1013 7.65 8.37 -3.97
CA ILE B 1013 6.83 9.55 -3.70
C ILE B 1013 7.72 10.76 -3.45
N ARG B 1014 8.71 10.60 -2.59
CA ARG B 1014 9.62 11.69 -2.30
C ARG B 1014 10.35 12.14 -3.55
N ALA B 1015 10.81 11.19 -4.36
CA ALA B 1015 11.48 11.54 -5.60
C ALA B 1015 10.58 12.33 -6.54
N ALA B 1016 9.30 11.95 -6.60
CA ALA B 1016 8.37 12.71 -7.40
C ALA B 1016 8.23 14.14 -6.89
N GLU B 1017 8.18 14.30 -5.58
CA GLU B 1017 8.15 15.63 -5.01
C GLU B 1017 9.40 16.43 -5.34
N ILE B 1018 10.56 15.80 -5.23
CA ILE B 1018 11.79 16.47 -5.61
C ILE B 1018 11.80 16.82 -7.09
N ARG B 1019 11.27 15.95 -7.93
CA ARG B 1019 11.16 16.30 -9.34
C ARG B 1019 10.28 17.52 -9.56
N ALA B 1020 9.19 17.62 -8.81
CA ALA B 1020 8.38 18.83 -8.88
C ALA B 1020 9.19 20.05 -8.48
N SER B 1021 9.95 19.92 -7.40
CA SER B 1021 10.85 20.99 -7.01
C SER B 1021 11.86 21.31 -8.10
N ALA B 1022 12.40 20.30 -8.74
CA ALA B 1022 13.35 20.51 -9.81
C ALA B 1022 12.75 21.24 -10.99
N ASN B 1023 11.53 20.87 -11.37
CA ASN B 1023 10.86 21.58 -12.45
C ASN B 1023 10.64 23.03 -12.07
N LEU B 1024 10.26 23.28 -10.82
CA LEU B 1024 10.15 24.65 -10.34
C LEU B 1024 11.49 25.36 -10.46
N ALA B 1025 12.56 24.70 -10.02
CA ALA B 1025 13.88 25.31 -10.08
C ALA B 1025 14.31 25.62 -11.51
N ALA B 1026 14.06 24.69 -12.43
CA ALA B 1026 14.33 24.95 -13.83
C ALA B 1026 13.59 26.17 -14.32
N THR B 1027 12.30 26.24 -14.02
CA THR B 1027 11.52 27.39 -14.43
C THR B 1027 12.07 28.67 -13.83
N LYS B 1028 12.41 28.63 -12.54
CA LYS B 1028 13.03 29.75 -11.86
C LYS B 1028 14.29 30.19 -12.58
N MET B 1029 15.12 29.25 -12.99
CA MET B 1029 16.33 29.64 -13.70
C MET B 1029 16.01 30.26 -15.03
N SER B 1030 15.18 29.60 -15.82
CA SER B 1030 14.87 30.06 -17.16
C SER B 1030 14.18 31.40 -17.19
N GLU B 1031 13.40 31.74 -16.17
CA GLU B 1031 12.79 33.05 -16.09
C GLU B 1031 13.66 34.06 -15.34
N CYS B 1032 13.95 33.80 -14.07
CA CYS B 1032 14.54 34.82 -13.24
C CYS B 1032 16.02 35.04 -13.54
N VAL B 1033 16.74 34.02 -14.01
CA VAL B 1033 18.16 34.19 -14.31
C VAL B 1033 18.31 34.62 -15.75
N LEU B 1034 17.82 33.82 -16.66
CA LEU B 1034 18.00 34.11 -18.07
C LEU B 1034 17.12 35.23 -18.58
N GLY B 1035 16.28 35.83 -17.76
CA GLY B 1035 15.30 36.81 -18.23
C GLY B 1035 14.98 37.80 -17.17
N GLN B 1036 13.78 38.36 -17.23
CA GLN B 1036 13.29 39.20 -16.15
C GLN B 1036 11.79 39.00 -16.07
N SER B 1037 11.34 38.22 -15.11
CA SER B 1037 9.93 37.91 -15.04
C SER B 1037 9.13 39.09 -14.55
N LYS B 1038 8.05 39.38 -15.24
CA LYS B 1038 7.05 40.29 -14.73
C LYS B 1038 6.15 39.62 -13.70
N ARG B 1039 6.32 38.33 -13.43
CA ARG B 1039 5.39 37.60 -12.57
C ARG B 1039 5.62 38.01 -11.12
N VAL B 1040 4.66 38.77 -10.59
CA VAL B 1040 4.75 39.35 -9.27
C VAL B 1040 5.06 38.32 -8.22
N ASP B 1041 6.03 38.62 -7.37
CA ASP B 1041 6.51 37.76 -6.30
C ASP B 1041 7.03 36.40 -6.74
N PHE B 1042 7.20 36.12 -8.03
CA PHE B 1042 7.73 34.83 -8.41
C PHE B 1042 9.21 34.72 -8.14
N CYS B 1043 9.98 35.70 -8.56
CA CYS B 1043 11.41 35.75 -8.31
C CYS B 1043 11.72 36.49 -7.01
N GLY B 1044 11.13 36.01 -5.92
CA GLY B 1044 11.24 36.69 -4.64
C GLY B 1044 10.40 37.94 -4.56
N LYS B 1045 10.40 38.54 -3.37
CA LYS B 1045 9.61 39.73 -3.11
C LYS B 1045 10.14 40.94 -3.85
N GLY B 1046 9.25 41.87 -4.15
CA GLY B 1046 9.59 43.05 -4.91
C GLY B 1046 9.64 42.83 -6.40
N TYR B 1047 9.86 43.92 -7.13
CA TYR B 1047 9.98 43.85 -8.57
C TYR B 1047 11.32 43.23 -8.94
N HIS B 1048 11.28 42.22 -9.78
CA HIS B 1048 12.50 41.48 -10.07
C HIS B 1048 13.38 42.20 -11.08
N LEU B 1049 14.64 42.37 -10.74
CA LEU B 1049 15.66 42.88 -11.66
C LEU B 1049 16.40 41.74 -12.34
N MET B 1050 17.06 40.92 -11.56
CA MET B 1050 17.89 39.84 -12.08
C MET B 1050 18.07 38.84 -10.96
N SER B 1051 18.44 37.63 -11.31
CA SER B 1051 18.76 36.60 -10.33
C SER B 1051 20.09 35.98 -10.66
N PHE B 1052 20.88 35.71 -9.61
CA PHE B 1052 22.13 34.98 -9.74
C PHE B 1052 21.98 33.60 -9.12
N PRO B 1053 22.22 32.50 -9.82
CA PRO B 1053 22.23 31.21 -9.17
C PRO B 1053 23.56 30.92 -8.52
N GLN B 1054 23.51 30.11 -7.46
CA GLN B 1054 24.72 29.58 -6.86
C GLN B 1054 24.49 28.11 -6.59
N SER B 1055 25.50 27.30 -6.88
CA SER B 1055 25.39 25.87 -6.68
C SER B 1055 25.39 25.53 -5.21
N ALA B 1056 24.63 24.51 -4.84
CA ALA B 1056 24.57 24.06 -3.45
C ALA B 1056 24.39 22.55 -3.43
N PRO B 1057 24.71 21.88 -2.31
CA PRO B 1057 24.59 20.43 -2.24
C PRO B 1057 23.20 19.88 -2.58
N HIS B 1058 23.12 19.12 -3.65
CA HIS B 1058 21.88 18.57 -4.16
C HIS B 1058 20.82 19.62 -4.45
N GLY B 1059 21.18 20.89 -4.58
CA GLY B 1059 20.19 21.93 -4.69
C GLY B 1059 20.78 23.16 -5.32
N VAL B 1060 19.98 24.21 -5.35
CA VAL B 1060 20.39 25.49 -5.92
C VAL B 1060 19.94 26.60 -5.00
N VAL B 1061 20.76 27.64 -4.94
CA VAL B 1061 20.41 28.88 -4.28
C VAL B 1061 20.34 29.95 -5.35
N PHE B 1062 19.24 30.67 -5.39
CA PHE B 1062 19.10 31.84 -6.23
C PHE B 1062 19.23 33.08 -5.36
N LEU B 1063 20.15 33.94 -5.70
CA LEU B 1063 20.15 35.31 -5.22
C LEU B 1063 19.29 36.13 -6.15
N HIS B 1064 18.01 36.29 -5.81
CA HIS B 1064 17.18 37.23 -6.53
C HIS B 1064 17.54 38.65 -6.15
N VAL B 1065 17.74 39.50 -7.14
CA VAL B 1065 17.99 40.92 -6.96
C VAL B 1065 16.73 41.64 -7.36
N THR B 1066 16.13 42.39 -6.43
CA THR B 1066 14.82 42.98 -6.66
C THR B 1066 14.79 44.42 -6.22
N TYR B 1067 14.14 45.24 -7.04
CA TYR B 1067 13.86 46.64 -6.73
C TYR B 1067 12.67 46.72 -5.81
N VAL B 1068 12.83 47.35 -4.65
CA VAL B 1068 11.74 47.59 -3.72
C VAL B 1068 11.57 49.10 -3.54
N PRO B 1069 10.42 49.69 -3.87
CA PRO B 1069 10.23 51.12 -3.63
C PRO B 1069 10.17 51.43 -2.14
N ALA B 1070 10.56 52.65 -1.79
CA ALA B 1070 10.64 53.05 -0.39
C ALA B 1070 10.42 54.55 -0.28
N GLN B 1071 10.20 55.00 0.95
CA GLN B 1071 10.05 56.41 1.29
C GLN B 1071 8.97 57.10 0.46
N GLU B 1072 7.79 56.51 0.46
CA GLU B 1072 6.66 57.09 -0.25
C GLU B 1072 6.22 58.40 0.37
N LYS B 1073 5.60 59.24 -0.46
CA LYS B 1073 5.12 60.56 -0.06
C LYS B 1073 3.72 60.79 -0.60
N ASN B 1074 2.85 61.45 0.18
CA ASN B 1074 1.49 61.71 -0.28
C ASN B 1074 1.41 62.79 -1.33
N PHE B 1075 0.48 62.62 -2.27
CA PHE B 1075 0.14 63.68 -3.22
C PHE B 1075 -1.32 63.58 -3.58
N THR B 1076 -1.90 64.72 -3.93
CA THR B 1076 -3.20 64.79 -4.57
C THR B 1076 -3.05 64.46 -6.05
N THR B 1077 -4.07 63.82 -6.63
CA THR B 1077 -4.05 63.45 -8.03
C THR B 1077 -5.41 63.71 -8.64
N ALA B 1078 -5.42 63.74 -9.96
CA ALA B 1078 -6.62 63.85 -10.74
C ALA B 1078 -6.48 62.89 -11.91
N PRO B 1079 -7.51 62.12 -12.27
CA PRO B 1079 -7.35 61.17 -13.37
C PRO B 1079 -7.12 61.83 -14.70
N ALA B 1080 -7.50 63.08 -14.87
CA ALA B 1080 -7.34 63.77 -16.14
C ALA B 1080 -7.19 65.25 -15.85
N ILE B 1081 -6.66 65.99 -16.82
CA ILE B 1081 -6.58 67.43 -16.74
C ILE B 1081 -7.41 68.02 -17.87
N CYS B 1082 -8.34 68.89 -17.51
CA CYS B 1082 -9.10 69.63 -18.50
C CYS B 1082 -8.33 70.87 -18.93
N HIS B 1083 -8.35 71.15 -20.23
CA HIS B 1083 -7.69 72.34 -20.76
C HIS B 1083 -8.35 72.74 -22.06
N ASP B 1084 -8.72 74.02 -22.16
CA ASP B 1084 -9.35 74.59 -23.35
C ASP B 1084 -10.53 73.75 -23.82
N GLY B 1085 -11.26 73.15 -22.88
CA GLY B 1085 -12.36 72.27 -23.16
C GLY B 1085 -11.97 70.87 -23.57
N LYS B 1086 -10.70 70.61 -23.80
CA LYS B 1086 -10.20 69.27 -24.06
C LYS B 1086 -9.86 68.60 -22.75
N ALA B 1087 -9.82 67.28 -22.78
CA ALA B 1087 -9.32 66.48 -21.66
C ALA B 1087 -8.01 65.81 -22.05
N HIS B 1088 -6.95 66.10 -21.31
CA HIS B 1088 -5.66 65.46 -21.48
C HIS B 1088 -5.51 64.31 -20.50
N PHE B 1089 -4.74 63.30 -20.89
CA PHE B 1089 -4.42 62.15 -20.09
C PHE B 1089 -2.92 61.88 -20.14
N PRO B 1090 -2.34 61.25 -19.11
CA PRO B 1090 -0.90 61.00 -19.16
C PRO B 1090 -0.56 59.96 -20.20
N ARG B 1091 0.50 60.19 -20.95
CA ARG B 1091 0.99 59.11 -21.80
C ARG B 1091 1.58 57.98 -20.98
N GLU B 1092 2.24 58.31 -19.88
CA GLU B 1092 2.64 57.33 -18.91
C GLU B 1092 2.64 57.99 -17.54
N GLY B 1093 2.50 57.17 -16.52
CA GLY B 1093 2.46 57.70 -15.18
C GLY B 1093 1.17 58.44 -14.89
N VAL B 1094 1.23 59.36 -13.93
CA VAL B 1094 0.05 59.93 -13.29
C VAL B 1094 0.21 61.43 -13.10
N PHE B 1095 -0.92 62.13 -13.16
CA PHE B 1095 -0.96 63.51 -12.75
C PHE B 1095 -1.00 63.59 -11.24
N VAL B 1096 -0.09 64.36 -10.66
CA VAL B 1096 0.02 64.51 -9.22
C VAL B 1096 0.15 65.99 -8.93
N SER B 1097 -0.09 66.34 -7.68
CA SER B 1097 0.07 67.71 -7.24
C SER B 1097 0.65 67.79 -5.85
N ASN B 1098 1.46 68.81 -5.66
CA ASN B 1098 1.93 69.21 -4.34
C ASN B 1098 1.02 70.29 -3.75
N GLY B 1099 -0.23 70.35 -4.20
CA GLY B 1099 -1.15 71.42 -3.86
C GLY B 1099 -1.01 72.63 -4.75
N THR B 1100 0.18 73.19 -4.82
CA THR B 1100 0.36 74.43 -5.57
C THR B 1100 0.24 74.20 -7.06
N HIS B 1101 0.88 73.16 -7.57
CA HIS B 1101 1.07 72.94 -8.98
C HIS B 1101 0.75 71.50 -9.30
N TRP B 1102 0.62 71.22 -10.58
CA TRP B 1102 0.36 69.89 -11.08
C TRP B 1102 1.54 69.43 -11.91
N PHE B 1103 1.77 68.12 -11.92
CA PHE B 1103 2.88 67.54 -12.64
C PHE B 1103 2.44 66.18 -13.13
N VAL B 1104 3.06 65.72 -14.18
CA VAL B 1104 3.13 64.30 -14.48
C VAL B 1104 4.28 63.73 -13.69
N THR B 1105 4.14 62.47 -13.27
CA THR B 1105 5.30 61.71 -12.87
C THR B 1105 5.08 60.25 -13.22
N GLN B 1106 6.18 59.57 -13.50
CA GLN B 1106 6.12 58.15 -13.75
C GLN B 1106 5.62 57.42 -12.52
N ARG B 1107 4.99 56.28 -12.75
CA ARG B 1107 4.16 55.65 -11.73
C ARG B 1107 4.94 55.13 -10.53
N ASN B 1108 6.23 54.89 -10.67
CA ASN B 1108 7.00 54.17 -9.66
C ASN B 1108 8.16 54.96 -9.07
N PHE B 1109 8.30 56.24 -9.41
CA PHE B 1109 9.38 57.02 -8.84
C PHE B 1109 9.05 58.47 -9.07
N TYR B 1110 8.96 59.24 -8.00
CA TYR B 1110 8.58 60.63 -8.11
C TYR B 1110 9.66 61.40 -8.84
N GLU B 1111 9.34 61.83 -10.06
CA GLU B 1111 10.29 62.57 -10.90
C GLU B 1111 9.47 63.56 -11.70
N PRO B 1112 8.91 64.56 -11.04
CA PRO B 1112 7.86 65.37 -11.65
C PRO B 1112 8.34 66.13 -12.87
N GLN B 1113 7.42 66.32 -13.81
CA GLN B 1113 7.66 67.07 -15.02
C GLN B 1113 6.46 67.97 -15.27
N ILE B 1114 6.70 69.08 -15.96
CA ILE B 1114 5.58 69.90 -16.40
C ILE B 1114 4.73 69.12 -17.40
N ILE B 1115 3.42 69.35 -17.34
CA ILE B 1115 2.49 68.70 -18.24
C ILE B 1115 2.55 69.37 -19.60
N THR B 1116 2.73 68.56 -20.64
CA THR B 1116 2.87 69.06 -22.00
C THR B 1116 2.21 68.08 -22.95
N THR B 1117 1.92 68.56 -24.14
CA THR B 1117 1.51 67.66 -25.21
C THR B 1117 2.55 66.60 -25.52
N ASP B 1118 3.82 66.83 -25.19
CA ASP B 1118 4.82 65.81 -25.41
C ASP B 1118 4.67 64.60 -24.49
N ASN B 1119 4.06 64.74 -23.31
CA ASN B 1119 3.88 63.62 -22.40
C ASN B 1119 2.42 63.33 -22.08
N THR B 1120 1.48 63.88 -22.84
CA THR B 1120 0.07 63.60 -22.66
C THR B 1120 -0.57 63.38 -24.02
N PHE B 1121 -1.76 62.80 -23.99
CA PHE B 1121 -2.62 62.70 -25.15
C PHE B 1121 -4.02 63.11 -24.76
N VAL B 1122 -4.81 63.44 -25.77
CA VAL B 1122 -6.04 64.18 -25.60
C VAL B 1122 -7.18 63.43 -26.25
N SER B 1123 -8.32 63.36 -25.57
CA SER B 1123 -9.46 62.62 -26.07
C SER B 1123 -10.76 62.94 -25.33
N GLY B 1124 -11.80 63.31 -26.06
CA GLY B 1124 -13.08 63.62 -25.46
C GLY B 1124 -13.14 65.01 -24.85
N ASN B 1125 -14.37 65.47 -24.66
CA ASN B 1125 -14.59 66.79 -24.11
C ASN B 1125 -14.34 66.82 -22.62
N CYS B 1126 -14.11 68.02 -22.12
CA CYS B 1126 -13.80 68.26 -20.71
C CYS B 1126 -14.85 67.71 -19.75
N ASP B 1127 -16.11 67.58 -20.17
CA ASP B 1127 -17.19 67.19 -19.26
C ASP B 1127 -17.38 65.69 -19.06
N VAL B 1128 -16.79 64.84 -19.90
CA VAL B 1128 -17.18 63.44 -19.89
C VAL B 1128 -16.69 62.65 -18.68
N VAL B 1129 -15.71 63.13 -17.93
CA VAL B 1129 -14.95 62.32 -16.99
C VAL B 1129 -14.98 62.94 -15.62
N ILE B 1130 -15.23 62.11 -14.61
CA ILE B 1130 -15.26 62.57 -13.23
C ILE B 1130 -13.86 62.88 -12.73
N GLY B 1131 -13.77 63.80 -11.77
CA GLY B 1131 -12.53 64.13 -11.12
C GLY B 1131 -11.54 64.91 -11.95
N ILE B 1132 -11.85 65.24 -13.20
CA ILE B 1132 -10.97 66.07 -13.99
C ILE B 1132 -10.79 67.42 -13.32
N VAL B 1133 -9.63 68.03 -13.54
CA VAL B 1133 -9.27 69.33 -12.97
C VAL B 1133 -8.70 70.24 -14.04
N ASN B 1134 -8.72 71.53 -13.75
CA ASN B 1134 -8.36 72.57 -14.72
C ASN B 1134 -6.93 73.02 -14.49
N ASN B 1135 -6.12 73.00 -15.55
CA ASN B 1135 -4.77 73.53 -15.48
C ASN B 1135 -4.36 74.08 -16.85
N THR B 1136 -3.38 74.96 -16.83
CA THR B 1136 -2.61 75.22 -18.03
C THR B 1136 -1.89 73.94 -18.46
N VAL B 1137 -1.78 73.76 -19.77
CA VAL B 1137 -0.92 72.73 -20.34
C VAL B 1137 -0.06 73.39 -21.41
N TYR B 1138 1.23 73.15 -21.35
CA TYR B 1138 2.18 73.92 -22.14
C TYR B 1138 2.46 73.20 -23.44
N ASP B 1139 2.37 73.92 -24.57
CA ASP B 1139 2.67 73.40 -25.90
C ASP B 1139 4.09 73.78 -26.31
N PRO B 1140 5.07 72.88 -26.27
CA PRO B 1140 6.43 73.27 -26.64
C PRO B 1140 6.61 73.65 -28.08
N LEU B 1141 5.66 73.35 -28.96
CA LEU B 1141 5.71 73.87 -30.31
C LEU B 1141 5.37 75.35 -30.39
N GLN B 1142 4.89 75.95 -29.30
CA GLN B 1142 4.37 77.31 -29.41
C GLN B 1142 5.42 78.41 -29.58
N PRO B 1143 6.58 78.38 -28.91
CA PRO B 1143 7.55 79.46 -29.14
C PRO B 1143 8.01 79.51 -30.59
N GLU B 1144 8.16 80.72 -31.09
CA GLU B 1144 8.54 80.93 -32.49
C GLU B 1144 9.28 82.26 -32.67
N ALA C 27 41.94 -35.55 -26.05
CA ALA C 27 41.75 -34.58 -27.17
C ALA C 27 40.54 -33.72 -26.89
N TYR C 28 40.52 -32.50 -27.44
CA TYR C 28 39.52 -31.50 -27.10
C TYR C 28 39.07 -30.73 -28.34
N THR C 29 37.86 -30.18 -28.22
CA THR C 29 37.23 -29.43 -29.31
C THR C 29 36.28 -28.41 -28.69
N ASN C 30 35.84 -27.47 -29.52
CA ASN C 30 35.06 -26.32 -29.07
C ASN C 30 33.59 -26.56 -29.36
N SER C 31 32.76 -26.42 -28.32
CA SER C 31 31.33 -26.69 -28.49
C SER C 31 30.62 -25.67 -29.37
N PHE C 32 31.18 -24.49 -29.56
CA PHE C 32 30.50 -23.38 -30.23
C PHE C 32 29.09 -23.14 -29.69
N THR C 33 28.13 -22.81 -30.56
CA THR C 33 26.71 -22.72 -30.23
C THR C 33 25.97 -24.01 -30.53
N ARG C 34 26.23 -25.05 -29.74
CA ARG C 34 25.50 -26.31 -29.90
C ARG C 34 25.08 -26.85 -28.55
N GLY C 35 24.13 -27.78 -28.61
CA GLY C 35 23.54 -28.36 -27.43
C GLY C 35 22.26 -27.70 -26.97
N VAL C 36 21.64 -26.88 -27.80
CA VAL C 36 20.29 -26.43 -27.53
C VAL C 36 19.30 -27.53 -27.86
N TYR C 37 18.28 -27.66 -27.03
CA TYR C 37 17.17 -28.56 -27.28
C TYR C 37 15.92 -27.88 -26.75
N TYR C 38 14.78 -28.16 -27.36
CA TYR C 38 13.55 -27.54 -26.93
C TYR C 38 13.24 -27.91 -25.49
N PRO C 39 13.18 -26.97 -24.54
CA PRO C 39 13.17 -27.39 -23.14
C PRO C 39 11.85 -27.96 -22.68
N ASP C 40 10.79 -27.79 -23.46
CA ASP C 40 9.50 -28.35 -23.12
C ASP C 40 8.68 -28.45 -24.39
N LYS C 41 7.59 -29.20 -24.32
CA LYS C 41 6.66 -29.36 -25.44
C LYS C 41 5.88 -28.08 -25.79
N VAL C 42 6.16 -26.94 -25.16
CA VAL C 42 5.45 -25.70 -25.44
C VAL C 42 5.73 -25.27 -26.86
N PHE C 43 4.73 -24.68 -27.49
CA PHE C 43 4.91 -23.91 -28.72
C PHE C 43 4.95 -22.43 -28.36
N ARG C 44 5.89 -21.72 -28.98
CA ARG C 44 5.90 -20.28 -28.99
C ARG C 44 6.23 -19.85 -30.41
N SER C 45 5.92 -18.61 -30.76
CA SER C 45 6.36 -18.11 -32.05
C SER C 45 6.58 -16.62 -32.01
N SER C 46 7.51 -16.17 -32.88
CA SER C 46 7.94 -14.79 -33.00
C SER C 46 8.22 -14.13 -31.65
N VAL C 47 8.81 -14.88 -30.73
CA VAL C 47 8.88 -14.47 -29.34
C VAL C 47 10.17 -14.98 -28.77
N LEU C 48 10.65 -14.30 -27.74
CA LEU C 48 11.87 -14.64 -27.04
C LEU C 48 11.48 -15.19 -25.69
N HIS C 49 12.12 -16.29 -25.29
CA HIS C 49 11.83 -16.93 -24.02
C HIS C 49 13.12 -17.26 -23.33
N SER C 50 13.12 -17.04 -22.02
CA SER C 50 14.26 -17.27 -21.16
C SER C 50 13.96 -18.43 -20.22
N THR C 51 14.92 -19.34 -20.09
CA THR C 51 14.71 -20.55 -19.31
C THR C 51 16.00 -20.96 -18.64
N GLN C 52 15.86 -21.55 -17.45
CA GLN C 52 16.98 -22.11 -16.69
C GLN C 52 16.86 -23.63 -16.66
N ASP C 53 17.92 -24.31 -17.09
CA ASP C 53 17.91 -25.77 -17.14
C ASP C 53 19.35 -26.23 -17.32
N LEU C 54 19.53 -27.56 -17.24
CA LEU C 54 20.79 -28.18 -17.64
C LEU C 54 20.99 -28.02 -19.13
N PHE C 55 22.09 -27.38 -19.52
CA PHE C 55 22.44 -27.16 -20.91
C PHE C 55 23.93 -27.26 -21.07
N LEU C 56 24.37 -27.54 -22.28
CA LEU C 56 25.78 -27.46 -22.58
C LEU C 56 26.21 -26.01 -22.67
N PRO C 57 27.17 -25.54 -21.85
CA PRO C 57 27.64 -24.17 -22.01
C PRO C 57 28.21 -23.93 -23.39
N PHE C 58 27.95 -22.76 -23.95
CA PHE C 58 28.52 -22.43 -25.24
C PHE C 58 30.02 -22.31 -25.15
N PHE C 59 30.70 -22.78 -26.19
CA PHE C 59 32.15 -22.92 -26.21
C PHE C 59 32.69 -23.73 -25.05
N SER C 60 31.89 -24.62 -24.47
CA SER C 60 32.42 -25.55 -23.50
C SER C 60 33.43 -26.47 -24.17
N ASN C 61 34.14 -27.21 -23.34
CA ASN C 61 35.29 -27.98 -23.79
C ASN C 61 34.82 -29.40 -24.09
N VAL C 62 34.51 -29.64 -25.35
CA VAL C 62 34.06 -30.96 -25.79
C VAL C 62 35.24 -31.92 -25.84
N THR C 63 35.08 -33.06 -25.19
CA THR C 63 36.04 -34.15 -25.29
C THR C 63 35.80 -34.92 -26.57
N TRP C 64 36.88 -35.29 -27.25
CA TRP C 64 36.85 -35.93 -28.55
C TRP C 64 37.52 -37.29 -28.50
N PHE C 65 36.96 -38.25 -29.25
CA PHE C 65 37.41 -39.63 -29.28
C PHE C 65 37.34 -40.17 -30.70
N HIS C 66 38.09 -41.23 -30.95
CA HIS C 66 38.32 -41.76 -32.29
C HIS C 66 37.82 -43.19 -32.39
N ALA C 67 37.35 -43.56 -33.58
CA ALA C 67 36.80 -44.88 -33.84
C ALA C 67 37.86 -45.95 -33.67
N ASN C 81 35.90 -47.59 -26.35
CA ASN C 81 34.77 -47.24 -25.52
C ASN C 81 35.19 -47.17 -24.06
N PRO C 82 35.81 -46.07 -23.64
CA PRO C 82 36.00 -45.85 -22.21
C PRO C 82 34.69 -45.48 -21.53
N VAL C 83 34.52 -46.00 -20.32
CA VAL C 83 33.45 -45.55 -19.44
C VAL C 83 33.73 -44.13 -18.97
N LEU C 84 32.69 -43.31 -18.90
CA LEU C 84 32.76 -41.91 -18.54
C LEU C 84 31.76 -41.60 -17.45
N PRO C 85 32.02 -40.62 -16.57
CA PRO C 85 30.96 -40.15 -15.67
C PRO C 85 29.84 -39.50 -16.45
N PHE C 86 28.64 -39.50 -15.85
CA PHE C 86 27.48 -38.87 -16.47
C PHE C 86 27.25 -37.45 -16.00
N ASN C 87 27.76 -37.08 -14.84
CA ASN C 87 27.79 -35.71 -14.32
C ASN C 87 26.43 -34.99 -14.37
N ASP C 88 25.34 -35.72 -14.17
CA ASP C 88 23.99 -35.15 -14.25
C ASP C 88 23.66 -34.53 -15.60
N GLY C 89 24.26 -35.01 -16.68
CA GLY C 89 23.79 -34.69 -18.01
C GLY C 89 24.87 -34.65 -19.06
N VAL C 90 24.56 -35.18 -20.25
CA VAL C 90 25.53 -35.42 -21.30
C VAL C 90 25.03 -34.82 -22.59
N TYR C 91 25.94 -34.21 -23.33
CA TYR C 91 25.79 -33.97 -24.75
C TYR C 91 26.59 -35.04 -25.47
N PHE C 92 26.02 -35.58 -26.52
CA PHE C 92 26.70 -36.58 -27.32
C PHE C 92 26.49 -36.20 -28.77
N ALA C 93 27.52 -36.40 -29.58
CA ALA C 93 27.35 -36.36 -31.02
C ALA C 93 28.36 -37.32 -31.62
N SER C 94 28.00 -37.85 -32.78
CA SER C 94 28.86 -38.78 -33.50
C SER C 94 28.89 -38.43 -34.97
N THR C 95 30.08 -38.47 -35.55
CA THR C 95 30.31 -38.01 -36.91
C THR C 95 30.57 -39.13 -37.89
N GLU C 96 30.63 -40.39 -37.43
CA GLU C 96 30.98 -41.49 -38.31
C GLU C 96 29.83 -41.82 -39.25
N LYS C 97 30.02 -41.54 -40.54
CA LYS C 97 29.02 -41.87 -41.55
C LYS C 97 28.75 -43.36 -41.67
N SER C 98 29.64 -44.22 -41.16
CA SER C 98 29.36 -45.65 -41.05
C SER C 98 28.24 -45.99 -40.09
N ASN C 99 27.83 -45.05 -39.23
CA ASN C 99 26.79 -45.29 -38.23
C ASN C 99 27.13 -46.46 -37.31
N ILE C 100 28.43 -46.71 -37.10
CA ILE C 100 28.85 -47.79 -36.22
C ILE C 100 28.46 -47.52 -34.79
N ILE C 101 28.31 -46.25 -34.42
CA ILE C 101 27.90 -45.89 -33.06
C ILE C 101 26.44 -46.26 -32.91
N ARG C 102 26.17 -47.34 -32.19
CA ARG C 102 24.84 -47.91 -32.10
C ARG C 102 24.47 -48.41 -30.71
N GLY C 103 25.38 -48.40 -29.74
CA GLY C 103 25.06 -48.85 -28.38
C GLY C 103 25.40 -47.82 -27.32
N TRP C 104 24.55 -47.76 -26.30
CA TRP C 104 24.75 -46.98 -25.09
C TRP C 104 24.38 -47.78 -23.85
N ILE C 105 25.16 -47.61 -22.79
CA ILE C 105 24.88 -48.22 -21.50
C ILE C 105 25.02 -47.16 -20.42
N PHE C 106 24.10 -47.17 -19.46
CA PHE C 106 24.03 -46.20 -18.38
C PHE C 106 23.73 -46.93 -17.09
N GLY C 107 24.14 -46.35 -15.97
CA GLY C 107 23.72 -46.88 -14.70
C GLY C 107 24.52 -46.30 -13.54
N THR C 108 24.24 -46.83 -12.36
CA THR C 108 25.08 -46.69 -11.19
C THR C 108 25.76 -48.03 -10.93
N THR C 109 27.08 -48.00 -10.77
CA THR C 109 27.91 -49.21 -10.73
C THR C 109 27.81 -50.06 -12.00
N LEU C 110 27.40 -49.46 -13.12
CA LEU C 110 27.35 -50.10 -14.45
C LEU C 110 26.81 -51.53 -14.49
N GLN C 115 19.94 -51.34 -11.39
CA GLN C 115 20.17 -52.00 -12.68
C GLN C 115 20.70 -51.07 -13.74
N SER C 116 21.33 -51.64 -14.76
CA SER C 116 21.72 -50.85 -15.91
C SER C 116 20.52 -50.50 -16.77
N LEU C 117 20.70 -49.44 -17.57
CA LEU C 117 19.85 -49.13 -18.70
C LEU C 117 20.64 -49.37 -19.98
N LEU C 118 20.06 -50.13 -20.90
CA LEU C 118 20.63 -50.38 -22.22
C LEU C 118 19.79 -49.73 -23.29
N ILE C 119 20.47 -49.15 -24.27
CA ILE C 119 19.87 -48.60 -25.47
C ILE C 119 20.69 -49.12 -26.64
N VAL C 120 20.02 -49.58 -27.69
CA VAL C 120 20.69 -50.12 -28.88
C VAL C 120 19.94 -49.64 -30.10
N ASN C 121 20.68 -49.15 -31.08
CA ASN C 121 20.18 -48.95 -32.43
C ASN C 121 20.23 -50.32 -33.13
N ASN C 122 19.19 -51.10 -32.90
CA ASN C 122 19.06 -52.39 -33.55
C ASN C 122 18.95 -52.23 -35.06
N ALA C 123 18.99 -53.38 -35.74
CA ALA C 123 18.84 -53.44 -37.20
C ALA C 123 17.53 -52.81 -37.65
N THR C 124 17.63 -51.64 -38.27
CA THR C 124 16.48 -50.84 -38.67
C THR C 124 15.53 -50.56 -37.50
N ASN C 125 16.05 -50.51 -36.27
CA ASN C 125 15.20 -50.39 -35.11
C ASN C 125 15.98 -49.73 -33.97
N VAL C 126 15.23 -49.32 -32.95
CA VAL C 126 15.75 -48.93 -31.65
C VAL C 126 15.12 -49.83 -30.59
N VAL C 127 15.90 -50.11 -29.56
CA VAL C 127 15.52 -51.01 -28.48
C VAL C 127 15.98 -50.37 -27.19
N ILE C 128 15.21 -50.54 -26.12
CA ILE C 128 15.63 -50.10 -24.80
C ILE C 128 15.13 -51.10 -23.77
N LYS C 129 15.88 -51.23 -22.68
CA LYS C 129 15.43 -52.01 -21.55
C LYS C 129 16.24 -51.62 -20.31
N VAL C 130 15.66 -51.88 -19.14
CA VAL C 130 16.36 -51.80 -17.87
C VAL C 130 16.71 -53.22 -17.47
N CYS C 131 17.98 -53.47 -17.15
CA CYS C 131 18.40 -54.84 -16.92
C CYS C 131 19.65 -54.89 -16.06
N GLU C 132 19.80 -56.02 -15.37
CA GLU C 132 20.90 -56.29 -14.44
C GLU C 132 22.25 -56.65 -15.04
N PHE C 133 22.54 -56.20 -16.27
CA PHE C 133 23.69 -56.67 -17.03
C PHE C 133 25.03 -56.60 -16.29
N GLN C 134 25.73 -57.74 -16.32
CA GLN C 134 27.13 -57.81 -15.97
C GLN C 134 27.97 -57.00 -16.97
N PHE C 135 29.24 -56.86 -16.65
CA PHE C 135 30.16 -56.05 -17.44
C PHE C 135 30.47 -56.62 -18.82
N CYS C 136 29.66 -56.25 -19.82
CA CYS C 136 30.01 -56.46 -21.22
C CYS C 136 31.09 -55.45 -21.57
N ASN C 137 32.35 -55.89 -21.50
CA ASN C 137 33.49 -54.99 -21.61
C ASN C 137 33.71 -54.49 -23.03
N ASP C 138 33.21 -55.19 -24.05
CA ASP C 138 33.40 -54.74 -25.42
C ASP C 138 32.36 -55.31 -26.39
N PRO C 139 31.07 -55.09 -26.14
CA PRO C 139 30.04 -55.47 -27.11
C PRO C 139 30.31 -54.80 -28.45
N PHE C 140 30.16 -55.57 -29.53
CA PHE C 140 30.66 -55.16 -30.83
C PHE C 140 29.79 -55.85 -31.90
N LEU C 141 30.17 -55.71 -33.18
CA LEU C 141 29.48 -56.32 -34.31
C LEU C 141 29.38 -57.83 -34.17
N GLY C 142 28.41 -58.39 -34.88
CA GLY C 142 28.27 -59.83 -35.01
C GLY C 142 27.30 -60.19 -36.11
N ARG C 158 24.95 -60.37 -33.69
CA ARG C 158 25.49 -59.44 -32.72
C ARG C 158 26.45 -60.13 -31.77
N VAL C 159 27.36 -59.35 -31.19
CA VAL C 159 28.32 -59.85 -30.22
C VAL C 159 28.28 -58.92 -29.01
N TYR C 160 27.07 -58.57 -28.59
CA TYR C 160 26.83 -57.74 -27.41
C TYR C 160 25.98 -58.51 -26.41
N SER C 161 26.54 -58.77 -25.23
CA SER C 161 25.74 -59.42 -24.21
C SER C 161 26.43 -59.34 -22.87
N SER C 162 25.65 -59.59 -21.82
CA SER C 162 26.15 -60.05 -20.54
C SER C 162 24.96 -60.67 -19.80
N ALA C 163 25.26 -61.41 -18.73
CA ALA C 163 24.22 -62.07 -17.97
C ALA C 163 23.35 -61.07 -17.22
N ASN C 164 22.02 -61.23 -17.31
CA ASN C 164 21.12 -60.31 -16.61
C ASN C 164 19.68 -60.80 -16.65
N ASN C 165 18.86 -60.17 -15.80
CA ASN C 165 17.40 -60.26 -15.81
C ASN C 165 16.79 -58.86 -15.71
N CYS C 166 15.67 -58.63 -16.42
CA CYS C 166 15.33 -57.31 -16.95
C CYS C 166 13.90 -56.88 -16.65
N THR C 167 13.67 -55.58 -16.85
CA THR C 167 12.36 -54.94 -16.75
C THR C 167 12.29 -53.77 -17.73
N PHE C 168 11.06 -53.33 -17.99
CA PHE C 168 10.76 -52.18 -18.85
C PHE C 168 11.47 -52.29 -20.20
N GLU C 169 11.31 -53.44 -20.83
CA GLU C 169 11.70 -53.58 -22.23
C GLU C 169 10.83 -52.68 -23.10
N TYR C 170 11.43 -52.18 -24.17
CA TYR C 170 10.73 -51.32 -25.12
C TYR C 170 11.39 -51.51 -26.48
N VAL C 171 10.60 -51.34 -27.53
CA VAL C 171 11.09 -51.40 -28.91
C VAL C 171 10.40 -50.27 -29.68
N SER C 172 11.11 -49.74 -30.66
CA SER C 172 10.55 -48.70 -31.52
C SER C 172 11.26 -48.72 -32.87
N GLN C 173 10.89 -47.78 -33.72
CA GLN C 173 11.70 -47.39 -34.86
C GLN C 173 13.03 -46.81 -34.39
N PRO C 174 14.06 -46.80 -35.26
CA PRO C 174 15.38 -46.36 -34.82
C PRO C 174 15.45 -44.88 -34.46
N LYS C 187 30.52 -38.39 -42.39
CA LYS C 187 29.95 -37.48 -43.36
C LYS C 187 28.54 -37.01 -42.98
N ASN C 188 27.95 -37.62 -41.94
CA ASN C 188 26.69 -37.18 -41.36
C ASN C 188 26.86 -37.09 -39.86
N LEU C 189 26.31 -36.05 -39.26
CA LEU C 189 26.43 -35.81 -37.83
C LEU C 189 25.09 -36.07 -37.17
N ARG C 190 25.08 -37.02 -36.24
CA ARG C 190 23.95 -37.27 -35.36
C ARG C 190 24.29 -36.67 -34.02
N GLU C 191 23.36 -35.90 -33.46
CA GLU C 191 23.54 -35.24 -32.18
C GLU C 191 22.47 -35.72 -31.20
N PHE C 192 22.84 -35.81 -29.93
CA PHE C 192 21.97 -36.31 -28.88
C PHE C 192 22.26 -35.57 -27.60
N VAL C 193 21.25 -35.46 -26.76
CA VAL C 193 21.40 -35.06 -25.37
C VAL C 193 20.63 -36.05 -24.51
N PHE C 194 21.21 -36.41 -23.37
CA PHE C 194 20.59 -37.32 -22.43
C PHE C 194 20.50 -36.65 -21.07
N LYS C 195 19.34 -36.73 -20.44
CA LYS C 195 19.12 -36.16 -19.12
C LYS C 195 18.38 -37.20 -18.30
N ASN C 196 18.74 -37.31 -17.03
CA ASN C 196 17.96 -38.03 -16.04
C ASN C 196 17.54 -37.04 -14.96
N ILE C 197 16.23 -36.89 -14.75
CA ILE C 197 15.74 -36.00 -13.73
C ILE C 197 14.34 -36.43 -13.33
N ASP C 198 14.00 -36.17 -12.05
CA ASP C 198 12.66 -36.41 -11.49
C ASP C 198 12.14 -37.81 -11.74
N GLY C 199 13.03 -38.79 -11.85
CA GLY C 199 12.61 -40.14 -12.16
C GLY C 199 12.33 -40.40 -13.61
N TYR C 200 12.69 -39.49 -14.50
CA TYR C 200 12.55 -39.68 -15.94
C TYR C 200 13.92 -39.57 -16.58
N PHE C 201 14.08 -40.30 -17.66
CA PHE C 201 15.22 -40.18 -18.55
C PHE C 201 14.76 -39.56 -19.85
N LYS C 202 15.32 -38.40 -20.18
CA LYS C 202 14.90 -37.61 -21.34
C LYS C 202 15.96 -37.67 -22.43
N ILE C 203 15.52 -37.87 -23.66
CA ILE C 203 16.42 -38.00 -24.81
C ILE C 203 15.95 -37.01 -25.86
N TYR C 204 16.90 -36.32 -26.47
CA TYR C 204 16.63 -35.35 -27.53
C TYR C 204 17.64 -35.59 -28.63
N SER C 205 17.26 -35.26 -29.87
CA SER C 205 18.17 -35.50 -30.99
C SER C 205 17.85 -34.62 -32.17
N LYS C 206 18.80 -34.55 -33.09
CA LYS C 206 18.58 -34.14 -34.47
C LYS C 206 19.63 -34.81 -35.34
N HIS C 207 19.27 -35.03 -36.60
CA HIS C 207 20.19 -35.53 -37.63
C HIS C 207 20.47 -34.41 -38.61
N THR C 208 21.73 -34.27 -39.02
CA THR C 208 22.15 -33.19 -39.89
C THR C 208 23.30 -33.70 -40.75
N PRO C 209 23.51 -33.14 -41.93
CA PRO C 209 24.75 -33.44 -42.66
C PRO C 209 25.96 -32.87 -41.95
N ILE C 210 27.08 -33.57 -42.10
CA ILE C 210 28.32 -33.11 -41.48
C ILE C 210 28.80 -31.86 -42.18
N ASP C 215 36.21 -31.51 -35.78
CA ASP C 215 35.59 -31.18 -37.05
C ASP C 215 34.11 -30.89 -36.87
N LEU C 216 33.72 -30.37 -35.71
CA LEU C 216 32.34 -29.97 -35.48
C LEU C 216 31.93 -28.87 -36.47
N PRO C 217 30.65 -28.80 -36.83
CA PRO C 217 30.26 -27.97 -37.97
C PRO C 217 30.10 -26.51 -37.64
N GLN C 218 30.14 -26.13 -36.37
CA GLN C 218 29.71 -24.81 -35.94
C GLN C 218 28.25 -24.65 -36.42
N GLY C 219 27.83 -23.44 -36.79
CA GLY C 219 26.45 -23.18 -37.10
C GLY C 219 25.57 -23.28 -35.85
N PHE C 220 24.26 -23.38 -36.10
CA PHE C 220 23.28 -23.47 -35.02
C PHE C 220 22.13 -24.39 -35.40
N SER C 221 21.71 -25.22 -34.46
CA SER C 221 20.45 -25.96 -34.58
C SER C 221 20.06 -26.46 -33.21
N ALA C 222 18.80 -26.89 -33.08
CA ALA C 222 18.25 -27.38 -31.82
C ALA C 222 17.73 -28.81 -31.96
N LEU C 223 17.89 -29.60 -30.91
CA LEU C 223 17.43 -30.98 -30.89
C LEU C 223 15.95 -31.08 -30.53
N GLU C 224 15.22 -31.93 -31.28
CA GLU C 224 13.86 -32.30 -30.90
C GLU C 224 13.86 -33.43 -29.87
N PRO C 225 12.86 -33.52 -29.00
CA PRO C 225 12.75 -34.68 -28.10
C PRO C 225 12.48 -35.97 -28.84
N LEU C 226 12.90 -37.08 -28.21
CA LEU C 226 12.64 -38.43 -28.70
C LEU C 226 11.94 -39.36 -27.72
N VAL C 227 12.26 -39.31 -26.44
CA VAL C 227 11.63 -40.21 -25.47
C VAL C 227 11.79 -39.62 -24.10
N ASP C 228 10.94 -40.08 -23.17
CA ASP C 228 10.85 -39.52 -21.82
C ASP C 228 10.45 -40.65 -20.87
N LEU C 229 11.46 -41.38 -20.40
CA LEU C 229 11.22 -42.74 -19.94
C LEU C 229 11.21 -42.77 -18.42
N PRO C 230 10.13 -43.17 -17.75
CA PRO C 230 10.13 -43.21 -16.27
C PRO C 230 10.93 -44.38 -15.74
N ILE C 231 11.99 -44.09 -14.97
CA ILE C 231 12.89 -45.11 -14.46
C ILE C 231 13.21 -44.67 -13.03
N ILE C 235 21.36 -43.16 -12.10
CA ILE C 235 22.48 -43.28 -13.02
C ILE C 235 23.63 -42.49 -12.40
N THR C 236 24.84 -42.98 -12.61
CA THR C 236 26.05 -42.24 -12.24
C THR C 236 27.18 -42.36 -13.24
N ARG C 237 27.22 -43.39 -14.08
CA ARG C 237 28.25 -43.56 -15.08
C ARG C 237 27.61 -44.13 -16.33
N PHE C 238 28.34 -44.05 -17.44
CA PHE C 238 27.82 -44.53 -18.70
C PHE C 238 28.96 -44.92 -19.62
N GLN C 239 28.60 -45.58 -20.72
CA GLN C 239 29.53 -45.98 -21.75
C GLN C 239 28.74 -46.11 -23.04
N THR C 240 29.45 -46.24 -24.16
CA THR C 240 28.82 -46.20 -25.48
C THR C 240 29.41 -47.29 -26.37
N LEU C 241 28.61 -48.32 -26.63
CA LEU C 241 29.05 -49.38 -27.50
C LEU C 241 29.06 -48.90 -28.94
N LEU C 242 30.13 -49.23 -29.66
CA LEU C 242 30.17 -49.04 -31.10
C LEU C 242 29.32 -50.11 -31.76
N ALA C 264 34.41 -41.09 -35.82
CA ALA C 264 34.79 -40.32 -34.65
C ALA C 264 33.57 -39.69 -34.01
N TYR C 265 33.65 -39.39 -32.72
CA TYR C 265 32.50 -38.94 -31.96
C TYR C 265 32.95 -38.07 -30.79
N TYR C 266 31.99 -37.36 -30.22
CA TYR C 266 32.21 -36.23 -29.34
C TYR C 266 31.35 -36.34 -28.10
N VAL C 267 31.88 -35.93 -26.95
CA VAL C 267 31.14 -35.93 -25.70
C VAL C 267 31.38 -34.61 -24.98
N GLY C 268 30.32 -34.07 -24.38
CA GLY C 268 30.43 -32.92 -23.51
C GLY C 268 29.38 -33.01 -22.43
N TYR C 269 29.59 -32.26 -21.35
CA TYR C 269 28.74 -32.30 -20.17
C TYR C 269 27.94 -31.02 -19.98
N LEU C 270 26.67 -31.19 -19.68
CA LEU C 270 25.79 -30.07 -19.34
C LEU C 270 26.17 -29.46 -18.01
N GLN C 271 25.69 -28.25 -17.78
CA GLN C 271 25.70 -27.61 -16.48
C GLN C 271 24.42 -26.82 -16.33
N PRO C 272 24.00 -26.53 -15.10
CA PRO C 272 22.83 -25.65 -14.91
C PRO C 272 23.11 -24.25 -15.42
N ARG C 273 22.35 -23.84 -16.42
CA ARG C 273 22.56 -22.58 -17.12
C ARG C 273 21.23 -21.92 -17.40
N THR C 274 21.28 -20.61 -17.57
CA THR C 274 20.15 -19.85 -18.06
C THR C 274 20.41 -19.52 -19.53
N PHE C 275 19.41 -19.74 -20.36
CA PHE C 275 19.47 -19.44 -21.77
C PHE C 275 18.32 -18.56 -22.19
N LEU C 276 18.60 -17.68 -23.14
CA LEU C 276 17.59 -16.97 -23.91
C LEU C 276 17.46 -17.65 -25.26
N LEU C 277 16.22 -17.90 -25.66
CA LEU C 277 15.93 -18.62 -26.89
C LEU C 277 15.05 -17.76 -27.78
N LYS C 278 15.35 -17.76 -29.07
CA LYS C 278 14.56 -17.06 -30.09
C LYS C 278 13.78 -18.08 -30.89
N TYR C 279 12.47 -17.89 -30.96
CA TYR C 279 11.56 -18.77 -31.69
C TYR C 279 11.18 -18.12 -33.01
N ASN C 280 11.36 -18.86 -34.10
CA ASN C 280 10.97 -18.38 -35.41
C ASN C 280 9.44 -18.24 -35.49
N GLU C 281 8.97 -17.70 -36.61
CA GLU C 281 7.53 -17.57 -36.83
C GLU C 281 6.82 -18.91 -36.80
N ASN C 282 7.51 -19.99 -37.15
CA ASN C 282 6.98 -21.33 -37.07
C ASN C 282 7.40 -22.02 -35.78
N GLY C 283 7.95 -21.28 -34.83
CA GLY C 283 8.31 -21.85 -33.55
C GLY C 283 9.52 -22.75 -33.56
N THR C 284 10.23 -22.86 -34.68
CA THR C 284 11.55 -23.45 -34.62
C THR C 284 12.48 -22.47 -33.92
N ILE C 285 13.37 -23.00 -33.09
CA ILE C 285 14.38 -22.16 -32.44
C ILE C 285 15.41 -21.71 -33.46
N THR C 286 15.51 -20.40 -33.67
CA THR C 286 16.39 -19.84 -34.68
C THR C 286 17.72 -19.37 -34.12
N ASP C 287 17.78 -18.99 -32.85
CA ASP C 287 19.02 -18.55 -32.24
C ASP C 287 18.87 -18.63 -30.72
N ALA C 288 20.00 -18.56 -30.04
CA ALA C 288 20.01 -18.65 -28.59
C ALA C 288 21.17 -17.83 -28.05
N VAL C 289 21.08 -17.50 -26.77
CA VAL C 289 22.17 -16.86 -26.03
C VAL C 289 22.39 -17.61 -24.72
N ASP C 290 23.63 -18.00 -24.49
CA ASP C 290 24.08 -18.46 -23.18
C ASP C 290 24.25 -17.23 -22.31
N CYS C 291 23.37 -17.07 -21.32
CA CYS C 291 23.36 -15.85 -20.53
C CYS C 291 24.65 -15.65 -19.73
N ALA C 292 25.41 -16.73 -19.48
CA ALA C 292 26.64 -16.66 -18.72
C ALA C 292 27.90 -16.55 -19.56
N LEU C 293 27.80 -16.76 -20.88
CA LEU C 293 28.98 -16.89 -21.73
C LEU C 293 29.86 -15.65 -21.71
N ASP C 294 29.25 -14.47 -21.64
CA ASP C 294 30.00 -13.23 -21.66
C ASP C 294 29.14 -12.14 -21.02
N PRO C 295 29.75 -11.09 -20.46
CA PRO C 295 28.94 -9.96 -19.99
C PRO C 295 28.02 -9.39 -21.04
N LEU C 296 28.42 -9.37 -22.30
CA LEU C 296 27.46 -9.01 -23.33
C LEU C 296 26.33 -10.00 -23.41
N SER C 297 26.63 -11.27 -23.25
CA SER C 297 25.59 -12.28 -23.15
C SER C 297 24.69 -12.04 -21.96
N GLU C 298 25.27 -11.71 -20.80
CA GLU C 298 24.47 -11.32 -19.64
C GLU C 298 23.59 -10.14 -19.96
N THR C 299 24.09 -9.20 -20.75
CA THR C 299 23.35 -8.00 -21.06
C THR C 299 22.12 -8.33 -21.89
N LYS C 300 22.34 -8.98 -23.02
CA LYS C 300 21.26 -9.41 -23.90
C LYS C 300 20.25 -10.26 -23.16
N CYS C 301 20.73 -11.15 -22.30
CA CYS C 301 19.84 -11.96 -21.49
C CYS C 301 19.01 -11.09 -20.55
N THR C 302 19.63 -10.13 -19.89
CA THR C 302 18.92 -9.27 -18.96
C THR C 302 17.88 -8.42 -19.67
N LEU C 303 18.23 -7.88 -20.83
CA LEU C 303 17.26 -7.09 -21.57
C LEU C 303 16.30 -7.93 -22.38
N LYS C 304 16.46 -9.26 -22.40
CA LYS C 304 15.65 -10.14 -23.22
C LYS C 304 15.57 -9.69 -24.67
N SER C 305 16.73 -9.36 -25.25
CA SER C 305 16.78 -8.92 -26.62
C SER C 305 18.09 -9.33 -27.25
N PHE C 306 18.04 -9.65 -28.53
CA PHE C 306 19.24 -9.96 -29.28
C PHE C 306 20.00 -8.73 -29.74
N THR C 307 19.42 -7.54 -29.65
CA THR C 307 20.11 -6.31 -30.01
C THR C 307 19.88 -5.28 -28.92
N VAL C 308 20.92 -4.50 -28.65
CA VAL C 308 20.93 -3.56 -27.54
C VAL C 308 21.42 -2.23 -28.09
N GLU C 309 20.76 -1.15 -27.69
CA GLU C 309 21.19 0.18 -28.10
C GLU C 309 22.45 0.58 -27.33
N LYS C 310 23.13 1.59 -27.83
CA LYS C 310 24.27 2.14 -27.11
C LYS C 310 23.84 2.68 -25.76
N GLY C 311 24.54 2.27 -24.71
CA GLY C 311 24.15 2.68 -23.38
C GLY C 311 24.87 1.88 -22.31
N ILE C 312 24.47 2.18 -21.07
CA ILE C 312 24.92 1.51 -19.86
C ILE C 312 23.76 0.71 -19.31
N TYR C 313 24.02 -0.51 -18.86
CA TYR C 313 22.97 -1.43 -18.43
C TYR C 313 23.50 -2.22 -17.25
N GLN C 314 22.90 -2.01 -16.10
CA GLN C 314 23.23 -2.81 -14.93
C GLN C 314 22.78 -4.25 -15.18
N THR C 315 23.69 -5.20 -15.03
CA THR C 315 23.38 -6.61 -15.27
C THR C 315 23.38 -7.50 -14.04
N SER C 316 24.14 -7.19 -13.00
CA SER C 316 24.18 -8.11 -11.87
C SER C 316 24.71 -7.43 -10.63
N ASN C 317 24.39 -8.02 -9.49
CA ASN C 317 25.24 -7.89 -8.32
C ASN C 317 26.52 -8.68 -8.50
N PHE C 318 27.51 -8.29 -7.73
CA PHE C 318 28.75 -9.03 -7.55
C PHE C 318 29.12 -9.05 -6.08
N ARG C 319 29.56 -10.21 -5.59
CA ARG C 319 30.10 -10.29 -4.23
C ARG C 319 31.34 -11.15 -4.21
N VAL C 320 32.38 -10.64 -3.53
CA VAL C 320 33.50 -11.46 -3.14
C VAL C 320 32.97 -12.55 -2.24
N GLN C 321 33.64 -13.71 -2.27
CA GLN C 321 33.26 -14.88 -1.48
C GLN C 321 34.32 -15.17 -0.41
N PRO C 322 33.93 -15.66 0.78
CA PRO C 322 34.91 -15.82 1.86
C PRO C 322 36.00 -16.84 1.52
N THR C 323 37.24 -16.42 1.69
CA THR C 323 38.37 -17.31 1.41
C THR C 323 38.49 -18.43 2.43
N GLU C 324 37.93 -18.28 3.62
CA GLU C 324 37.99 -19.32 4.64
C GLU C 324 36.89 -19.06 5.65
N SER C 325 36.61 -20.07 6.47
CA SER C 325 35.84 -19.90 7.69
C SER C 325 36.71 -20.14 8.91
N ILE C 326 36.68 -19.21 9.86
CA ILE C 326 37.54 -19.21 11.04
C ILE C 326 36.66 -19.19 12.27
N VAL C 327 37.16 -19.80 13.35
CA VAL C 327 36.50 -19.79 14.64
C VAL C 327 37.53 -19.50 15.70
N ARG C 328 37.17 -18.64 16.65
CA ARG C 328 37.95 -18.39 17.84
C ARG C 328 37.14 -18.74 19.06
N ASN C 532 43.86 -20.30 14.71
CA ASN C 532 42.98 -20.27 13.56
C ASN C 532 42.72 -18.86 13.04
N LEU C 533 43.44 -17.87 13.54
CA LEU C 533 43.16 -16.48 13.17
C LEU C 533 43.54 -16.20 11.72
N VAL C 534 42.85 -15.24 11.11
CA VAL C 534 43.13 -14.80 9.75
C VAL C 534 42.80 -13.31 9.66
N LYS C 535 43.45 -12.62 8.73
CA LYS C 535 43.33 -11.17 8.63
C LYS C 535 43.41 -10.73 7.18
N ASN C 536 42.90 -9.53 6.93
CA ASN C 536 43.02 -8.86 5.63
C ASN C 536 42.44 -9.67 4.47
N LYS C 537 41.50 -10.58 4.72
CA LYS C 537 40.83 -11.27 3.63
C LYS C 537 39.42 -11.61 4.07
N CYS C 538 38.52 -11.69 3.09
CA CYS C 538 37.14 -11.97 3.40
C CYS C 538 37.01 -13.39 3.90
N VAL C 539 36.34 -13.55 5.04
CA VAL C 539 36.13 -14.85 5.65
C VAL C 539 34.76 -14.89 6.31
N ASN C 540 34.22 -16.09 6.43
CA ASN C 540 33.24 -16.34 7.48
C ASN C 540 34.01 -16.42 8.78
N PHE C 541 33.40 -15.95 9.86
CA PHE C 541 34.11 -15.85 11.13
C PHE C 541 33.17 -16.14 12.29
N ASN C 542 33.76 -16.57 13.39
CA ASN C 542 33.04 -16.80 14.62
C ASN C 542 33.99 -16.58 15.79
N PHE C 543 33.47 -16.02 16.88
CA PHE C 543 34.27 -15.64 18.04
C PHE C 543 33.61 -16.14 19.32
N ASN C 544 33.48 -17.47 19.41
CA ASN C 544 32.70 -18.15 20.44
C ASN C 544 31.31 -17.51 20.55
N GLY C 545 30.71 -17.27 19.40
CA GLY C 545 29.57 -16.40 19.23
C GLY C 545 29.88 -15.27 18.28
N LEU C 546 28.85 -14.44 18.06
CA LEU C 546 28.94 -13.25 17.22
C LEU C 546 29.43 -13.57 15.81
N THR C 547 29.00 -14.71 15.27
CA THR C 547 29.46 -15.12 13.95
C THR C 547 29.01 -14.13 12.88
N GLY C 548 29.86 -14.00 11.85
CA GLY C 548 29.55 -13.08 10.77
C GLY C 548 30.44 -13.38 9.59
N THR C 549 30.42 -12.47 8.61
CA THR C 549 31.26 -12.58 7.42
C THR C 549 31.75 -11.22 6.99
N GLY C 550 33.03 -11.13 6.65
CA GLY C 550 33.63 -9.85 6.32
C GLY C 550 35.14 -9.95 6.28
N VAL C 551 35.76 -8.78 6.10
CA VAL C 551 37.21 -8.64 6.10
C VAL C 551 37.64 -8.08 7.44
N LEU C 552 38.62 -8.73 8.07
CA LEU C 552 38.99 -8.46 9.46
C LEU C 552 40.28 -7.67 9.49
N THR C 553 40.31 -6.61 10.30
CA THR C 553 41.41 -5.66 10.33
C THR C 553 41.77 -5.37 11.78
N GLU C 554 43.08 -5.28 12.05
CA GLU C 554 43.55 -4.87 13.37
C GLU C 554 43.08 -3.47 13.67
N SER C 555 42.21 -3.32 14.67
CA SER C 555 41.49 -2.07 14.85
C SER C 555 42.34 -1.00 15.53
N ASN C 556 42.10 0.24 15.15
CA ASN C 556 42.61 1.41 15.86
C ASN C 556 41.72 1.81 17.03
N LYS C 557 40.54 1.21 17.16
CA LYS C 557 39.64 1.52 18.26
C LYS C 557 40.24 1.05 19.59
N LYS C 558 39.53 1.36 20.67
CA LYS C 558 39.86 0.85 21.99
C LYS C 558 38.56 0.61 22.74
N PHE C 559 38.59 -0.37 23.63
CA PHE C 559 37.41 -0.82 24.35
C PHE C 559 37.59 -0.70 25.86
N LEU C 560 36.47 -0.51 26.55
CA LEU C 560 36.41 -0.82 27.96
C LEU C 560 36.71 -2.30 28.17
N PRO C 561 37.37 -2.69 29.27
CA PRO C 561 37.89 -4.06 29.38
C PRO C 561 36.84 -5.15 29.28
N PHE C 562 35.63 -4.90 29.78
CA PHE C 562 34.59 -5.91 29.74
C PHE C 562 33.90 -5.97 28.39
N GLN C 563 34.12 -5.00 27.51
CA GLN C 563 33.43 -4.99 26.23
C GLN C 563 33.93 -6.15 25.39
N GLN C 564 33.01 -6.97 24.91
CA GLN C 564 33.39 -8.13 24.13
C GLN C 564 33.51 -7.81 22.66
N PHE C 565 32.58 -7.04 22.13
CA PHE C 565 32.54 -6.66 20.74
C PHE C 565 31.79 -5.35 20.64
N GLY C 566 31.92 -4.69 19.50
CA GLY C 566 31.28 -3.40 19.30
C GLY C 566 30.38 -3.33 18.08
N ARG C 567 29.50 -2.33 18.10
CA ARG C 567 28.56 -2.05 17.02
C ARG C 567 28.73 -0.60 16.60
N ASP C 568 28.52 -0.34 15.31
CA ASP C 568 28.68 1.01 14.78
C ASP C 568 27.41 1.82 14.90
N ILE C 569 26.36 1.38 14.22
CA ILE C 569 25.06 2.02 14.31
C ILE C 569 24.07 1.02 13.71
N ALA C 570 22.78 1.25 13.94
CA ALA C 570 21.73 0.35 13.51
C ALA C 570 21.98 -1.11 13.92
N ASP C 571 22.64 -1.29 15.07
CA ASP C 571 23.09 -2.59 15.57
C ASP C 571 24.05 -3.33 14.64
N THR C 572 24.60 -2.70 13.60
CA THR C 572 25.58 -3.40 12.78
C THR C 572 26.85 -3.65 13.59
N THR C 573 27.24 -4.91 13.68
CA THR C 573 28.45 -5.28 14.40
C THR C 573 29.67 -4.78 13.65
N ASP C 574 30.74 -4.51 14.40
CA ASP C 574 31.80 -3.66 13.89
C ASP C 574 33.20 -4.07 14.32
N ALA C 575 33.35 -4.55 15.54
CA ALA C 575 34.66 -5.01 15.97
C ALA C 575 34.48 -6.01 17.09
N VAL C 576 35.46 -6.91 17.22
CA VAL C 576 35.39 -8.04 18.14
C VAL C 576 36.75 -8.25 18.77
N ARG C 577 36.76 -8.58 20.06
CA ARG C 577 37.94 -9.12 20.71
C ARG C 577 38.16 -10.56 20.29
N ASP C 578 39.39 -10.91 19.94
CA ASP C 578 39.75 -12.31 19.92
C ASP C 578 39.57 -12.85 21.34
N PRO C 579 38.71 -13.86 21.57
CA PRO C 579 38.53 -14.35 22.94
C PRO C 579 39.78 -14.85 23.61
N GLN C 580 40.80 -15.29 22.87
CA GLN C 580 42.04 -15.74 23.53
C GLN C 580 43.03 -14.60 23.76
N THR C 581 43.35 -13.81 22.73
CA THR C 581 44.38 -12.78 22.87
C THR C 581 43.83 -11.41 23.22
N LEU C 582 42.51 -11.21 23.17
CA LEU C 582 41.87 -9.93 23.44
C LEU C 582 42.26 -8.80 22.49
N GLU C 583 43.04 -9.05 21.45
CA GLU C 583 43.21 -8.03 20.43
C GLU C 583 41.86 -7.77 19.75
N ILE C 584 41.62 -6.51 19.40
CA ILE C 584 40.33 -6.10 18.86
C ILE C 584 40.53 -5.97 17.36
N LEU C 585 39.77 -6.76 16.60
CA LEU C 585 39.78 -6.71 15.15
C LEU C 585 38.54 -5.98 14.68
N ASP C 586 38.74 -4.98 13.83
CA ASP C 586 37.63 -4.32 13.18
C ASP C 586 37.17 -5.12 11.96
N ILE C 587 35.88 -5.00 11.66
CA ILE C 587 35.25 -5.69 10.53
C ILE C 587 34.92 -4.66 9.46
N THR C 588 35.31 -4.94 8.22
CA THR C 588 34.68 -4.34 7.04
C THR C 588 33.82 -5.39 6.34
N PRO C 589 32.61 -5.07 5.87
CA PRO C 589 31.84 -6.06 5.11
C PRO C 589 32.55 -6.49 3.84
N CYS C 590 32.32 -7.75 3.46
CA CYS C 590 32.99 -8.35 2.31
C CYS C 590 32.65 -7.59 1.04
N SER C 591 33.67 -7.29 0.24
CA SER C 591 33.61 -6.34 -0.87
C SER C 591 32.51 -6.72 -1.86
N PHE C 592 31.62 -5.78 -2.12
CA PHE C 592 30.36 -6.05 -2.80
C PHE C 592 29.92 -4.85 -3.60
N GLY C 593 29.25 -5.10 -4.72
CA GLY C 593 28.72 -4.01 -5.50
C GLY C 593 28.10 -4.50 -6.80
N GLY C 594 27.34 -3.58 -7.40
CA GLY C 594 26.75 -3.84 -8.70
C GLY C 594 27.79 -3.85 -9.80
N VAL C 595 27.49 -4.59 -10.87
CA VAL C 595 28.29 -4.61 -12.09
C VAL C 595 27.41 -4.26 -13.27
N SER C 596 27.95 -3.45 -14.17
CA SER C 596 27.22 -2.95 -15.33
C SER C 596 28.14 -3.04 -16.53
N VAL C 597 27.59 -3.42 -17.68
CA VAL C 597 28.29 -3.22 -18.93
C VAL C 597 28.16 -1.78 -19.40
N ILE C 598 29.02 -1.41 -20.31
CA ILE C 598 28.84 -0.28 -21.20
C ILE C 598 29.09 -0.78 -22.61
N THR C 599 28.29 -0.31 -23.57
CA THR C 599 28.41 -0.78 -24.94
C THR C 599 28.00 0.29 -25.94
N PRO C 600 28.63 0.36 -27.12
CA PRO C 600 28.10 1.19 -28.19
C PRO C 600 26.83 0.67 -28.82
N GLY C 601 26.25 -0.40 -28.33
CA GLY C 601 25.05 -0.98 -28.89
C GLY C 601 25.38 -1.99 -29.96
N THR C 602 24.59 -3.07 -29.95
CA THR C 602 24.87 -4.25 -30.74
C THR C 602 24.99 -3.95 -32.22
N ASN C 603 24.15 -3.06 -32.72
CA ASN C 603 24.19 -2.70 -34.12
C ASN C 603 25.52 -2.10 -34.53
N THR C 604 26.12 -1.29 -33.67
CA THR C 604 27.40 -0.69 -33.99
C THR C 604 28.53 -1.70 -33.87
N SER C 605 28.62 -2.39 -32.75
CA SER C 605 29.71 -3.34 -32.56
C SER C 605 29.34 -4.35 -31.50
N ASN C 606 29.98 -5.51 -31.62
CA ASN C 606 29.88 -6.54 -30.61
C ASN C 606 30.84 -6.34 -29.44
N GLN C 607 31.73 -5.36 -29.49
CA GLN C 607 32.67 -5.18 -28.40
C GLN C 607 31.96 -4.56 -27.21
N VAL C 608 32.54 -4.74 -26.02
CA VAL C 608 31.94 -4.26 -24.79
C VAL C 608 33.02 -3.96 -23.77
N ALA C 609 32.68 -3.13 -22.78
CA ALA C 609 33.50 -2.92 -21.60
C ALA C 609 32.58 -2.92 -20.39
N VAL C 610 33.17 -3.08 -19.21
CA VAL C 610 32.43 -3.37 -17.99
C VAL C 610 32.94 -2.53 -16.83
N LEU C 611 31.99 -2.06 -16.02
CA LEU C 611 32.26 -1.25 -14.84
C LEU C 611 31.83 -2.01 -13.60
N TYR C 612 32.75 -2.19 -12.66
CA TYR C 612 32.43 -2.65 -11.33
C TYR C 612 32.34 -1.46 -10.39
N GLN C 613 31.16 -1.23 -9.85
CA GLN C 613 30.90 -0.05 -9.04
C GLN C 613 31.56 -0.17 -7.67
N ASP C 614 32.12 0.95 -7.21
CA ASP C 614 32.55 1.11 -5.82
C ASP C 614 33.55 0.07 -5.33
N VAL C 615 34.40 -0.48 -6.19
CA VAL C 615 35.45 -1.41 -5.77
C VAL C 615 36.80 -0.93 -6.26
N ASN C 616 37.84 -1.30 -5.52
CA ASN C 616 39.19 -1.24 -6.06
C ASN C 616 39.36 -2.30 -7.13
N CYS C 617 40.15 -1.99 -8.14
CA CYS C 617 40.45 -2.97 -9.17
C CYS C 617 41.21 -4.18 -8.64
N THR C 618 41.82 -4.07 -7.46
CA THR C 618 42.41 -5.23 -6.80
C THR C 618 41.41 -6.34 -6.53
N GLU C 619 40.13 -6.04 -6.45
CA GLU C 619 39.10 -7.03 -6.20
C GLU C 619 38.75 -7.90 -7.42
N VAL C 620 39.46 -7.77 -8.53
CA VAL C 620 39.11 -8.48 -9.78
C VAL C 620 37.69 -8.11 -10.14
N ASN C 641 42.93 -3.89 -20.57
CA ASN C 641 43.21 -2.67 -19.82
C ASN C 641 42.35 -2.61 -18.58
N VAL C 642 42.79 -1.83 -17.58
CA VAL C 642 42.02 -1.57 -16.38
C VAL C 642 42.27 -0.12 -15.97
N PHE C 643 41.25 0.50 -15.41
CA PHE C 643 41.30 1.94 -15.15
C PHE C 643 40.39 2.21 -13.96
N GLN C 644 40.98 2.69 -12.87
CA GLN C 644 40.20 3.11 -11.71
C GLN C 644 39.53 4.45 -11.94
N THR C 645 38.33 4.58 -11.41
CA THR C 645 37.57 5.82 -11.48
C THR C 645 36.92 6.07 -10.15
N ARG C 646 36.47 7.31 -9.96
CA ARG C 646 35.66 7.64 -8.80
C ARG C 646 34.36 6.85 -8.74
N ALA C 647 33.91 6.28 -9.85
CA ALA C 647 32.73 5.42 -9.83
C ALA C 647 33.02 4.00 -9.43
N GLY C 648 34.27 3.56 -9.51
CA GLY C 648 34.62 2.18 -9.30
C GLY C 648 35.63 1.76 -10.33
N CYS C 649 35.73 0.46 -10.54
CA CYS C 649 36.73 -0.10 -11.44
C CYS C 649 36.11 -0.39 -12.79
N LEU C 650 36.71 0.18 -13.81
CA LEU C 650 36.29 0.06 -15.20
C LEU C 650 37.28 -0.83 -15.93
N ILE C 651 36.77 -1.78 -16.71
CA ILE C 651 37.60 -2.78 -17.35
C ILE C 651 37.27 -2.79 -18.84
N GLY C 652 38.32 -2.91 -19.65
CA GLY C 652 38.22 -2.95 -21.09
C GLY C 652 38.23 -1.63 -21.80
N ALA C 653 37.63 -0.60 -21.21
CA ALA C 653 37.71 0.72 -21.82
C ALA C 653 39.11 1.30 -21.70
N GLU C 654 39.43 2.22 -22.63
CA GLU C 654 40.72 2.91 -22.65
C GLU C 654 40.54 4.35 -22.19
N HIS C 655 41.32 4.74 -21.19
CA HIS C 655 41.30 6.12 -20.74
C HIS C 655 41.91 7.04 -21.78
N VAL C 656 41.36 8.23 -21.93
CA VAL C 656 41.94 9.25 -22.81
C VAL C 656 41.71 10.62 -22.18
N ASN C 657 42.63 11.53 -22.46
CA ASN C 657 42.66 12.80 -21.74
C ASN C 657 41.76 13.86 -22.34
N ASN C 658 41.88 14.12 -23.64
CA ASN C 658 41.10 15.17 -24.25
C ASN C 658 39.62 14.85 -24.20
N SER C 659 38.84 15.83 -23.77
CA SER C 659 37.45 15.68 -23.39
C SER C 659 36.49 15.67 -24.58
N TYR C 660 35.27 15.23 -24.29
CA TYR C 660 34.17 15.17 -25.26
C TYR C 660 32.87 15.36 -24.52
N GLU C 661 31.81 15.62 -25.28
CA GLU C 661 30.48 15.43 -24.74
C GLU C 661 30.27 13.97 -24.37
N CYS C 662 29.28 13.73 -23.52
CA CYS C 662 28.98 12.37 -23.06
C CYS C 662 28.24 11.59 -24.12
N ASP C 663 28.92 10.60 -24.71
CA ASP C 663 28.23 9.60 -25.49
C ASP C 663 27.43 8.67 -24.58
N ILE C 664 28.06 8.18 -23.52
CA ILE C 664 27.40 7.37 -22.49
C ILE C 664 27.75 7.91 -21.12
N PRO C 665 26.79 8.18 -20.22
CA PRO C 665 27.17 8.57 -18.87
C PRO C 665 27.64 7.36 -18.09
N ILE C 666 28.65 7.59 -17.25
CA ILE C 666 29.14 6.56 -16.33
C ILE C 666 28.97 7.02 -14.90
N GLY C 667 29.55 8.14 -14.56
CA GLY C 667 29.48 8.65 -13.21
C GLY C 667 30.68 9.51 -12.91
N ALA C 668 30.50 10.43 -11.96
CA ALA C 668 31.54 11.33 -11.48
C ALA C 668 32.25 12.03 -12.63
N GLY C 669 31.48 12.44 -13.62
CA GLY C 669 32.04 13.09 -14.77
C GLY C 669 32.77 12.21 -15.74
N ILE C 670 32.88 10.91 -15.46
CA ILE C 670 33.36 9.98 -16.46
C ILE C 670 32.26 9.75 -17.48
N CYS C 671 32.63 9.82 -18.75
CA CYS C 671 31.73 9.38 -19.81
C CYS C 671 32.57 8.57 -20.78
N ALA C 672 31.88 7.76 -21.59
CA ALA C 672 32.52 6.85 -22.50
C ALA C 672 31.87 6.88 -23.86
N SER C 673 32.64 6.44 -24.84
CA SER C 673 32.20 6.47 -26.22
C SER C 673 33.06 5.48 -26.99
N TYR C 674 32.60 5.15 -28.19
CA TYR C 674 33.31 4.29 -29.11
C TYR C 674 33.90 5.16 -30.21
N GLN C 675 35.19 4.98 -30.48
CA GLN C 675 35.90 5.85 -31.40
C GLN C 675 36.97 5.04 -32.10
N THR C 676 37.34 5.50 -33.29
CA THR C 676 38.35 4.83 -34.10
C THR C 676 39.70 4.84 -33.39
N GLN C 690 39.05 0.18 -33.74
CA GLN C 690 38.35 1.12 -32.88
C GLN C 690 38.21 0.53 -31.47
N SER C 691 37.83 1.37 -30.51
CA SER C 691 37.79 0.95 -29.12
C SER C 691 36.83 1.82 -28.33
N ILE C 692 36.43 1.29 -27.18
CA ILE C 692 35.63 2.03 -26.21
C ILE C 692 36.59 2.91 -25.40
N ILE C 693 36.49 4.22 -25.59
CA ILE C 693 37.19 5.19 -24.75
C ILE C 693 36.34 5.55 -23.56
N ALA C 694 37.00 5.93 -22.47
CA ALA C 694 36.39 6.58 -21.32
C ALA C 694 37.18 7.83 -20.96
N TYR C 695 36.48 8.88 -20.56
CA TYR C 695 37.09 10.19 -20.47
C TYR C 695 36.33 11.03 -19.47
N THR C 696 37.00 12.08 -18.99
CA THR C 696 36.33 13.15 -18.28
C THR C 696 35.58 14.02 -19.28
N MET C 697 34.28 14.19 -19.05
CA MET C 697 33.45 14.88 -20.01
C MET C 697 33.82 16.36 -20.09
N SER C 698 33.55 16.95 -21.25
CA SER C 698 33.65 18.39 -21.47
C SER C 698 32.28 19.02 -21.47
N LEU C 699 32.10 20.05 -20.66
CA LEU C 699 30.79 20.65 -20.58
C LEU C 699 30.40 21.41 -21.84
N GLY C 700 31.37 21.84 -22.63
CA GLY C 700 31.09 22.55 -23.85
C GLY C 700 32.31 23.34 -24.26
N ALA C 701 32.15 24.08 -25.35
CA ALA C 701 33.17 25.05 -25.71
C ALA C 701 33.23 26.17 -24.69
N GLU C 702 34.42 26.47 -24.20
CA GLU C 702 34.63 27.67 -23.43
C GLU C 702 34.75 28.84 -24.38
N ASN C 703 34.21 30.00 -24.00
CA ASN C 703 34.61 31.21 -24.69
C ASN C 703 34.63 32.35 -23.69
N SER C 704 35.55 33.28 -23.94
CA SER C 704 35.70 34.50 -23.16
C SER C 704 34.99 35.66 -23.85
N VAL C 705 33.65 35.60 -23.79
CA VAL C 705 32.80 36.61 -24.42
C VAL C 705 33.26 38.00 -24.03
N ALA C 706 33.46 38.84 -25.04
CA ALA C 706 34.34 39.99 -24.98
C ALA C 706 33.72 41.20 -24.29
N TYR C 707 33.37 41.04 -23.02
CA TYR C 707 32.87 42.18 -22.25
C TYR C 707 33.89 43.30 -22.24
N SER C 708 33.41 44.51 -22.46
CA SER C 708 34.18 45.69 -22.13
C SER C 708 33.19 46.82 -21.94
N ASN C 709 33.54 47.77 -21.08
CA ASN C 709 32.47 48.55 -20.51
C ASN C 709 31.89 49.59 -21.46
N ASN C 710 32.39 49.70 -22.69
CA ASN C 710 31.77 50.55 -23.70
C ASN C 710 31.42 49.81 -24.98
N SER C 711 31.49 48.48 -24.99
CA SER C 711 31.28 47.68 -26.19
C SER C 711 29.95 46.95 -26.11
N ILE C 712 29.17 47.02 -27.19
CA ILE C 712 27.92 46.27 -27.30
C ILE C 712 27.87 45.57 -28.65
N ALA C 713 27.31 44.36 -28.64
CA ALA C 713 26.97 43.60 -29.83
C ALA C 713 25.48 43.64 -30.05
N ILE C 714 25.06 43.81 -31.30
CA ILE C 714 23.65 43.89 -31.68
C ILE C 714 23.42 42.96 -32.86
N PRO C 715 22.34 42.16 -32.89
CA PRO C 715 22.12 41.27 -34.03
C PRO C 715 21.73 42.06 -35.27
N THR C 716 22.36 41.76 -36.39
CA THR C 716 21.96 42.35 -37.65
C THR C 716 20.93 41.52 -38.41
N ASN C 717 20.68 40.30 -38.00
CA ASN C 717 19.79 39.42 -38.75
C ASN C 717 19.15 38.44 -37.79
N PHE C 718 18.31 37.57 -38.31
CA PHE C 718 17.68 36.56 -37.47
C PHE C 718 17.44 35.27 -38.24
N THR C 719 17.29 34.20 -37.49
CA THR C 719 16.65 32.98 -37.96
C THR C 719 15.39 32.75 -37.15
N ILE C 720 14.25 32.71 -37.81
CA ILE C 720 13.12 31.99 -37.25
C ILE C 720 13.45 30.52 -37.23
N SER C 721 13.02 29.85 -36.16
CA SER C 721 13.37 28.46 -35.93
C SER C 721 12.18 27.79 -35.30
N VAL C 722 12.08 26.49 -35.51
CA VAL C 722 10.95 25.68 -35.05
C VAL C 722 11.49 24.50 -34.26
N THR C 723 10.90 24.23 -33.11
CA THR C 723 11.34 23.14 -32.25
C THR C 723 10.14 22.39 -31.69
N THR C 724 10.20 21.07 -31.75
CA THR C 724 9.19 20.22 -31.13
C THR C 724 9.44 20.08 -29.64
N GLU C 725 8.46 20.47 -28.84
CA GLU C 725 8.33 20.06 -27.45
C GLU C 725 7.19 19.06 -27.34
N ILE C 726 7.48 17.91 -26.77
CA ILE C 726 6.56 16.78 -26.73
C ILE C 726 6.25 16.49 -25.28
N LEU C 727 4.95 16.38 -24.95
CA LEU C 727 4.50 16.09 -23.60
C LEU C 727 3.51 14.94 -23.62
N PRO C 728 3.62 13.96 -22.73
CA PRO C 728 2.51 13.03 -22.55
C PRO C 728 1.34 13.69 -21.88
N VAL C 729 0.12 13.26 -22.23
CA VAL C 729 -1.08 13.81 -21.63
C VAL C 729 -1.89 12.76 -20.88
N SER C 730 -1.87 11.52 -21.34
CA SER C 730 -2.74 10.48 -20.78
C SER C 730 -2.01 9.15 -20.79
N MET C 731 -2.57 8.19 -20.06
CA MET C 731 -2.20 6.78 -20.19
C MET C 731 -3.48 5.99 -20.25
N THR C 732 -3.36 4.76 -20.74
CA THR C 732 -4.54 3.95 -20.98
C THR C 732 -5.30 3.68 -19.69
N LYS C 733 -6.62 3.73 -19.80
CA LYS C 733 -7.54 3.58 -18.68
C LYS C 733 -7.69 2.11 -18.33
N THR C 734 -6.72 1.59 -17.59
CA THR C 734 -6.82 0.23 -17.10
C THR C 734 -8.00 0.08 -16.15
N SER C 735 -8.62 -1.10 -16.16
CA SER C 735 -9.47 -1.55 -15.08
C SER C 735 -9.34 -3.05 -14.87
N VAL C 736 -9.58 -3.49 -13.64
CA VAL C 736 -9.42 -4.89 -13.25
C VAL C 736 -10.61 -5.31 -12.41
N ASP C 737 -11.22 -6.44 -12.78
CA ASP C 737 -12.17 -7.15 -11.92
C ASP C 737 -11.39 -8.12 -11.05
N CYS C 738 -11.12 -7.72 -9.81
CA CYS C 738 -10.07 -8.38 -9.05
C CYS C 738 -10.42 -9.82 -8.71
N THR C 739 -11.70 -10.12 -8.50
CA THR C 739 -12.07 -11.50 -8.22
C THR C 739 -11.76 -12.41 -9.39
N MET C 740 -12.01 -11.94 -10.61
CA MET C 740 -11.63 -12.71 -11.80
C MET C 740 -10.13 -12.91 -11.87
N TYR C 741 -9.36 -11.89 -11.52
CA TYR C 741 -7.92 -12.02 -11.51
C TYR C 741 -7.44 -13.00 -10.45
N ILE C 742 -7.81 -12.76 -9.21
CA ILE C 742 -7.21 -13.50 -8.11
C ILE C 742 -7.70 -14.93 -8.08
N CYS C 743 -8.99 -15.16 -8.34
CA CYS C 743 -9.60 -16.46 -8.10
C CYS C 743 -10.07 -17.19 -9.33
N GLY C 744 -10.07 -16.55 -10.51
CA GLY C 744 -10.41 -17.25 -11.74
C GLY C 744 -11.75 -17.95 -11.74
N ASP C 745 -12.74 -17.35 -11.08
CA ASP C 745 -14.06 -17.93 -10.90
C ASP C 745 -14.08 -19.22 -10.09
N SER C 746 -13.01 -19.54 -9.35
CA SER C 746 -13.13 -20.62 -8.38
C SER C 746 -14.08 -20.20 -7.26
N THR C 747 -15.10 -21.02 -7.02
CA THR C 747 -16.00 -20.77 -5.91
C THR C 747 -15.29 -20.86 -4.58
N GLU C 748 -14.40 -21.85 -4.42
CA GLU C 748 -13.66 -22.00 -3.18
C GLU C 748 -12.77 -20.81 -2.90
N CYS C 749 -12.03 -20.36 -3.90
CA CYS C 749 -11.16 -19.20 -3.71
C CYS C 749 -11.95 -17.95 -3.37
N SER C 750 -12.98 -17.65 -4.16
CA SER C 750 -13.74 -16.43 -3.92
C SER C 750 -14.44 -16.46 -2.57
N ASN C 751 -14.97 -17.62 -2.18
CA ASN C 751 -15.53 -17.74 -0.85
C ASN C 751 -14.47 -17.51 0.21
N LEU C 752 -13.26 -17.97 -0.04
CA LEU C 752 -12.16 -17.68 0.89
C LEU C 752 -11.73 -16.23 0.82
N LEU C 753 -11.60 -15.67 -0.39
CA LEU C 753 -11.14 -14.30 -0.54
C LEU C 753 -12.00 -13.30 0.19
N LEU C 754 -13.30 -13.58 0.31
CA LEU C 754 -14.21 -12.69 1.01
C LEU C 754 -13.77 -12.35 2.43
N GLN C 755 -12.99 -13.22 3.07
CA GLN C 755 -12.44 -12.89 4.39
C GLN C 755 -11.57 -11.64 4.38
N TYR C 756 -11.07 -11.18 3.23
CA TYR C 756 -10.29 -9.95 3.19
C TYR C 756 -11.14 -8.69 3.09
N GLY C 757 -12.43 -8.81 2.83
CA GLY C 757 -13.27 -7.63 2.83
C GLY C 757 -13.08 -6.70 1.64
N SER C 758 -13.04 -5.41 1.93
CA SER C 758 -13.25 -4.34 0.96
C SER C 758 -12.12 -4.12 -0.02
N PHE C 759 -11.04 -4.92 0.01
CA PHE C 759 -9.87 -4.63 -0.83
C PHE C 759 -10.21 -4.51 -2.30
N CYS C 760 -11.08 -5.36 -2.80
CA CYS C 760 -11.45 -5.26 -4.22
C CYS C 760 -12.11 -3.94 -4.54
N THR C 761 -13.09 -3.53 -3.73
CA THR C 761 -13.75 -2.25 -3.96
C THR C 761 -12.78 -1.09 -3.85
N GLN C 762 -11.87 -1.15 -2.88
CA GLN C 762 -10.85 -0.11 -2.74
C GLN C 762 -9.97 0.00 -3.99
N LEU C 763 -9.36 -1.12 -4.37
CA LEU C 763 -8.49 -1.14 -5.54
C LEU C 763 -9.20 -0.64 -6.78
N ASN C 764 -10.38 -1.18 -7.03
CA ASN C 764 -11.13 -0.79 -8.20
C ASN C 764 -11.53 0.67 -8.15
N ARG C 765 -11.84 1.19 -6.96
CA ARG C 765 -12.11 2.61 -6.81
C ARG C 765 -10.92 3.45 -7.23
N ALA C 766 -9.73 3.09 -6.75
CA ALA C 766 -8.54 3.86 -7.11
C ALA C 766 -8.28 3.85 -8.61
N LEU C 767 -8.36 2.67 -9.23
CA LEU C 767 -8.18 2.61 -10.68
C LEU C 767 -9.22 3.44 -11.41
N THR C 768 -10.47 3.38 -10.95
CA THR C 768 -11.52 4.22 -11.54
C THR C 768 -11.16 5.68 -11.43
N GLY C 769 -10.62 6.08 -10.29
CA GLY C 769 -10.17 7.42 -10.08
C GLY C 769 -9.17 7.89 -11.11
N ILE C 770 -8.08 7.14 -11.27
CA ILE C 770 -7.09 7.58 -12.26
C ILE C 770 -7.64 7.51 -13.67
N ALA C 771 -8.55 6.58 -13.93
CA ALA C 771 -9.15 6.51 -15.26
C ALA C 771 -9.94 7.77 -15.58
N VAL C 772 -10.74 8.23 -14.63
CA VAL C 772 -11.43 9.50 -14.81
C VAL C 772 -10.43 10.64 -14.96
N GLU C 773 -9.35 10.61 -14.18
CA GLU C 773 -8.32 11.63 -14.30
C GLU C 773 -7.76 11.74 -15.71
N GLN C 774 -7.71 10.64 -16.46
CA GLN C 774 -7.21 10.75 -17.83
C GLN C 774 -8.12 11.60 -18.70
N ASP C 775 -9.41 11.36 -18.63
CA ASP C 775 -10.34 12.17 -19.42
C ASP C 775 -10.33 13.61 -18.94
N LYS C 776 -10.25 13.80 -17.63
CA LYS C 776 -10.12 15.15 -17.09
C LYS C 776 -8.92 15.87 -17.69
N ASN C 777 -7.77 15.20 -17.74
CA ASN C 777 -6.59 15.80 -18.36
C ASN C 777 -6.83 16.14 -19.81
N THR C 778 -7.37 15.21 -20.57
CA THR C 778 -7.46 15.43 -22.01
C THR C 778 -8.39 16.57 -22.33
N GLN C 779 -9.55 16.64 -21.69
CA GLN C 779 -10.41 17.80 -21.85
C GLN C 779 -9.74 19.07 -21.35
N GLU C 780 -9.09 19.01 -20.20
CA GLU C 780 -8.46 20.19 -19.63
C GLU C 780 -7.36 20.76 -20.51
N VAL C 781 -6.70 19.93 -21.31
CA VAL C 781 -5.67 20.44 -22.22
C VAL C 781 -6.24 20.84 -23.58
N PHE C 782 -7.10 20.04 -24.20
CA PHE C 782 -7.52 20.37 -25.57
C PHE C 782 -8.76 21.23 -25.64
N ALA C 783 -9.69 21.10 -24.72
CA ALA C 783 -10.96 21.84 -24.84
C ALA C 783 -10.86 23.29 -24.39
N GLN C 784 -9.77 23.99 -24.68
CA GLN C 784 -9.70 25.41 -24.35
C GLN C 784 -10.69 26.23 -25.17
N VAL C 785 -11.03 25.78 -26.35
CA VAL C 785 -11.68 26.62 -27.36
C VAL C 785 -13.14 26.22 -27.47
N LYS C 786 -14.01 27.23 -27.37
CA LYS C 786 -15.44 26.98 -27.30
C LYS C 786 -16.05 26.60 -28.63
N GLN C 787 -15.39 26.87 -29.75
CA GLN C 787 -15.97 26.64 -31.07
C GLN C 787 -14.97 25.93 -31.96
N ILE C 788 -15.50 25.04 -32.80
CA ILE C 788 -14.67 24.21 -33.67
C ILE C 788 -14.43 25.01 -34.94
N TYR C 789 -13.48 25.92 -34.87
CA TYR C 789 -13.20 26.83 -35.99
C TYR C 789 -12.76 26.06 -37.22
N LYS C 790 -13.53 26.18 -38.29
CA LYS C 790 -13.09 25.67 -39.57
C LYS C 790 -12.06 26.61 -40.16
N THR C 791 -11.03 26.05 -40.76
CA THR C 791 -10.09 26.84 -41.54
C THR C 791 -10.81 27.54 -42.68
N PRO C 792 -10.38 28.74 -43.07
CA PRO C 792 -10.82 29.28 -44.36
C PRO C 792 -10.36 28.39 -45.51
N PRO C 793 -11.02 28.46 -46.66
CA PRO C 793 -10.62 27.59 -47.78
C PRO C 793 -9.42 28.07 -48.58
N ILE C 794 -9.20 29.39 -48.65
CA ILE C 794 -8.24 29.91 -49.61
C ILE C 794 -6.79 29.63 -49.21
N LYS C 795 -6.51 29.45 -47.93
CA LYS C 795 -5.16 29.25 -47.42
C LYS C 795 -4.18 30.37 -47.78
N ASP C 796 -4.65 31.58 -48.08
CA ASP C 796 -3.79 32.70 -48.47
C ASP C 796 -3.15 33.39 -47.26
N PHE C 797 -2.09 32.78 -46.73
CA PHE C 797 -1.40 33.29 -45.55
C PHE C 797 -0.06 33.92 -45.86
N GLY C 798 -0.04 34.83 -46.82
CA GLY C 798 1.10 35.70 -47.02
C GLY C 798 2.41 34.99 -47.28
N GLY C 799 2.37 33.81 -47.89
CA GLY C 799 3.55 33.04 -48.19
C GLY C 799 3.89 31.96 -47.19
N PHE C 800 3.28 31.96 -46.02
CA PHE C 800 3.46 30.83 -45.12
C PHE C 800 2.74 29.63 -45.72
N ASN C 801 3.29 28.43 -45.55
CA ASN C 801 2.72 27.21 -46.14
C ASN C 801 2.41 26.23 -45.02
N PHE C 802 1.23 26.34 -44.44
CA PHE C 802 0.78 25.46 -43.38
C PHE C 802 0.26 24.11 -43.87
N SER C 803 0.44 23.77 -45.13
CA SER C 803 -0.14 22.53 -45.66
C SER C 803 0.40 21.30 -44.95
N GLN C 804 1.59 21.37 -44.37
CA GLN C 804 2.10 20.24 -43.62
C GLN C 804 1.41 20.07 -42.28
N ILE C 805 0.77 21.11 -41.77
CA ILE C 805 0.31 21.12 -40.38
C ILE C 805 -1.20 21.24 -40.25
N LEU C 806 -1.89 21.79 -41.22
CA LEU C 806 -3.33 21.78 -41.26
C LEU C 806 -3.91 20.39 -41.53
N PRO C 807 -5.19 20.19 -41.23
CA PRO C 807 -5.84 18.92 -41.57
C PRO C 807 -5.73 18.61 -43.05
N ASP C 808 -5.52 17.35 -43.36
CA ASP C 808 -5.42 16.91 -44.74
C ASP C 808 -6.78 16.93 -45.44
N PRO C 809 -7.00 17.77 -46.47
CA PRO C 809 -8.31 17.79 -47.12
C PRO C 809 -8.65 16.50 -47.82
N SER C 810 -7.64 15.69 -48.17
CA SER C 810 -7.88 14.35 -48.69
C SER C 810 -8.61 13.44 -47.70
N LYS C 811 -8.63 13.80 -46.42
CA LYS C 811 -9.36 13.10 -45.38
C LYS C 811 -9.18 11.58 -45.31
N PRO C 812 -7.97 11.02 -45.41
CA PRO C 812 -7.80 9.63 -44.97
C PRO C 812 -8.10 9.47 -43.49
N SER C 813 -7.97 10.56 -42.74
CA SER C 813 -8.43 10.74 -41.38
C SER C 813 -8.51 12.25 -41.23
N LYS C 814 -9.06 12.70 -40.12
CA LYS C 814 -8.99 14.13 -39.84
C LYS C 814 -7.56 14.66 -39.64
N ARG C 815 -6.56 13.79 -39.47
CA ARG C 815 -5.22 14.20 -39.10
C ARG C 815 -4.59 15.16 -40.11
N SER C 816 -3.70 15.99 -39.58
CA SER C 816 -2.70 16.66 -40.38
C SER C 816 -1.59 15.67 -40.74
N PHE C 817 -0.79 16.06 -41.72
CA PHE C 817 0.30 15.22 -42.21
C PHE C 817 1.28 14.87 -41.11
N ILE C 818 1.72 15.86 -40.35
CA ILE C 818 2.68 15.60 -39.28
C ILE C 818 2.07 14.69 -38.24
N GLU C 819 0.78 14.86 -37.95
CA GLU C 819 0.12 13.94 -37.06
C GLU C 819 0.14 12.52 -37.61
N ASP C 820 -0.03 12.38 -38.93
CA ASP C 820 0.12 11.05 -39.54
C ASP C 820 1.50 10.47 -39.31
N LEU C 821 2.55 11.29 -39.41
CA LEU C 821 3.88 10.81 -39.07
C LEU C 821 3.96 10.37 -37.63
N LEU C 822 3.48 11.19 -36.71
CA LEU C 822 3.57 10.83 -35.30
C LEU C 822 2.83 9.54 -35.01
N PHE C 823 1.62 9.43 -35.53
CA PHE C 823 0.83 8.22 -35.30
C PHE C 823 1.45 6.99 -35.92
N ASN C 824 2.30 7.15 -36.92
CA ASN C 824 3.05 5.99 -37.40
C ASN C 824 4.31 5.73 -36.60
N LYS C 825 4.96 6.77 -36.10
CA LYS C 825 6.27 6.62 -35.49
C LYS C 825 6.24 6.00 -34.10
N VAL C 826 5.07 5.80 -33.50
CA VAL C 826 4.97 5.06 -32.24
C VAL C 826 4.00 3.91 -32.39
N THR C 827 4.26 2.86 -31.62
CA THR C 827 3.49 1.64 -31.66
C THR C 827 3.74 0.89 -30.36
N LEU C 828 2.89 -0.10 -30.08
CA LEU C 828 3.06 -0.93 -28.90
C LEU C 828 4.36 -1.73 -28.98
N LYS C 854 -9.10 -9.61 -24.25
CA LYS C 854 -7.84 -10.15 -24.75
C LYS C 854 -6.91 -10.61 -23.65
N PHE C 855 -7.29 -10.43 -22.39
CA PHE C 855 -6.52 -10.92 -21.27
C PHE C 855 -7.47 -11.20 -20.13
N ASN C 856 -7.05 -12.03 -19.20
CA ASN C 856 -7.92 -12.39 -18.09
C ASN C 856 -7.91 -11.30 -17.04
N GLY C 857 -9.09 -10.95 -16.56
CA GLY C 857 -9.22 -9.98 -15.48
C GLY C 857 -8.91 -8.54 -15.82
N LEU C 858 -7.72 -8.28 -16.32
CA LEU C 858 -7.34 -6.93 -16.70
C LEU C 858 -7.99 -6.52 -18.02
N THR C 859 -8.31 -5.24 -18.11
CA THR C 859 -9.01 -4.67 -19.26
C THR C 859 -8.51 -3.25 -19.46
N VAL C 860 -8.56 -2.80 -20.71
CA VAL C 860 -8.26 -1.43 -21.09
C VAL C 860 -9.54 -0.78 -21.58
N LEU C 861 -9.96 0.27 -20.91
CA LEU C 861 -11.14 0.99 -21.34
C LEU C 861 -10.74 1.96 -22.45
N PRO C 862 -11.65 2.31 -23.35
CA PRO C 862 -11.31 3.33 -24.35
C PRO C 862 -11.21 4.69 -23.68
N PRO C 863 -10.44 5.61 -24.26
CA PRO C 863 -10.55 7.00 -23.82
C PRO C 863 -11.92 7.55 -24.17
N LEU C 864 -12.32 8.60 -23.46
CA LEU C 864 -13.57 9.26 -23.78
C LEU C 864 -13.53 9.90 -25.16
N LEU C 865 -12.56 10.77 -25.38
CA LEU C 865 -12.35 11.34 -26.71
C LEU C 865 -11.56 10.38 -27.56
N THR C 866 -12.07 10.10 -28.76
CA THR C 866 -11.33 9.34 -29.73
C THR C 866 -10.42 10.24 -30.54
N ASP C 867 -9.38 9.61 -31.09
CA ASP C 867 -8.33 10.33 -31.80
C ASP C 867 -8.87 11.26 -32.88
N GLU C 868 -9.91 10.82 -33.60
CA GLU C 868 -10.49 11.66 -34.63
C GLU C 868 -11.03 12.99 -34.10
N MET C 869 -11.64 12.98 -32.91
CA MET C 869 -12.09 14.25 -32.36
C MET C 869 -10.99 15.02 -31.68
N ILE C 870 -9.98 14.36 -31.14
CA ILE C 870 -8.82 15.11 -30.65
C ILE C 870 -8.18 15.85 -31.80
N ALA C 871 -8.06 15.19 -32.95
CA ALA C 871 -7.60 15.85 -34.15
C ALA C 871 -8.51 17.00 -34.54
N GLN C 872 -9.81 16.85 -34.37
CA GLN C 872 -10.70 17.95 -34.67
C GLN C 872 -10.46 19.16 -33.78
N TYR C 873 -10.33 18.94 -32.47
CA TYR C 873 -9.95 20.04 -31.58
C TYR C 873 -8.65 20.69 -31.99
N THR C 874 -7.65 19.88 -32.31
CA THR C 874 -6.37 20.42 -32.72
C THR C 874 -6.52 21.26 -33.97
N SER C 875 -7.30 20.79 -34.93
CA SER C 875 -7.62 21.56 -36.12
C SER C 875 -8.24 22.89 -35.76
N ALA C 876 -9.16 22.89 -34.82
CA ALA C 876 -9.79 24.15 -34.43
C ALA C 876 -8.80 25.11 -33.80
N LEU C 877 -8.04 24.64 -32.82
CA LEU C 877 -7.03 25.49 -32.18
C LEU C 877 -6.07 26.08 -33.19
N LEU C 878 -5.60 25.23 -34.09
CA LEU C 878 -4.70 25.70 -35.12
C LEU C 878 -5.36 26.76 -35.96
N ALA C 879 -6.57 26.50 -36.46
CA ALA C 879 -7.26 27.49 -37.29
C ALA C 879 -7.44 28.82 -36.57
N GLY C 880 -7.69 28.76 -35.26
CA GLY C 880 -7.74 29.95 -34.46
C GLY C 880 -6.46 30.76 -34.52
N THR C 881 -5.35 30.17 -34.12
CA THR C 881 -4.08 30.91 -34.19
C THR C 881 -3.75 31.32 -35.60
N ILE C 882 -4.14 30.52 -36.59
CA ILE C 882 -3.84 30.83 -37.96
C ILE C 882 -4.58 32.05 -38.44
N THR C 883 -5.70 32.40 -37.83
CA THR C 883 -6.61 33.36 -38.43
C THR C 883 -6.92 34.53 -37.54
N SER C 884 -6.66 34.45 -36.25
CA SER C 884 -7.34 35.34 -35.30
C SER C 884 -6.45 35.76 -34.15
N GLY C 885 -5.15 35.63 -34.29
CA GLY C 885 -4.27 35.96 -33.22
C GLY C 885 -4.53 35.16 -31.97
N TRP C 886 -4.30 35.83 -30.86
CA TRP C 886 -4.72 35.34 -29.55
C TRP C 886 -6.20 35.57 -29.28
N THR C 887 -6.90 36.33 -30.11
CA THR C 887 -8.21 36.87 -29.73
C THR C 887 -9.21 35.77 -29.42
N PHE C 888 -9.16 34.66 -30.15
CA PHE C 888 -10.09 33.58 -29.89
C PHE C 888 -9.86 32.93 -28.55
N GLY C 889 -8.71 33.10 -27.94
CA GLY C 889 -8.55 32.67 -26.58
C GLY C 889 -9.21 33.62 -25.62
N ALA C 890 -9.11 34.91 -25.90
CA ALA C 890 -9.69 35.92 -25.02
C ALA C 890 -11.18 36.10 -25.22
N GLY C 891 -11.71 35.73 -26.38
CA GLY C 891 -13.13 35.94 -26.60
C GLY C 891 -13.55 35.40 -27.94
N ALA C 892 -14.56 36.00 -28.57
CA ALA C 892 -14.90 35.61 -29.92
C ALA C 892 -13.73 35.86 -30.85
N ALA C 893 -13.45 34.90 -31.71
CA ALA C 893 -12.34 35.02 -32.64
C ALA C 893 -12.54 36.20 -33.57
N LEU C 894 -11.51 37.03 -33.67
CA LEU C 894 -11.51 38.17 -34.57
C LEU C 894 -10.51 37.87 -35.67
N GLN C 895 -10.98 37.82 -36.91
CA GLN C 895 -10.04 37.57 -37.99
C GLN C 895 -9.09 38.74 -38.14
N ILE C 896 -7.87 38.44 -38.55
CA ILE C 896 -6.88 39.45 -38.86
C ILE C 896 -5.93 38.88 -39.90
N PRO C 897 -5.41 39.65 -40.86
CA PRO C 897 -4.53 39.05 -41.86
C PRO C 897 -3.25 38.58 -41.20
N PHE C 898 -2.77 37.42 -41.63
CA PHE C 898 -1.73 36.73 -40.87
C PHE C 898 -0.43 37.51 -40.79
N ALA C 899 -0.08 38.24 -41.83
CA ALA C 899 1.09 39.10 -41.74
C ALA C 899 0.95 40.17 -40.68
N MET C 900 -0.26 40.63 -40.43
CA MET C 900 -0.44 41.55 -39.33
C MET C 900 -0.29 40.86 -37.99
N GLN C 901 -0.82 39.66 -37.86
CA GLN C 901 -0.62 38.92 -36.61
C GLN C 901 0.84 38.72 -36.31
N MET C 902 1.61 38.36 -37.32
CA MET C 902 3.03 38.17 -37.07
C MET C 902 3.70 39.48 -36.70
N ALA C 903 3.33 40.57 -37.38
CA ALA C 903 3.86 41.87 -37.02
C ALA C 903 3.58 42.24 -35.56
N TYR C 904 2.37 42.01 -35.09
CA TYR C 904 2.08 42.20 -33.66
C TYR C 904 2.99 41.35 -32.79
N ARG C 905 3.20 40.11 -33.20
CA ARG C 905 4.04 39.26 -32.38
C ARG C 905 5.48 39.74 -32.39
N PHE C 906 5.93 40.37 -33.45
CA PHE C 906 7.23 41.00 -33.42
C PHE C 906 7.27 42.13 -32.39
N ASN C 907 6.23 42.97 -32.39
CA ASN C 907 6.10 43.95 -31.33
C ASN C 907 6.09 43.29 -29.96
N GLY C 908 5.51 42.11 -29.86
CA GLY C 908 5.53 41.40 -28.61
C GLY C 908 6.92 41.04 -28.11
N ILE C 909 7.89 40.89 -29.01
CA ILE C 909 9.29 40.71 -28.62
C ILE C 909 10.10 41.99 -28.73
N GLY C 910 9.46 43.13 -28.98
CA GLY C 910 10.24 44.35 -29.05
C GLY C 910 11.07 44.54 -30.29
N VAL C 911 10.68 43.91 -31.39
CA VAL C 911 11.22 44.20 -32.71
C VAL C 911 10.18 45.02 -33.44
N THR C 912 10.58 46.18 -33.96
CA THR C 912 9.61 47.08 -34.56
C THR C 912 9.04 46.44 -35.82
N GLN C 913 7.71 46.48 -35.91
CA GLN C 913 6.97 45.71 -36.90
C GLN C 913 7.42 45.96 -38.33
N ASN C 914 7.96 47.12 -38.64
CA ASN C 914 8.49 47.35 -39.98
C ASN C 914 9.59 46.36 -40.35
N VAL C 915 10.29 45.82 -39.36
CA VAL C 915 11.28 44.79 -39.64
C VAL C 915 10.65 43.58 -40.30
N LEU C 916 9.48 43.16 -39.84
CA LEU C 916 8.81 42.06 -40.51
C LEU C 916 8.43 42.40 -41.93
N TYR C 917 7.76 43.53 -42.12
CA TYR C 917 7.28 43.85 -43.45
C TYR C 917 8.41 44.05 -44.42
N GLU C 918 9.51 44.63 -43.97
CA GLU C 918 10.67 44.72 -44.83
C GLU C 918 11.30 43.37 -45.16
N ASN C 919 10.90 42.28 -44.51
CA ASN C 919 11.54 40.97 -44.68
C ASN C 919 10.54 39.84 -44.87
N GLN C 920 9.30 40.15 -45.22
CA GLN C 920 8.22 39.17 -45.15
C GLN C 920 8.48 37.95 -46.03
N LYS C 921 8.92 38.17 -47.27
CA LYS C 921 9.20 37.04 -48.14
C LYS C 921 10.30 36.14 -47.58
N LEU C 922 11.35 36.75 -47.05
CA LEU C 922 12.42 35.98 -46.43
C LEU C 922 11.90 35.21 -45.22
N ILE C 923 11.11 35.87 -44.38
CA ILE C 923 10.54 35.24 -43.20
C ILE C 923 9.72 34.02 -43.59
N ALA C 924 8.87 34.17 -44.59
CA ALA C 924 8.08 33.06 -45.06
C ALA C 924 8.94 31.90 -45.52
N ASN C 925 9.96 32.21 -46.31
CA ASN C 925 10.86 31.16 -46.77
C ASN C 925 11.55 30.43 -45.62
N GLN C 926 12.01 31.18 -44.63
CA GLN C 926 12.60 30.57 -43.44
C GLN C 926 11.62 29.67 -42.73
N PHE C 927 10.42 30.17 -42.46
CA PHE C 927 9.43 29.38 -41.74
C PHE C 927 9.12 28.10 -42.48
N ASN C 928 8.85 28.20 -43.78
CA ASN C 928 8.54 27.01 -44.56
C ASN C 928 9.68 26.00 -44.52
N SER C 929 10.91 26.49 -44.62
CA SER C 929 12.07 25.60 -44.53
C SER C 929 12.13 24.93 -43.18
N ALA C 930 11.89 25.68 -42.12
CA ALA C 930 11.95 25.11 -40.79
C ALA C 930 10.88 24.07 -40.57
N ILE C 931 9.68 24.29 -41.13
CA ILE C 931 8.65 23.27 -41.08
C ILE C 931 9.12 22.01 -41.78
N GLY C 932 9.72 22.15 -42.96
CA GLY C 932 10.25 20.99 -43.66
C GLY C 932 11.30 20.23 -42.86
N LYS C 933 12.20 20.97 -42.22
CA LYS C 933 13.17 20.35 -41.34
C LYS C 933 12.51 19.62 -40.18
N ILE C 934 11.49 20.21 -39.58
CA ILE C 934 10.77 19.55 -38.50
C ILE C 934 10.14 18.25 -38.98
N GLN C 935 9.56 18.28 -40.16
CA GLN C 935 8.98 17.08 -40.74
C GLN C 935 10.01 15.98 -40.92
N ASP C 936 11.12 16.29 -41.58
CA ASP C 936 12.16 15.28 -41.74
C ASP C 936 12.86 14.91 -40.45
N SER C 937 12.80 15.75 -39.42
CA SER C 937 13.35 15.39 -38.12
C SER C 937 12.45 14.50 -37.31
N LEU C 938 11.13 14.61 -37.51
CA LEU C 938 10.23 13.65 -36.89
C LEU C 938 10.28 12.33 -37.65
N SER C 939 10.27 12.38 -38.97
CA SER C 939 10.50 11.20 -39.77
C SER C 939 11.91 10.67 -39.55
N SER C 940 12.04 9.35 -39.65
CA SER C 940 13.34 8.65 -39.57
C SER C 940 14.15 8.95 -38.31
N THR C 941 13.52 9.41 -37.23
CA THR C 941 14.24 9.85 -36.04
C THR C 941 13.35 9.64 -34.82
N ALA C 942 12.89 8.39 -34.64
CA ALA C 942 11.89 8.05 -33.63
C ALA C 942 12.30 8.40 -32.21
N SER C 943 13.60 8.53 -31.93
CA SER C 943 14.08 8.99 -30.63
C SER C 943 13.52 10.36 -30.22
N ALA C 944 13.06 11.18 -31.15
CA ALA C 944 12.40 12.43 -30.79
C ALA C 944 11.15 12.20 -29.95
N LEU C 945 10.47 11.07 -30.14
CA LEU C 945 9.23 10.77 -29.43
C LEU C 945 9.46 10.01 -28.13
N GLY C 946 10.67 10.09 -27.58
CA GLY C 946 11.07 9.25 -26.47
C GLY C 946 10.11 9.25 -25.30
N LYS C 947 9.64 10.43 -24.89
CA LYS C 947 8.74 10.51 -23.75
C LYS C 947 7.45 9.72 -23.95
N LEU C 948 6.84 9.83 -25.12
CA LEU C 948 5.59 9.10 -25.36
C LEU C 948 5.83 7.61 -25.41
N GLN C 949 6.79 7.20 -26.22
CA GLN C 949 7.04 5.78 -26.36
C GLN C 949 7.46 5.19 -25.03
N ASP C 950 8.21 5.96 -24.24
CA ASP C 950 8.61 5.53 -22.92
C ASP C 950 7.43 5.29 -22.00
N VAL C 951 6.48 6.24 -21.94
CA VAL C 951 5.33 6.01 -21.06
C VAL C 951 4.49 4.84 -21.53
N VAL C 952 4.27 4.72 -22.84
CA VAL C 952 3.48 3.60 -23.35
C VAL C 952 4.17 2.28 -23.03
N ASN C 953 5.47 2.20 -23.30
CA ASN C 953 6.25 1.02 -22.97
C ASN C 953 6.15 0.69 -21.50
N GLN C 954 6.39 1.69 -20.64
CA GLN C 954 6.43 1.45 -19.21
C GLN C 954 5.11 0.93 -18.70
N ASN C 955 4.01 1.53 -19.15
CA ASN C 955 2.70 1.06 -18.77
C ASN C 955 2.46 -0.37 -19.24
N ALA C 956 2.72 -0.63 -20.51
CA ALA C 956 2.52 -1.97 -21.05
C ALA C 956 3.36 -2.99 -20.32
N GLN C 957 4.61 -2.65 -20.03
CA GLN C 957 5.48 -3.55 -19.31
C GLN C 957 4.99 -3.82 -17.89
N ALA C 958 4.52 -2.80 -17.20
CA ALA C 958 3.97 -3.01 -15.87
C ALA C 958 2.80 -3.97 -15.90
N LEU C 959 1.86 -3.72 -16.81
CA LEU C 959 0.72 -4.62 -16.96
C LEU C 959 1.14 -6.04 -17.29
N ASN C 960 2.12 -6.18 -18.19
CA ASN C 960 2.68 -7.49 -18.50
C ASN C 960 3.22 -8.20 -17.27
N THR C 961 4.01 -7.50 -16.46
CA THR C 961 4.51 -8.13 -15.25
C THR C 961 3.39 -8.48 -14.29
N LEU C 962 2.32 -7.69 -14.28
CA LEU C 962 1.19 -8.07 -13.46
C LEU C 962 0.60 -9.39 -13.93
N VAL C 963 0.54 -9.60 -15.23
CA VAL C 963 0.14 -10.90 -15.73
C VAL C 963 1.17 -11.95 -15.36
N LYS C 964 2.45 -11.63 -15.55
CA LYS C 964 3.52 -12.58 -15.25
C LYS C 964 3.47 -13.06 -13.80
N GLN C 965 3.24 -12.15 -12.86
CA GLN C 965 3.12 -12.53 -11.46
C GLN C 965 2.03 -13.55 -11.20
N LEU C 966 1.02 -13.63 -12.05
CA LEU C 966 -0.04 -14.60 -11.85
C LEU C 966 0.46 -16.03 -11.84
N SER C 967 1.55 -16.34 -12.53
CA SER C 967 2.12 -17.68 -12.52
C SER C 967 3.05 -17.95 -11.35
N SER C 968 3.34 -16.98 -10.50
CA SER C 968 4.18 -17.24 -9.34
C SER C 968 3.52 -18.23 -8.39
N ASN C 969 4.35 -19.02 -7.73
CA ASN C 969 3.88 -19.83 -6.62
C ASN C 969 3.70 -19.06 -5.34
N PHE C 970 4.53 -18.05 -5.10
CA PHE C 970 4.68 -17.50 -3.75
C PHE C 970 4.94 -18.59 -2.70
N GLY C 971 5.62 -19.66 -3.10
CA GLY C 971 5.80 -20.79 -2.24
C GLY C 971 4.59 -21.66 -2.03
N ALA C 972 3.46 -21.35 -2.67
CA ALA C 972 2.38 -22.31 -2.67
C ALA C 972 2.78 -23.53 -3.47
N ILE C 973 2.08 -24.64 -3.20
CA ILE C 973 2.43 -25.93 -3.79
C ILE C 973 2.36 -25.91 -5.32
N SER C 974 1.49 -25.09 -5.89
CA SER C 974 1.46 -24.92 -7.33
C SER C 974 0.81 -23.60 -7.66
N SER C 975 1.09 -23.12 -8.88
CA SER C 975 0.52 -21.86 -9.32
C SER C 975 -0.88 -22.00 -9.88
N VAL C 976 -1.26 -23.17 -10.37
CA VAL C 976 -2.61 -23.36 -10.90
C VAL C 976 -3.56 -23.59 -9.74
N LEU C 977 -4.51 -22.67 -9.57
CA LEU C 977 -5.45 -22.77 -8.45
C LEU C 977 -6.26 -24.06 -8.52
N ASN C 978 -6.74 -24.41 -9.70
CA ASN C 978 -7.44 -25.67 -9.89
C ASN C 978 -6.54 -26.86 -9.59
N ASP C 979 -5.26 -26.76 -9.93
CA ASP C 979 -4.35 -27.87 -9.65
C ASP C 979 -4.22 -28.11 -8.15
N ILE C 980 -3.96 -27.07 -7.37
CA ILE C 980 -3.84 -27.25 -5.93
C ILE C 980 -5.17 -27.70 -5.34
N LEU C 981 -6.26 -27.14 -5.85
CA LEU C 981 -7.58 -27.52 -5.35
C LEU C 981 -7.92 -28.94 -5.70
N SER C 982 -7.36 -29.46 -6.79
CA SER C 982 -7.53 -30.87 -7.12
C SER C 982 -6.71 -31.77 -6.22
N ARG C 983 -5.41 -31.51 -6.11
CA ARG C 983 -4.55 -32.53 -5.52
C ARG C 983 -4.56 -32.54 -3.99
N LEU C 984 -4.84 -31.43 -3.33
CA LEU C 984 -5.05 -31.47 -1.88
C LEU C 984 -6.51 -31.75 -1.52
N ASP C 985 -6.69 -32.30 -0.32
CA ASP C 985 -7.98 -32.23 0.34
C ASP C 985 -8.28 -30.78 0.72
N PRO C 986 -9.51 -30.28 0.52
CA PRO C 986 -9.81 -28.83 0.69
C PRO C 986 -9.37 -28.23 2.02
N PRO C 987 -9.49 -28.94 3.15
CA PRO C 987 -9.04 -28.32 4.40
C PRO C 987 -7.56 -28.06 4.47
N GLU C 988 -6.73 -28.90 3.84
CA GLU C 988 -5.32 -28.56 3.68
C GLU C 988 -5.10 -27.54 2.57
N ALA C 989 -5.87 -27.66 1.49
CA ALA C 989 -5.74 -26.75 0.37
C ALA C 989 -6.03 -25.31 0.75
N GLU C 990 -6.88 -25.08 1.74
CA GLU C 990 -7.23 -23.72 2.16
C GLU C 990 -6.01 -22.88 2.52
N VAL C 991 -5.02 -23.47 3.19
CA VAL C 991 -3.79 -22.75 3.47
C VAL C 991 -3.05 -22.36 2.19
N GLN C 992 -2.92 -23.30 1.27
CA GLN C 992 -2.26 -23.00 0.00
C GLN C 992 -3.01 -21.94 -0.79
N ILE C 993 -4.33 -22.03 -0.83
CA ILE C 993 -5.13 -21.00 -1.48
C ILE C 993 -4.92 -19.65 -0.82
N ASP C 994 -4.87 -19.61 0.50
CA ASP C 994 -4.57 -18.37 1.20
C ASP C 994 -3.21 -17.80 0.81
N ARG C 995 -2.20 -18.67 0.68
CA ARG C 995 -0.89 -18.24 0.23
C ARG C 995 -0.93 -17.61 -1.17
N LEU C 996 -1.62 -18.28 -2.09
CA LEU C 996 -1.78 -17.69 -3.41
C LEU C 996 -2.51 -16.37 -3.35
N ILE C 997 -3.60 -16.32 -2.58
CA ILE C 997 -4.41 -15.12 -2.51
C ILE C 997 -3.58 -13.96 -2.04
N THR C 998 -2.89 -14.12 -0.92
CA THR C 998 -2.11 -13.01 -0.40
C THR C 998 -1.01 -12.60 -1.36
N GLY C 999 -0.37 -13.56 -2.02
CA GLY C 999 0.67 -13.20 -2.97
C GLY C 999 0.12 -12.41 -4.15
N ARG C 1000 -0.92 -12.94 -4.79
CA ARG C 1000 -1.55 -12.26 -5.91
C ARG C 1000 -2.05 -10.89 -5.52
N LEU C 1001 -2.78 -10.82 -4.41
CA LEU C 1001 -3.31 -9.56 -3.93
C LEU C 1001 -2.22 -8.55 -3.72
N GLN C 1002 -1.15 -8.94 -3.05
CA GLN C 1002 -0.05 -8.00 -2.82
C GLN C 1002 0.56 -7.52 -4.12
N SER C 1003 0.68 -8.40 -5.11
CA SER C 1003 1.19 -7.95 -6.39
C SER C 1003 0.25 -6.96 -7.06
N LEU C 1004 -1.04 -7.24 -7.01
CA LEU C 1004 -2.00 -6.33 -7.60
C LEU C 1004 -1.99 -4.98 -6.90
N GLN C 1005 -1.94 -5.01 -5.58
CA GLN C 1005 -1.82 -3.80 -4.77
C GLN C 1005 -0.59 -3.00 -5.16
N THR C 1006 0.50 -3.68 -5.48
CA THR C 1006 1.70 -3.00 -5.94
C THR C 1006 1.42 -2.32 -7.26
N TYR C 1007 0.83 -3.04 -8.19
CA TYR C 1007 0.48 -2.44 -9.48
C TYR C 1007 -0.37 -1.20 -9.33
N VAL C 1008 -1.39 -1.26 -8.50
CA VAL C 1008 -2.22 -0.07 -8.28
C VAL C 1008 -1.41 1.07 -7.73
N THR C 1009 -0.48 0.79 -6.82
CA THR C 1009 0.35 1.86 -6.30
C THR C 1009 1.20 2.49 -7.39
N GLN C 1010 1.80 1.66 -8.23
CA GLN C 1010 2.59 2.19 -9.34
C GLN C 1010 1.75 3.02 -10.28
N GLN C 1011 0.56 2.52 -10.61
CA GLN C 1011 -0.32 3.28 -11.48
C GLN C 1011 -0.69 4.61 -10.88
N LEU C 1012 -1.00 4.65 -9.58
CA LEU C 1012 -1.27 5.92 -8.92
C LEU C 1012 -0.12 6.89 -9.05
N ILE C 1013 1.09 6.43 -8.78
CA ILE C 1013 2.23 7.34 -8.83
C ILE C 1013 2.44 7.87 -10.24
N ARG C 1014 2.42 6.98 -11.23
CA ARG C 1014 2.57 7.42 -12.60
C ARG C 1014 1.46 8.36 -13.02
N ALA C 1015 0.23 8.05 -12.64
CA ALA C 1015 -0.88 8.94 -12.94
C ALA C 1015 -0.69 10.30 -12.33
N ALA C 1016 -0.16 10.36 -11.11
CA ALA C 1016 0.12 11.66 -10.51
C ALA C 1016 1.15 12.43 -11.32
N GLU C 1017 2.19 11.73 -11.75
CA GLU C 1017 3.21 12.36 -12.58
C GLU C 1017 2.64 12.87 -13.89
N ILE C 1018 1.84 12.05 -14.55
CA ILE C 1018 1.20 12.47 -15.79
C ILE C 1018 0.24 13.62 -15.54
N ARG C 1019 -0.46 13.62 -14.41
CA ARG C 1019 -1.33 14.76 -14.09
C ARG C 1019 -0.53 16.04 -14.04
N ALA C 1020 0.64 16.00 -13.41
CA ALA C 1020 1.51 17.17 -13.42
C ALA C 1020 1.92 17.53 -14.83
N SER C 1021 2.29 16.55 -15.63
CA SER C 1021 2.62 16.79 -17.02
C SER C 1021 1.46 17.37 -17.80
N ALA C 1022 0.26 16.91 -17.55
CA ALA C 1022 -0.91 17.43 -18.24
C ALA C 1022 -1.17 18.87 -17.86
N ASN C 1023 -1.02 19.22 -16.58
CA ASN C 1023 -1.16 20.61 -16.20
C ASN C 1023 -0.10 21.47 -16.87
N LEU C 1024 1.12 20.95 -16.97
CA LEU C 1024 2.13 21.66 -17.75
C LEU C 1024 1.71 21.83 -19.19
N ALA C 1025 1.14 20.80 -19.78
CA ALA C 1025 0.67 20.91 -21.16
C ALA C 1025 -0.45 21.92 -21.29
N ALA C 1026 -1.38 21.93 -20.36
CA ALA C 1026 -2.47 22.87 -20.41
C ALA C 1026 -1.97 24.30 -20.34
N THR C 1027 -1.03 24.55 -19.45
CA THR C 1027 -0.46 25.88 -19.39
C THR C 1027 0.37 26.19 -20.62
N LYS C 1028 1.11 25.22 -21.13
CA LYS C 1028 1.80 25.38 -22.40
C LYS C 1028 0.87 25.80 -23.50
N MET C 1029 -0.26 25.13 -23.62
CA MET C 1029 -1.20 25.50 -24.68
C MET C 1029 -1.77 26.88 -24.44
N SER C 1030 -2.19 27.13 -23.22
CA SER C 1030 -2.83 28.40 -22.92
C SER C 1030 -1.90 29.59 -23.03
N GLU C 1031 -0.61 29.42 -22.79
CA GLU C 1031 0.34 30.50 -23.03
C GLU C 1031 0.89 30.48 -24.44
N CYS C 1032 1.58 29.42 -24.82
CA CYS C 1032 2.34 29.44 -26.05
C CYS C 1032 1.46 29.38 -27.28
N VAL C 1033 0.30 28.73 -27.23
CA VAL C 1033 -0.55 28.65 -28.42
C VAL C 1033 -1.51 29.81 -28.42
N LEU C 1034 -2.30 29.94 -27.38
CA LEU C 1034 -3.30 30.98 -27.37
C LEU C 1034 -2.73 32.37 -27.18
N GLY C 1035 -1.46 32.51 -26.81
CA GLY C 1035 -0.90 33.80 -26.46
C GLY C 1035 0.46 34.04 -27.07
N GLN C 1036 1.30 34.81 -26.39
CA GLN C 1036 2.70 34.92 -26.77
C GLN C 1036 3.50 35.17 -25.50
N SER C 1037 3.89 34.10 -24.83
CA SER C 1037 4.48 34.26 -23.52
C SER C 1037 5.84 34.92 -23.60
N LYS C 1038 6.05 35.90 -22.73
CA LYS C 1038 7.36 36.48 -22.52
C LYS C 1038 8.25 35.62 -21.65
N ARG C 1039 7.80 34.46 -21.21
CA ARG C 1039 8.55 33.66 -20.24
C ARG C 1039 9.75 33.04 -20.93
N VAL C 1040 10.94 33.48 -20.50
CA VAL C 1040 12.13 33.53 -21.33
C VAL C 1040 12.57 32.21 -21.91
N ASP C 1041 12.12 31.08 -21.40
CA ASP C 1041 12.38 29.82 -22.09
C ASP C 1041 11.22 28.86 -21.99
N PHE C 1042 10.02 29.34 -21.71
CA PHE C 1042 8.92 28.42 -21.50
C PHE C 1042 8.48 27.79 -22.80
N CYS C 1043 8.38 28.58 -23.86
CA CYS C 1043 7.97 28.10 -25.17
C CYS C 1043 9.16 27.74 -26.05
N GLY C 1044 10.14 27.06 -25.49
CA GLY C 1044 11.36 26.71 -26.19
C GLY C 1044 12.34 27.86 -26.32
N LYS C 1045 13.49 27.53 -26.91
CA LYS C 1045 14.58 28.48 -27.05
C LYS C 1045 14.18 29.64 -27.95
N GLY C 1046 14.88 30.75 -27.77
CA GLY C 1046 14.59 31.96 -28.48
C GLY C 1046 13.40 32.71 -27.92
N TYR C 1047 13.20 33.91 -28.45
CA TYR C 1047 12.00 34.65 -28.11
C TYR C 1047 10.80 34.04 -28.81
N HIS C 1048 9.71 33.92 -28.07
CA HIS C 1048 8.53 33.23 -28.57
C HIS C 1048 7.75 34.09 -29.55
N LEU C 1049 7.41 33.49 -30.69
CA LEU C 1049 6.48 34.10 -31.65
C LEU C 1049 5.08 33.53 -31.55
N MET C 1050 4.95 32.23 -31.71
CA MET C 1050 3.68 31.53 -31.61
C MET C 1050 4.01 30.05 -31.50
N SER C 1051 3.03 29.26 -31.13
CA SER C 1051 3.16 27.83 -31.07
C SER C 1051 1.95 27.19 -31.72
N PHE C 1052 2.17 26.06 -32.39
CA PHE C 1052 1.10 25.29 -33.00
C PHE C 1052 0.97 23.95 -32.31
N PRO C 1053 -0.20 23.53 -31.85
CA PRO C 1053 -0.31 22.20 -31.27
C PRO C 1053 -0.50 21.17 -32.36
N GLN C 1054 -0.01 19.97 -32.09
CA GLN C 1054 -0.33 18.81 -32.90
C GLN C 1054 -0.66 17.66 -31.97
N SER C 1055 -1.73 16.94 -32.28
CA SER C 1055 -2.12 15.82 -31.45
C SER C 1055 -1.17 14.66 -31.66
N ALA C 1056 -0.97 13.87 -30.63
CA ALA C 1056 -0.17 12.67 -30.70
C ALA C 1056 -0.79 11.61 -29.80
N PRO C 1057 -0.48 10.33 -30.03
CA PRO C 1057 -1.32 9.24 -29.52
C PRO C 1057 -1.57 9.22 -28.03
N HIS C 1058 -0.72 9.81 -27.23
CA HIS C 1058 -1.06 10.01 -25.83
C HIS C 1058 -0.63 11.37 -25.34
N GLY C 1059 -0.46 12.33 -26.23
CA GLY C 1059 0.14 13.58 -25.84
C GLY C 1059 -0.06 14.62 -26.91
N VAL C 1060 0.60 15.75 -26.70
CA VAL C 1060 0.65 16.82 -27.68
C VAL C 1060 2.11 17.05 -28.02
N VAL C 1061 2.37 17.31 -29.29
CA VAL C 1061 3.64 17.84 -29.75
C VAL C 1061 3.40 19.29 -30.10
N PHE C 1062 4.05 20.20 -29.39
CA PHE C 1062 4.00 21.61 -29.69
C PHE C 1062 5.11 21.94 -30.66
N LEU C 1063 4.74 22.43 -31.83
CA LEU C 1063 5.67 23.14 -32.67
C LEU C 1063 5.78 24.57 -32.17
N HIS C 1064 6.71 24.84 -31.27
CA HIS C 1064 7.05 26.22 -31.00
C HIS C 1064 7.79 26.76 -32.19
N VAL C 1065 7.44 27.97 -32.61
CA VAL C 1065 8.23 28.74 -33.55
C VAL C 1065 8.75 29.96 -32.82
N THR C 1066 10.06 30.14 -32.82
CA THR C 1066 10.71 31.15 -32.00
C THR C 1066 11.70 31.92 -32.84
N TYR C 1067 11.76 33.22 -32.57
CA TYR C 1067 12.74 34.11 -33.15
C TYR C 1067 14.07 33.91 -32.45
N VAL C 1068 15.13 33.56 -33.18
CA VAL C 1068 16.50 33.56 -32.68
C VAL C 1068 17.30 34.65 -33.40
N PRO C 1069 17.86 35.64 -32.71
CA PRO C 1069 18.73 36.61 -33.37
C PRO C 1069 20.03 35.99 -33.84
N ALA C 1070 20.62 36.57 -34.88
CA ALA C 1070 21.82 36.02 -35.48
C ALA C 1070 22.64 37.12 -36.14
N GLN C 1071 23.88 36.77 -36.49
CA GLN C 1071 24.83 37.66 -37.16
C GLN C 1071 25.06 38.99 -36.45
N GLU C 1072 25.44 38.90 -35.19
CA GLU C 1072 25.78 40.10 -34.43
C GLU C 1072 27.07 40.75 -34.90
N LYS C 1073 27.10 42.08 -34.82
CA LYS C 1073 28.28 42.90 -35.07
C LYS C 1073 28.62 43.69 -33.82
N ASN C 1074 29.90 43.95 -33.59
CA ASN C 1074 30.29 44.80 -32.47
C ASN C 1074 30.01 46.25 -32.72
N PHE C 1075 29.72 46.98 -31.63
CA PHE C 1075 29.66 48.43 -31.67
C PHE C 1075 30.13 48.98 -30.34
N THR C 1076 30.72 50.18 -30.39
CA THR C 1076 30.88 50.99 -29.21
C THR C 1076 29.56 51.63 -28.85
N THR C 1077 29.37 51.90 -27.56
CA THR C 1077 28.11 52.46 -27.09
C THR C 1077 28.33 53.33 -25.87
N ALA C 1078 27.40 54.25 -25.65
CA ALA C 1078 27.41 55.12 -24.49
C ALA C 1078 25.99 55.31 -23.96
N PRO C 1079 25.79 55.36 -22.64
CA PRO C 1079 24.43 55.34 -22.14
C PRO C 1079 23.65 56.60 -22.41
N ALA C 1080 24.30 57.72 -22.68
CA ALA C 1080 23.61 58.98 -22.87
C ALA C 1080 24.44 59.86 -23.78
N ILE C 1081 23.79 60.86 -24.38
CA ILE C 1081 24.46 61.85 -25.19
C ILE C 1081 24.40 63.18 -24.45
N CYS C 1082 25.56 63.74 -24.14
CA CYS C 1082 25.64 65.09 -23.63
C CYS C 1082 25.48 66.06 -24.79
N HIS C 1083 24.57 67.01 -24.66
CA HIS C 1083 24.31 67.96 -25.73
C HIS C 1083 23.75 69.27 -25.20
N ASP C 1084 24.43 70.36 -25.53
CA ASP C 1084 24.07 71.71 -25.07
C ASP C 1084 23.88 71.75 -23.56
N GLY C 1085 24.63 70.93 -22.83
CA GLY C 1085 24.47 70.78 -21.40
C GLY C 1085 23.28 69.94 -20.97
N LYS C 1086 22.31 69.72 -21.85
CA LYS C 1086 21.33 68.68 -21.61
C LYS C 1086 22.00 67.33 -21.77
N ALA C 1087 21.34 66.30 -21.26
CA ALA C 1087 21.73 64.92 -21.45
C ALA C 1087 20.56 64.17 -22.01
N HIS C 1088 20.80 63.42 -23.08
CA HIS C 1088 19.76 62.70 -23.79
C HIS C 1088 19.91 61.21 -23.54
N PHE C 1089 18.79 60.54 -23.30
CA PHE C 1089 18.65 59.11 -23.15
C PHE C 1089 17.79 58.55 -24.27
N PRO C 1090 18.01 57.32 -24.70
CA PRO C 1090 17.24 56.81 -25.83
C PRO C 1090 15.82 56.52 -25.40
N ARG C 1091 14.85 56.98 -26.19
CA ARG C 1091 13.46 56.75 -25.80
C ARG C 1091 13.11 55.28 -25.85
N GLU C 1092 13.69 54.56 -26.79
CA GLU C 1092 13.68 53.11 -26.80
C GLU C 1092 14.97 52.65 -27.46
N GLY C 1093 15.35 51.41 -27.17
CA GLY C 1093 16.60 50.95 -27.73
C GLY C 1093 17.80 51.63 -27.08
N VAL C 1094 18.88 51.75 -27.83
CA VAL C 1094 20.17 52.11 -27.27
C VAL C 1094 20.99 52.89 -28.27
N PHE C 1095 21.90 53.72 -27.76
CA PHE C 1095 22.82 54.46 -28.60
C PHE C 1095 23.98 53.59 -29.02
N VAL C 1096 24.41 53.71 -30.28
CA VAL C 1096 25.53 52.98 -30.80
C VAL C 1096 26.31 53.84 -31.77
N SER C 1097 27.57 53.49 -31.95
CA SER C 1097 28.41 54.14 -32.94
C SER C 1097 29.46 53.17 -33.41
N ASN C 1098 29.90 53.37 -34.64
CA ASN C 1098 31.11 52.74 -35.15
C ASN C 1098 32.35 53.62 -35.01
N GLY C 1099 32.24 54.73 -34.29
CA GLY C 1099 33.29 55.69 -34.16
C GLY C 1099 33.24 56.81 -35.15
N THR C 1100 32.59 56.61 -36.29
CA THR C 1100 32.35 57.73 -37.19
C THR C 1100 31.17 58.58 -36.76
N HIS C 1101 30.06 57.92 -36.42
CA HIS C 1101 28.79 58.59 -36.16
C HIS C 1101 28.05 57.82 -35.09
N TRP C 1102 27.07 58.49 -34.47
CA TRP C 1102 26.26 57.92 -33.41
C TRP C 1102 24.83 57.75 -33.86
N PHE C 1103 24.21 56.65 -33.45
CA PHE C 1103 22.84 56.33 -33.82
C PHE C 1103 22.14 55.67 -32.66
N VAL C 1104 20.82 55.72 -32.69
CA VAL C 1104 19.96 54.82 -31.94
C VAL C 1104 19.63 53.62 -32.80
N THR C 1105 19.54 52.46 -32.16
CA THR C 1105 18.94 51.28 -32.73
C THR C 1105 18.00 50.65 -31.73
N GLN C 1106 16.92 50.08 -32.23
CA GLN C 1106 16.16 49.17 -31.41
C GLN C 1106 17.08 48.04 -30.97
N ARG C 1107 16.79 47.46 -29.81
CA ARG C 1107 17.78 46.62 -29.14
C ARG C 1107 18.07 45.33 -29.88
N ASN C 1108 17.07 44.70 -30.46
CA ASN C 1108 17.20 43.34 -30.98
C ASN C 1108 17.33 43.26 -32.49
N PHE C 1109 17.55 44.38 -33.17
CA PHE C 1109 17.79 44.30 -34.60
C PHE C 1109 18.42 45.60 -35.04
N TYR C 1110 19.56 45.51 -35.67
CA TYR C 1110 20.28 46.69 -36.11
C TYR C 1110 19.50 47.41 -37.19
N GLU C 1111 19.06 48.63 -36.87
CA GLU C 1111 18.32 49.46 -37.81
C GLU C 1111 18.55 50.92 -37.43
N PRO C 1112 19.75 51.44 -37.70
CA PRO C 1112 20.15 52.72 -37.13
C PRO C 1112 19.33 53.88 -37.65
N GLN C 1113 18.98 54.78 -36.75
CA GLN C 1113 18.31 56.01 -37.07
C GLN C 1113 19.04 57.16 -36.41
N ILE C 1114 19.00 58.32 -37.06
CA ILE C 1114 19.67 59.49 -36.52
C ILE C 1114 19.05 59.86 -35.18
N ILE C 1115 19.91 60.30 -34.27
CA ILE C 1115 19.51 60.68 -32.93
C ILE C 1115 18.84 62.04 -33.03
N THR C 1116 17.52 62.10 -32.81
CA THR C 1116 16.71 63.10 -33.47
C THR C 1116 15.68 63.78 -32.58
N THR C 1117 16.00 63.98 -31.30
CA THR C 1117 15.18 64.77 -30.38
C THR C 1117 13.73 64.33 -30.28
N ASP C 1118 13.44 63.09 -30.63
CA ASP C 1118 12.08 62.56 -30.60
C ASP C 1118 12.10 61.08 -30.22
N ASN C 1119 13.01 60.36 -30.81
CA ASN C 1119 13.44 59.08 -30.28
C ASN C 1119 14.30 59.19 -29.00
N THR C 1120 14.45 60.34 -28.34
CA THR C 1120 15.16 60.48 -27.09
C THR C 1120 14.32 61.32 -26.16
N PHE C 1121 14.67 61.33 -24.88
CA PHE C 1121 14.18 62.34 -23.96
C PHE C 1121 15.31 62.92 -23.15
N VAL C 1122 15.26 64.22 -22.93
CA VAL C 1122 16.19 64.89 -22.06
C VAL C 1122 15.85 64.58 -20.63
N SER C 1123 16.87 64.39 -19.79
CA SER C 1123 16.67 64.29 -18.35
C SER C 1123 17.91 64.78 -17.64
N GLY C 1124 17.70 65.36 -16.46
CA GLY C 1124 18.77 65.89 -15.65
C GLY C 1124 19.67 66.88 -16.37
N ASN C 1125 20.97 66.75 -16.14
CA ASN C 1125 21.96 67.57 -16.80
C ASN C 1125 23.20 66.74 -17.06
N CYS C 1126 23.97 67.21 -18.03
CA CYS C 1126 25.24 66.60 -18.37
C CYS C 1126 26.17 66.65 -17.16
N ASP C 1127 27.18 65.79 -17.19
CA ASP C 1127 28.12 65.50 -16.10
C ASP C 1127 27.51 64.81 -14.89
N VAL C 1128 26.24 64.46 -14.90
CA VAL C 1128 25.69 63.64 -13.83
C VAL C 1128 25.97 62.16 -14.00
N VAL C 1129 26.37 61.71 -15.18
CA VAL C 1129 26.28 60.31 -15.58
C VAL C 1129 27.62 59.79 -16.04
N ILE C 1130 27.97 58.59 -15.57
CA ILE C 1130 29.19 57.93 -16.01
C ILE C 1130 29.12 57.62 -17.49
N GLY C 1131 30.19 57.94 -18.20
CA GLY C 1131 30.36 57.52 -19.58
C GLY C 1131 29.54 58.22 -20.64
N ILE C 1132 28.88 59.31 -20.30
CA ILE C 1132 28.14 60.07 -21.29
C ILE C 1132 29.06 60.54 -22.42
N VAL C 1133 28.60 60.42 -23.66
CA VAL C 1133 29.35 60.84 -24.85
C VAL C 1133 28.79 62.14 -25.39
N ASN C 1134 29.56 62.81 -26.25
CA ASN C 1134 29.18 64.08 -26.87
C ASN C 1134 28.83 63.87 -28.34
N ASN C 1135 27.59 64.19 -28.72
CA ASN C 1135 27.22 64.14 -30.13
C ASN C 1135 26.07 65.12 -30.37
N THR C 1136 26.04 65.70 -31.56
CA THR C 1136 25.04 66.71 -31.88
C THR C 1136 23.70 66.05 -32.13
N VAL C 1137 22.78 66.17 -31.18
CA VAL C 1137 21.43 65.66 -31.37
C VAL C 1137 20.66 66.56 -32.31
N TYR C 1138 20.11 65.98 -33.36
CA TYR C 1138 19.34 66.72 -34.34
C TYR C 1138 17.95 67.05 -33.79
N ASP C 1139 17.41 68.21 -34.17
CA ASP C 1139 16.09 68.69 -33.76
C ASP C 1139 15.13 68.80 -34.94
N PRO C 1140 13.98 68.12 -34.95
CA PRO C 1140 13.09 68.18 -36.12
C PRO C 1140 12.52 69.54 -36.43
N LEU C 1141 12.54 70.48 -35.50
CA LEU C 1141 12.10 71.85 -35.80
C LEU C 1141 13.05 72.63 -36.70
N GLN C 1142 14.20 72.08 -37.08
CA GLN C 1142 15.19 72.75 -37.93
C GLN C 1142 14.66 73.41 -39.20
N PRO C 1143 13.64 72.91 -39.90
CA PRO C 1143 13.15 73.61 -41.09
C PRO C 1143 12.56 74.98 -40.85
N GLU C 1144 12.28 75.36 -39.60
CA GLU C 1144 11.70 76.66 -39.29
C GLU C 1144 12.54 77.83 -39.80
N SER D 1 -6.12 -76.21 27.09
CA SER D 1 -6.34 -74.75 27.17
C SER D 1 -5.37 -73.98 26.27
N ALA D 2 -5.80 -72.82 25.79
CA ALA D 2 -4.89 -71.91 25.10
C ALA D 2 -3.92 -71.26 26.07
N LEU D 3 -4.21 -71.28 27.37
CA LEU D 3 -3.35 -70.73 28.40
C LEU D 3 -2.70 -71.88 29.17
N ALA D 4 -1.38 -71.82 29.30
CA ALA D 4 -0.58 -72.84 29.97
C ALA D 4 0.17 -72.21 31.14
N GLN D 5 0.46 -73.06 32.14
CA GLN D 5 1.15 -72.66 33.34
C GLN D 5 2.05 -73.78 33.81
N PRO D 6 3.05 -73.50 34.64
CA PRO D 6 3.79 -74.59 35.27
C PRO D 6 2.86 -75.31 36.23
N ALA D 7 2.98 -76.64 36.26
CA ALA D 7 2.13 -77.44 37.14
C ALA D 7 2.40 -77.11 38.60
N SER D 8 3.64 -76.77 38.94
CA SER D 8 3.97 -76.36 40.29
C SER D 8 5.21 -75.49 40.28
N VAL D 9 5.35 -74.71 41.36
CA VAL D 9 6.52 -73.87 41.61
C VAL D 9 6.77 -73.97 43.10
N SER D 10 7.99 -73.63 43.51
CA SER D 10 8.41 -73.70 44.89
C SER D 10 9.14 -72.45 45.34
N GLY D 11 8.89 -72.07 46.59
CA GLY D 11 9.55 -70.96 47.24
C GLY D 11 9.61 -71.26 48.72
N SER D 12 10.10 -70.29 49.48
CA SER D 12 10.24 -70.38 50.92
C SER D 12 9.80 -69.05 51.50
N PRO D 13 9.40 -69.01 52.78
CA PRO D 13 8.91 -67.76 53.37
C PRO D 13 9.90 -66.61 53.30
N GLY D 14 9.38 -65.41 53.04
CA GLY D 14 10.16 -64.21 52.89
C GLY D 14 10.78 -64.01 51.52
N GLN D 15 10.84 -65.04 50.68
CA GLN D 15 11.30 -64.91 49.31
C GLN D 15 10.13 -64.63 48.39
N SER D 16 10.45 -64.04 47.24
CA SER D 16 9.47 -63.85 46.19
C SER D 16 9.29 -65.14 45.41
N ILE D 17 8.09 -65.31 44.85
CA ILE D 17 7.77 -66.43 43.97
C ILE D 17 7.11 -65.87 42.73
N THR D 18 7.28 -66.55 41.60
CA THR D 18 6.65 -66.18 40.36
C THR D 18 6.04 -67.41 39.71
N ILE D 19 4.81 -67.24 39.22
CA ILE D 19 4.11 -68.25 38.44
C ILE D 19 3.93 -67.59 37.08
N SER D 20 4.49 -68.21 36.07
CA SER D 20 4.32 -67.72 34.71
C SER D 20 3.07 -68.30 34.06
N CYS D 21 2.59 -67.56 33.07
CA CYS D 21 1.44 -67.94 32.28
C CYS D 21 1.80 -67.69 30.83
N THR D 22 1.43 -68.61 29.95
CA THR D 22 1.72 -68.49 28.53
C THR D 22 0.44 -68.47 27.74
N GLY D 23 0.26 -67.42 26.97
CA GLY D 23 -0.87 -67.28 26.08
C GLY D 23 -0.62 -68.03 24.79
N THR D 24 -1.50 -67.77 23.83
CA THR D 24 -1.40 -68.33 22.47
C THR D 24 -1.71 -67.17 21.55
N SER D 25 -0.64 -66.63 20.93
CA SER D 25 -0.67 -65.39 20.15
C SER D 25 -1.85 -65.31 19.20
N SER D 26 -2.14 -66.42 18.52
CA SER D 26 -3.23 -66.48 17.55
C SER D 26 -4.61 -66.11 18.11
N ASP D 27 -4.82 -66.13 19.45
CA ASP D 27 -6.08 -65.61 19.99
C ASP D 27 -5.96 -64.89 21.32
N VAL D 28 -4.81 -64.30 21.64
CA VAL D 28 -4.68 -63.43 22.80
C VAL D 28 -4.40 -61.99 22.45
N GLY D 29 -3.78 -61.72 21.28
CA GLY D 29 -3.49 -60.36 20.86
C GLY D 29 -2.77 -59.53 21.90
N ALA D 30 -3.41 -58.44 22.33
CA ALA D 30 -2.86 -57.57 23.36
C ALA D 30 -2.64 -58.29 24.69
N TYR D 31 -3.28 -59.45 24.88
CA TYR D 31 -3.15 -60.26 26.09
C TYR D 31 -3.52 -59.43 27.32
N ASN D 32 -4.63 -58.71 27.18
CA ASN D 32 -5.18 -57.80 28.16
C ASN D 32 -6.10 -58.53 29.13
N TYR D 33 -6.35 -57.88 30.28
CA TYR D 33 -7.20 -58.41 31.34
C TYR D 33 -6.75 -59.77 31.86
N VAL D 34 -5.48 -60.12 31.67
CA VAL D 34 -5.02 -61.41 32.17
C VAL D 34 -5.07 -61.39 33.69
N SER D 35 -5.97 -62.19 34.26
CA SER D 35 -6.18 -62.26 35.70
C SER D 35 -5.46 -63.48 36.28
N TRP D 36 -5.34 -63.48 37.60
CA TRP D 36 -4.84 -64.61 38.37
C TRP D 36 -5.83 -64.88 39.49
N TYR D 37 -6.14 -66.14 39.72
CA TYR D 37 -7.03 -66.55 40.79
C TYR D 37 -6.34 -67.50 41.75
N GLN D 38 -6.48 -67.26 43.05
CA GLN D 38 -6.08 -68.24 44.04
C GLN D 38 -7.24 -69.23 44.18
N GLN D 39 -6.93 -70.49 44.39
CA GLN D 39 -7.98 -71.46 44.70
C GLN D 39 -7.45 -72.52 45.67
N HIS D 40 -7.81 -72.38 46.93
CA HIS D 40 -7.56 -73.47 47.86
C HIS D 40 -8.50 -74.61 47.47
N PRO D 41 -8.11 -75.87 47.67
CA PRO D 41 -8.99 -76.98 47.30
C PRO D 41 -10.38 -76.88 47.91
N GLY D 42 -11.39 -77.17 47.10
CA GLY D 42 -12.75 -77.15 47.59
C GLY D 42 -13.35 -75.78 47.80
N LYS D 43 -12.77 -74.73 47.22
CA LYS D 43 -13.28 -73.37 47.37
C LYS D 43 -13.40 -72.71 46.01
N ALA D 44 -14.29 -71.74 45.93
CA ALA D 44 -14.44 -70.97 44.71
C ALA D 44 -13.19 -70.11 44.49
N PRO D 45 -12.68 -70.01 43.26
CA PRO D 45 -11.56 -69.10 43.01
C PRO D 45 -11.95 -67.68 43.37
N LYS D 46 -11.00 -66.93 43.91
CA LYS D 46 -11.21 -65.52 44.27
C LYS D 46 -10.30 -64.67 43.41
N LEU D 47 -10.91 -63.72 42.69
CA LEU D 47 -10.13 -62.81 41.85
C LEU D 47 -9.26 -61.97 42.75
N MET D 48 -8.01 -61.83 42.36
CA MET D 48 -7.03 -61.09 43.13
C MET D 48 -6.19 -60.14 42.26
N ILE D 49 -5.99 -60.48 40.99
CA ILE D 49 -5.39 -59.60 39.99
C ILE D 49 -6.35 -59.65 38.82
N TYR D 50 -6.75 -58.48 38.32
CA TYR D 50 -7.69 -58.39 37.22
C TYR D 50 -6.90 -57.92 36.02
N ASP D 51 -6.59 -56.63 35.89
CA ASP D 51 -5.59 -56.24 34.92
C ASP D 51 -4.24 -56.55 35.56
N VAL D 52 -3.18 -56.57 34.75
CA VAL D 52 -1.83 -56.82 35.24
C VAL D 52 -1.51 -55.87 36.38
N SER D 53 -1.09 -56.44 37.50
CA SER D 53 -0.74 -55.74 38.74
C SER D 53 -1.89 -54.95 39.38
N LYS D 54 -3.11 -54.99 38.83
CA LYS D 54 -4.24 -54.22 39.32
C LYS D 54 -5.08 -55.16 40.17
N ARG D 55 -5.48 -54.69 41.34
CA ARG D 55 -5.99 -55.52 42.40
C ARG D 55 -7.41 -55.10 42.80
N PRO D 56 -8.39 -56.01 42.84
CA PRO D 56 -9.75 -55.63 43.21
C PRO D 56 -9.89 -55.44 44.71
N SER D 57 -10.89 -54.63 45.09
CA SER D 57 -11.18 -54.27 46.48
C SER D 57 -11.17 -55.49 47.39
N GLY D 58 -10.69 -55.29 48.62
CA GLY D 58 -10.44 -56.38 49.52
C GLY D 58 -9.09 -57.01 49.20
N VAL D 59 -8.17 -56.20 48.65
CA VAL D 59 -6.85 -56.66 48.28
C VAL D 59 -6.09 -57.19 49.49
N SER D 60 -5.52 -58.39 49.35
CA SER D 60 -4.52 -58.85 50.30
C SER D 60 -3.23 -58.18 49.82
N ASN D 61 -2.73 -57.21 50.58
CA ASN D 61 -1.66 -56.34 50.10
C ASN D 61 -0.38 -57.06 49.68
N ARG D 62 -0.14 -58.29 50.12
CA ARG D 62 1.07 -58.98 49.68
C ARG D 62 1.03 -59.39 48.22
N PHE D 63 -0.16 -59.56 47.66
CA PHE D 63 -0.31 -60.04 46.30
C PHE D 63 0.00 -58.93 45.32
N SER D 64 0.67 -59.28 44.21
CA SER D 64 1.12 -58.32 43.21
C SER D 64 1.35 -59.09 41.90
N GLY D 65 1.74 -58.38 40.86
CA GLY D 65 1.97 -59.09 39.61
C GLY D 65 2.64 -58.24 38.56
N SER D 66 2.82 -58.84 37.37
CA SER D 66 3.43 -58.16 36.24
C SER D 66 3.21 -58.99 34.98
N LYS D 67 3.60 -58.40 33.86
CA LYS D 67 3.49 -59.01 32.54
C LYS D 67 4.69 -58.60 31.70
N SER D 68 5.04 -59.47 30.77
CA SER D 68 6.11 -59.20 29.80
C SER D 68 5.73 -59.92 28.53
N GLY D 69 5.35 -59.15 27.51
CA GLY D 69 4.94 -59.72 26.22
C GLY D 69 3.86 -60.76 26.38
N ASN D 70 4.04 -61.90 25.70
CA ASN D 70 3.11 -63.02 25.80
C ASN D 70 3.19 -63.77 27.14
N THR D 71 3.99 -63.31 28.09
CA THR D 71 4.21 -63.94 29.39
C THR D 71 3.65 -63.06 30.48
N ALA D 72 2.68 -63.57 31.24
CA ALA D 72 2.16 -62.88 32.40
C ALA D 72 2.93 -63.43 33.59
N SER D 73 2.85 -62.74 34.73
CA SER D 73 3.54 -63.23 35.92
C SER D 73 2.92 -62.68 37.20
N LEU D 74 2.44 -63.60 38.02
CA LEU D 74 2.01 -63.30 39.37
C LEU D 74 3.23 -63.18 40.27
N THR D 75 3.23 -62.19 41.17
CA THR D 75 4.31 -62.00 42.14
C THR D 75 3.71 -61.81 43.54
N ILE D 76 4.23 -62.57 44.50
CA ILE D 76 3.85 -62.46 45.90
C ILE D 76 5.11 -62.14 46.70
N SER D 77 5.06 -61.06 47.47
CA SER D 77 6.17 -60.59 48.29
C SER D 77 6.00 -61.10 49.71
N GLY D 78 7.04 -61.74 50.24
CA GLY D 78 6.98 -62.30 51.57
C GLY D 78 6.03 -63.47 51.67
N LEU D 79 6.42 -64.58 51.06
CA LEU D 79 5.62 -65.81 51.10
C LEU D 79 5.25 -66.23 52.51
N GLN D 80 4.08 -66.88 52.62
CA GLN D 80 3.64 -67.48 53.85
C GLN D 80 2.86 -68.74 53.47
N ALA D 81 2.77 -69.67 54.42
CA ALA D 81 2.13 -70.97 54.16
C ALA D 81 0.71 -70.84 53.65
N GLU D 82 0.00 -69.77 54.03
CA GLU D 82 -1.36 -69.53 53.54
C GLU D 82 -1.42 -69.38 52.02
N ASP D 83 -0.30 -69.06 51.37
CA ASP D 83 -0.28 -68.93 49.92
C ASP D 83 -0.45 -70.27 49.21
N GLU D 84 -0.16 -71.38 49.89
CA GLU D 84 -0.17 -72.69 49.25
C GLU D 84 -1.59 -73.02 48.81
N ALA D 85 -1.82 -72.95 47.50
CA ALA D 85 -3.13 -73.13 46.89
C ALA D 85 -2.90 -73.30 45.40
N ASP D 86 -3.98 -73.60 44.67
CA ASP D 86 -3.91 -73.56 43.23
C ASP D 86 -3.90 -72.11 42.75
N TYR D 87 -3.15 -71.86 41.67
CA TYR D 87 -3.17 -70.57 41.00
C TYR D 87 -3.44 -70.79 39.53
N TYR D 88 -4.45 -70.09 39.01
CA TYR D 88 -4.87 -70.16 37.61
C TYR D 88 -4.77 -68.79 36.96
N CYS D 89 -4.02 -68.69 35.86
CA CYS D 89 -4.09 -67.49 35.06
C CYS D 89 -5.32 -67.63 34.20
N SER D 90 -5.88 -66.50 33.78
CA SER D 90 -7.00 -66.55 32.86
C SER D 90 -6.99 -65.29 32.03
N SER D 91 -7.43 -65.43 30.78
CA SER D 91 -7.47 -64.33 29.84
C SER D 91 -8.55 -64.62 28.82
N TYR D 92 -9.06 -63.56 28.24
CA TYR D 92 -9.98 -63.69 27.13
C TYR D 92 -9.32 -64.18 25.86
N THR D 93 -10.09 -64.93 25.09
CA THR D 93 -9.78 -65.29 23.73
C THR D 93 -11.02 -64.95 22.93
N THR D 94 -10.83 -64.59 21.65
CA THR D 94 -11.94 -64.13 20.83
C THR D 94 -13.04 -65.18 20.72
N SER D 95 -12.68 -66.45 20.82
CA SER D 95 -13.68 -67.49 20.80
C SER D 95 -14.34 -67.60 22.16
N SER D 96 -13.57 -67.45 23.23
CA SER D 96 -14.14 -67.66 24.55
C SER D 96 -13.18 -67.18 25.63
N THR D 97 -13.74 -67.03 26.82
CA THR D 97 -12.93 -66.89 28.02
C THR D 97 -12.32 -68.24 28.34
N VAL D 98 -11.06 -68.22 28.79
CA VAL D 98 -10.29 -69.44 29.06
C VAL D 98 -9.45 -69.27 30.32
N PHE D 99 -9.19 -70.39 30.98
CA PHE D 99 -8.36 -70.46 32.18
C PHE D 99 -7.09 -71.25 31.90
N GLY D 100 -6.01 -70.86 32.57
CA GLY D 100 -4.76 -71.57 32.49
C GLY D 100 -4.85 -72.95 33.13
N GLY D 101 -3.79 -73.73 32.89
CA GLY D 101 -3.70 -75.08 33.44
C GLY D 101 -3.55 -75.16 34.95
N GLY D 102 -3.44 -74.02 35.64
CA GLY D 102 -3.23 -74.00 37.06
C GLY D 102 -1.80 -74.27 37.46
N THR D 103 -1.46 -73.87 38.69
CA THR D 103 -0.17 -74.14 39.28
C THR D 103 -0.38 -74.55 40.73
N LYS D 104 0.19 -75.69 41.12
CA LYS D 104 0.16 -76.15 42.50
C LYS D 104 1.35 -75.53 43.22
N LEU D 105 1.11 -74.46 43.95
CA LEU D 105 2.20 -73.84 44.69
C LEU D 105 2.61 -74.71 45.88
N THR D 106 3.89 -74.66 46.22
CA THR D 106 4.43 -75.25 47.44
C THR D 106 5.25 -74.14 48.09
N VAL D 107 4.99 -73.89 49.37
CA VAL D 107 5.62 -72.77 50.09
C VAL D 107 6.51 -73.32 51.20
N LEU D 108 7.74 -73.66 50.84
CA LEU D 108 8.63 -74.34 51.77
C LEU D 108 9.05 -73.38 52.88
N GLN E 1 -24.98 -58.24 50.50
CA GLN E 1 -23.78 -57.90 49.69
C GLN E 1 -23.98 -58.57 48.33
N ILE E 2 -23.17 -58.22 47.34
CA ILE E 2 -23.27 -58.89 46.04
C ILE E 2 -22.84 -60.35 46.18
N THR E 3 -23.75 -61.26 45.83
CA THR E 3 -23.52 -62.70 45.94
C THR E 3 -24.24 -63.41 44.81
N LEU E 4 -23.82 -64.66 44.57
CA LEU E 4 -24.44 -65.54 43.61
C LEU E 4 -24.60 -66.90 44.27
N LYS E 5 -25.60 -67.66 43.81
CA LYS E 5 -25.90 -68.96 44.43
C LYS E 5 -26.47 -69.94 43.41
N GLU E 6 -25.71 -70.99 43.13
CA GLU E 6 -26.13 -72.06 42.25
C GLU E 6 -27.22 -72.91 42.88
N SER E 7 -28.08 -73.47 42.04
CA SER E 7 -29.13 -74.37 42.52
C SER E 7 -29.61 -75.25 41.39
N GLY E 8 -30.23 -76.38 41.76
CA GLY E 8 -30.73 -77.38 40.83
C GLY E 8 -30.27 -78.80 41.15
N PRO E 9 -30.89 -79.79 40.49
CA PRO E 9 -30.55 -81.19 40.77
C PRO E 9 -29.12 -81.56 40.43
N THR E 10 -28.36 -81.97 41.46
CA THR E 10 -26.98 -82.35 41.26
C THR E 10 -26.82 -83.72 40.60
N LEU E 11 -27.84 -84.59 40.65
CA LEU E 11 -27.79 -85.89 40.00
C LEU E 11 -28.79 -85.91 38.85
N VAL E 12 -28.29 -86.20 37.65
CA VAL E 12 -29.10 -86.28 36.44
C VAL E 12 -28.65 -87.47 35.62
N LYS E 13 -29.60 -88.26 35.14
CA LYS E 13 -29.26 -89.38 34.28
C LYS E 13 -28.82 -88.82 32.93
N PRO E 14 -27.93 -89.52 32.22
CA PRO E 14 -27.40 -88.97 30.97
C PRO E 14 -28.42 -88.68 29.89
N THR E 15 -29.52 -89.42 29.83
CA THR E 15 -30.55 -89.08 28.86
C THR E 15 -31.21 -87.73 29.14
N GLN E 16 -31.33 -87.35 30.41
CA GLN E 16 -32.04 -86.11 30.71
C GLN E 16 -31.18 -84.88 30.45
N THR E 17 -31.81 -83.71 30.54
CA THR E 17 -31.18 -82.40 30.40
C THR E 17 -31.07 -81.75 31.77
N LEU E 18 -29.84 -81.43 32.19
CA LEU E 18 -29.65 -80.71 33.44
C LEU E 18 -30.14 -79.28 33.31
N THR E 19 -30.74 -78.80 34.39
CA THR E 19 -31.20 -77.42 34.51
C THR E 19 -30.69 -76.91 35.84
N LEU E 20 -30.07 -75.73 35.81
CA LEU E 20 -29.51 -75.09 36.99
C LEU E 20 -29.89 -73.63 36.98
N THR E 21 -30.33 -73.15 38.14
CA THR E 21 -30.71 -71.76 38.34
C THR E 21 -29.72 -71.12 39.29
N CYS E 22 -29.04 -70.08 38.83
CA CYS E 22 -28.17 -69.30 39.68
C CYS E 22 -28.97 -68.10 40.14
N THR E 23 -29.04 -67.91 41.45
CA THR E 23 -29.71 -66.78 42.06
C THR E 23 -28.64 -65.85 42.57
N PHE E 24 -28.84 -64.57 42.34
CA PHE E 24 -27.90 -63.54 42.73
C PHE E 24 -28.62 -62.45 43.50
N SER E 25 -27.82 -61.64 44.19
CA SER E 25 -28.33 -60.54 44.98
C SER E 25 -27.26 -59.46 44.99
N GLY E 26 -27.68 -58.26 45.39
CA GLY E 26 -26.81 -57.12 45.47
C GLY E 26 -26.58 -56.38 44.18
N PHE E 27 -27.20 -56.80 43.09
CA PHE E 27 -27.08 -56.08 41.83
C PHE E 27 -28.23 -56.52 40.94
N SER E 28 -28.48 -55.73 39.91
CA SER E 28 -29.46 -56.06 38.89
C SER E 28 -28.69 -56.42 37.63
N LEU E 29 -29.02 -57.58 37.07
CA LEU E 29 -28.38 -58.00 35.83
C LEU E 29 -28.64 -57.06 34.67
N SER E 30 -29.66 -56.20 34.77
CA SER E 30 -29.92 -55.18 33.76
C SER E 30 -28.88 -54.07 33.74
N THR E 31 -27.95 -54.04 34.71
CA THR E 31 -26.97 -52.96 34.76
C THR E 31 -25.97 -53.06 33.61
N SER E 32 -25.78 -51.92 32.95
CA SER E 32 -24.87 -51.78 31.82
C SER E 32 -23.48 -52.32 32.11
N GLY E 33 -22.97 -53.12 31.18
CA GLY E 33 -21.66 -53.71 31.28
C GLY E 33 -21.52 -54.87 32.23
N VAL E 34 -22.55 -55.20 32.99
CA VAL E 34 -22.53 -56.33 33.90
C VAL E 34 -22.97 -57.58 33.14
N GLY E 35 -22.37 -58.71 33.47
CA GLY E 35 -22.82 -59.97 32.95
C GLY E 35 -22.67 -61.03 34.02
N VAL E 36 -23.27 -62.20 33.76
CA VAL E 36 -23.15 -63.35 34.65
C VAL E 36 -22.82 -64.54 33.76
N GLY E 37 -21.83 -65.33 34.19
CA GLY E 37 -21.40 -66.48 33.45
C GLY E 37 -21.24 -67.68 34.36
N TRP E 38 -20.91 -68.82 33.74
CA TRP E 38 -20.78 -70.09 34.42
C TRP E 38 -19.43 -70.72 34.16
N ILE E 39 -18.90 -71.35 35.19
CA ILE E 39 -17.59 -71.99 35.15
C ILE E 39 -17.80 -73.31 35.87
N ARG E 40 -17.17 -74.36 35.37
CA ARG E 40 -17.23 -75.67 36.01
C ARG E 40 -15.79 -76.15 36.19
N GLN E 41 -15.62 -77.08 37.13
CA GLN E 41 -14.29 -77.62 37.44
C GLN E 41 -14.42 -79.09 37.81
N PRO E 42 -14.11 -80.01 36.90
CA PRO E 42 -14.06 -81.41 37.28
C PRO E 42 -12.90 -81.62 38.24
N PRO E 43 -12.95 -82.65 39.08
CA PRO E 43 -11.84 -82.87 40.04
C PRO E 43 -10.43 -82.98 39.46
N GLY E 44 -9.56 -82.11 39.97
CA GLY E 44 -8.15 -81.94 39.66
C GLY E 44 -7.73 -81.38 38.32
N LYS E 45 -8.66 -81.03 37.43
CA LYS E 45 -8.34 -80.43 36.14
C LYS E 45 -8.60 -78.92 36.21
N ALA E 46 -8.13 -78.21 35.19
CA ALA E 46 -8.37 -76.78 35.12
C ALA E 46 -9.85 -76.46 34.92
N LEU E 47 -10.18 -75.20 35.16
CA LEU E 47 -11.52 -74.68 35.00
C LEU E 47 -11.82 -74.39 33.54
N GLU E 48 -13.10 -74.48 33.20
CA GLU E 48 -13.60 -74.26 31.86
C GLU E 48 -14.81 -73.32 31.91
N TRP E 49 -14.76 -72.26 31.11
CA TRP E 49 -15.88 -71.33 31.01
C TRP E 49 -16.94 -71.92 30.10
N LEU E 50 -18.20 -71.86 30.53
CA LEU E 50 -19.30 -72.44 29.77
C LEU E 50 -20.07 -71.41 28.96
N ALA E 51 -20.71 -70.46 29.64
CA ALA E 51 -21.61 -69.53 29.00
C ALA E 51 -21.59 -68.22 29.77
N LEU E 52 -22.00 -67.17 29.08
CA LEU E 52 -22.08 -65.85 29.64
C LEU E 52 -23.28 -65.16 29.02
N ILE E 53 -24.00 -64.39 29.83
CA ILE E 53 -25.12 -63.59 29.38
C ILE E 53 -24.93 -62.17 29.87
N TYR E 54 -25.08 -61.22 28.96
CA TYR E 54 -24.94 -59.81 29.25
C TYR E 54 -26.31 -59.20 29.57
N TRP E 55 -26.25 -58.04 30.22
CA TRP E 55 -27.44 -57.28 30.61
C TRP E 55 -28.40 -57.06 29.45
N ASP E 56 -27.87 -56.85 28.25
CA ASP E 56 -28.67 -56.59 27.07
C ASP E 56 -29.21 -57.83 26.37
N ASP E 57 -29.55 -58.88 27.12
CA ASP E 57 -30.13 -60.10 26.55
C ASP E 57 -29.20 -60.78 25.55
N ASP E 58 -27.90 -60.50 25.61
CA ASP E 58 -26.92 -60.99 24.64
C ASP E 58 -26.28 -62.25 25.22
N LYS E 59 -26.18 -63.29 24.39
CA LYS E 59 -25.76 -64.61 24.82
C LYS E 59 -24.45 -65.03 24.18
N ARG E 60 -23.63 -65.75 24.95
CA ARG E 60 -22.39 -66.32 24.46
C ARG E 60 -22.21 -67.70 25.06
N TYR E 61 -21.55 -68.58 24.31
CA TYR E 61 -21.31 -69.97 24.72
C TYR E 61 -19.96 -70.41 24.20
N SER E 62 -19.35 -71.36 24.88
CA SER E 62 -18.12 -71.93 24.35
C SER E 62 -18.46 -72.70 23.08
N PRO E 63 -17.83 -72.41 21.93
CA PRO E 63 -18.22 -73.09 20.68
C PRO E 63 -18.08 -74.60 20.74
N SER E 64 -17.13 -75.12 21.51
CA SER E 64 -16.97 -76.55 21.68
C SER E 64 -18.19 -77.22 22.31
N LEU E 65 -19.04 -76.46 22.98
CA LEU E 65 -20.19 -76.99 23.69
C LEU E 65 -21.44 -76.16 23.43
N LYS E 66 -21.33 -75.08 22.63
CA LYS E 66 -22.43 -74.17 22.30
C LYS E 66 -23.68 -74.90 21.82
N SER E 67 -23.49 -75.99 21.07
CA SER E 67 -24.63 -76.78 20.61
C SER E 67 -25.46 -77.30 21.77
N ARG E 68 -24.81 -77.71 22.84
CA ARG E 68 -25.48 -78.25 24.01
C ARG E 68 -25.88 -77.21 25.03
N LEU E 69 -25.11 -76.15 25.20
CA LEU E 69 -25.46 -75.13 26.19
C LEU E 69 -26.61 -74.26 25.74
N THR E 70 -27.52 -73.99 26.67
CA THR E 70 -28.58 -73.01 26.49
C THR E 70 -28.77 -72.32 27.83
N ILE E 71 -28.66 -71.00 27.82
CA ILE E 71 -28.72 -70.17 29.02
C ILE E 71 -29.90 -69.23 28.93
N THR E 72 -30.49 -68.95 30.08
CA THR E 72 -31.69 -68.12 30.19
C THR E 72 -31.63 -67.39 31.52
N LYS E 73 -32.42 -66.33 31.60
CA LYS E 73 -32.47 -65.48 32.77
C LYS E 73 -33.87 -64.91 32.98
N ASP E 74 -34.09 -64.42 34.20
CA ASP E 74 -35.32 -63.72 34.54
C ASP E 74 -34.86 -62.64 35.51
N THR E 75 -34.74 -61.42 34.99
CA THR E 75 -34.29 -60.30 35.81
C THR E 75 -35.28 -59.98 36.92
N SER E 76 -36.58 -60.22 36.67
CA SER E 76 -37.57 -59.94 37.70
C SER E 76 -37.37 -60.84 38.92
N LYS E 77 -36.83 -62.03 38.71
CA LYS E 77 -36.53 -62.95 39.80
C LYS E 77 -35.06 -62.93 40.19
N ASN E 78 -34.23 -62.08 39.55
CA ASN E 78 -32.80 -62.02 39.81
C ASN E 78 -32.15 -63.39 39.71
N GLN E 79 -32.53 -64.13 38.67
CA GLN E 79 -32.10 -65.51 38.47
C GLN E 79 -31.60 -65.72 37.06
N VAL E 80 -30.57 -66.55 36.93
CA VAL E 80 -30.06 -67.00 35.65
C VAL E 80 -30.29 -68.49 35.64
N VAL E 81 -30.99 -68.98 34.62
CA VAL E 81 -31.28 -70.40 34.46
C VAL E 81 -30.47 -70.90 33.30
N LEU E 82 -29.55 -71.81 33.59
CA LEU E 82 -28.75 -72.49 32.59
C LEU E 82 -29.30 -73.88 32.32
N THR E 83 -29.20 -74.31 31.06
CA THR E 83 -29.55 -75.68 30.71
C THR E 83 -28.58 -76.18 29.65
N MET E 84 -28.29 -77.48 29.72
CA MET E 84 -27.43 -78.16 28.76
C MET E 84 -27.96 -79.57 28.57
N THR E 85 -28.22 -79.94 27.34
CA THR E 85 -28.73 -81.26 26.99
C THR E 85 -27.66 -82.35 27.00
N ASN E 86 -28.17 -83.59 27.02
CA ASN E 86 -27.48 -84.88 26.83
C ASN E 86 -26.17 -85.09 27.61
N MET E 87 -26.31 -85.15 28.94
CA MET E 87 -25.16 -85.32 29.82
C MET E 87 -24.36 -86.58 29.63
N ASP E 88 -23.12 -86.40 29.33
CA ASP E 88 -22.16 -87.47 29.24
C ASP E 88 -21.69 -87.74 30.67
N PRO E 89 -21.39 -88.99 31.05
CA PRO E 89 -20.87 -89.24 32.41
C PRO E 89 -19.67 -88.38 32.78
N VAL E 90 -18.79 -88.12 31.81
CA VAL E 90 -17.61 -87.27 32.01
C VAL E 90 -17.97 -85.85 32.43
N ASP E 91 -19.20 -85.39 32.13
CA ASP E 91 -19.62 -84.05 32.56
C ASP E 91 -19.70 -83.88 34.07
N THR E 92 -19.67 -84.97 34.86
CA THR E 92 -19.72 -84.93 36.31
C THR E 92 -18.62 -84.01 36.86
N ALA E 93 -19.01 -82.89 37.46
CA ALA E 93 -18.05 -81.88 37.89
C ALA E 93 -18.73 -80.88 38.81
N THR E 94 -17.90 -80.06 39.46
CA THR E 94 -18.39 -78.91 40.20
C THR E 94 -18.73 -77.82 39.20
N TYR E 95 -19.85 -77.14 39.44
CA TYR E 95 -20.33 -76.05 38.61
C TYR E 95 -20.45 -74.76 39.41
N TYR E 96 -20.03 -73.65 38.80
CA TYR E 96 -20.04 -72.33 39.40
C TYR E 96 -20.76 -71.36 38.48
N CYS E 97 -21.48 -70.42 39.08
CA CYS E 97 -22.04 -69.24 38.41
C CYS E 97 -21.32 -68.05 39.00
N ALA E 98 -20.94 -67.08 38.16
CA ALA E 98 -20.17 -65.94 38.62
C ALA E 98 -20.54 -64.64 37.93
N HIS E 99 -20.36 -63.56 38.69
CA HIS E 99 -20.57 -62.20 38.22
C HIS E 99 -19.42 -61.82 37.30
N HIS E 100 -19.75 -61.13 36.21
CA HIS E 100 -18.77 -60.77 35.19
C HIS E 100 -18.82 -59.31 34.77
N LYS E 101 -17.61 -58.78 34.58
CA LYS E 101 -17.32 -57.50 33.94
C LYS E 101 -16.10 -57.73 33.07
N ILE E 102 -15.96 -56.92 32.03
CA ILE E 102 -14.77 -57.05 31.17
C ILE E 102 -13.51 -56.81 31.98
N GLU E 103 -13.50 -55.73 32.76
CA GLU E 103 -12.34 -55.41 33.58
C GLU E 103 -12.08 -56.45 34.65
N ARG E 104 -13.13 -57.05 35.21
CA ARG E 104 -13.04 -58.02 36.29
C ARG E 104 -13.64 -59.26 35.65
N ILE E 105 -12.78 -60.03 34.97
CA ILE E 105 -13.24 -61.10 34.09
C ILE E 105 -14.16 -62.10 34.78
N PHE E 106 -13.99 -62.28 36.09
CA PHE E 106 -14.97 -62.92 36.97
C PHE E 106 -14.61 -62.38 38.34
N ASP E 107 -15.41 -61.45 38.85
CA ASP E 107 -15.01 -60.78 40.08
C ASP E 107 -15.37 -61.65 41.27
N TYR E 108 -16.66 -61.83 41.50
CA TYR E 108 -17.21 -62.62 42.58
C TYR E 108 -17.82 -63.91 42.05
N TRP E 109 -17.59 -64.98 42.81
CA TRP E 109 -17.97 -66.33 42.47
C TRP E 109 -18.91 -66.87 43.53
N GLY E 110 -19.91 -67.59 43.09
CA GLY E 110 -20.83 -68.24 44.00
C GLY E 110 -20.13 -69.39 44.71
N GLN E 111 -20.87 -69.99 45.65
CA GLN E 111 -20.36 -71.14 46.38
C GLN E 111 -20.05 -72.31 45.45
N GLY E 112 -20.74 -72.41 44.32
CA GLY E 112 -20.64 -73.54 43.43
C GLY E 112 -21.49 -74.71 43.85
N THR E 113 -21.91 -75.50 42.86
CA THR E 113 -22.73 -76.68 43.07
C THR E 113 -22.09 -77.88 42.40
N LEU E 114 -22.13 -79.01 43.11
CA LEU E 114 -21.73 -80.27 42.52
C LEU E 114 -22.75 -80.70 41.48
N VAL E 115 -22.26 -81.37 40.45
CA VAL E 115 -23.11 -81.94 39.41
C VAL E 115 -22.56 -83.34 39.13
N THR E 116 -23.47 -84.30 39.04
CA THR E 116 -23.15 -85.71 38.87
C THR E 116 -24.02 -86.31 37.79
N VAL E 117 -23.41 -87.15 36.95
CA VAL E 117 -24.07 -87.77 35.82
C VAL E 117 -23.86 -89.25 35.98
N SER E 118 -24.91 -89.95 36.41
CA SER E 118 -24.90 -91.38 36.68
C SER E 118 -26.35 -91.77 36.98
N SER E 119 -26.55 -93.01 37.43
CA SER E 119 -27.88 -93.49 37.78
C SER E 119 -28.42 -92.76 39.00
C1 NAG F . -17.18 56.02 -42.47
C2 NAG F . -16.19 57.10 -42.03
C3 NAG F . -16.85 58.48 -42.05
C4 NAG F . -17.70 58.72 -43.30
C5 NAG F . -18.54 57.50 -43.65
C6 NAG F . -19.23 57.62 -44.99
C7 NAG F . -15.05 57.60 -39.87
C8 NAG F . -14.64 57.01 -38.56
N2 NAG F . -15.70 56.78 -40.71
O3 NAG F . -15.85 59.48 -42.00
O4 NAG F . -18.57 59.81 -43.03
O5 NAG F . -17.71 56.34 -43.70
O6 NAG F . -19.56 56.33 -45.47
O7 NAG F . -14.76 58.76 -40.17
C1 NAG F . -18.01 61.06 -43.48
C2 NAG F . -18.79 62.18 -42.78
C3 NAG F . -18.19 63.54 -43.08
C4 NAG F . -16.75 63.57 -42.62
C5 NAG F . -15.96 62.49 -43.35
C6 NAG F . -14.55 62.33 -42.81
C7 NAG F . -21.08 61.34 -42.60
C8 NAG F . -22.48 61.42 -43.11
N2 NAG F . -20.20 62.15 -43.17
O3 NAG F . -18.94 64.54 -42.41
O4 NAG F . -16.17 64.83 -42.92
O5 NAG F . -16.58 61.21 -43.20
O6 NAG F . -14.44 61.11 -42.09
O7 NAG F . -20.76 60.55 -41.71
C1 NAG G . -21.71 48.59 -24.73
C2 NAG G . -22.62 49.72 -25.22
C3 NAG G . -23.60 50.13 -24.13
C4 NAG G . -24.32 48.93 -23.55
C5 NAG G . -23.33 47.86 -23.12
C6 NAG G . -23.97 46.58 -22.65
C7 NAG G . -21.24 50.91 -26.84
C8 NAG G . -20.49 52.17 -27.14
N2 NAG G . -21.85 50.86 -25.64
O3 NAG G . -24.56 51.02 -24.68
O4 NAG G . -25.03 49.34 -22.39
O5 NAG G . -22.48 47.52 -24.22
O6 NAG G . -25.16 46.29 -23.37
O7 NAG G . -21.27 49.97 -27.61
C1 NAG G . -26.44 49.19 -22.58
C2 NAG G . -27.03 49.49 -21.24
C3 NAG G . -28.53 49.26 -21.32
C4 NAG G . -29.11 50.22 -22.35
C5 NAG G . -28.38 50.10 -23.70
C6 NAG G . -28.71 51.23 -24.63
C7 NAG G . -25.83 49.14 -19.12
C8 NAG G . -25.26 48.13 -18.18
N2 NAG G . -26.43 48.66 -20.21
O3 NAG G . -29.11 49.48 -20.05
O4 NAG G . -30.49 49.94 -22.54
O5 NAG G . -26.95 50.11 -23.53
O6 NAG G . -28.27 52.47 -24.08
O7 NAG G . -25.77 50.34 -18.89
C1 NAG H . 17.30 57.53 -0.96
C2 NAG H . 17.74 58.88 -0.47
C3 NAG H . 19.25 58.87 -0.31
C4 NAG H . 19.63 57.74 0.64
C5 NAG H . 19.04 56.42 0.17
C6 NAG H . 19.23 55.29 1.14
C7 NAG H . 17.66 60.04 -2.63
C8 NAG H . 17.12 61.22 -3.38
N2 NAG H . 17.32 59.94 -1.35
O3 NAG H . 19.67 60.11 0.22
O4 NAG H . 21.05 57.57 0.67
O5 NAG H . 17.62 56.56 -0.02
O6 NAG H . 18.90 55.70 2.47
O7 NAG H . 18.38 59.23 -3.18
C1 NAG H . 21.69 57.99 1.89
C2 NAG H . 22.99 57.23 2.00
C3 NAG H . 23.75 57.69 3.23
C4 NAG H . 24.00 59.18 3.15
C5 NAG H . 22.69 59.94 2.95
C6 NAG H . 22.89 61.39 2.65
C7 NAG H . 23.63 54.88 1.69
C8 NAG H . 23.20 53.46 1.85
N2 NAG H . 22.74 55.79 2.07
O3 NAG H . 24.99 57.01 3.31
O4 NAG H . 24.63 59.63 4.34
O5 NAG H . 21.95 59.38 1.85
O6 NAG H . 23.28 61.57 1.28
O7 NAG H . 24.72 55.18 1.24
C1 NAG I . 5.19 72.67 -5.79
C2 NAG I . 5.65 73.66 -4.77
C3 NAG I . 5.99 74.96 -5.46
C4 NAG I . 7.10 74.69 -6.47
C5 NAG I . 6.73 73.54 -7.41
C6 NAG I . 7.92 73.06 -8.20
C7 NAG I . 4.61 73.26 -2.59
C8 NAG I . 3.49 73.61 -1.66
N2 NAG I . 4.62 73.89 -3.76
O3 NAG I . 6.46 75.89 -4.49
O4 NAG I . 7.28 75.86 -7.25
O5 NAG I . 6.25 72.40 -6.68
O6 NAG I . 8.93 72.56 -7.35
O7 NAG I . 5.45 72.42 -2.28
C1 NAG I . 8.59 76.42 -7.04
C2 NAG I . 8.60 77.72 -7.80
C3 NAG I . 9.96 78.38 -7.65
C4 NAG I . 10.25 78.60 -6.18
C5 NAG I . 10.13 77.30 -5.39
C6 NAG I . 10.21 77.50 -3.90
C7 NAG I . 7.67 78.42 -9.94
C8 NAG I . 7.42 78.04 -11.37
N2 NAG I . 8.29 77.52 -9.20
O3 NAG I . 9.95 79.61 -8.34
O4 NAG I . 11.57 79.12 -6.02
O5 NAG I . 8.87 76.67 -5.65
O6 NAG I . 9.12 78.28 -3.44
O7 NAG I . 7.31 79.51 -9.50
C1 NAG J . 19.81 37.26 -43.21
C2 NAG J . 20.44 37.84 -44.48
C3 NAG J . 19.95 37.08 -45.71
C4 NAG J . 20.12 35.59 -45.53
C5 NAG J . 19.46 35.14 -44.24
C6 NAG J . 19.69 33.68 -43.94
C7 NAG J . 20.76 40.19 -43.90
C8 NAG J . 20.33 41.59 -44.15
N2 NAG J . 20.13 39.25 -44.61
O3 NAG J . 20.73 37.52 -46.82
O4 NAG J . 19.45 34.91 -46.58
O5 NAG J . 20.02 35.88 -43.15
O6 NAG J . 19.22 33.34 -42.64
O7 NAG J . 21.62 39.91 -43.08
C1 NAG J . 20.35 34.43 -47.58
C2 NAG J . 19.51 33.61 -48.52
C3 NAG J . 20.39 33.07 -49.63
C4 NAG J . 21.01 34.23 -50.38
C5 NAG J . 21.77 35.13 -49.42
C6 NAG J . 22.19 36.43 -50.07
C7 NAG J . 17.51 32.42 -47.71
C8 NAG J . 17.02 31.24 -46.94
N2 NAG J . 18.84 32.52 -47.82
O3 NAG J . 19.61 32.27 -50.51
O4 NAG J . 21.90 33.74 -51.38
O5 NAG J . 20.96 35.50 -48.29
O6 NAG J . 21.12 37.37 -50.05
O7 NAG J . 16.75 33.24 -48.21
C1 NAG K . 30.55 53.73 -40.06
C2 NAG K . 29.33 54.61 -39.96
C3 NAG K . 28.97 55.17 -41.33
C4 NAG K . 30.19 55.77 -42.00
C5 NAG K . 31.41 54.87 -41.91
C6 NAG K . 32.67 55.56 -42.35
C7 NAG K . 27.80 53.91 -38.16
C8 NAG K . 26.66 53.01 -37.79
N2 NAG K . 28.22 53.84 -39.42
O3 NAG K . 27.98 56.18 -41.19
O4 NAG K . 29.89 55.93 -43.39
O5 NAG K . 31.62 54.46 -40.55
O6 NAG K . 33.16 56.42 -41.34
O7 NAG K . 28.33 54.66 -37.34
C1 NAG K . 29.59 57.30 -43.73
C2 NAG K . 28.99 57.33 -45.13
C3 NAG K . 28.61 58.75 -45.47
C4 NAG K . 27.53 59.21 -44.53
C5 NAG K . 28.03 59.14 -43.09
C6 NAG K . 26.94 59.30 -42.06
C7 NAG K . 29.53 56.27 -47.27
C8 NAG K . 30.60 55.75 -48.17
N2 NAG K . 29.92 56.79 -46.11
O3 NAG K . 28.11 58.81 -46.81
O4 NAG K . 27.20 60.57 -44.83
O5 NAG K . 28.66 57.89 -42.78
O6 NAG K . 26.92 58.17 -41.21
O7 NAG K . 28.34 56.23 -47.60
C1 NAG L . 0.35 55.36 -55.16
C2 NAG L . 0.03 54.39 -56.29
C3 NAG L . 1.13 54.42 -57.35
C4 NAG L . 1.37 55.84 -57.83
C5 NAG L . 1.70 56.74 -56.66
C6 NAG L . 1.82 58.20 -57.05
C7 NAG L . -1.29 52.61 -55.27
C8 NAG L . -1.29 51.20 -54.78
N2 NAG L . -0.14 53.05 -55.78
O3 NAG L . 0.75 53.58 -58.44
O4 NAG L . 2.45 55.84 -58.76
O5 NAG L . 0.66 56.67 -55.68
O6 NAG L . 0.72 58.95 -56.53
O7 NAG L . -2.27 53.32 -55.18
C1 NAG M . -17.69 40.40 -42.20
C2 NAG M . -18.62 39.76 -41.15
C3 NAG M . -19.03 38.36 -41.59
C4 NAG M . -19.62 38.38 -42.98
C5 NAG M . -18.67 39.04 -43.98
C6 NAG M . -19.26 39.24 -45.35
C7 NAG M . -18.63 39.59 -38.71
C8 NAG M . -17.80 39.52 -37.46
N2 NAG M . -17.96 39.70 -39.86
O3 NAG M . -19.98 37.82 -40.69
O4 NAG M . -19.90 37.05 -43.41
O5 NAG M . -18.31 40.35 -43.49
O6 NAG M . -18.92 40.53 -45.87
O7 NAG M . -19.86 39.54 -38.68
C1 NAG N . -24.11 47.54 -2.75
C2 NAG N . -24.92 48.76 -2.36
C3 NAG N . -25.82 48.42 -1.19
C4 NAG N . -26.72 47.26 -1.56
C5 NAG N . -25.88 46.08 -2.00
C6 NAG N . -26.70 44.92 -2.52
C7 NAG N . -23.54 50.70 -2.95
C8 NAG N . -22.67 51.79 -2.44
N2 NAG N . -24.06 49.88 -2.03
O3 NAG N . -26.60 49.56 -0.85
O4 NAG N . -27.53 46.89 -0.45
O5 NAG N . -24.98 46.46 -3.06
O6 NAG N . -25.97 44.19 -3.50
O7 NAG N . -23.73 50.53 -4.14
C1 NAG O . -5.79 39.33 -51.53
C2 NAG O . -4.58 39.97 -52.20
C3 NAG O . -4.93 40.43 -53.60
C4 NAG O . -5.48 39.28 -54.40
C5 NAG O . -6.67 38.67 -53.69
C6 NAG O . -7.20 37.42 -54.36
C7 NAG O . -3.26 40.93 -50.37
C8 NAG O . -2.82 42.18 -49.69
N2 NAG O . -4.07 41.08 -51.42
O3 NAG O . -3.77 40.95 -54.23
O4 NAG O . -5.88 39.73 -55.69
O5 NAG O . -6.30 38.29 -52.35
O6 NAG O . -7.52 36.42 -53.39
O7 NAG O . -2.92 39.82 -49.99
C1 NAG P . -29.70 7.99 -38.50
C2 NAG P . -30.92 8.14 -39.41
C3 NAG P . -31.12 6.86 -40.20
C4 NAG P . -29.86 6.54 -40.99
C5 NAG P . -28.65 6.49 -40.07
C6 NAG P . -27.35 6.37 -40.82
C7 NAG P . -32.49 9.72 -38.37
C8 NAG P . -33.75 9.87 -37.58
N2 NAG P . -32.12 8.47 -38.65
O3 NAG P . -32.21 7.04 -41.10
O4 NAG P . -30.01 5.28 -41.64
O5 NAG P . -28.55 7.68 -39.28
O6 NAG P . -26.93 7.64 -41.32
O7 NAG P . -31.82 10.69 -38.71
C1 NAG Q . -21.25 -9.40 -33.11
C2 NAG Q . -20.14 -8.92 -34.04
C3 NAG Q . -20.61 -8.97 -35.48
C4 NAG Q . -21.05 -10.39 -35.83
C5 NAG Q . -22.13 -10.86 -34.85
C6 NAG Q . -22.47 -12.31 -35.03
C7 NAG Q . -18.67 -7.33 -32.89
C8 NAG Q . -18.36 -5.89 -32.64
N2 NAG Q . -19.70 -7.58 -33.69
O3 NAG Q . -19.54 -8.57 -36.33
O4 NAG Q . -21.57 -10.41 -37.15
O5 NAG Q . -21.67 -10.71 -33.50
O6 NAG Q . -22.54 -12.98 -33.77
O7 NAG Q . -18.01 -8.24 -32.37
C1 NAG R . -33.94 16.44 -7.00
C2 NAG R . -34.11 17.33 -8.25
C3 NAG R . -34.09 18.83 -7.90
C4 NAG R . -35.04 19.15 -6.76
C5 NAG R . -34.71 18.29 -5.55
C6 NAG R . -35.69 18.47 -4.41
C7 NAG R . -32.93 17.61 -10.41
C8 NAG R . -31.76 17.16 -11.23
N2 NAG R . -33.06 17.02 -9.21
O3 NAG R . -34.47 19.63 -9.01
O4 NAG R . -34.92 20.51 -6.39
O5 NAG R . -34.79 16.92 -5.93
O6 NAG R . -36.95 17.88 -4.71
O7 NAG R . -33.72 18.46 -10.81
C1 NAG S . -47.34 -15.21 -11.34
C2 NAG S . -46.98 -14.57 -12.67
C3 NAG S . -47.88 -15.09 -13.77
C4 NAG S . -47.77 -16.60 -13.83
C5 NAG S . -48.13 -17.20 -12.48
C6 NAG S . -47.91 -18.70 -12.42
C7 NAG S . -46.00 -12.30 -12.65
C8 NAG S . -46.30 -10.84 -12.56
N2 NAG S . -47.07 -13.11 -12.60
O3 NAG S . -47.48 -14.51 -15.01
O4 NAG S . -48.65 -17.12 -14.83
O5 NAG S . -47.31 -16.63 -11.45
O6 NAG S . -47.61 -19.11 -11.09
O7 NAG S . -44.86 -12.73 -12.77
C1 NAG T . -39.24 8.14 17.57
C2 NAG T . -40.09 8.75 16.47
C3 NAG T . -40.72 10.03 16.96
C4 NAG T . -41.56 9.74 18.20
C5 NAG T . -40.73 9.03 19.27
C6 NAG T . -41.57 8.52 20.40
C7 NAG T . -39.14 8.10 14.30
C8 NAG T . -38.30 8.53 13.15
N2 NAG T . -39.29 9.00 15.28
O3 NAG T . -41.54 10.58 15.94
O4 NAG T . -42.07 10.95 18.73
O5 NAG T . -40.06 7.90 18.71
O6 NAG T . -42.32 7.37 20.00
O7 NAG T . -39.68 7.00 14.35
C1 NAG U . 11.01 7.39 50.91
C2 NAG U . 9.63 8.07 51.03
C3 NAG U . 9.18 8.15 52.47
C4 NAG U . 9.13 6.75 53.06
C5 NAG U . 10.53 6.14 53.01
C6 NAG U . 10.54 4.69 53.45
C7 NAG U . 9.38 9.63 49.15
C8 NAG U . 9.46 11.07 48.71
N2 NAG U . 9.66 9.40 50.43
O3 NAG U . 7.87 8.72 52.51
O4 NAG U . 8.68 6.80 54.40
O5 NAG U . 11.03 6.15 51.66
O6 NAG U . 9.57 3.93 52.75
O7 NAG U . 9.08 8.74 48.37
C1 NAG V . 39.72 8.53 26.04
C2 NAG V . 39.63 9.93 26.61
C3 NAG V . 40.95 10.67 26.41
C4 NAG V . 42.09 9.87 27.03
C5 NAG V . 42.11 8.44 26.50
C6 NAG V . 43.10 7.55 27.21
C7 NAG V . 37.27 10.53 26.35
C8 NAG V . 36.27 11.39 25.61
N2 NAG V . 38.55 10.68 26.00
O3 NAG V . 40.87 11.95 27.02
O4 NAG V . 43.33 10.50 26.73
O5 NAG V . 40.82 7.83 26.65
O6 NAG V . 42.50 6.91 28.32
O7 NAG V . 36.92 9.72 27.20
C1 NAG W . 22.42 27.61 23.35
C2 NAG W . 22.13 29.08 23.04
C3 NAG W . 23.43 29.87 23.02
C4 NAG W . 24.17 29.68 24.34
C5 NAG W . 24.37 28.20 24.65
C6 NAG W . 24.93 27.95 26.03
C7 NAG W . 20.49 30.15 21.56
C8 NAG W . 19.87 30.15 20.19
N2 NAG W . 21.43 29.21 21.78
O3 NAG W . 23.13 31.24 22.81
O4 NAG W . 25.45 30.31 24.26
O5 NAG W . 23.11 27.52 24.60
O6 NAG W . 24.45 26.73 26.56
O7 NAG W . 20.17 30.97 22.42
C1 NAG X . -8.24 38.13 30.13
C2 NAG X . -8.20 38.62 31.57
C3 NAG X . -9.36 38.03 32.35
C4 NAG X . -10.68 38.37 31.67
C5 NAG X . -10.67 37.91 30.21
C6 NAG X . -11.87 38.37 29.44
C7 NAG X . -5.84 39.03 32.10
C8 NAG X . -4.63 38.52 32.81
N2 NAG X . -6.94 38.28 32.20
O3 NAG X . -9.35 38.54 33.67
O4 NAG X . -11.75 37.75 32.35
O5 NAG X . -9.51 38.43 29.54
O6 NAG X . -11.86 39.78 29.30
O7 NAG X . -5.83 40.07 31.45
C1 NAG Y . -14.26 61.84 -3.88
C2 NAG Y . -14.10 62.91 -2.82
C3 NAG Y . -15.45 63.60 -2.59
C4 NAG Y . -15.98 64.15 -3.90
C5 NAG Y . -16.06 63.05 -4.95
C6 NAG Y . -16.40 63.59 -6.32
C7 NAG Y . -13.19 63.07 -0.56
C8 NAG Y . -12.70 62.32 0.64
N2 NAG Y . -13.60 62.34 -1.60
O3 NAG Y . -15.33 64.68 -1.69
O4 NAG Y . -17.27 64.70 -3.70
O5 NAG Y . -14.79 62.40 -5.08
O6 NAG Y . -15.23 64.09 -6.94
O7 NAG Y . -13.25 64.30 -0.57
C1 NAG Z . 34.80 43.38 -3.36
C2 NAG Z . 35.99 44.31 -3.40
C3 NAG Z . 37.17 43.65 -2.69
C4 NAG Z . 36.79 43.29 -1.27
C5 NAG Z . 35.55 42.39 -1.29
C6 NAG Z . 35.02 42.09 0.09
C7 NAG Z . 35.77 45.62 -5.45
C8 NAG Z . 36.28 45.83 -6.84
N2 NAG Z . 36.36 44.64 -4.77
O3 NAG Z . 38.27 44.56 -2.68
O4 NAG Z . 37.86 42.63 -0.62
O5 NAG Z . 34.50 43.04 -2.01
O6 NAG Z . 33.88 41.25 0.02
O7 NAG Z . 34.86 46.28 -4.97
C1 NAG AA . -0.81 60.86 4.06
C2 NAG AA . 0.15 60.22 5.06
C3 NAG AA . -0.63 59.37 6.04
C4 NAG AA . -1.69 60.19 6.75
C5 NAG AA . -2.60 60.87 5.72
C6 NAG AA . -3.56 61.85 6.35
C7 NAG AA . 2.45 59.45 4.73
C8 NAG AA . 3.36 58.57 3.92
N2 NAG AA . 1.16 59.44 4.38
O3 NAG AA . 0.26 58.80 6.99
O4 NAG AA . -2.47 59.36 7.59
O5 NAG AA . -1.82 61.61 4.78
O6 NAG AA . -4.49 62.35 5.40
O7 NAG AA . 2.89 60.15 5.64
C1 NAG BA . -12.88 74.58 -15.45
C2 NAG BA . -13.92 74.81 -14.34
C3 NAG BA . -15.29 75.05 -14.94
C4 NAG BA . -15.23 76.22 -15.90
C5 NAG BA . -14.19 75.96 -16.98
C6 NAG BA . -13.98 77.15 -17.90
C7 NAG BA . -13.14 73.54 -12.41
C8 NAG BA . -13.32 72.30 -11.59
N2 NAG BA . -13.96 73.67 -13.45
O3 NAG BA . -16.21 75.32 -13.89
O4 NAG BA . -16.51 76.41 -16.50
O5 NAG BA . -12.92 75.68 -16.38
O6 NAG BA . -12.93 77.98 -17.41
O7 NAG BA . -12.29 74.37 -12.14
C1 NAG CA . 21.96 -32.28 49.78
C2 NAG CA . 21.91 -32.22 51.31
C3 NAG CA . 21.24 -33.47 51.84
C4 NAG CA . 19.86 -33.63 51.21
C5 NAG CA . 19.94 -33.60 49.68
C6 NAG CA . 18.58 -33.56 49.02
C7 NAG CA . 23.48 -31.56 53.07
C8 NAG CA . 24.91 -31.48 53.49
N2 NAG CA . 23.24 -32.09 51.87
O3 NAG CA . 21.11 -33.37 53.25
O4 NAG CA . 19.27 -34.87 51.61
O5 NAG CA . 20.64 -32.42 49.25
O6 NAG CA . 17.88 -32.37 49.36
O7 NAG CA . 22.56 -31.17 53.79
C1 NAG DA . -31.80 -13.37 40.15
C2 NAG DA . -31.65 -11.92 40.63
C3 NAG DA . -32.15 -11.76 42.06
C4 NAG DA . -33.53 -12.38 42.24
C5 NAG DA . -33.50 -13.81 41.70
C6 NAG DA . -34.85 -14.49 41.88
C7 NAG DA . -29.76 -10.86 39.47
C8 NAG DA . -28.27 -10.62 39.48
N2 NAG DA . -30.26 -11.48 40.54
O3 NAG DA . -32.16 -10.37 42.40
O4 NAG DA . -33.88 -12.53 43.62
O5 NAG DA . -33.13 -13.79 40.32
O6 NAG DA . -35.78 -13.82 41.04
O7 NAG DA . -30.45 -10.49 38.54
C1 NAG EA . -20.21 -40.03 36.73
C2 NAG EA . -19.67 -38.61 36.76
C3 NAG EA . -18.47 -38.56 37.69
C4 NAG EA . -18.87 -38.99 39.08
C5 NAG EA . -19.47 -40.38 39.05
C6 NAG EA . -20.06 -40.80 40.37
C7 NAG EA . -19.36 -36.88 35.07
C8 NAG EA . -18.87 -36.57 33.69
N2 NAG EA . -19.28 -38.15 35.43
O3 NAG EA . -17.95 -37.23 37.70
O4 NAG EA . -17.73 -38.98 39.94
O5 NAG EA . -20.53 -40.45 38.08
O6 NAG EA . -21.05 -39.88 40.82
O7 NAG EA . -19.80 -36.01 35.81
C1 NAG FA . 16.56 -59.75 -11.19
C2 NAG FA . 15.40 -58.94 -10.60
C3 NAG FA . 15.66 -58.62 -9.13
C4 NAG FA . 15.93 -59.91 -8.36
C5 NAG FA . 17.08 -60.66 -9.00
C6 NAG FA . 17.35 -62.01 -8.36
C7 NAG FA . 14.71 -57.66 -12.59
C8 NAG FA . 14.57 -56.29 -13.18
N2 NAG FA . 15.20 -57.70 -11.34
O3 NAG FA . 14.52 -57.96 -8.58
O4 NAG FA . 16.27 -59.60 -7.01
O5 NAG FA . 16.78 -60.92 -10.38
O6 NAG FA . 18.29 -62.75 -9.12
O7 NAG FA . 14.44 -58.66 -13.22
C1 NAG GA . 7.00 -21.76 -42.00
C2 NAG GA . 8.10 -21.04 -42.73
C3 NAG GA . 7.61 -20.64 -44.10
C4 NAG GA . 7.19 -21.88 -44.87
C5 NAG GA . 6.16 -22.68 -44.07
C6 NAG GA . 5.88 -24.03 -44.67
C7 NAG GA . 9.59 -19.90 -41.15
C8 NAG GA . 9.92 -18.61 -40.47
N2 NAG GA . 8.56 -19.87 -41.99
O3 NAG GA . 8.65 -19.96 -44.81
O4 NAG GA . 6.63 -21.53 -46.12
O5 NAG GA . 6.63 -22.92 -42.73
O6 NAG GA . 6.99 -24.90 -44.48
O7 NAG GA . 10.22 -20.94 -40.92
C1 NAG HA . 22.97 -0.68 -38.00
C2 NAG HA . 23.06 0.71 -38.55
C3 NAG HA . 23.11 0.64 -40.07
C4 NAG HA . 24.27 -0.23 -40.52
C5 NAG HA . 24.22 -1.59 -39.83
C6 NAG HA . 25.46 -2.42 -40.05
C7 NAG HA . 21.87 2.11 -36.91
C8 NAG HA . 20.63 2.89 -36.63
N2 NAG HA . 21.93 1.52 -38.11
O3 NAG HA . 23.24 1.96 -40.59
O4 NAG HA . 24.24 -0.40 -41.93
O5 NAG HA . 24.08 -1.43 -38.42
O6 NAG HA . 25.77 -3.18 -38.90
O7 NAG HA . 22.77 2.00 -36.09
C1 NAG IA . 41.67 1.49 -3.20
C2 NAG IA . 43.16 1.80 -3.13
C3 NAG IA . 43.39 2.96 -2.20
C4 NAG IA . 42.55 4.16 -2.60
C5 NAG IA . 41.08 3.76 -2.74
C6 NAG IA . 40.21 4.87 -3.30
C7 NAG IA . 44.40 -0.27 -3.55
C8 NAG IA . 45.15 -1.41 -2.92
N2 NAG IA . 43.91 0.63 -2.70
O3 NAG IA . 44.77 3.30 -2.21
O4 NAG IA . 42.66 5.19 -1.62
O5 NAG IA . 40.96 2.64 -3.62
O6 NAG IA . 39.78 5.75 -2.27
O7 NAG IA . 44.23 -0.20 -4.76
C1 NAG JA . 47.20 11.96 -20.12
C2 NAG JA . 48.37 11.55 -21.00
C3 NAG JA . 49.43 10.83 -20.18
C4 NAG JA . 49.80 11.66 -18.95
C5 NAG JA . 48.56 12.04 -18.16
C6 NAG JA . 48.87 12.97 -17.01
C7 NAG JA . 48.62 10.55 -23.22
C8 NAG JA . 48.00 9.66 -24.26
N2 NAG JA . 47.92 10.72 -22.10
O3 NAG JA . 50.58 10.60 -20.98
O4 NAG JA . 50.67 10.90 -18.11
O5 NAG JA . 47.66 12.74 -19.02
O6 NAG JA . 49.51 12.27 -15.94
O7 NAG JA . 49.71 11.08 -23.39
C1 NAG KA . 35.84 51.48 -19.31
C2 NAG KA . 37.31 51.36 -19.63
C3 NAG KA . 38.05 52.55 -19.02
C4 NAG KA . 37.39 53.86 -19.42
C5 NAG KA . 35.89 53.79 -19.16
C6 NAG KA . 35.13 54.99 -19.67
C7 NAG KA . 39.03 49.60 -19.48
C8 NAG KA . 39.41 48.30 -18.84
N2 NAG KA . 37.84 50.11 -19.11
O3 NAG KA . 39.41 52.55 -19.46
O4 NAG KA . 37.94 54.92 -18.65
O5 NAG KA . 35.37 52.65 -19.87
O6 NAG KA . 33.73 54.77 -19.57
O7 NAG KA . 39.74 50.16 -20.30
C1 NAG LA . 3.27 23.78 -49.73
C2 NAG LA . 3.08 24.15 -51.20
C3 NAG LA . 2.72 22.91 -52.00
C4 NAG LA . 3.74 21.80 -51.77
C5 NAG LA . 3.86 21.52 -50.29
C6 NAG LA . 4.92 20.50 -49.96
C7 NAG LA . 2.23 26.45 -51.08
C8 NAG LA . 1.05 27.33 -51.31
N2 NAG LA . 2.05 25.15 -51.37
O3 NAG LA . 2.67 23.24 -53.38
O4 NAG LA . 3.34 20.60 -52.44
O5 NAG LA . 4.22 22.73 -49.60
O6 NAG LA . 5.14 20.43 -48.56
O7 NAG LA . 3.27 26.86 -50.61
C1 NAG MA . 34.27 42.18 -31.23
C2 NAG MA . 34.28 40.87 -32.00
C3 NAG MA . 35.15 39.86 -31.27
C4 NAG MA . 36.54 40.40 -31.10
C5 NAG MA . 36.51 41.76 -30.38
C6 NAG MA . 37.85 42.45 -30.35
C7 NAG MA . 32.54 39.61 -33.18
C8 NAG MA . 31.11 39.17 -33.18
N2 NAG MA . 32.92 40.37 -32.15
O3 NAG MA . 35.19 38.66 -32.01
O4 NAG MA . 37.32 39.50 -30.32
O5 NAG MA . 35.62 42.65 -31.07
O6 NAG MA . 37.96 43.41 -31.39
O7 NAG MA . 33.31 39.29 -34.08
C1 NAG NA . 31.61 67.55 -24.21
C2 NAG NA . 33.06 67.34 -23.77
C3 NAG NA . 33.45 68.35 -22.71
C4 NAG NA . 33.20 69.78 -23.19
C5 NAG NA . 31.74 69.92 -23.57
C6 NAG NA . 31.43 71.27 -24.18
C7 NAG NA . 33.44 64.95 -24.06
C8 NAG NA . 33.61 63.63 -23.37
N2 NAG NA . 33.25 66.00 -23.26
O3 NAG NA . 34.83 68.19 -22.41
O4 NAG NA . 33.52 70.70 -22.18
O5 NAG NA . 31.39 68.95 -24.57
O6 NAG NA . 32.13 71.47 -25.39
O7 NAG NA . 33.46 65.06 -25.28
C1 NAG OA . 40.13 -27.90 -23.03
C2 NAG OA . 40.57 -26.55 -23.58
C3 NAG OA . 42.02 -26.58 -24.01
C4 NAG OA . 42.89 -27.08 -22.87
C5 NAG OA . 42.40 -28.43 -22.37
C6 NAG OA . 43.14 -28.93 -21.15
C7 NAG OA . 38.67 -25.30 -24.52
C8 NAG OA . 37.91 -24.98 -25.77
N2 NAG OA . 39.72 -26.11 -24.68
O3 NAG OA . 42.42 -25.28 -24.41
O4 NAG OA . 44.23 -27.22 -23.32
O5 NAG OA . 41.02 -28.33 -21.98
O6 NAG OA . 42.54 -28.48 -19.95
O7 NAG OA . 38.35 -24.86 -23.43
#